data_6VQA
#
_entry.id   6VQA
#
_cell.length_a   1.00
_cell.length_b   1.00
_cell.length_c   1.00
_cell.angle_alpha   90.00
_cell.angle_beta   90.00
_cell.angle_gamma   90.00
#
_symmetry.space_group_name_H-M   'P 1'
#
loop_
_entity.id
_entity.type
_entity.pdbx_description
1 polymer 'ATPase H+-transporting V1 subunit A'
2 polymer 'V-type proton ATPase subunit B, brain isoform'
3 polymer 'ATPase H+-transporting V1 subunit D'
4 polymer 'V-type proton ATPase subunit E 1'
5 polymer 'V-type proton ATPase subunit G'
6 polymer 'Effector protein SidK'
7 non-polymer "ADENOSINE-5'-DIPHOSPHATE"
8 non-polymer 'MAGNESIUM ION'
#
loop_
_entity_poly.entity_id
_entity_poly.type
_entity_poly.pdbx_seq_one_letter_code
_entity_poly.pdbx_strand_id
1 'polypeptide(L)'
;MDFSKLPKIRDEDKESTFGYVHGVSGPVVTACDMAGAAMYELVRVGHSELVGEIIRLEGDMATIQVYEETSGVSVGDPVL
RTGKPLSVELGPGIMGAIFDGIQRPLSDISSQTQSIYIPRGVNVSALSRDIKWEFIPSKNLRVGSHITGGDIYGIVNENS
LIKHKIMLPPRSRGSVTYIAPPGNYDASDVVLELEFEGVKEKLSMVQVWPVRQVRPVTEKLPANHPLLTGQRVLDALFPC
VQGGTTAIPGAFGCGKTVISQSLSKYSNSDVIIYVGCGERGNEMSEVLRDFPELTMEVDGKVESIMKRTALVANTSNMPV
AAREASIYTGITLSEYFRDMGYHVSMMADSTSRWAEALREISGRLAEMPADSGYPAYLGARLASFYERAGRVKCLGNPER
EGSVSIVGAVSPPGGDFSDPVTSATLGIVQVFWGLDKKLAQRKHFPSVNWLISYSKYMRALDEYYDKHFTEFVPLRTKAK
EILQEEEDLAEIVQLVGKASLAETDKITLEVAKLIKDDFLQQNGYTPYDRFCPFYKTVGMLSNMISFYDMARRAVETTAQ
SDNKITWSIIREHMGEILYKLSSMKFKDPVKDGEAKIKADYAQLLEDMQNAFRSLED
;
A,B,C
2 'polypeptide(L)'
;MALRAMRGIVNGAAPELPVPTGGPMAGAREQALAVSRNYLSQPRLTYKTVSGVNGPLVILDHVKFPRYAEIVHLTLPDGT
KRSGQVLEVSGSKAVVQVFEGTSGIDAKKTSCEFTGDILRTPVSEDMLGRVFNGSGKPIDRGPVVLAEDFLDIMGQPINP
QCRIYPEEMIQTGISAIDGMNSIARGQKIPIFSAAGLPHNEIAAQICRQAGLVKKSKDVVDYSEENFAIVFAAMGVNMET
ARFFKSDFEENGSMDNVCLFLNLANDPTIERIITPRLALTTAEFLAYQCEKHVLVILTDMSSYAEALREVSAAREEVPGR
RGFPGYMYTDLATIYERAGRVEGRNGSITQIPILTMPNDDITHPIPDLTGYITEGQIYVDRQLHNRQIYPPINVLPSLSR
LMKSAIGEGMTRKDHADVSNQLYACYAIGKDVQAMKAVVGEEALTSDDLLYLEFLQKFEKNFITQGPYENRTVYETLDIG
WQLLRIFPKEMLKRIPQSTLSEFYPRDSAKH
;
D,E,F
3 'polypeptide(L)'
;MSGKDRIEIFPSRMAQTIMKARLKGAQTGRNLLKKKSDALTLRFRQILKKIIETKMLMGEVMREAAFSLAEAKFTAGDFS
TTVIQNVNKAQVKIRAKKDNVAGVTLPVFEHYHEGTDSYELTGLARGGEQLAKLKRNYAKAVELLVELASLQTSFVTLDE
AIKITNRRVNAIEHVIIPRIERTLAYIITELDEREREEFYRLKKIQEKKKIIKEKSEKDLERRRAAGEVMEPANLLAEEK
DEDLLFE
;
H
4 'polypeptide(L)'
;MALSDADVQKQIKHMMAFIEQEANEKAEEIDAKAEEEFNIEKGRLVQTQRLKIMEYYEKKEKQIEQQKKIQMSNLMNQAR
LKVLRARDDLITDLLNEAKQRLSKVVKDTTRYQVLLDGLVLQGLYQLLEPRMIVRCRKQDFPLVKAAVQKAIPMYKIATK
KDVDVQIDLEAYLPEDIAGGVEIYNGDRKIKVSNTLESRLDLIAQQMMPEVRGALFGANANRKFLD
;
I,J,K
5 'polypeptide(L)'
;MASQSQGIQQLLQAEKRAAEKVADARKRKARRLKQAKEEAQMEVEQYRREREQEFQSKQQAAMGSQGNLSAEVEQATRRQ
VQGMQSSQQRNRERVLTQLLGMVCDVRPQVHPNYRITV
;
M,N,O
6 'polypeptide(L)'
;GMSFIKVGIKMGGLTSEQYHSQVVGKIGYIARCMQTIDPENNLKKIREDYQDVLIWAEKNYRFEEILEASKSGKCPNDLD
ALSRRSLILQELLRLVSSISPFKMKLDLIESQYEKMKQHVNLWKSDYHVKLNQLNQLTDYLKNAAPTPKNNFLRAMTSVL
QMQIAQYGITEDNEGINQLFKLGLHLLAMANEKIDEQYHLFKGYVKDQPEESPFEGILPAEDQKILVKTMIDYAMPKLSS
KVLQDKLSALSSSDVLTKTLLDSIDRIVKENEKLNALSKDYKDHDGDYKDHDIDYKDDDDK
;
Q,R,S
#
loop_
_chem_comp.id
_chem_comp.type
_chem_comp.name
_chem_comp.formula
ADP non-polymer ADENOSINE-5'-DIPHOSPHATE 'C10 H15 N5 O10 P2'
MG non-polymer 'MAGNESIUM ION' 'Mg 2'
#
# COMPACT_ATOMS: atom_id res chain seq x y z
N THR A 17 -35.16 17.76 24.01
CA THR A 17 -34.80 16.68 23.09
C THR A 17 -34.03 17.22 21.89
N PHE A 18 -33.64 18.48 21.96
CA PHE A 18 -32.91 19.13 20.87
C PHE A 18 -31.48 19.39 21.29
N GLY A 19 -30.56 19.26 20.35
CA GLY A 19 -29.23 19.82 20.50
C GLY A 19 -28.94 20.83 19.41
N TYR A 20 -27.68 21.18 19.22
CA TYR A 20 -27.33 22.18 18.23
C TYR A 20 -26.15 21.68 17.39
N VAL A 21 -26.13 22.10 16.13
CA VAL A 21 -25.01 21.80 15.24
C VAL A 21 -23.87 22.74 15.61
N HIS A 22 -22.70 22.15 15.86
CA HIS A 22 -21.44 22.85 16.07
C HIS A 22 -20.60 23.05 14.81
N GLY A 23 -20.62 22.09 13.89
CA GLY A 23 -19.91 22.30 12.65
C GLY A 23 -20.03 21.17 11.65
N VAL A 24 -19.72 21.46 10.39
CA VAL A 24 -19.89 20.51 9.29
C VAL A 24 -18.56 20.42 8.56
N SER A 25 -18.08 19.20 8.36
CA SER A 25 -16.85 18.97 7.62
C SER A 25 -17.10 18.23 6.32
N GLY A 26 -18.33 18.26 5.82
CA GLY A 26 -18.69 17.45 4.70
C GLY A 26 -19.95 16.67 5.04
N PRO A 27 -19.94 15.38 4.86
CA PRO A 27 -21.09 14.55 5.25
C PRO A 27 -21.14 14.28 6.75
N VAL A 28 -20.15 14.80 7.48
CA VAL A 28 -20.03 14.58 8.92
C VAL A 28 -20.36 15.87 9.64
N VAL A 29 -21.30 15.80 10.57
CA VAL A 29 -21.77 16.98 11.30
C VAL A 29 -21.44 16.83 12.77
N THR A 30 -20.79 17.84 13.33
CA THR A 30 -20.45 17.84 14.75
C THR A 30 -21.53 18.58 15.54
N ALA A 31 -22.07 17.93 16.56
CA ALA A 31 -23.10 18.52 17.39
C ALA A 31 -22.54 18.92 18.75
N CYS A 32 -23.13 19.96 19.33
CA CYS A 32 -22.82 20.35 20.70
C CYS A 32 -24.10 20.33 21.53
N ASP A 33 -23.92 20.38 22.85
CA ASP A 33 -25.01 20.27 23.80
C ASP A 33 -25.83 19.02 23.58
N MET A 34 -25.17 17.90 23.31
CA MET A 34 -25.82 16.63 22.97
C MET A 34 -25.23 15.57 23.88
N ALA A 35 -25.27 15.82 25.19
CA ALA A 35 -24.72 14.88 26.16
C ALA A 35 -25.56 13.62 26.25
N GLY A 36 -26.87 13.76 26.16
CA GLY A 36 -27.78 12.65 26.33
C GLY A 36 -28.01 11.79 25.11
N ALA A 37 -26.94 11.27 24.52
CA ALA A 37 -27.04 10.53 23.27
C ALA A 37 -26.24 9.24 23.35
N ALA A 38 -26.76 8.20 22.70
CA ALA A 38 -26.15 6.88 22.71
C ALA A 38 -25.54 6.64 21.34
N MET A 39 -24.49 5.83 21.28
CA MET A 39 -23.87 5.53 19.99
C MET A 39 -24.75 4.69 19.08
N TYR A 40 -24.78 5.07 17.80
CA TYR A 40 -25.70 4.51 16.82
C TYR A 40 -27.15 4.85 17.15
N GLU A 41 -27.33 5.94 17.88
CA GLU A 41 -28.63 6.57 18.02
C GLU A 41 -28.95 7.33 16.73
N LEU A 42 -30.15 7.86 16.64
CA LEU A 42 -30.61 8.56 15.44
C LEU A 42 -30.80 10.03 15.74
N VAL A 43 -30.47 10.86 14.76
CA VAL A 43 -30.70 12.29 14.85
C VAL A 43 -31.31 12.78 13.56
N ARG A 44 -32.04 13.88 13.65
CA ARG A 44 -32.59 14.59 12.51
C ARG A 44 -31.93 15.96 12.49
N VAL A 45 -30.96 16.13 11.58
CA VAL A 45 -30.08 17.27 11.63
C VAL A 45 -30.65 18.41 10.79
N GLY A 46 -30.72 19.60 11.38
CA GLY A 46 -31.06 20.79 10.65
C GLY A 46 -32.56 21.00 10.48
N HIS A 47 -32.89 22.10 9.81
CA HIS A 47 -34.29 22.48 9.63
C HIS A 47 -34.99 21.61 8.60
N SER A 48 -34.25 20.86 7.79
CA SER A 48 -34.82 19.89 6.87
C SER A 48 -34.93 18.50 7.48
N GLU A 49 -34.45 18.36 8.73
CA GLU A 49 -34.48 17.08 9.48
C GLU A 49 -33.75 15.98 8.70
N LEU A 50 -32.47 16.19 8.41
CA LEU A 50 -31.64 15.23 7.70
C LEU A 50 -31.39 14.01 8.59
N VAL A 51 -31.47 12.83 7.99
CA VAL A 51 -31.33 11.57 8.71
C VAL A 51 -29.85 11.27 8.88
N GLY A 52 -29.44 10.97 10.10
CA GLY A 52 -28.08 10.54 10.36
C GLY A 52 -27.98 9.81 11.68
N GLU A 53 -26.77 9.35 11.98
CA GLU A 53 -26.48 8.53 13.14
C GLU A 53 -25.29 9.10 13.90
N ILE A 54 -25.22 8.84 15.20
CA ILE A 54 -24.12 9.31 16.03
C ILE A 54 -23.09 8.18 16.10
N ILE A 55 -21.84 8.46 15.77
CA ILE A 55 -20.80 7.44 15.81
C ILE A 55 -19.82 7.70 16.95
N ARG A 56 -19.02 8.76 16.84
CA ARG A 56 -18.10 9.09 17.91
C ARG A 56 -18.76 10.07 18.87
N LEU A 57 -18.50 9.89 20.16
CA LEU A 57 -18.99 10.80 21.17
C LEU A 57 -17.82 11.29 22.02
N GLU A 58 -17.85 12.55 22.44
CA GLU A 58 -16.85 13.07 23.34
C GLU A 58 -17.42 14.25 24.12
N GLY A 59 -17.44 14.10 25.45
CA GLY A 59 -18.06 15.09 26.31
C GLY A 59 -19.53 15.28 25.99
N ASP A 60 -19.93 16.52 25.77
CA ASP A 60 -21.31 16.84 25.38
C ASP A 60 -21.39 17.10 23.89
N MET A 61 -20.37 16.68 23.15
CA MET A 61 -20.33 16.82 21.71
C MET A 61 -20.43 15.44 21.07
N ALA A 62 -20.97 15.39 19.87
CA ALA A 62 -21.22 14.13 19.17
C ALA A 62 -20.87 14.33 17.71
N THR A 63 -20.35 13.27 17.10
CA THR A 63 -20.06 13.27 15.67
C THR A 63 -21.16 12.51 14.93
N ILE A 64 -21.85 13.22 14.04
CA ILE A 64 -23.01 12.70 13.34
C ILE A 64 -22.65 12.39 11.91
N GLN A 65 -22.94 11.18 11.45
CA GLN A 65 -22.81 10.82 10.04
C GLN A 65 -24.17 11.02 9.40
N VAL A 66 -24.25 11.94 8.46
CA VAL A 66 -25.50 12.27 7.80
C VAL A 66 -25.60 11.50 6.50
N TYR A 67 -26.75 10.86 6.30
CA TYR A 67 -26.91 10.00 5.12
C TYR A 67 -27.09 10.83 3.86
N GLU A 68 -27.78 11.95 3.97
CA GLU A 68 -28.13 12.74 2.80
C GLU A 68 -27.20 13.93 2.70
N GLU A 69 -27.37 14.72 1.64
CA GLU A 69 -26.50 15.88 1.44
C GLU A 69 -26.65 16.89 2.58
N THR A 70 -25.52 17.42 3.02
CA THR A 70 -25.47 18.38 4.11
C THR A 70 -25.44 19.82 3.63
N SER A 71 -25.50 20.07 2.33
CA SER A 71 -25.47 21.43 1.84
C SER A 71 -26.56 22.26 2.49
N GLY A 72 -26.19 23.45 2.96
CA GLY A 72 -27.13 24.34 3.60
C GLY A 72 -27.22 24.24 5.09
N VAL A 73 -26.64 23.21 5.71
CA VAL A 73 -26.68 23.08 7.16
C VAL A 73 -25.81 24.15 7.79
N SER A 74 -26.36 24.86 8.77
CA SER A 74 -25.67 25.97 9.39
C SER A 74 -25.21 25.60 10.79
N VAL A 75 -24.21 26.30 11.30
CA VAL A 75 -23.83 26.23 12.71
C VAL A 75 -24.95 26.88 13.50
N GLY A 76 -25.38 26.21 14.57
CA GLY A 76 -26.53 26.63 15.34
C GLY A 76 -27.83 25.98 14.93
N ASP A 77 -27.85 25.22 13.84
CA ASP A 77 -29.08 24.53 13.49
C ASP A 77 -29.48 23.57 14.60
N PRO A 78 -30.78 23.32 14.77
CA PRO A 78 -31.19 22.30 15.73
C PRO A 78 -30.92 20.90 15.23
N VAL A 79 -30.73 19.99 16.19
CA VAL A 79 -30.68 18.56 15.94
C VAL A 79 -31.65 17.89 16.91
N LEU A 80 -32.62 17.16 16.36
CA LEU A 80 -33.58 16.45 17.20
C LEU A 80 -33.09 15.04 17.48
N ARG A 81 -32.99 14.69 18.75
CA ARG A 81 -32.48 13.38 19.16
C ARG A 81 -33.62 12.36 19.13
N THR A 82 -33.39 11.24 18.46
CA THR A 82 -34.38 10.17 18.50
C THR A 82 -33.82 8.99 19.26
N GLY A 83 -34.49 8.61 20.34
CA GLY A 83 -34.00 7.61 21.27
C GLY A 83 -33.68 6.25 20.70
N LYS A 84 -34.45 5.83 19.71
CA LYS A 84 -34.25 4.53 19.09
C LYS A 84 -33.12 4.57 18.06
N PRO A 85 -32.30 3.52 18.03
CA PRO A 85 -31.31 3.40 16.95
C PRO A 85 -31.99 3.05 15.64
N LEU A 86 -31.23 2.88 14.56
CA LEU A 86 -31.83 2.55 13.28
C LEU A 86 -32.74 1.35 13.46
N SER A 87 -34.03 1.54 13.22
CA SER A 87 -35.03 0.54 13.54
C SER A 87 -36.05 0.46 12.43
N VAL A 88 -36.76 -0.65 12.39
CA VAL A 88 -37.82 -0.84 11.41
C VAL A 88 -39.16 -0.78 12.12
N GLU A 89 -40.11 -0.07 11.54
CA GLU A 89 -41.46 0.05 12.04
C GLU A 89 -42.23 -1.16 11.52
N LEU A 90 -42.79 -1.94 12.45
CA LEU A 90 -43.43 -3.20 12.11
C LEU A 90 -44.89 -3.19 12.54
N GLY A 91 -45.78 -3.37 11.56
CA GLY A 91 -47.20 -3.36 11.82
C GLY A 91 -48.02 -3.43 10.54
N PRO A 92 -49.33 -3.32 10.67
CA PRO A 92 -50.20 -3.41 9.49
C PRO A 92 -49.88 -2.38 8.43
N GLY A 93 -49.98 -2.78 7.17
CA GLY A 93 -49.64 -1.89 6.07
C GLY A 93 -48.26 -2.12 5.52
N ILE A 94 -47.50 -2.99 6.17
CA ILE A 94 -46.18 -3.32 5.67
C ILE A 94 -46.26 -4.02 4.32
N MET A 95 -47.28 -4.85 4.12
CA MET A 95 -47.39 -5.64 2.90
C MET A 95 -47.86 -4.80 1.72
N GLY A 96 -47.28 -5.05 0.54
CA GLY A 96 -47.64 -4.35 -0.67
C GLY A 96 -46.92 -3.03 -0.86
N ALA A 97 -46.10 -2.62 0.11
CA ALA A 97 -45.42 -1.35 0.04
C ALA A 97 -43.99 -1.53 -0.43
N ILE A 98 -43.44 -0.51 -1.06
CA ILE A 98 -42.04 -0.49 -1.47
C ILE A 98 -41.31 0.50 -0.59
N PHE A 99 -40.22 0.05 0.05
CA PHE A 99 -39.52 0.87 1.01
C PHE A 99 -38.10 1.16 0.55
N ASP A 100 -37.60 2.31 1.00
CA ASP A 100 -36.20 2.65 0.96
C ASP A 100 -35.44 1.74 1.92
N GLY A 101 -34.12 1.66 1.74
CA GLY A 101 -33.25 0.89 2.61
C GLY A 101 -33.28 1.24 4.08
N ILE A 102 -33.72 2.45 4.42
CA ILE A 102 -33.91 2.85 5.79
C ILE A 102 -35.40 2.98 6.12
N GLN A 103 -36.25 2.24 5.41
CA GLN A 103 -37.68 2.11 5.76
C GLN A 103 -38.41 3.42 5.56
N ARG A 104 -38.42 3.86 4.30
CA ARG A 104 -39.19 5.03 3.88
C ARG A 104 -40.08 4.63 2.72
N PRO A 105 -41.39 4.76 2.84
CA PRO A 105 -42.30 4.29 1.78
C PRO A 105 -42.18 5.13 0.53
N LEU A 106 -41.70 4.51 -0.55
CA LEU A 106 -41.46 5.24 -1.80
C LEU A 106 -42.78 5.48 -2.54
N SER A 107 -43.73 4.56 -2.38
CA SER A 107 -45.03 4.70 -3.03
C SER A 107 -45.89 5.76 -2.39
N ASP A 108 -45.64 6.10 -1.13
CA ASP A 108 -46.30 7.23 -0.49
C ASP A 108 -45.59 8.55 -0.74
N ILE A 109 -44.26 8.55 -0.78
CA ILE A 109 -43.53 9.79 -1.03
C ILE A 109 -43.86 10.32 -2.42
N SER A 110 -43.88 9.44 -3.41
CA SER A 110 -44.20 9.87 -4.76
C SER A 110 -45.65 10.22 -4.95
N SER A 111 -46.54 9.78 -4.06
CA SER A 111 -47.96 10.05 -4.21
C SER A 111 -48.47 11.13 -3.28
N GLN A 112 -47.78 11.43 -2.19
CA GLN A 112 -48.16 12.50 -1.27
C GLN A 112 -47.53 13.83 -1.66
N THR A 113 -46.58 13.82 -2.58
CA THR A 113 -45.90 15.03 -2.99
C THR A 113 -46.21 15.43 -4.42
N GLN A 114 -46.62 14.46 -5.26
CA GLN A 114 -46.77 14.64 -6.70
C GLN A 114 -45.45 14.94 -7.38
N SER A 115 -44.34 14.64 -6.72
CA SER A 115 -43.00 14.88 -7.24
C SER A 115 -42.45 13.61 -7.86
N ILE A 116 -41.30 13.74 -8.53
CA ILE A 116 -40.60 12.55 -8.99
C ILE A 116 -39.35 12.32 -8.16
N TYR A 117 -39.05 13.25 -7.25
CA TYR A 117 -37.85 13.16 -6.44
C TYR A 117 -38.20 12.71 -5.04
N ILE A 118 -37.23 12.07 -4.38
CA ILE A 118 -37.35 11.81 -2.96
C ILE A 118 -36.89 13.07 -2.24
N PRO A 119 -37.78 13.77 -1.54
CA PRO A 119 -37.40 15.06 -0.94
C PRO A 119 -36.24 14.90 0.03
N ARG A 120 -35.36 15.90 0.03
CA ARG A 120 -34.26 15.90 0.98
C ARG A 120 -34.80 16.17 2.38
N GLY A 121 -34.55 15.25 3.30
CA GLY A 121 -35.13 15.33 4.62
C GLY A 121 -36.57 14.87 4.68
N VAL A 122 -37.00 14.11 3.69
CA VAL A 122 -38.38 13.62 3.64
C VAL A 122 -38.68 12.84 4.92
N ASN A 123 -39.86 13.06 5.47
CA ASN A 123 -40.26 12.48 6.74
C ASN A 123 -41.64 11.88 6.65
N VAL A 124 -41.75 10.74 5.96
CA VAL A 124 -43.02 10.05 5.84
C VAL A 124 -42.99 8.79 6.69
N SER A 125 -43.98 8.65 7.57
CA SER A 125 -44.03 7.50 8.46
C SER A 125 -44.06 6.22 7.64
N ALA A 126 -43.35 5.20 8.12
CA ALA A 126 -43.23 3.95 7.37
C ALA A 126 -44.59 3.32 7.12
N LEU A 127 -45.50 3.41 8.08
CA LEU A 127 -46.84 2.86 7.95
C LEU A 127 -47.84 3.98 8.15
N SER A 128 -48.71 4.17 7.17
CA SER A 128 -49.65 5.28 7.22
C SER A 128 -50.57 5.17 8.43
N ARG A 129 -50.93 6.32 8.97
CA ARG A 129 -51.78 6.40 10.16
C ARG A 129 -53.20 6.83 9.80
N ASP A 130 -53.53 6.87 8.52
CA ASP A 130 -54.87 7.21 8.10
C ASP A 130 -55.69 5.98 7.67
N ILE A 131 -55.22 4.77 7.94
CA ILE A 131 -55.97 3.59 7.51
C ILE A 131 -56.71 3.04 8.72
N LYS A 132 -58.00 2.77 8.56
CA LYS A 132 -58.79 2.15 9.61
C LYS A 132 -58.81 0.64 9.41
N TRP A 133 -57.96 -0.08 10.15
CA TRP A 133 -57.76 -1.50 9.92
C TRP A 133 -58.83 -2.30 10.65
N GLU A 134 -59.21 -3.42 10.03
CA GLU A 134 -60.13 -4.36 10.66
C GLU A 134 -59.35 -5.23 11.63
N PHE A 135 -59.57 -5.01 12.92
CA PHE A 135 -58.85 -5.73 13.97
C PHE A 135 -59.82 -6.55 14.79
N ILE A 136 -59.49 -7.83 14.94
CA ILE A 136 -60.25 -8.79 15.73
C ILE A 136 -59.35 -9.27 16.85
N PRO A 137 -59.73 -9.11 18.12
CA PRO A 137 -58.93 -9.67 19.21
C PRO A 137 -58.89 -11.19 19.14
N SER A 138 -57.94 -11.77 19.86
CA SER A 138 -57.87 -13.22 19.94
C SER A 138 -59.12 -13.85 20.57
N LYS A 139 -59.89 -13.09 21.35
CA LYS A 139 -61.11 -13.58 22.00
C LYS A 139 -60.79 -14.61 23.09
N ASN A 140 -59.50 -14.84 23.35
CA ASN A 140 -59.13 -15.73 24.44
C ASN A 140 -58.63 -14.94 25.64
N LEU A 141 -58.13 -13.73 25.40
CA LEU A 141 -57.56 -12.92 26.46
C LEU A 141 -58.64 -12.13 27.20
N ARG A 142 -58.42 -11.92 28.49
CA ARG A 142 -59.28 -11.09 29.31
C ARG A 142 -58.41 -10.15 30.14
N VAL A 143 -59.03 -9.05 30.59
CA VAL A 143 -58.36 -8.16 31.52
C VAL A 143 -58.04 -8.92 32.81
N GLY A 144 -56.78 -8.82 33.24
CA GLY A 144 -56.29 -9.62 34.34
C GLY A 144 -55.52 -10.87 33.96
N SER A 145 -55.50 -11.24 32.68
CA SER A 145 -54.75 -12.41 32.24
C SER A 145 -53.27 -12.08 32.08
N HIS A 146 -52.45 -13.14 32.02
CA HIS A 146 -50.97 -12.98 31.87
C HIS A 146 -50.57 -13.16 30.40
N ILE A 147 -49.79 -12.21 29.88
CA ILE A 147 -49.27 -12.24 28.52
C ILE A 147 -47.77 -12.01 28.56
N THR A 148 -47.07 -12.69 27.66
CA THR A 148 -45.62 -12.59 27.56
C THR A 148 -45.24 -12.20 26.15
N GLY A 149 -43.95 -11.93 25.96
CA GLY A 149 -43.42 -11.50 24.68
C GLY A 149 -43.61 -12.53 23.59
N GLY A 150 -44.02 -12.07 22.40
CA GLY A 150 -44.30 -12.96 21.30
C GLY A 150 -45.73 -13.48 21.25
N ASP A 151 -46.52 -13.26 22.29
CA ASP A 151 -47.90 -13.68 22.31
C ASP A 151 -48.71 -12.88 21.31
N ILE A 152 -49.73 -13.51 20.74
CA ILE A 152 -50.60 -12.87 19.78
C ILE A 152 -51.92 -12.52 20.46
N TYR A 153 -52.29 -11.24 20.42
CA TYR A 153 -53.52 -10.82 21.06
C TYR A 153 -54.58 -10.34 20.08
N GLY A 154 -54.38 -10.50 18.78
CA GLY A 154 -55.38 -10.13 17.81
C GLY A 154 -54.79 -10.12 16.42
N ILE A 155 -55.67 -10.19 15.43
CA ILE A 155 -55.26 -10.32 14.04
C ILE A 155 -55.90 -9.19 13.25
N VAL A 156 -55.14 -8.59 12.34
CA VAL A 156 -55.66 -7.57 11.45
C VAL A 156 -55.92 -8.23 10.11
N ASN A 157 -57.10 -7.98 9.55
CA ASN A 157 -57.45 -8.54 8.25
C ASN A 157 -57.01 -7.56 7.17
N GLU A 158 -55.88 -7.87 6.53
CA GLU A 158 -55.31 -7.00 5.51
C GLU A 158 -55.91 -7.40 4.17
N ASN A 159 -55.63 -8.61 3.72
CA ASN A 159 -56.16 -9.10 2.45
C ASN A 159 -56.49 -10.58 2.51
N SER A 160 -56.85 -11.16 1.36
CA SER A 160 -57.33 -12.53 1.25
C SER A 160 -56.25 -13.58 1.50
N LEU A 161 -54.99 -13.16 1.51
CA LEU A 161 -53.87 -14.09 1.54
C LEU A 161 -53.19 -14.15 2.91
N ILE A 162 -52.71 -13.03 3.41
CA ILE A 162 -51.88 -12.99 4.60
C ILE A 162 -52.64 -12.34 5.74
N LYS A 163 -52.82 -13.06 6.83
CA LYS A 163 -53.34 -12.46 8.04
C LYS A 163 -52.19 -11.86 8.84
N HIS A 164 -52.36 -10.62 9.25
CA HIS A 164 -51.30 -9.88 9.94
C HIS A 164 -51.51 -10.01 11.43
N LYS A 165 -50.74 -10.89 12.07
CA LYS A 165 -50.95 -11.24 13.46
C LYS A 165 -50.24 -10.21 14.31
N ILE A 166 -50.92 -9.67 15.31
CA ILE A 166 -50.35 -8.62 16.15
C ILE A 166 -49.75 -9.29 17.38
N MET A 167 -48.43 -9.19 17.49
CA MET A 167 -47.68 -9.81 18.57
C MET A 167 -47.31 -8.77 19.61
N LEU A 168 -47.21 -9.19 20.86
CA LEU A 168 -46.62 -8.36 21.89
C LEU A 168 -45.16 -8.17 21.59
N PRO A 169 -44.65 -6.94 21.59
CA PRO A 169 -43.24 -6.73 21.24
C PRO A 169 -42.33 -7.54 22.15
N PRO A 170 -41.23 -8.05 21.61
CA PRO A 170 -40.26 -8.76 22.46
C PRO A 170 -39.76 -7.86 23.59
N ARG A 171 -39.35 -8.49 24.67
CA ARG A 171 -38.85 -7.78 25.85
C ARG A 171 -39.97 -6.96 26.49
N SER A 172 -41.18 -7.52 26.47
CA SER A 172 -42.32 -6.91 27.14
C SER A 172 -43.21 -8.02 27.66
N ARG A 173 -43.83 -7.77 28.81
CA ARG A 173 -44.67 -8.78 29.46
C ARG A 173 -45.46 -8.09 30.57
N GLY A 174 -46.47 -8.79 31.07
CA GLY A 174 -47.20 -8.30 32.23
C GLY A 174 -48.64 -8.77 32.17
N SER A 175 -49.46 -8.13 33.00
CA SER A 175 -50.88 -8.42 33.10
C SER A 175 -51.65 -7.48 32.19
N VAL A 176 -52.67 -8.02 31.50
CA VAL A 176 -53.44 -7.22 30.56
C VAL A 176 -54.44 -6.36 31.32
N THR A 177 -54.44 -5.06 31.05
CA THR A 177 -55.36 -4.16 31.72
C THR A 177 -56.45 -3.62 30.82
N TYR A 178 -56.25 -3.62 29.51
CA TYR A 178 -57.27 -3.17 28.56
C TYR A 178 -57.12 -3.98 27.30
N ILE A 179 -58.23 -4.42 26.72
CA ILE A 179 -58.26 -4.99 25.39
C ILE A 179 -59.28 -4.23 24.57
N ALA A 180 -58.86 -3.71 23.43
CA ALA A 180 -59.78 -3.03 22.54
C ALA A 180 -60.85 -4.00 22.03
N PRO A 181 -62.09 -3.57 21.96
CA PRO A 181 -63.16 -4.42 21.42
C PRO A 181 -62.99 -4.57 19.92
N PRO A 182 -63.64 -5.55 19.31
CA PRO A 182 -63.56 -5.68 17.85
C PRO A 182 -64.01 -4.40 17.17
N GLY A 183 -63.29 -4.00 16.14
CA GLY A 183 -63.63 -2.78 15.44
C GLY A 183 -62.56 -2.30 14.50
N ASN A 184 -62.71 -1.08 13.97
CA ASN A 184 -61.77 -0.52 13.02
C ASN A 184 -60.87 0.47 13.74
N TYR A 185 -59.58 0.17 13.75
CA TYR A 185 -58.59 0.99 14.44
C TYR A 185 -57.47 1.34 13.47
N ASP A 186 -56.90 2.52 13.63
CA ASP A 186 -55.72 2.90 12.86
C ASP A 186 -54.47 2.66 13.69
N ALA A 187 -53.32 2.91 13.07
CA ALA A 187 -52.05 2.53 13.67
C ALA A 187 -51.60 3.49 14.76
N SER A 188 -52.37 4.55 14.99
CA SER A 188 -52.04 5.49 16.05
C SER A 188 -52.85 5.27 17.32
N ASP A 189 -53.77 4.33 17.32
CA ASP A 189 -54.61 4.12 18.49
C ASP A 189 -53.94 3.17 19.47
N VAL A 190 -54.63 2.93 20.58
CA VAL A 190 -54.17 2.01 21.62
C VAL A 190 -55.05 0.77 21.56
N VAL A 191 -54.43 -0.39 21.35
CA VAL A 191 -55.20 -1.63 21.24
C VAL A 191 -55.10 -2.45 22.52
N LEU A 192 -53.92 -2.52 23.12
CA LEU A 192 -53.74 -3.32 24.33
C LEU A 192 -52.91 -2.54 25.33
N GLU A 193 -53.31 -2.64 26.60
CA GLU A 193 -52.54 -2.08 27.70
C GLU A 193 -52.17 -3.20 28.66
N LEU A 194 -50.92 -3.19 29.12
CA LEU A 194 -50.45 -4.18 30.07
C LEU A 194 -49.62 -3.52 31.14
N GLU A 195 -49.65 -4.10 32.33
CA GLU A 195 -48.97 -3.58 33.51
C GLU A 195 -47.96 -4.58 34.03
N PHE A 196 -46.72 -4.10 34.18
CA PHE A 196 -45.65 -4.89 34.76
C PHE A 196 -45.05 -4.09 35.90
N GLU A 197 -45.14 -4.64 37.12
CA GLU A 197 -44.65 -4.03 38.35
C GLU A 197 -45.20 -2.61 38.54
N GLY A 198 -46.47 -2.40 38.22
CA GLY A 198 -47.12 -1.12 38.37
C GLY A 198 -46.92 -0.17 37.22
N VAL A 199 -46.12 -0.54 36.22
CA VAL A 199 -45.85 0.31 35.08
C VAL A 199 -46.73 -0.13 33.91
N LYS A 200 -47.57 0.79 33.43
CA LYS A 200 -48.52 0.50 32.37
C LYS A 200 -47.91 0.90 31.04
N GLU A 201 -48.00 0.02 30.05
CA GLU A 201 -47.48 0.26 28.71
C GLU A 201 -48.65 0.27 27.74
N LYS A 202 -48.75 1.33 26.94
CA LYS A 202 -49.81 1.44 25.95
C LYS A 202 -49.25 1.06 24.57
N LEU A 203 -49.83 0.02 23.99
CA LEU A 203 -49.34 -0.53 22.72
C LEU A 203 -50.37 -0.31 21.62
N SER A 204 -49.89 0.15 20.47
CA SER A 204 -50.67 0.24 19.26
C SER A 204 -50.43 -1.00 18.41
N MET A 205 -50.77 -0.91 17.12
CA MET A 205 -50.58 -2.06 16.24
C MET A 205 -49.18 -2.09 15.65
N VAL A 206 -48.37 -1.09 15.97
CA VAL A 206 -47.05 -0.97 15.36
C VAL A 206 -45.99 -1.08 16.45
N GLN A 207 -45.00 -1.94 16.22
CA GLN A 207 -43.89 -2.09 17.13
C GLN A 207 -42.61 -1.66 16.41
N VAL A 208 -41.62 -1.27 17.19
CA VAL A 208 -40.36 -0.79 16.65
C VAL A 208 -39.25 -1.72 17.13
N TRP A 209 -38.42 -2.15 16.19
CA TRP A 209 -37.35 -3.05 16.55
C TRP A 209 -36.05 -2.63 15.88
N PRO A 210 -34.97 -2.47 16.65
CA PRO A 210 -33.69 -2.10 16.04
C PRO A 210 -33.31 -3.06 14.93
N VAL A 211 -32.92 -2.51 13.78
CA VAL A 211 -32.66 -3.34 12.61
C VAL A 211 -31.44 -4.22 12.76
N ARG A 212 -30.47 -3.81 13.56
CA ARG A 212 -29.26 -4.61 13.76
C ARG A 212 -29.40 -5.64 14.87
N GLN A 213 -30.56 -5.73 15.51
CA GLN A 213 -30.78 -6.68 16.60
C GLN A 213 -31.52 -7.88 16.07
N VAL A 214 -31.16 -9.07 16.55
CA VAL A 214 -31.84 -10.29 16.11
C VAL A 214 -33.05 -10.55 16.99
N ARG A 215 -34.21 -10.70 16.36
CA ARG A 215 -35.42 -10.97 17.11
C ARG A 215 -35.35 -12.36 17.74
N PRO A 216 -35.59 -12.46 19.05
CA PRO A 216 -35.41 -13.74 19.73
C PRO A 216 -36.45 -14.76 19.32
N VAL A 217 -36.06 -16.03 19.42
CA VAL A 217 -36.95 -17.16 19.19
C VAL A 217 -36.82 -18.12 20.37
N THR A 218 -37.79 -19.02 20.48
CA THR A 218 -37.71 -20.03 21.54
C THR A 218 -36.54 -20.97 21.32
N GLU A 219 -36.41 -21.48 20.09
CA GLU A 219 -35.28 -22.35 19.75
C GLU A 219 -35.09 -22.33 18.24
N LYS A 220 -33.85 -22.60 17.83
CA LYS A 220 -33.50 -22.69 16.42
C LYS A 220 -33.48 -24.17 16.03
N LEU A 221 -34.32 -24.52 15.06
CA LEU A 221 -34.60 -25.91 14.72
C LEU A 221 -33.86 -26.31 13.45
N PRO A 222 -33.65 -27.60 13.20
CA PRO A 222 -33.10 -28.01 11.90
C PRO A 222 -34.10 -27.81 10.78
N ALA A 223 -33.55 -27.55 9.59
CA ALA A 223 -34.37 -27.35 8.41
C ALA A 223 -34.60 -28.68 7.71
N ASN A 224 -35.85 -29.14 7.70
CA ASN A 224 -36.12 -30.45 7.11
C ASN A 224 -37.15 -30.42 5.99
N HIS A 225 -37.91 -29.35 5.83
CA HIS A 225 -38.97 -29.32 4.84
C HIS A 225 -38.48 -28.68 3.56
N PRO A 226 -38.58 -29.37 2.41
CA PRO A 226 -38.05 -28.82 1.17
C PRO A 226 -38.69 -27.50 0.79
N LEU A 227 -37.91 -26.68 0.08
CA LEU A 227 -38.44 -25.48 -0.54
C LEU A 227 -38.90 -25.83 -1.95
N LEU A 228 -40.21 -25.92 -2.15
CA LEU A 228 -40.77 -26.55 -3.33
C LEU A 228 -40.90 -25.52 -4.45
N THR A 229 -39.79 -25.18 -5.07
CA THR A 229 -39.79 -24.28 -6.20
C THR A 229 -40.34 -25.00 -7.42
N GLY A 230 -40.68 -24.25 -8.46
CA GLY A 230 -41.37 -24.83 -9.60
C GLY A 230 -40.47 -25.42 -10.65
N GLN A 231 -39.15 -25.36 -10.45
CA GLN A 231 -38.23 -25.84 -11.46
C GLN A 231 -37.78 -27.27 -11.16
N ARG A 232 -37.72 -28.09 -12.21
CA ARG A 232 -37.20 -29.45 -12.09
C ARG A 232 -35.70 -29.43 -11.78
N VAL A 233 -34.95 -28.64 -12.51
CA VAL A 233 -33.55 -28.38 -12.15
C VAL A 233 -33.61 -27.34 -11.05
N LEU A 234 -32.61 -27.34 -10.16
CA LEU A 234 -32.61 -26.54 -8.93
C LEU A 234 -33.58 -27.08 -7.89
N ASP A 235 -34.06 -28.29 -8.08
CA ASP A 235 -34.85 -29.02 -7.10
C ASP A 235 -34.42 -30.47 -7.03
N ALA A 236 -34.57 -31.22 -8.12
CA ALA A 236 -34.30 -32.65 -8.12
C ALA A 236 -32.84 -32.94 -7.83
N LEU A 237 -31.96 -32.10 -8.39
CA LEU A 237 -30.50 -32.34 -8.29
C LEU A 237 -29.92 -31.46 -7.19
N PHE A 238 -30.50 -30.27 -6.97
CA PHE A 238 -29.86 -29.29 -6.04
C PHE A 238 -30.92 -28.73 -5.10
N PRO A 239 -31.48 -29.51 -4.10
CA PRO A 239 -32.58 -29.16 -3.21
C PRO A 239 -32.22 -27.99 -2.33
N CYS A 240 -33.24 -27.16 -2.06
CA CYS A 240 -33.17 -26.14 -1.03
C CYS A 240 -34.22 -26.47 0.01
N VAL A 241 -33.97 -26.09 1.24
CA VAL A 241 -34.87 -26.41 2.34
C VAL A 241 -35.36 -25.11 2.97
N GLN A 242 -36.60 -25.13 3.47
CA GLN A 242 -37.14 -23.96 4.14
C GLN A 242 -36.27 -23.63 5.34
N GLY A 243 -35.80 -22.39 5.41
CA GLY A 243 -34.87 -21.97 6.43
C GLY A 243 -33.43 -22.04 5.99
N GLY A 244 -33.15 -22.62 4.83
CA GLY A 244 -31.78 -22.73 4.36
C GLY A 244 -31.26 -21.49 3.68
N THR A 245 -29.96 -21.47 3.39
CA THR A 245 -29.35 -20.34 2.72
C THR A 245 -28.65 -20.78 1.45
N THR A 246 -28.88 -20.08 0.34
CA THR A 246 -28.19 -20.37 -0.91
C THR A 246 -27.62 -19.09 -1.50
N ALA A 247 -26.83 -19.24 -2.56
CA ALA A 247 -26.31 -18.10 -3.30
C ALA A 247 -26.59 -18.32 -4.78
N ILE A 248 -26.89 -17.24 -5.48
CA ILE A 248 -27.14 -17.30 -6.92
C ILE A 248 -26.28 -16.26 -7.62
N PRO A 249 -25.43 -16.65 -8.56
CA PRO A 249 -24.66 -15.65 -9.32
C PRO A 249 -25.57 -14.68 -10.04
N GLY A 250 -25.17 -13.42 -10.12
CA GLY A 250 -25.95 -12.43 -10.83
C GLY A 250 -25.22 -11.79 -11.98
N ALA A 251 -25.39 -12.35 -13.18
CA ALA A 251 -24.78 -11.81 -14.37
C ALA A 251 -25.87 -11.48 -15.38
N PHE A 252 -25.62 -10.51 -16.27
CA PHE A 252 -26.66 -10.10 -17.21
C PHE A 252 -27.27 -11.29 -17.94
N GLY A 253 -26.44 -12.20 -18.43
CA GLY A 253 -26.91 -13.29 -19.24
C GLY A 253 -27.25 -14.57 -18.53
N CYS A 254 -27.27 -14.57 -17.20
CA CYS A 254 -27.49 -15.80 -16.45
C CYS A 254 -28.95 -16.21 -16.37
N GLY A 255 -29.89 -15.30 -16.63
CA GLY A 255 -31.29 -15.69 -16.60
C GLY A 255 -31.84 -15.77 -15.20
N LYS A 256 -31.31 -14.95 -14.29
CA LYS A 256 -31.76 -14.92 -12.89
C LYS A 256 -33.24 -14.62 -12.75
N THR A 257 -33.85 -14.06 -13.78
CA THR A 257 -35.31 -13.75 -13.73
C THR A 257 -36.07 -15.03 -13.44
N VAL A 258 -35.63 -16.16 -14.01
CA VAL A 258 -36.40 -17.39 -13.88
C VAL A 258 -36.54 -17.79 -12.41
N ILE A 259 -35.46 -17.67 -11.63
CA ILE A 259 -35.52 -18.03 -10.23
C ILE A 259 -36.37 -17.03 -9.46
N SER A 260 -36.18 -15.75 -9.74
CA SER A 260 -36.92 -14.71 -9.02
C SER A 260 -38.41 -14.90 -9.18
N GLN A 261 -38.87 -15.09 -10.43
CA GLN A 261 -40.29 -15.25 -10.71
C GLN A 261 -40.81 -16.59 -10.20
N SER A 262 -40.06 -17.65 -10.45
CA SER A 262 -40.48 -18.98 -10.02
C SER A 262 -40.59 -19.06 -8.50
N LEU A 263 -39.62 -18.47 -7.80
CA LEU A 263 -39.64 -18.44 -6.34
C LEU A 263 -40.79 -17.60 -5.78
N SER A 264 -41.07 -16.45 -6.37
CA SER A 264 -42.13 -15.61 -5.82
C SER A 264 -43.51 -16.08 -6.24
N LYS A 265 -43.62 -16.77 -7.38
CA LYS A 265 -44.94 -17.13 -7.90
C LYS A 265 -45.45 -18.41 -7.29
N TYR A 266 -44.68 -19.49 -7.37
CA TYR A 266 -45.19 -20.82 -7.06
C TYR A 266 -44.58 -21.46 -5.82
N SER A 267 -43.70 -20.77 -5.09
CA SER A 267 -43.07 -21.34 -3.92
C SER A 267 -44.11 -21.72 -2.88
N ASN A 268 -43.78 -22.71 -2.05
CA ASN A 268 -44.63 -23.08 -0.92
C ASN A 268 -44.41 -22.21 0.30
N SER A 269 -43.64 -21.14 0.19
CA SER A 269 -43.53 -20.17 1.27
C SER A 269 -44.78 -19.31 1.34
N ASP A 270 -44.95 -18.62 2.46
CA ASP A 270 -46.12 -17.76 2.62
C ASP A 270 -45.86 -16.32 2.21
N VAL A 271 -44.70 -15.76 2.57
CA VAL A 271 -44.43 -14.34 2.38
C VAL A 271 -43.13 -14.21 1.60
N ILE A 272 -43.13 -13.34 0.59
CA ILE A 272 -41.96 -13.09 -0.23
C ILE A 272 -41.46 -11.69 0.07
N ILE A 273 -40.16 -11.54 0.27
CA ILE A 273 -39.54 -10.24 0.45
C ILE A 273 -38.42 -10.15 -0.58
N TYR A 274 -38.45 -9.08 -1.38
CA TYR A 274 -37.41 -8.86 -2.37
C TYR A 274 -36.61 -7.64 -1.95
N VAL A 275 -35.31 -7.80 -1.78
CA VAL A 275 -34.46 -6.75 -1.23
C VAL A 275 -33.47 -6.32 -2.30
N GLY A 276 -33.57 -5.06 -2.71
CA GLY A 276 -32.51 -4.44 -3.49
C GLY A 276 -31.47 -3.81 -2.58
N CYS A 277 -30.22 -3.80 -3.02
CA CYS A 277 -29.15 -3.28 -2.17
C CYS A 277 -28.57 -1.99 -2.76
N GLY A 278 -28.48 -1.92 -4.08
CA GLY A 278 -27.89 -0.76 -4.72
C GLY A 278 -27.59 -0.95 -6.19
N GLU A 279 -28.66 -1.26 -6.95
CA GLU A 279 -28.59 -1.70 -8.36
C GLU A 279 -28.76 -0.51 -9.30
N ARG A 280 -28.68 -0.74 -10.62
CA ARG A 280 -28.86 0.33 -11.59
C ARG A 280 -30.31 0.76 -11.64
N GLY A 281 -30.53 2.07 -11.78
CA GLY A 281 -31.89 2.60 -11.82
C GLY A 281 -32.80 1.79 -12.72
N ASN A 282 -32.32 1.48 -13.92
CA ASN A 282 -33.20 0.78 -14.89
C ASN A 282 -33.47 -0.64 -14.40
N GLU A 283 -32.51 -1.26 -13.71
CA GLU A 283 -32.73 -2.62 -13.15
C GLU A 283 -33.77 -2.58 -12.02
N MET A 284 -33.73 -1.56 -11.18
CA MET A 284 -34.73 -1.42 -10.09
C MET A 284 -36.10 -1.17 -10.72
N SER A 285 -36.13 -0.42 -11.83
CA SER A 285 -37.42 -0.15 -12.52
C SER A 285 -37.99 -1.47 -13.04
N GLU A 286 -37.15 -2.31 -13.63
CA GLU A 286 -37.61 -3.63 -14.15
C GLU A 286 -38.24 -4.44 -13.02
N VAL A 287 -37.59 -4.45 -11.85
CA VAL A 287 -38.13 -5.24 -10.69
C VAL A 287 -39.44 -4.60 -10.23
N LEU A 288 -39.44 -3.28 -10.07
CA LEU A 288 -40.64 -2.57 -9.55
C LEU A 288 -41.78 -2.70 -10.57
N ARG A 289 -41.47 -2.67 -11.87
CA ARG A 289 -42.52 -2.83 -12.93
C ARG A 289 -43.00 -4.26 -13.05
N ASP A 290 -42.09 -5.25 -13.01
CA ASP A 290 -42.49 -6.65 -13.26
C ASP A 290 -43.34 -7.19 -12.11
N PHE A 291 -42.84 -7.06 -10.88
CA PHE A 291 -43.47 -7.66 -9.70
C PHE A 291 -44.96 -7.34 -9.61
N PRO A 292 -45.40 -6.07 -9.70
CA PRO A 292 -46.85 -5.81 -9.61
C PRO A 292 -47.67 -6.53 -10.67
N GLU A 293 -47.06 -6.97 -11.76
CA GLU A 293 -47.81 -7.63 -12.82
C GLU A 293 -47.83 -9.14 -12.67
N LEU A 294 -47.16 -9.69 -11.65
CA LEU A 294 -47.14 -11.13 -11.46
C LEU A 294 -48.35 -11.57 -10.65
N THR A 295 -48.93 -12.71 -11.03
CA THR A 295 -50.08 -13.26 -10.34
C THR A 295 -49.86 -14.75 -10.12
N MET A 296 -50.66 -15.35 -9.25
CA MET A 296 -50.67 -16.78 -9.04
C MET A 296 -52.06 -17.22 -8.63
N GLU A 297 -52.44 -18.43 -9.04
CA GLU A 297 -53.67 -19.05 -8.57
C GLU A 297 -53.49 -19.44 -7.11
N VAL A 298 -54.51 -19.17 -6.29
CA VAL A 298 -54.42 -19.51 -4.87
C VAL A 298 -55.56 -20.45 -4.48
N ASP A 299 -56.77 -19.92 -4.34
CA ASP A 299 -57.90 -20.76 -3.93
C ASP A 299 -58.78 -20.95 -5.16
N GLY A 300 -58.15 -21.01 -6.32
CA GLY A 300 -58.87 -20.98 -7.57
C GLY A 300 -59.03 -19.60 -8.18
N LYS A 301 -58.71 -18.57 -7.39
CA LYS A 301 -58.73 -17.20 -7.86
C LYS A 301 -57.31 -16.77 -8.20
N VAL A 302 -57.18 -15.87 -9.16
CA VAL A 302 -55.90 -15.30 -9.56
C VAL A 302 -55.68 -14.05 -8.72
N GLU A 303 -54.63 -14.06 -7.91
CA GLU A 303 -54.34 -12.92 -7.05
C GLU A 303 -53.02 -12.29 -7.44
N SER A 304 -52.92 -10.99 -7.19
CA SER A 304 -51.67 -10.27 -7.39
C SER A 304 -50.63 -10.75 -6.39
N ILE A 305 -49.40 -10.92 -6.85
CA ILE A 305 -48.31 -11.31 -5.96
C ILE A 305 -48.05 -10.26 -4.90
N MET A 306 -48.37 -9.00 -5.16
CA MET A 306 -48.06 -7.93 -4.21
C MET A 306 -48.93 -7.97 -2.97
N LYS A 307 -49.92 -8.85 -2.93
CA LYS A 307 -50.73 -8.99 -1.74
C LYS A 307 -50.04 -9.85 -0.67
N ARG A 308 -49.01 -10.60 -1.05
CA ARG A 308 -48.25 -11.39 -0.09
C ARG A 308 -46.75 -11.14 -0.27
N THR A 309 -46.40 -9.94 -0.75
CA THR A 309 -45.01 -9.61 -0.98
C THR A 309 -44.71 -8.26 -0.34
N ALA A 310 -43.46 -8.07 0.07
CA ALA A 310 -42.94 -6.75 0.43
C ALA A 310 -41.60 -6.56 -0.27
N LEU A 311 -41.30 -5.33 -0.66
CA LEU A 311 -40.12 -5.05 -1.46
C LEU A 311 -39.39 -3.83 -0.93
N VAL A 312 -38.06 -3.92 -0.86
CA VAL A 312 -37.19 -2.81 -0.49
C VAL A 312 -36.36 -2.44 -1.70
N ALA A 313 -36.47 -1.18 -2.13
CA ALA A 313 -35.85 -0.72 -3.36
C ALA A 313 -34.75 0.29 -3.06
N ASN A 314 -33.55 0.01 -3.59
CA ASN A 314 -32.40 0.89 -3.40
C ASN A 314 -31.61 0.91 -4.70
N THR A 315 -31.42 2.10 -5.27
CA THR A 315 -30.59 2.23 -6.46
C THR A 315 -29.19 2.68 -6.06
N SER A 316 -28.27 2.60 -7.03
CA SER A 316 -26.87 2.89 -6.74
C SER A 316 -26.64 4.31 -6.26
N ASN A 317 -27.56 5.24 -6.52
CA ASN A 317 -27.38 6.62 -6.09
C ASN A 317 -28.16 6.95 -4.82
N MET A 318 -28.64 5.94 -4.11
CA MET A 318 -29.28 6.16 -2.83
C MET A 318 -28.21 6.38 -1.76
N PRO A 319 -28.57 7.01 -0.63
CA PRO A 319 -27.59 7.21 0.43
C PRO A 319 -26.93 5.90 0.81
N VAL A 320 -25.60 5.94 0.97
CA VAL A 320 -24.83 4.71 1.23
C VAL A 320 -25.30 4.03 2.49
N ALA A 321 -25.74 4.79 3.49
CA ALA A 321 -26.27 4.17 4.70
C ALA A 321 -27.49 3.32 4.40
N ALA A 322 -28.30 3.75 3.45
CA ALA A 322 -29.51 2.99 3.12
C ALA A 322 -29.17 1.73 2.34
N ARG A 323 -28.20 1.84 1.43
CA ARG A 323 -27.76 0.71 0.63
C ARG A 323 -27.10 -0.35 1.51
N GLU A 324 -26.36 0.09 2.51
CA GLU A 324 -25.76 -0.82 3.49
C GLU A 324 -26.81 -1.36 4.45
N ALA A 325 -27.72 -0.51 4.91
CA ALA A 325 -28.77 -0.92 5.81
C ALA A 325 -29.88 -1.72 5.13
N SER A 326 -30.02 -1.62 3.81
CA SER A 326 -31.14 -2.30 3.15
C SER A 326 -31.15 -3.78 3.48
N ILE A 327 -29.98 -4.41 3.48
CA ILE A 327 -29.90 -5.86 3.67
C ILE A 327 -30.41 -6.25 5.05
N TYR A 328 -30.17 -5.40 6.04
CA TYR A 328 -30.65 -5.69 7.38
C TYR A 328 -32.10 -5.27 7.55
N THR A 329 -32.54 -4.22 6.85
CA THR A 329 -33.96 -3.88 6.87
C THR A 329 -34.79 -5.02 6.31
N GLY A 330 -34.36 -5.61 5.20
CA GLY A 330 -35.11 -6.72 4.63
C GLY A 330 -35.25 -7.87 5.60
N ILE A 331 -34.14 -8.32 6.17
CA ILE A 331 -34.21 -9.49 7.03
C ILE A 331 -34.98 -9.19 8.29
N THR A 332 -34.91 -7.96 8.81
CA THR A 332 -35.77 -7.61 9.93
C THR A 332 -37.24 -7.76 9.58
N LEU A 333 -37.65 -7.29 8.40
CA LEU A 333 -39.02 -7.52 7.97
C LEU A 333 -39.30 -9.02 7.85
N SER A 334 -38.31 -9.77 7.37
CA SER A 334 -38.49 -11.21 7.23
C SER A 334 -38.74 -11.86 8.59
N GLU A 335 -37.92 -11.55 9.58
CA GLU A 335 -38.11 -12.13 10.90
C GLU A 335 -39.45 -11.72 11.48
N TYR A 336 -39.89 -10.49 11.22
CA TYR A 336 -41.17 -10.04 11.75
C TYR A 336 -42.27 -11.02 11.39
N PHE A 337 -42.33 -11.42 10.12
CA PHE A 337 -43.33 -12.41 9.74
C PHE A 337 -42.96 -13.82 10.19
N ARG A 338 -41.66 -14.15 10.24
CA ARG A 338 -41.23 -15.40 10.81
C ARG A 338 -41.86 -15.62 12.18
N ASP A 339 -41.91 -14.57 13.00
CA ASP A 339 -42.47 -14.70 14.33
C ASP A 339 -43.97 -14.90 14.32
N MET A 340 -44.61 -14.75 13.16
CA MET A 340 -46.04 -14.96 13.03
C MET A 340 -46.38 -16.42 12.74
N GLY A 341 -45.37 -17.25 12.48
CA GLY A 341 -45.56 -18.61 12.04
C GLY A 341 -45.59 -18.79 10.55
N TYR A 342 -45.20 -17.77 9.77
CA TYR A 342 -45.15 -17.89 8.33
C TYR A 342 -43.80 -18.38 7.86
N HIS A 343 -43.77 -19.02 6.69
CA HIS A 343 -42.53 -19.32 5.98
C HIS A 343 -42.19 -18.20 5.00
N VAL A 344 -41.06 -17.53 5.27
CA VAL A 344 -40.65 -16.34 4.56
C VAL A 344 -39.45 -16.63 3.66
N SER A 345 -39.49 -16.16 2.43
CA SER A 345 -38.41 -16.34 1.49
C SER A 345 -37.90 -14.97 1.03
N MET A 346 -36.67 -14.66 1.41
CA MET A 346 -36.10 -13.36 1.08
C MET A 346 -35.02 -13.50 0.02
N MET A 347 -35.06 -12.64 -0.99
CA MET A 347 -34.03 -12.61 -2.02
C MET A 347 -33.30 -11.28 -1.93
N ALA A 348 -31.99 -11.33 -1.78
CA ALA A 348 -31.18 -10.14 -1.91
C ALA A 348 -30.65 -10.03 -3.33
N ASP A 349 -31.09 -9.01 -4.05
CA ASP A 349 -30.83 -8.95 -5.49
C ASP A 349 -29.34 -8.96 -5.79
N SER A 350 -28.55 -8.31 -4.94
CA SER A 350 -27.09 -8.29 -5.11
C SER A 350 -26.46 -7.98 -3.76
N THR A 351 -25.91 -9.01 -3.12
CA THR A 351 -25.15 -8.79 -1.89
C THR A 351 -23.77 -8.21 -2.18
N SER A 352 -23.29 -8.32 -3.42
CA SER A 352 -22.04 -7.67 -3.79
C SER A 352 -22.18 -6.15 -3.77
N ARG A 353 -23.31 -5.63 -4.24
CA ARG A 353 -23.52 -4.18 -4.17
C ARG A 353 -23.62 -3.73 -2.73
N TRP A 354 -24.21 -4.55 -1.87
CA TRP A 354 -24.19 -4.24 -0.44
C TRP A 354 -22.77 -4.14 0.09
N ALA A 355 -21.94 -5.14 -0.22
CA ALA A 355 -20.55 -5.10 0.24
C ALA A 355 -19.84 -3.87 -0.29
N GLU A 356 -20.18 -3.45 -1.51
CA GLU A 356 -19.62 -2.20 -2.04
C GLU A 356 -20.02 -1.02 -1.18
N ALA A 357 -21.31 -0.94 -0.82
CA ALA A 357 -21.76 0.12 0.08
C ALA A 357 -21.05 0.05 1.42
N LEU A 358 -20.84 -1.17 1.92
CA LEU A 358 -20.18 -1.33 3.22
C LEU A 358 -18.73 -0.85 3.15
N ARG A 359 -18.03 -1.22 2.08
CA ARG A 359 -16.66 -0.75 1.90
C ARG A 359 -16.63 0.77 1.79
N GLU A 360 -17.60 1.36 1.08
CA GLU A 360 -17.65 2.81 0.99
C GLU A 360 -17.73 3.45 2.37
N ILE A 361 -18.59 2.93 3.24
CA ILE A 361 -18.69 3.53 4.57
C ILE A 361 -17.38 3.37 5.32
N SER A 362 -16.76 2.18 5.26
CA SER A 362 -15.48 2.01 5.92
C SER A 362 -14.46 3.03 5.43
N GLY A 363 -14.44 3.28 4.13
CA GLY A 363 -13.60 4.33 3.57
C GLY A 363 -13.95 5.70 4.10
N ARG A 364 -15.25 6.02 4.11
CA ARG A 364 -15.74 7.31 4.64
C ARG A 364 -15.29 7.51 6.09
N LEU A 365 -15.26 6.43 6.87
CA LEU A 365 -14.85 6.52 8.27
C LEU A 365 -13.34 6.39 8.46
N ALA A 366 -12.59 6.28 7.37
CA ALA A 366 -11.12 6.17 7.41
C ALA A 366 -10.69 4.99 8.29
N GLU A 367 -11.37 3.86 8.09
CA GLU A 367 -11.04 2.62 8.78
C GLU A 367 -9.92 1.91 8.05
N MET A 368 -9.13 1.13 8.78
CA MET A 368 -8.04 0.39 8.13
C MET A 368 -8.68 -0.69 7.26
N PRO A 369 -8.43 -0.73 5.88
CA PRO A 369 -8.89 -1.76 4.94
C PRO A 369 -8.12 -3.06 5.10
N ALA A 370 -8.78 -4.14 4.69
CA ALA A 370 -8.19 -5.47 4.70
C ALA A 370 -8.19 -6.02 3.28
N ASP A 371 -8.73 -7.22 3.11
CA ASP A 371 -8.55 -8.02 1.89
C ASP A 371 -9.25 -7.39 0.70
N SER A 372 -8.47 -7.10 -0.34
CA SER A 372 -8.95 -6.44 -1.55
C SER A 372 -9.68 -5.14 -1.24
N GLY A 373 -9.28 -4.49 -0.16
CA GLY A 373 -9.85 -3.19 0.17
C GLY A 373 -11.09 -3.22 1.02
N TYR A 374 -11.61 -4.41 1.30
CA TYR A 374 -12.84 -4.54 2.07
C TYR A 374 -12.54 -4.41 3.57
N PRO A 375 -13.53 -4.07 4.37
CA PRO A 375 -13.32 -3.99 5.82
C PRO A 375 -12.90 -5.32 6.40
N ALA A 376 -12.13 -5.23 7.49
CA ALA A 376 -11.68 -6.43 8.19
C ALA A 376 -12.85 -7.29 8.64
N TYR A 377 -14.00 -6.69 8.90
CA TYR A 377 -15.16 -7.40 9.45
C TYR A 377 -16.13 -7.86 8.38
N LEU A 378 -15.75 -7.78 7.11
CA LEU A 378 -16.66 -8.21 6.05
C LEU A 378 -17.21 -9.60 6.35
N GLY A 379 -16.33 -10.55 6.66
CA GLY A 379 -16.78 -11.91 6.93
C GLY A 379 -17.71 -12.00 8.11
N ALA A 380 -17.43 -11.24 9.17
CA ALA A 380 -18.30 -11.27 10.35
C ALA A 380 -19.69 -10.76 10.02
N ARG A 381 -19.78 -9.73 9.17
CA ARG A 381 -21.09 -9.17 8.83
C ARG A 381 -21.89 -10.15 7.97
N LEU A 382 -21.24 -10.78 7.00
CA LEU A 382 -21.94 -11.78 6.19
C LEU A 382 -22.33 -12.98 7.01
N ALA A 383 -21.44 -13.43 7.89
CA ALA A 383 -21.74 -14.62 8.70
C ALA A 383 -22.93 -14.37 9.61
N SER A 384 -22.98 -13.20 10.25
CA SER A 384 -24.11 -12.90 11.12
C SER A 384 -25.38 -12.60 10.33
N PHE A 385 -25.24 -12.17 9.08
CA PHE A 385 -26.42 -12.01 8.23
C PHE A 385 -27.10 -13.35 8.00
N TYR A 386 -26.38 -14.31 7.42
CA TYR A 386 -26.99 -15.59 7.06
C TYR A 386 -27.37 -16.41 8.29
N GLU A 387 -26.67 -16.26 9.41
CA GLU A 387 -27.02 -17.01 10.60
C GLU A 387 -28.42 -16.67 11.09
N ARG A 388 -28.96 -15.51 10.70
CA ARG A 388 -30.30 -15.14 11.13
C ARG A 388 -31.39 -15.91 10.42
N ALA A 389 -31.07 -16.58 9.32
CA ALA A 389 -32.03 -17.42 8.63
C ALA A 389 -32.15 -18.77 9.30
N GLY A 390 -33.25 -19.46 9.03
CA GLY A 390 -33.44 -20.80 9.54
C GLY A 390 -34.85 -21.02 10.05
N ARG A 391 -35.20 -22.29 10.22
CA ARG A 391 -36.44 -22.67 10.88
C ARG A 391 -36.33 -22.51 12.38
N VAL A 392 -37.35 -21.89 12.99
CA VAL A 392 -37.33 -21.60 14.41
C VAL A 392 -38.65 -22.01 15.02
N LYS A 393 -38.62 -22.20 16.33
CA LYS A 393 -39.84 -22.27 17.15
C LYS A 393 -40.06 -20.87 17.70
N CYS A 394 -41.24 -20.32 17.41
CA CYS A 394 -41.52 -18.92 17.69
C CYS A 394 -41.72 -18.67 19.18
N LEU A 395 -41.66 -17.40 19.55
CA LEU A 395 -41.99 -16.99 20.90
C LEU A 395 -43.50 -16.91 21.07
N GLY A 396 -43.93 -16.98 22.31
CA GLY A 396 -45.32 -16.76 22.64
C GLY A 396 -46.01 -18.08 22.87
N ASN A 397 -47.10 -18.04 23.60
CA ASN A 397 -47.80 -19.25 23.98
C ASN A 397 -48.43 -19.99 22.80
N PRO A 398 -48.71 -19.35 21.66
CA PRO A 398 -49.35 -20.08 20.55
C PRO A 398 -48.56 -21.26 20.01
N GLU A 399 -47.29 -21.44 20.41
CA GLU A 399 -46.49 -22.58 20.01
C GLU A 399 -46.53 -22.81 18.49
N ARG A 400 -46.31 -21.73 17.78
CA ARG A 400 -46.26 -21.74 16.32
C ARG A 400 -44.82 -21.81 15.85
N GLU A 401 -44.64 -22.16 14.58
CA GLU A 401 -43.33 -22.35 14.00
C GLU A 401 -43.28 -21.64 12.65
N GLY A 402 -42.06 -21.28 12.23
CA GLY A 402 -41.88 -20.65 10.94
C GLY A 402 -40.42 -20.68 10.53
N SER A 403 -40.12 -20.03 9.41
CA SER A 403 -38.78 -20.07 8.87
C SER A 403 -38.45 -18.86 8.01
N VAL A 404 -37.17 -18.56 7.85
CA VAL A 404 -36.71 -17.60 6.86
C VAL A 404 -35.67 -18.26 5.98
N SER A 405 -35.85 -18.20 4.66
CA SER A 405 -34.85 -18.65 3.70
C SER A 405 -34.18 -17.44 3.08
N ILE A 406 -32.92 -17.59 2.69
CA ILE A 406 -32.22 -16.55 1.96
C ILE A 406 -31.67 -17.10 0.65
N VAL A 407 -32.00 -16.41 -0.45
CA VAL A 407 -31.57 -16.81 -1.78
C VAL A 407 -30.81 -15.63 -2.39
N GLY A 408 -29.98 -14.98 -1.58
CA GLY A 408 -29.20 -13.83 -2.01
C GLY A 408 -28.24 -14.09 -3.17
N ALA A 409 -28.16 -13.13 -4.08
CA ALA A 409 -27.33 -13.25 -5.28
C ALA A 409 -25.98 -12.58 -5.07
N VAL A 410 -24.99 -13.01 -5.83
CA VAL A 410 -23.66 -12.41 -5.80
C VAL A 410 -23.25 -12.03 -7.21
N SER A 411 -22.63 -10.87 -7.33
CA SER A 411 -22.23 -10.31 -8.62
C SER A 411 -20.90 -9.57 -8.46
N PRO A 412 -19.81 -10.31 -8.31
CA PRO A 412 -18.51 -9.66 -8.11
C PRO A 412 -18.01 -9.02 -9.38
N PRO A 413 -17.28 -7.90 -9.29
CA PRO A 413 -16.70 -7.30 -10.48
C PRO A 413 -15.82 -8.30 -11.21
N GLY A 414 -16.04 -8.42 -12.52
CA GLY A 414 -15.26 -9.31 -13.36
C GLY A 414 -15.80 -10.72 -13.43
N GLY A 415 -16.75 -11.07 -12.58
CA GLY A 415 -17.30 -12.42 -12.59
C GLY A 415 -16.43 -13.46 -11.91
N ASP A 416 -15.34 -13.03 -11.28
CA ASP A 416 -14.40 -13.94 -10.65
C ASP A 416 -14.94 -14.38 -9.29
N PHE A 417 -14.38 -15.49 -8.79
CA PHE A 417 -14.75 -16.02 -7.48
C PHE A 417 -13.70 -15.72 -6.42
N SER A 418 -12.67 -14.95 -6.77
CA SER A 418 -11.62 -14.58 -5.84
C SER A 418 -12.02 -13.43 -4.94
N ASP A 419 -13.02 -12.66 -5.31
CA ASP A 419 -13.43 -11.50 -4.51
C ASP A 419 -13.82 -11.98 -3.12
N PRO A 420 -13.30 -11.35 -2.06
CA PRO A 420 -13.67 -11.79 -0.71
C PRO A 420 -15.17 -11.91 -0.47
N VAL A 421 -15.98 -11.10 -1.15
CA VAL A 421 -17.41 -11.17 -0.91
C VAL A 421 -18.00 -12.47 -1.44
N THR A 422 -17.64 -12.86 -2.67
CA THR A 422 -18.14 -14.14 -3.15
C THR A 422 -17.48 -15.32 -2.45
N SER A 423 -16.19 -15.23 -2.16
CA SER A 423 -15.54 -16.32 -1.45
C SER A 423 -16.15 -16.53 -0.06
N ALA A 424 -16.35 -15.43 0.68
CA ALA A 424 -16.97 -15.54 1.99
C ALA A 424 -18.39 -16.07 1.87
N THR A 425 -19.15 -15.61 0.86
CA THR A 425 -20.52 -16.05 0.73
C THR A 425 -20.59 -17.56 0.51
N LEU A 426 -19.75 -18.08 -0.39
CA LEU A 426 -19.76 -19.51 -0.68
C LEU A 426 -19.36 -20.35 0.53
N GLY A 427 -18.55 -19.81 1.42
CA GLY A 427 -18.22 -20.55 2.63
C GLY A 427 -19.31 -20.52 3.67
N ILE A 428 -20.37 -19.74 3.43
CA ILE A 428 -21.47 -19.61 4.37
C ILE A 428 -22.74 -20.30 3.88
N VAL A 429 -23.10 -20.10 2.62
CA VAL A 429 -24.33 -20.69 2.11
C VAL A 429 -24.15 -22.18 1.90
N GLN A 430 -25.23 -22.94 2.12
CA GLN A 430 -25.13 -24.39 2.04
C GLN A 430 -25.54 -24.91 0.68
N VAL A 431 -26.17 -24.08 -0.14
CA VAL A 431 -26.54 -24.43 -1.50
C VAL A 431 -26.03 -23.34 -2.43
N PHE A 432 -25.48 -23.75 -3.57
CA PHE A 432 -25.02 -22.81 -4.59
C PHE A 432 -25.70 -23.19 -5.90
N TRP A 433 -26.58 -22.34 -6.39
CA TRP A 433 -27.26 -22.60 -7.65
C TRP A 433 -26.48 -21.99 -8.81
N GLY A 434 -25.26 -22.47 -9.02
CA GLY A 434 -24.37 -21.83 -10.00
C GLY A 434 -25.06 -21.72 -11.35
N LEU A 435 -25.21 -20.49 -11.86
CA LEU A 435 -25.76 -20.28 -13.18
C LEU A 435 -24.63 -20.01 -14.16
N ASP A 436 -24.94 -20.13 -15.44
CA ASP A 436 -23.97 -19.90 -16.50
C ASP A 436 -24.57 -19.07 -17.61
N LYS A 437 -23.71 -18.45 -18.41
CA LYS A 437 -24.15 -17.68 -19.56
C LYS A 437 -24.05 -18.48 -20.86
N LYS A 438 -23.17 -19.49 -20.89
CA LYS A 438 -23.01 -20.28 -22.11
C LYS A 438 -24.29 -21.00 -22.48
N LEU A 439 -24.96 -21.49 -21.42
CA LEU A 439 -26.24 -22.24 -21.53
C LEU A 439 -27.28 -21.29 -22.10
N ALA A 440 -27.28 -20.04 -21.63
CA ALA A 440 -28.25 -19.05 -22.14
C ALA A 440 -28.01 -18.80 -23.63
N GLN A 441 -26.74 -18.79 -24.07
CA GLN A 441 -26.43 -18.53 -25.46
C GLN A 441 -26.92 -19.66 -26.37
N ARG A 442 -26.99 -20.85 -25.75
CA ARG A 442 -27.45 -22.11 -26.38
C ARG A 442 -28.97 -22.19 -26.21
N LYS A 443 -29.55 -21.15 -25.61
CA LYS A 443 -31.01 -21.13 -25.37
C LYS A 443 -31.43 -22.29 -24.46
N HIS A 444 -30.59 -22.68 -23.50
CA HIS A 444 -31.00 -23.77 -22.58
C HIS A 444 -31.32 -23.16 -21.22
N PHE A 445 -32.57 -23.25 -20.79
CA PHE A 445 -33.00 -22.58 -19.54
C PHE A 445 -33.75 -23.61 -18.71
N PRO A 446 -33.72 -23.56 -17.36
CA PRO A 446 -32.91 -22.58 -16.61
C PRO A 446 -31.41 -22.78 -16.85
N SER A 447 -30.62 -21.71 -16.82
CA SER A 447 -29.19 -21.80 -17.18
C SER A 447 -28.36 -22.34 -16.02
N VAL A 448 -28.51 -23.62 -15.67
CA VAL A 448 -27.82 -24.17 -14.46
C VAL A 448 -26.54 -24.89 -14.89
N ASN A 449 -25.39 -24.52 -14.31
CA ASN A 449 -24.07 -25.06 -14.75
C ASN A 449 -23.95 -26.55 -14.47
N TRP A 450 -24.62 -27.06 -13.42
CA TRP A 450 -24.60 -28.50 -13.04
C TRP A 450 -23.29 -28.91 -12.37
N LEU A 451 -22.14 -28.75 -13.03
CA LEU A 451 -20.87 -29.26 -12.44
C LEU A 451 -20.43 -28.37 -11.28
N ILE A 452 -20.66 -27.06 -11.36
CA ILE A 452 -20.31 -26.10 -10.27
C ILE A 452 -21.37 -26.12 -9.15
N SER A 453 -22.65 -26.22 -9.50
CA SER A 453 -23.73 -26.15 -8.48
C SER A 453 -23.67 -27.33 -7.51
N TYR A 454 -24.10 -27.12 -6.27
CA TYR A 454 -24.14 -28.14 -5.24
C TYR A 454 -25.21 -27.80 -4.22
N SER A 455 -25.59 -28.80 -3.44
CA SER A 455 -26.51 -28.62 -2.33
C SER A 455 -26.05 -29.48 -1.17
N LYS A 456 -25.96 -28.88 0.02
CA LYS A 456 -25.52 -29.58 1.21
C LYS A 456 -26.67 -29.97 2.13
N TYR A 457 -27.91 -29.86 1.65
CA TYR A 457 -29.08 -30.28 2.40
C TYR A 457 -29.56 -31.68 2.03
N MET A 458 -28.85 -32.38 1.14
CA MET A 458 -29.30 -33.67 0.66
C MET A 458 -29.53 -34.65 1.81
N ARG A 459 -28.62 -34.63 2.80
CA ARG A 459 -28.79 -35.48 3.97
C ARG A 459 -29.91 -34.98 4.87
N ALA A 460 -30.00 -33.67 5.06
CA ALA A 460 -31.01 -33.12 5.96
C ALA A 460 -32.42 -33.48 5.48
N LEU A 461 -32.61 -33.58 4.17
CA LEU A 461 -33.94 -33.87 3.63
C LEU A 461 -34.18 -35.36 3.46
N ASP A 462 -33.20 -36.20 3.78
CA ASP A 462 -33.33 -37.64 3.55
C ASP A 462 -34.52 -38.23 4.30
N GLU A 463 -34.81 -37.72 5.50
CA GLU A 463 -35.96 -38.18 6.26
C GLU A 463 -37.28 -37.85 5.58
N TYR A 464 -37.43 -36.63 5.07
CA TYR A 464 -38.64 -36.27 4.34
C TYR A 464 -38.81 -37.14 3.11
N TYR A 465 -37.77 -37.25 2.30
CA TYR A 465 -37.87 -37.97 1.03
C TYR A 465 -38.22 -39.45 1.26
N ASP A 466 -37.59 -40.06 2.27
CA ASP A 466 -37.90 -41.45 2.57
C ASP A 466 -39.36 -41.61 2.98
N LYS A 467 -39.84 -40.74 3.85
CA LYS A 467 -41.22 -40.81 4.33
C LYS A 467 -42.25 -40.65 3.22
N HIS A 468 -42.05 -39.72 2.28
CA HIS A 468 -43.11 -39.39 1.33
C HIS A 468 -42.89 -39.92 -0.07
N PHE A 469 -41.66 -40.12 -0.52
CA PHE A 469 -41.46 -40.46 -1.93
C PHE A 469 -40.62 -41.71 -2.17
N THR A 470 -39.76 -42.12 -1.23
CA THR A 470 -38.98 -43.35 -1.25
C THR A 470 -37.93 -43.44 -2.36
N GLU A 471 -38.32 -43.38 -3.63
CA GLU A 471 -37.37 -43.65 -4.71
C GLU A 471 -36.61 -42.40 -5.14
N PHE A 472 -36.97 -41.22 -4.64
CA PHE A 472 -36.30 -40.01 -5.10
C PHE A 472 -34.79 -40.05 -4.88
N VAL A 473 -34.36 -40.47 -3.68
CA VAL A 473 -32.92 -40.41 -3.36
C VAL A 473 -32.05 -41.26 -4.27
N PRO A 474 -32.34 -42.55 -4.54
CA PRO A 474 -31.44 -43.26 -5.46
C PRO A 474 -31.49 -42.70 -6.86
N LEU A 475 -32.60 -42.05 -7.22
CA LEU A 475 -32.76 -41.52 -8.57
C LEU A 475 -31.85 -40.32 -8.79
N ARG A 476 -31.82 -39.40 -7.82
CA ARG A 476 -30.96 -38.23 -7.92
C ARG A 476 -29.50 -38.62 -7.85
N THR A 477 -29.18 -39.69 -7.11
CA THR A 477 -27.80 -40.15 -7.11
C THR A 477 -27.41 -40.68 -8.48
N LYS A 478 -28.24 -41.52 -9.09
CA LYS A 478 -27.94 -42.04 -10.41
C LYS A 478 -27.94 -40.91 -11.44
N ALA A 479 -28.84 -39.95 -11.28
CA ALA A 479 -28.94 -38.87 -12.25
C ALA A 479 -27.64 -38.06 -12.31
N LYS A 480 -27.07 -37.75 -11.15
CA LYS A 480 -25.81 -37.00 -11.13
C LYS A 480 -24.67 -37.86 -11.66
N GLU A 481 -24.69 -39.16 -11.34
CA GLU A 481 -23.65 -40.03 -11.90
C GLU A 481 -23.74 -40.08 -13.41
N ILE A 482 -24.94 -40.17 -13.98
CA ILE A 482 -25.07 -40.20 -15.43
C ILE A 482 -24.58 -38.91 -16.05
N LEU A 483 -24.97 -37.76 -15.48
CA LEU A 483 -24.55 -36.49 -16.04
C LEU A 483 -23.05 -36.29 -15.92
N GLN A 484 -22.47 -36.71 -14.79
CA GLN A 484 -21.03 -36.55 -14.63
C GLN A 484 -20.27 -37.42 -15.62
N GLU A 485 -20.74 -38.64 -15.85
CA GLU A 485 -20.08 -39.52 -16.81
C GLU A 485 -20.09 -38.93 -18.21
N GLU A 486 -21.18 -38.28 -18.59
CA GLU A 486 -21.25 -37.62 -19.89
C GLU A 486 -20.11 -36.63 -20.04
N GLU A 487 -19.81 -35.92 -18.95
CA GLU A 487 -18.68 -34.96 -18.94
C GLU A 487 -17.36 -35.73 -19.00
N ASP A 488 -17.24 -36.81 -18.22
CA ASP A 488 -16.02 -37.60 -18.21
C ASP A 488 -15.75 -38.22 -19.59
N LEU A 489 -16.80 -38.58 -20.32
CA LEU A 489 -16.62 -39.17 -21.64
C LEU A 489 -16.28 -38.13 -22.70
N ALA A 490 -16.34 -36.85 -22.36
CA ALA A 490 -16.21 -35.81 -23.38
C ALA A 490 -14.88 -35.95 -24.12
N GLU A 491 -13.80 -36.25 -23.40
CA GLU A 491 -12.50 -36.39 -24.04
C GLU A 491 -12.46 -37.61 -24.96
N ILE A 492 -13.06 -38.71 -24.52
CA ILE A 492 -13.07 -39.92 -25.34
C ILE A 492 -13.82 -39.68 -26.64
N VAL A 493 -14.99 -39.03 -26.55
CA VAL A 493 -15.78 -38.77 -27.75
C VAL A 493 -15.03 -37.87 -28.71
N GLN A 494 -14.40 -36.82 -28.18
CA GLN A 494 -13.67 -35.89 -29.06
C GLN A 494 -12.57 -36.60 -29.83
N LEU A 495 -11.92 -37.59 -29.20
CA LEU A 495 -10.77 -38.23 -29.83
C LEU A 495 -11.17 -39.47 -30.61
N VAL A 496 -12.46 -39.83 -30.60
CA VAL A 496 -12.92 -41.09 -31.17
C VAL A 496 -14.05 -40.87 -32.17
N GLY A 497 -14.98 -39.99 -31.86
CA GLY A 497 -16.16 -39.83 -32.69
C GLY A 497 -17.24 -40.86 -32.46
N LYS A 498 -17.30 -41.45 -31.26
CA LYS A 498 -18.26 -42.49 -30.91
C LYS A 498 -18.10 -43.77 -31.71
N ALA A 499 -16.97 -43.94 -32.40
CA ALA A 499 -16.68 -45.19 -33.10
C ALA A 499 -16.11 -46.27 -32.17
N SER A 500 -14.90 -46.09 -31.68
CA SER A 500 -14.29 -47.00 -30.72
C SER A 500 -14.82 -46.68 -29.32
N LEU A 501 -16.13 -46.84 -29.13
CA LEU A 501 -16.78 -46.45 -27.89
C LEU A 501 -17.73 -47.56 -27.47
N ALA A 502 -17.78 -47.84 -26.18
CA ALA A 502 -18.64 -48.89 -25.66
C ALA A 502 -20.10 -48.52 -25.91
N GLU A 503 -20.91 -49.54 -26.17
CA GLU A 503 -22.37 -49.34 -26.36
C GLU A 503 -22.97 -48.84 -25.04
N THR A 504 -22.42 -49.29 -23.92
CA THR A 504 -22.90 -48.81 -22.62
C THR A 504 -22.57 -47.34 -22.42
N ASP A 505 -21.49 -46.87 -23.03
CA ASP A 505 -21.18 -45.44 -22.96
C ASP A 505 -22.10 -44.64 -23.87
N LYS A 506 -22.44 -45.20 -25.03
CA LYS A 506 -23.41 -44.54 -25.93
C LYS A 506 -24.75 -44.37 -25.20
N ILE A 507 -25.14 -45.36 -24.39
CA ILE A 507 -26.39 -45.25 -23.58
C ILE A 507 -26.25 -44.05 -22.64
N THR A 508 -25.11 -43.97 -21.95
CA THR A 508 -24.88 -42.86 -21.04
C THR A 508 -24.95 -41.53 -21.78
N LEU A 509 -24.31 -41.44 -22.95
CA LEU A 509 -24.23 -40.14 -23.62
C LEU A 509 -25.62 -39.71 -24.08
N GLU A 510 -26.35 -40.63 -24.70
CA GLU A 510 -27.64 -40.29 -25.35
C GLU A 510 -28.71 -40.11 -24.26
N VAL A 511 -28.69 -40.95 -23.23
CA VAL A 511 -29.63 -40.79 -22.13
C VAL A 511 -29.34 -39.51 -21.37
N ALA A 512 -28.07 -39.20 -21.11
CA ALA A 512 -27.73 -37.94 -20.47
C ALA A 512 -28.27 -36.76 -21.27
N LYS A 513 -28.18 -36.84 -22.60
CA LYS A 513 -28.80 -35.83 -23.44
C LYS A 513 -30.31 -35.77 -23.21
N LEU A 514 -30.96 -36.93 -23.21
CA LEU A 514 -32.39 -36.97 -22.94
C LEU A 514 -32.71 -36.25 -21.62
N ILE A 515 -31.87 -36.44 -20.61
CA ILE A 515 -32.11 -35.82 -19.31
C ILE A 515 -32.04 -34.30 -19.41
N LYS A 516 -31.00 -33.85 -20.12
CA LYS A 516 -30.71 -32.41 -20.29
C LYS A 516 -31.85 -31.80 -21.11
N ASP A 517 -32.36 -32.56 -22.08
CA ASP A 517 -33.34 -32.00 -23.04
C ASP A 517 -34.74 -32.01 -22.40
N ASP A 518 -35.18 -33.16 -21.89
CA ASP A 518 -36.60 -33.28 -21.56
C ASP A 518 -36.86 -33.39 -20.07
N PHE A 519 -35.89 -33.04 -19.24
CA PHE A 519 -36.08 -33.01 -17.79
C PHE A 519 -35.46 -31.77 -17.17
N LEU A 520 -34.13 -31.64 -17.25
CA LEU A 520 -33.47 -30.50 -16.56
C LEU A 520 -33.88 -29.20 -17.27
N GLN A 521 -34.10 -29.25 -18.58
CA GLN A 521 -34.59 -28.06 -19.33
C GLN A 521 -36.09 -27.89 -19.07
N GLN A 522 -36.54 -26.65 -18.85
CA GLN A 522 -37.94 -26.38 -18.54
C GLN A 522 -38.32 -25.07 -19.21
N ASN A 523 -39.48 -25.03 -19.84
CA ASN A 523 -39.90 -23.86 -20.60
C ASN A 523 -41.03 -23.16 -19.87
N GLY A 524 -40.67 -22.12 -19.10
CA GLY A 524 -41.64 -21.44 -18.27
C GLY A 524 -42.62 -20.54 -18.98
N TYR A 525 -42.56 -20.45 -20.30
CA TYR A 525 -43.46 -19.58 -21.04
C TYR A 525 -44.60 -20.38 -21.66
N THR A 526 -44.64 -21.66 -21.33
CA THR A 526 -45.68 -22.57 -21.79
C THR A 526 -46.66 -22.78 -20.63
N PRO A 527 -47.96 -22.81 -20.92
CA PRO A 527 -48.93 -22.94 -19.81
C PRO A 527 -48.85 -24.27 -19.11
N TYR A 528 -48.36 -25.33 -19.76
CA TYR A 528 -48.34 -26.64 -19.14
C TYR A 528 -47.12 -26.82 -18.24
N ASP A 529 -46.07 -26.05 -18.49
CA ASP A 529 -44.80 -26.21 -17.80
C ASP A 529 -44.50 -25.06 -16.85
N ARG A 530 -45.50 -24.24 -16.54
CA ARG A 530 -45.29 -23.12 -15.62
C ARG A 530 -44.81 -23.60 -14.27
N PHE A 531 -45.35 -24.73 -13.80
CA PHE A 531 -45.03 -25.31 -12.51
C PHE A 531 -45.02 -26.82 -12.65
N CYS A 532 -43.92 -27.44 -12.22
CA CYS A 532 -43.81 -28.89 -12.24
C CYS A 532 -43.95 -29.43 -10.82
N PRO A 533 -45.10 -29.99 -10.44
CA PRO A 533 -45.23 -30.54 -9.09
C PRO A 533 -44.16 -31.60 -8.84
N PHE A 534 -43.75 -31.72 -7.58
CA PHE A 534 -42.67 -32.65 -7.30
C PHE A 534 -43.00 -34.05 -7.78
N TYR A 535 -44.22 -34.53 -7.52
CA TYR A 535 -44.56 -35.90 -7.90
C TYR A 535 -44.38 -36.10 -9.40
N LYS A 536 -44.59 -35.04 -10.20
CA LYS A 536 -44.27 -35.13 -11.61
C LYS A 536 -42.78 -35.12 -11.87
N THR A 537 -42.01 -34.33 -11.13
CA THR A 537 -40.57 -34.30 -11.34
C THR A 537 -39.95 -35.67 -11.07
N VAL A 538 -40.34 -36.31 -9.97
CA VAL A 538 -39.79 -37.62 -9.67
C VAL A 538 -40.34 -38.67 -10.62
N GLY A 539 -41.58 -38.51 -11.08
CA GLY A 539 -42.10 -39.40 -12.12
C GLY A 539 -41.26 -39.35 -13.38
N MET A 540 -40.99 -38.14 -13.87
CA MET A 540 -40.17 -37.99 -15.07
C MET A 540 -38.79 -38.61 -14.88
N LEU A 541 -38.13 -38.33 -13.76
CA LEU A 541 -36.80 -38.89 -13.58
C LEU A 541 -36.84 -40.40 -13.38
N SER A 542 -37.85 -40.91 -12.68
CA SER A 542 -37.93 -42.35 -12.42
C SER A 542 -37.98 -43.13 -13.71
N ASN A 543 -38.79 -42.69 -14.67
CA ASN A 543 -38.90 -43.43 -15.92
C ASN A 543 -37.61 -43.34 -16.73
N MET A 544 -36.94 -42.18 -16.69
CA MET A 544 -35.70 -42.04 -17.46
C MET A 544 -34.59 -42.90 -16.88
N ILE A 545 -34.53 -42.96 -15.55
CA ILE A 545 -33.50 -43.79 -14.88
C ILE A 545 -33.88 -45.25 -15.07
N SER A 546 -35.17 -45.59 -14.92
CA SER A 546 -35.57 -47.01 -15.15
C SER A 546 -35.17 -47.42 -16.56
N PHE A 547 -35.43 -46.56 -17.56
CA PHE A 547 -34.98 -46.87 -18.94
C PHE A 547 -33.47 -47.05 -18.94
N TYR A 548 -32.74 -46.12 -18.33
CA TYR A 548 -31.26 -46.22 -18.34
C TYR A 548 -30.87 -47.63 -17.88
N ASP A 549 -31.40 -48.06 -16.74
CA ASP A 549 -30.97 -49.35 -16.15
C ASP A 549 -31.34 -50.48 -17.11
N MET A 550 -32.52 -50.40 -17.73
CA MET A 550 -32.98 -51.47 -18.65
C MET A 550 -32.05 -51.51 -19.85
N ALA A 551 -31.67 -50.33 -20.37
CA ALA A 551 -30.80 -50.27 -21.55
C ALA A 551 -29.42 -50.83 -21.20
N ARG A 552 -28.91 -50.48 -20.01
CA ARG A 552 -27.59 -51.00 -19.59
C ARG A 552 -27.68 -52.53 -19.52
N ARG A 553 -28.73 -53.04 -18.89
CA ARG A 553 -28.88 -54.52 -18.74
C ARG A 553 -29.04 -55.17 -20.12
N ALA A 554 -29.81 -54.55 -21.02
CA ALA A 554 -30.09 -55.16 -22.34
C ALA A 554 -28.77 -55.41 -23.07
N VAL A 555 -27.83 -54.48 -22.95
CA VAL A 555 -26.51 -54.57 -23.64
C VAL A 555 -25.61 -55.54 -22.85
N GLU A 556 -25.50 -55.30 -21.54
CA GLU A 556 -24.57 -56.06 -20.72
C GLU A 556 -24.88 -57.54 -20.66
N THR A 557 -26.17 -57.91 -20.63
CA THR A 557 -26.50 -59.34 -20.51
C THR A 557 -26.34 -60.06 -21.83
N THR A 558 -26.21 -59.33 -22.94
CA THR A 558 -26.12 -59.92 -24.26
C THR A 558 -24.79 -59.61 -24.95
N ALA A 559 -23.86 -58.96 -24.25
CA ALA A 559 -22.64 -58.47 -24.88
C ALA A 559 -21.55 -59.53 -24.96
N GLN A 560 -21.84 -60.79 -24.62
CA GLN A 560 -20.79 -61.79 -24.62
C GLN A 560 -20.37 -62.18 -26.03
N SER A 561 -21.31 -62.71 -26.81
CA SER A 561 -21.00 -63.26 -28.13
C SER A 561 -22.26 -63.51 -28.94
N ASP A 562 -22.08 -63.72 -30.25
CA ASP A 562 -23.09 -64.30 -31.15
C ASP A 562 -24.24 -63.34 -31.44
N ASN A 563 -25.00 -62.96 -30.42
CA ASN A 563 -26.20 -62.15 -30.59
C ASN A 563 -26.23 -61.12 -29.48
N LYS A 564 -25.82 -59.90 -29.82
CA LYS A 564 -25.70 -58.84 -28.83
C LYS A 564 -26.64 -57.71 -29.22
N ILE A 565 -27.08 -56.97 -28.19
CA ILE A 565 -27.94 -55.76 -28.31
C ILE A 565 -27.03 -54.52 -28.33
N THR A 566 -27.28 -53.58 -29.25
CA THR A 566 -26.48 -52.32 -29.31
C THR A 566 -27.42 -51.13 -29.14
N TRP A 567 -26.86 -49.94 -28.94
CA TRP A 567 -27.73 -48.75 -28.79
C TRP A 567 -28.50 -48.48 -30.08
N SER A 568 -27.87 -48.71 -31.24
CA SER A 568 -28.56 -48.44 -32.52
C SER A 568 -29.76 -49.38 -32.60
N ILE A 569 -29.59 -50.63 -32.17
CA ILE A 569 -30.69 -51.64 -32.20
C ILE A 569 -31.81 -51.16 -31.27
N ILE A 570 -31.46 -50.69 -30.07
CA ILE A 570 -32.48 -50.25 -29.09
C ILE A 570 -33.29 -49.12 -29.72
N ARG A 571 -32.59 -48.14 -30.32
CA ARG A 571 -33.28 -46.95 -30.89
C ARG A 571 -34.24 -47.42 -31.99
N GLU A 572 -33.81 -48.37 -32.81
CA GLU A 572 -34.65 -48.84 -33.94
C GLU A 572 -35.80 -49.67 -33.39
N HIS A 573 -35.50 -50.52 -32.41
CA HIS A 573 -36.46 -51.45 -31.84
C HIS A 573 -37.61 -50.74 -31.12
N MET A 574 -37.30 -49.80 -30.23
CA MET A 574 -38.31 -49.15 -29.41
C MET A 574 -38.32 -47.64 -29.55
N GLY A 575 -38.26 -47.15 -30.80
CA GLY A 575 -38.29 -45.71 -31.01
C GLY A 575 -39.52 -45.03 -30.44
N GLU A 576 -40.66 -45.73 -30.42
CA GLU A 576 -41.90 -45.17 -29.81
C GLU A 576 -41.68 -44.91 -28.32
N ILE A 577 -40.88 -45.75 -27.65
CA ILE A 577 -40.64 -45.58 -26.18
C ILE A 577 -39.83 -44.29 -25.96
N LEU A 578 -38.79 -44.07 -26.77
CA LEU A 578 -37.94 -42.86 -26.61
C LEU A 578 -38.82 -41.62 -26.82
N TYR A 579 -39.73 -41.68 -27.79
CA TYR A 579 -40.69 -40.56 -27.99
C TYR A 579 -41.56 -40.38 -26.75
N LYS A 580 -42.15 -41.45 -26.23
CA LYS A 580 -43.06 -41.34 -25.06
C LYS A 580 -42.30 -40.71 -23.89
N LEU A 581 -41.04 -41.09 -23.68
CA LEU A 581 -40.23 -40.52 -22.58
C LEU A 581 -40.11 -39.01 -22.78
N SER A 582 -39.79 -38.57 -24.00
CA SER A 582 -39.65 -37.11 -24.27
C SER A 582 -40.99 -36.40 -24.04
N SER A 583 -42.10 -37.07 -24.37
CA SER A 583 -43.45 -36.44 -24.32
C SER A 583 -43.91 -36.22 -22.88
N MET A 584 -43.26 -36.84 -21.90
CA MET A 584 -43.74 -36.80 -20.48
C MET A 584 -43.87 -35.39 -19.93
N LYS A 585 -42.98 -34.46 -20.32
CA LYS A 585 -43.05 -33.06 -19.82
C LYS A 585 -44.36 -32.37 -20.20
N PHE A 586 -45.10 -32.89 -21.18
CA PHE A 586 -46.32 -32.19 -21.67
C PHE A 586 -47.56 -32.54 -20.85
N LYS A 587 -47.41 -33.36 -19.79
CA LYS A 587 -48.57 -33.71 -18.92
C LYS A 587 -48.96 -32.52 -18.02
N ASP A 588 -49.81 -31.61 -18.53
CA ASP A 588 -50.26 -30.38 -17.87
C ASP A 588 -50.98 -30.61 -16.54
N PRO A 589 -50.37 -30.28 -15.42
CA PRO A 589 -51.01 -30.53 -14.12
C PRO A 589 -52.35 -29.82 -13.95
N VAL A 590 -52.63 -28.79 -14.74
CA VAL A 590 -53.89 -28.07 -14.61
C VAL A 590 -55.05 -28.91 -15.16
N LYS A 591 -54.80 -29.72 -16.18
CA LYS A 591 -55.91 -30.48 -16.79
C LYS A 591 -55.82 -31.95 -16.44
N ASP A 592 -54.60 -32.49 -16.36
CA ASP A 592 -54.41 -33.90 -16.04
C ASP A 592 -54.03 -33.99 -14.57
N GLY A 593 -54.92 -34.57 -13.76
CA GLY A 593 -54.72 -34.64 -12.33
C GLY A 593 -53.63 -35.62 -11.90
N GLU A 594 -53.33 -35.59 -10.60
CA GLU A 594 -52.24 -36.39 -10.06
C GLU A 594 -52.40 -37.86 -10.39
N ALA A 595 -53.62 -38.38 -10.23
CA ALA A 595 -53.90 -39.78 -10.56
C ALA A 595 -53.72 -40.07 -12.04
N LYS A 596 -54.14 -39.16 -12.91
CA LYS A 596 -54.00 -39.40 -14.34
C LYS A 596 -52.54 -39.39 -14.76
N ILE A 597 -51.75 -38.45 -14.23
CA ILE A 597 -50.35 -38.36 -14.64
C ILE A 597 -49.59 -39.60 -14.19
N LYS A 598 -49.81 -40.05 -12.96
CA LYS A 598 -49.17 -41.27 -12.47
C LYS A 598 -49.62 -42.47 -13.30
N ALA A 599 -50.89 -42.51 -13.67
CA ALA A 599 -51.40 -43.61 -14.46
C ALA A 599 -50.70 -43.71 -15.81
N ASP A 600 -50.51 -42.57 -16.48
CA ASP A 600 -49.82 -42.56 -17.76
C ASP A 600 -48.35 -42.92 -17.59
N TYR A 601 -47.72 -42.45 -16.51
CA TYR A 601 -46.33 -42.80 -16.27
C TYR A 601 -46.19 -44.29 -15.96
N ALA A 602 -47.16 -44.87 -15.25
CA ALA A 602 -47.13 -46.31 -15.04
C ALA A 602 -47.21 -47.08 -16.36
N GLN A 603 -47.98 -46.56 -17.31
CA GLN A 603 -48.10 -47.22 -18.61
C GLN A 603 -46.77 -47.20 -19.36
N LEU A 604 -46.05 -46.08 -19.27
CA LEU A 604 -44.71 -46.01 -19.89
C LEU A 604 -43.82 -47.07 -19.25
N LEU A 605 -43.88 -47.22 -17.92
CA LEU A 605 -43.04 -48.25 -17.24
C LEU A 605 -43.36 -49.62 -17.83
N GLU A 606 -44.63 -49.96 -18.02
CA GLU A 606 -45.00 -51.24 -18.60
C GLU A 606 -44.52 -51.35 -20.04
N ASP A 607 -44.69 -50.27 -20.81
CA ASP A 607 -44.36 -50.30 -22.26
C ASP A 607 -42.86 -50.61 -22.41
N MET A 608 -42.06 -49.95 -21.57
CA MET A 608 -40.58 -50.07 -21.56
C MET A 608 -40.17 -51.50 -21.18
N GLN A 609 -40.67 -51.99 -20.04
CA GLN A 609 -40.22 -53.31 -19.52
C GLN A 609 -40.52 -54.39 -20.57
N ASN A 610 -41.69 -54.28 -21.22
CA ASN A 610 -42.04 -55.24 -22.27
C ASN A 610 -41.19 -55.04 -23.53
N ALA A 611 -40.83 -53.79 -23.84
CA ALA A 611 -40.04 -53.54 -25.04
C ALA A 611 -38.68 -54.19 -24.97
N PHE A 612 -38.06 -54.11 -23.79
CA PHE A 612 -36.74 -54.72 -23.57
C PHE A 612 -36.88 -56.25 -23.51
N ARG A 613 -37.96 -56.73 -22.87
CA ARG A 613 -38.20 -58.16 -22.78
C ARG A 613 -38.22 -58.81 -24.16
N SER A 614 -38.76 -58.12 -25.17
CA SER A 614 -38.83 -58.70 -26.50
C SER A 614 -37.44 -58.92 -27.10
N LEU A 615 -36.41 -58.32 -26.51
CA LEU A 615 -35.05 -58.45 -27.01
C LEU A 615 -34.33 -59.66 -26.44
N GLU A 616 -34.90 -60.34 -25.45
CA GLU A 616 -34.26 -61.49 -24.85
C GLU A 616 -35.13 -62.74 -24.97
N THR B 17 14.43 8.85 44.81
CA THR B 17 14.99 7.75 44.04
C THR B 17 13.91 6.97 43.30
N PHE B 18 12.67 7.44 43.40
CA PHE B 18 11.52 6.79 42.78
C PHE B 18 10.82 7.75 41.84
N GLY B 19 10.25 7.20 40.77
CA GLY B 19 9.21 7.85 40.00
C GLY B 19 7.87 7.17 40.26
N TYR B 20 6.89 7.52 39.42
CA TYR B 20 5.58 6.93 39.55
C TYR B 20 5.02 6.63 38.17
N VAL B 21 4.31 5.50 38.05
CA VAL B 21 3.73 5.13 36.77
C VAL B 21 2.62 6.09 36.39
N HIS B 22 2.69 6.60 35.16
CA HIS B 22 1.66 7.48 34.64
C HIS B 22 0.63 6.78 33.76
N GLY B 23 1.01 5.80 32.97
CA GLY B 23 0.09 5.12 32.08
C GLY B 23 0.68 3.85 31.54
N VAL B 24 -0.14 2.97 30.99
CA VAL B 24 0.31 1.68 30.45
C VAL B 24 -0.41 1.44 29.12
N SER B 25 0.34 1.07 28.10
CA SER B 25 -0.26 0.76 26.81
C SER B 25 0.06 -0.68 26.38
N GLY B 26 0.47 -1.50 27.34
CA GLY B 26 0.90 -2.84 27.03
C GLY B 26 2.33 -3.09 27.47
N PRO B 27 3.19 -3.43 26.55
CA PRO B 27 4.60 -3.66 26.86
C PRO B 27 5.37 -2.37 27.14
N VAL B 28 4.72 -1.23 26.89
CA VAL B 28 5.30 0.10 27.08
C VAL B 28 4.58 0.76 28.23
N VAL B 29 5.32 1.24 29.22
CA VAL B 29 4.73 1.90 30.38
C VAL B 29 5.27 3.32 30.42
N THR B 30 4.40 4.29 30.69
CA THR B 30 4.86 5.67 30.83
C THR B 30 4.94 6.05 32.29
N ALA B 31 6.05 6.68 32.67
CA ALA B 31 6.24 7.03 34.07
C ALA B 31 6.54 8.51 34.19
N CYS B 32 6.22 9.09 35.33
CA CYS B 32 6.49 10.49 35.60
C CYS B 32 7.46 10.64 36.77
N ASP B 33 7.88 11.89 36.98
CA ASP B 33 8.80 12.25 38.06
C ASP B 33 10.11 11.47 37.96
N MET B 34 10.66 11.44 36.75
CA MET B 34 11.92 10.76 36.44
C MET B 34 12.83 11.66 35.63
N ALA B 35 12.91 12.93 36.04
CA ALA B 35 13.63 13.94 35.27
C ALA B 35 15.09 13.58 35.08
N GLY B 36 15.71 12.97 36.09
CA GLY B 36 17.12 12.65 36.02
C GLY B 36 17.45 11.33 35.36
N ALA B 37 16.46 10.60 34.87
CA ALA B 37 16.71 9.29 34.31
C ALA B 37 17.35 9.41 32.94
N ALA B 38 18.27 8.49 32.65
CA ALA B 38 18.92 8.46 31.35
C ALA B 38 18.30 7.34 30.52
N MET B 39 18.57 7.37 29.22
CA MET B 39 18.15 6.31 28.32
C MET B 39 18.87 5.01 28.68
N TYR B 40 18.16 3.89 28.51
CA TYR B 40 18.74 2.57 28.64
C TYR B 40 19.27 2.32 30.05
N GLU B 41 18.63 2.98 31.02
CA GLU B 41 18.78 2.63 32.44
C GLU B 41 17.68 1.62 32.82
N LEU B 42 17.99 0.71 33.75
CA LEU B 42 17.00 -0.26 34.22
C LEU B 42 16.10 0.41 35.23
N VAL B 43 14.83 -0.01 35.25
CA VAL B 43 13.90 0.43 36.27
C VAL B 43 13.14 -0.76 36.83
N ARG B 44 12.55 -0.56 38.01
CA ARG B 44 11.68 -1.53 38.65
C ARG B 44 10.27 -0.95 38.73
N VAL B 45 9.40 -1.47 37.88
CA VAL B 45 8.05 -0.94 37.75
C VAL B 45 7.09 -1.81 38.53
N GLY B 46 6.31 -1.18 39.42
CA GLY B 46 5.28 -1.88 40.15
C GLY B 46 5.75 -2.43 41.48
N HIS B 47 4.77 -2.88 42.26
CA HIS B 47 5.05 -3.42 43.58
C HIS B 47 5.71 -4.79 43.51
N SER B 48 5.59 -5.49 42.38
CA SER B 48 6.37 -6.69 42.14
C SER B 48 7.77 -6.38 41.62
N GLU B 49 8.08 -5.11 41.36
CA GLU B 49 9.39 -4.68 40.84
C GLU B 49 9.72 -5.37 39.52
N LEU B 50 8.90 -5.08 38.51
CA LEU B 50 9.10 -5.63 37.18
C LEU B 50 10.26 -4.94 36.49
N VAL B 51 11.01 -5.71 35.70
CA VAL B 51 12.24 -5.23 35.08
C VAL B 51 11.89 -4.52 33.78
N GLY B 52 12.36 -3.29 33.63
CA GLY B 52 12.18 -2.57 32.39
C GLY B 52 13.34 -1.65 32.11
N GLU B 53 13.30 -1.02 30.94
CA GLU B 53 14.42 -0.24 30.41
C GLU B 53 13.85 0.98 29.71
N ILE B 54 14.41 2.16 30.00
CA ILE B 54 13.88 3.43 29.51
C ILE B 54 14.25 3.61 28.04
N ILE B 55 13.27 3.94 27.20
CA ILE B 55 13.47 4.10 25.77
C ILE B 55 13.53 5.57 25.36
N ARG B 56 12.63 6.39 25.93
CA ARG B 56 12.50 7.78 25.53
C ARG B 56 12.40 8.64 26.78
N LEU B 57 12.83 9.90 26.66
CA LEU B 57 12.65 10.88 27.73
C LEU B 57 11.93 12.12 27.24
N GLU B 58 10.80 12.44 27.84
CA GLU B 58 10.03 13.61 27.42
C GLU B 58 9.76 14.53 28.60
N GLY B 59 10.59 15.56 28.75
CA GLY B 59 10.57 16.35 29.97
C GLY B 59 10.93 15.51 31.17
N ASP B 60 10.06 15.51 32.17
CA ASP B 60 10.27 14.71 33.37
C ASP B 60 9.51 13.39 33.32
N MET B 61 9.03 13.00 32.15
CA MET B 61 8.31 11.74 31.97
C MET B 61 9.21 10.81 31.16
N ALA B 62 9.17 9.53 31.51
CA ALA B 62 10.00 8.54 30.84
C ALA B 62 9.12 7.47 30.19
N THR B 63 9.57 6.97 29.03
CA THR B 63 8.90 5.88 28.34
C THR B 63 9.69 4.62 28.65
N ILE B 64 9.01 3.65 29.26
CA ILE B 64 9.67 2.47 29.76
C ILE B 64 9.21 1.24 28.99
N GLN B 65 10.19 0.47 28.51
CA GLN B 65 9.97 -0.81 27.85
C GLN B 65 10.08 -1.86 28.96
N VAL B 66 9.00 -2.61 29.18
CA VAL B 66 8.94 -3.53 30.31
C VAL B 66 9.06 -4.97 29.82
N TYR B 67 9.99 -5.70 30.42
CA TYR B 67 10.35 -7.04 29.97
C TYR B 67 9.49 -8.12 30.61
N GLU B 68 8.46 -7.74 31.36
CA GLU B 68 7.56 -8.69 31.99
C GLU B 68 6.14 -8.19 31.79
N GLU B 69 5.19 -9.14 31.82
CA GLU B 69 3.80 -8.79 31.56
C GLU B 69 3.34 -7.68 32.49
N THR B 70 2.68 -6.68 31.92
CA THR B 70 2.29 -5.48 32.66
C THR B 70 0.89 -5.57 33.23
N SER B 71 0.18 -6.68 33.04
CA SER B 71 -1.14 -6.87 33.62
C SER B 71 -1.11 -6.66 35.13
N GLY B 72 -2.03 -5.83 35.62
CA GLY B 72 -2.12 -5.53 37.03
C GLY B 72 -1.34 -4.30 37.46
N VAL B 73 -0.53 -3.72 36.59
CA VAL B 73 0.20 -2.50 36.91
C VAL B 73 -0.76 -1.33 36.95
N SER B 74 -0.70 -0.54 38.00
CA SER B 74 -1.63 0.54 38.23
C SER B 74 -0.94 1.88 38.07
N VAL B 75 -1.71 2.91 37.71
CA VAL B 75 -1.21 4.27 37.76
C VAL B 75 -0.88 4.64 39.20
N GLY B 76 0.28 5.25 39.40
CA GLY B 76 0.77 5.55 40.73
C GLY B 76 1.73 4.55 41.30
N ASP B 77 1.92 3.40 40.66
CA ASP B 77 2.89 2.43 41.13
C ASP B 77 4.28 3.07 41.16
N PRO B 78 5.11 2.75 42.15
CA PRO B 78 6.47 3.29 42.17
C PRO B 78 7.31 2.75 41.02
N VAL B 79 8.27 3.57 40.60
CA VAL B 79 9.30 3.15 39.65
C VAL B 79 10.66 3.48 40.24
N LEU B 80 11.45 2.46 40.53
CA LEU B 80 12.80 2.66 41.03
C LEU B 80 13.74 2.90 39.87
N ARG B 81 14.55 3.96 39.98
CA ARG B 81 15.55 4.28 38.97
C ARG B 81 16.85 3.59 39.33
N THR B 82 17.36 2.72 38.45
CA THR B 82 18.64 2.08 38.72
C THR B 82 19.68 2.63 37.76
N GLY B 83 20.80 3.10 38.31
CA GLY B 83 21.81 3.75 37.48
C GLY B 83 22.44 2.80 36.47
N LYS B 84 22.50 1.52 36.84
CA LYS B 84 23.19 0.57 35.93
C LYS B 84 22.25 0.32 34.75
N PRO B 85 22.74 0.23 33.46
CA PRO B 85 21.99 -0.14 32.25
C PRO B 85 21.74 -1.63 32.20
N LEU B 86 20.98 -2.10 31.21
CA LEU B 86 20.79 -3.54 31.04
C LEU B 86 22.14 -4.19 30.86
N SER B 87 22.46 -5.15 31.72
CA SER B 87 23.79 -5.72 31.80
C SER B 87 23.72 -7.22 32.07
N VAL B 88 24.82 -7.90 31.85
CA VAL B 88 24.88 -9.34 32.06
C VAL B 88 25.98 -9.62 33.07
N GLU B 89 25.70 -10.54 33.97
CA GLU B 89 26.65 -11.00 34.98
C GLU B 89 27.51 -12.07 34.30
N LEU B 90 28.82 -11.87 34.34
CA LEU B 90 29.74 -12.78 33.68
C LEU B 90 30.75 -13.35 34.68
N GLY B 91 30.75 -14.68 34.78
CA GLY B 91 31.61 -15.38 35.71
C GLY B 91 31.32 -16.87 35.69
N PRO B 92 31.96 -17.62 36.58
CA PRO B 92 31.74 -19.06 36.61
C PRO B 92 30.34 -19.40 37.08
N GLY B 93 29.81 -20.49 36.52
CA GLY B 93 28.44 -20.90 36.78
C GLY B 93 27.50 -20.68 35.61
N ILE B 94 28.02 -20.38 34.43
CA ILE B 94 27.17 -20.17 33.27
C ILE B 94 26.96 -21.48 32.51
N MET B 95 28.03 -22.26 32.37
CA MET B 95 27.99 -23.43 31.51
C MET B 95 27.11 -24.52 32.10
N GLY B 96 26.24 -25.10 31.27
CA GLY B 96 25.32 -26.11 31.71
C GLY B 96 24.00 -25.55 32.20
N ALA B 97 23.95 -24.23 32.38
CA ALA B 97 22.75 -23.59 32.87
C ALA B 97 21.91 -23.05 31.72
N ILE B 98 20.61 -22.91 31.98
CA ILE B 98 19.67 -22.31 31.04
C ILE B 98 19.15 -21.02 31.65
N PHE B 99 19.15 -19.96 30.84
CA PHE B 99 18.72 -18.65 31.29
C PHE B 99 17.51 -18.18 30.50
N ASP B 100 16.74 -17.28 31.10
CA ASP B 100 15.66 -16.60 30.40
C ASP B 100 16.24 -15.38 29.69
N GLY B 101 15.35 -14.55 29.13
CA GLY B 101 15.79 -13.51 28.23
C GLY B 101 16.55 -12.38 28.92
N ILE B 102 16.54 -12.36 30.24
CA ILE B 102 17.29 -11.33 30.96
C ILE B 102 18.24 -11.96 31.98
N GLN B 103 18.64 -13.20 31.74
CA GLN B 103 19.61 -13.89 32.60
C GLN B 103 19.06 -14.07 34.02
N ARG B 104 17.85 -14.62 34.11
CA ARG B 104 17.43 -15.19 35.39
C ARG B 104 17.41 -16.70 35.18
N PRO B 105 18.30 -17.52 35.87
CA PRO B 105 18.42 -18.98 35.71
C PRO B 105 17.13 -19.71 36.02
N LEU B 106 16.69 -20.55 35.09
CA LEU B 106 15.41 -21.23 35.26
C LEU B 106 15.52 -22.41 36.21
N SER B 107 16.70 -23.01 36.32
CA SER B 107 16.87 -24.13 37.23
C SER B 107 16.92 -23.66 38.67
N ASP B 108 17.32 -22.41 38.89
CA ASP B 108 17.30 -21.86 40.24
C ASP B 108 15.91 -21.38 40.64
N ILE B 109 15.14 -20.85 39.69
CA ILE B 109 13.77 -20.46 40.00
C ILE B 109 12.94 -21.70 40.32
N SER B 110 12.99 -22.71 39.44
CA SER B 110 12.21 -23.92 39.67
C SER B 110 12.65 -24.65 40.92
N SER B 111 13.91 -24.53 41.31
CA SER B 111 14.38 -25.16 42.54
C SER B 111 14.03 -24.36 43.79
N GLN B 112 13.56 -23.12 43.64
CA GLN B 112 13.29 -22.27 44.79
C GLN B 112 11.81 -22.00 45.00
N THR B 113 11.04 -21.82 43.93
CA THR B 113 9.62 -21.52 44.06
C THR B 113 8.75 -22.76 44.09
N GLN B 114 9.28 -23.91 43.66
CA GLN B 114 8.56 -25.17 43.60
C GLN B 114 7.39 -25.12 42.63
N SER B 115 7.30 -24.06 41.83
CA SER B 115 6.24 -23.88 40.86
C SER B 115 6.68 -24.42 39.51
N ILE B 116 5.72 -24.59 38.61
CA ILE B 116 5.99 -24.85 37.21
C ILE B 116 5.86 -23.60 36.35
N TYR B 117 5.30 -22.53 36.89
CA TYR B 117 5.19 -21.27 36.17
C TYR B 117 6.29 -20.33 36.64
N ILE B 118 6.75 -19.49 35.72
CA ILE B 118 7.76 -18.49 36.07
C ILE B 118 7.03 -17.30 36.69
N PRO B 119 7.25 -17.00 37.96
CA PRO B 119 6.56 -15.86 38.56
C PRO B 119 7.07 -14.56 37.95
N ARG B 120 6.23 -13.53 38.02
CA ARG B 120 6.65 -12.19 37.60
C ARG B 120 7.30 -11.44 38.76
N GLY B 121 8.33 -10.65 38.44
CA GLY B 121 9.01 -9.87 39.45
C GLY B 121 10.00 -10.65 40.28
N VAL B 122 10.55 -11.71 39.71
CA VAL B 122 11.51 -12.58 40.40
C VAL B 122 12.88 -11.93 40.36
N ASN B 123 13.47 -11.75 41.54
CA ASN B 123 14.80 -11.15 41.67
C ASN B 123 15.75 -12.24 42.13
N VAL B 124 16.41 -12.88 41.18
CA VAL B 124 17.30 -14.00 41.44
C VAL B 124 18.66 -13.66 40.84
N SER B 125 19.72 -13.91 41.59
CA SER B 125 21.07 -13.66 41.11
C SER B 125 21.34 -14.52 39.88
N ALA B 126 22.02 -13.93 38.89
CA ALA B 126 22.33 -14.67 37.67
C ALA B 126 23.19 -15.88 37.94
N LEU B 127 24.15 -15.76 38.86
CA LEU B 127 25.08 -16.83 39.16
C LEU B 127 24.99 -17.12 40.65
N SER B 128 24.79 -18.39 41.00
CA SER B 128 24.63 -18.78 42.40
C SER B 128 25.82 -18.38 43.24
N ARG B 129 25.54 -17.95 44.46
CA ARG B 129 26.58 -17.53 45.40
C ARG B 129 26.86 -18.58 46.46
N ASP B 130 26.30 -19.78 46.30
CA ASP B 130 26.56 -20.90 47.20
C ASP B 130 27.66 -21.83 46.72
N ILE B 131 27.94 -21.85 45.42
CA ILE B 131 28.88 -22.82 44.89
C ILE B 131 30.29 -22.41 45.29
N LYS B 132 31.06 -23.37 45.78
CA LYS B 132 32.45 -23.14 46.14
C LYS B 132 33.32 -23.52 44.94
N TRP B 133 33.81 -22.51 44.23
CA TRP B 133 34.56 -22.74 43.00
C TRP B 133 36.01 -23.08 43.32
N GLU B 134 36.58 -23.98 42.52
CA GLU B 134 37.98 -24.33 42.60
C GLU B 134 38.79 -23.32 41.81
N PHE B 135 39.54 -22.49 42.52
CA PHE B 135 40.26 -21.39 41.91
C PHE B 135 41.76 -21.57 42.10
N ILE B 136 42.49 -21.39 41.01
CA ILE B 136 43.95 -21.42 40.99
C ILE B 136 44.44 -20.15 40.35
N PRO B 137 45.34 -19.39 40.99
CA PRO B 137 45.88 -18.18 40.35
C PRO B 137 46.84 -18.52 39.24
N SER B 138 47.21 -17.54 38.42
CA SER B 138 48.15 -17.77 37.32
C SER B 138 49.56 -18.07 37.81
N LYS B 139 49.88 -17.73 39.05
CA LYS B 139 51.20 -17.95 39.63
C LYS B 139 52.27 -17.09 38.96
N ASN B 140 51.87 -16.23 38.04
CA ASN B 140 52.79 -15.28 37.42
C ASN B 140 52.66 -13.87 37.93
N LEU B 141 51.67 -13.57 38.78
CA LEU B 141 51.51 -12.22 39.30
C LEU B 141 52.04 -12.13 40.72
N ARG B 142 52.46 -10.92 41.07
CA ARG B 142 52.98 -10.57 42.41
C ARG B 142 52.38 -9.22 42.83
N VAL B 143 52.34 -8.94 44.13
CA VAL B 143 51.93 -7.61 44.56
C VAL B 143 52.89 -6.55 44.00
N GLY B 144 52.32 -5.51 43.41
CA GLY B 144 53.12 -4.50 42.73
C GLY B 144 53.17 -4.69 41.23
N SER B 145 52.71 -5.85 40.76
CA SER B 145 52.67 -6.10 39.32
C SER B 145 51.66 -5.20 38.64
N HIS B 146 51.93 -4.82 37.39
CA HIS B 146 50.99 -3.97 36.60
C HIS B 146 50.13 -4.83 35.67
N ILE B 147 48.82 -4.82 35.91
CA ILE B 147 47.85 -5.63 35.19
C ILE B 147 46.89 -4.70 34.46
N THR B 148 46.49 -5.12 33.26
CA THR B 148 45.59 -4.34 32.42
C THR B 148 44.38 -5.17 32.06
N GLY B 149 43.41 -4.51 31.41
CA GLY B 149 42.12 -5.11 31.05
C GLY B 149 42.29 -6.36 30.20
N GLY B 150 41.59 -7.44 30.55
CA GLY B 150 41.71 -8.72 29.82
C GLY B 150 42.75 -9.65 30.40
N ASP B 151 43.58 -9.17 31.34
CA ASP B 151 44.62 -10.03 31.95
C ASP B 151 43.94 -11.19 32.70
N ILE B 152 44.56 -12.37 32.70
CA ILE B 152 44.03 -13.51 33.44
C ILE B 152 44.87 -13.73 34.69
N TYR B 153 44.21 -13.72 35.85
CA TYR B 153 44.88 -13.90 37.13
C TYR B 153 44.41 -15.15 37.85
N GLY B 154 43.79 -16.07 37.11
CA GLY B 154 43.42 -17.35 37.66
C GLY B 154 42.39 -18.04 36.80
N ILE B 155 42.18 -19.32 37.08
CA ILE B 155 41.25 -20.14 36.33
C ILE B 155 40.36 -20.89 37.31
N VAL B 156 39.09 -21.05 36.96
CA VAL B 156 38.14 -21.82 37.74
C VAL B 156 37.69 -23.01 36.90
N ASN B 157 37.73 -24.20 37.50
CA ASN B 157 37.35 -25.41 36.78
C ASN B 157 35.85 -25.63 36.92
N GLU B 158 35.08 -25.02 36.03
CA GLU B 158 33.64 -25.21 36.01
C GLU B 158 33.31 -26.68 35.77
N ASN B 159 34.06 -27.30 34.87
CA ASN B 159 33.89 -28.71 34.57
C ASN B 159 35.12 -29.17 33.79
N SER B 160 35.05 -30.39 33.29
CA SER B 160 36.21 -31.03 32.66
C SER B 160 36.42 -30.57 31.22
N LEU B 161 35.46 -29.84 30.65
CA LEU B 161 35.55 -29.45 29.26
C LEU B 161 35.99 -28.00 29.07
N ILE B 162 35.42 -27.09 29.85
CA ILE B 162 35.68 -25.66 29.69
C ILE B 162 36.41 -25.19 30.94
N LYS B 163 37.60 -24.61 30.74
CA LYS B 163 38.36 -24.00 31.81
C LYS B 163 38.01 -22.51 31.85
N HIS B 164 37.41 -22.08 32.95
CA HIS B 164 36.84 -20.74 33.03
C HIS B 164 37.88 -19.73 33.48
N LYS B 165 38.30 -18.86 32.56
CA LYS B 165 39.39 -17.93 32.79
C LYS B 165 38.84 -16.72 33.52
N ILE B 166 39.49 -16.34 34.63
CA ILE B 166 39.06 -15.18 35.39
C ILE B 166 39.83 -13.96 34.89
N MET B 167 39.15 -13.09 34.19
CA MET B 167 39.76 -11.95 33.53
C MET B 167 39.58 -10.70 34.37
N LEU B 168 40.52 -9.78 34.24
CA LEU B 168 40.33 -8.42 34.74
C LEU B 168 39.35 -7.72 33.82
N PRO B 169 38.25 -7.16 34.34
CA PRO B 169 37.26 -6.56 33.45
C PRO B 169 37.87 -5.46 32.61
N PRO B 170 37.35 -5.19 31.37
CA PRO B 170 37.71 -4.03 30.44
C PRO B 170 37.37 -2.75 31.22
N ARG B 171 38.07 -1.66 30.94
CA ARG B 171 37.90 -0.38 31.63
C ARG B 171 38.29 -0.52 33.11
N SER B 172 39.27 -1.36 33.40
CA SER B 172 39.83 -1.50 34.73
C SER B 172 41.30 -1.81 34.61
N ARG B 173 42.09 -1.29 35.54
CA ARG B 173 43.54 -1.46 35.49
C ARG B 173 44.13 -1.03 36.83
N GLY B 174 45.35 -1.43 37.07
CA GLY B 174 46.05 -0.96 38.25
C GLY B 174 47.11 -1.94 38.70
N SER B 175 47.61 -1.67 39.90
CA SER B 175 48.66 -2.50 40.49
C SER B 175 48.00 -3.56 41.37
N VAL B 176 48.62 -4.74 41.43
CA VAL B 176 48.10 -5.78 42.30
C VAL B 176 48.46 -5.47 43.75
N THR B 177 47.46 -5.57 44.62
CA THR B 177 47.68 -5.40 46.05
C THR B 177 47.46 -6.69 46.83
N TYR B 178 46.63 -7.61 46.32
CA TYR B 178 46.35 -8.87 46.97
C TYR B 178 45.81 -9.83 45.92
N ILE B 179 46.23 -11.10 46.02
CA ILE B 179 45.66 -12.17 45.21
C ILE B 179 45.30 -13.32 46.15
N ALA B 180 44.07 -13.80 46.04
CA ALA B 180 43.63 -14.92 46.85
C ALA B 180 44.47 -16.16 46.56
N PRO B 181 45.00 -16.83 47.58
CA PRO B 181 45.74 -18.08 47.36
C PRO B 181 44.84 -19.12 46.71
N PRO B 182 45.40 -20.15 46.09
CA PRO B 182 44.57 -21.21 45.52
C PRO B 182 43.72 -21.88 46.60
N GLY B 183 42.49 -22.17 46.23
CA GLY B 183 41.57 -22.74 47.19
C GLY B 183 40.14 -22.69 46.66
N ASN B 184 39.19 -22.90 47.56
CA ASN B 184 37.77 -22.95 47.23
C ASN B 184 37.11 -21.64 47.61
N TYR B 185 36.63 -20.91 46.61
CA TYR B 185 36.00 -19.62 46.84
C TYR B 185 34.67 -19.58 46.10
N ASP B 186 33.71 -18.83 46.66
CA ASP B 186 32.44 -18.58 46.03
C ASP B 186 32.43 -17.20 45.38
N ALA B 187 31.34 -16.90 44.71
CA ALA B 187 31.22 -15.68 43.91
C ALA B 187 31.00 -14.43 44.74
N SER B 188 30.88 -14.51 46.06
CA SER B 188 30.70 -13.34 46.91
C SER B 188 31.99 -12.90 47.58
N ASP B 189 33.08 -13.64 47.40
CA ASP B 189 34.35 -13.33 48.04
C ASP B 189 35.17 -12.40 47.17
N VAL B 190 36.35 -12.03 47.65
CA VAL B 190 37.25 -11.17 46.90
C VAL B 190 38.45 -12.00 46.46
N VAL B 191 38.67 -12.05 45.14
CA VAL B 191 39.80 -12.83 44.63
C VAL B 191 40.99 -11.93 44.32
N LEU B 192 40.73 -10.76 43.73
CA LEU B 192 41.80 -9.87 43.34
C LEU B 192 41.51 -8.47 43.87
N GLU B 193 42.53 -7.86 44.46
CA GLU B 193 42.47 -6.45 44.82
C GLU B 193 43.53 -5.71 44.03
N LEU B 194 43.12 -4.63 43.38
CA LEU B 194 44.01 -3.80 42.60
C LEU B 194 43.71 -2.34 42.88
N GLU B 195 44.74 -1.51 42.74
CA GLU B 195 44.60 -0.07 42.93
C GLU B 195 45.19 0.66 41.73
N PHE B 196 44.60 1.81 41.43
CA PHE B 196 45.03 2.60 40.29
C PHE B 196 45.62 3.94 40.72
N GLU B 197 44.78 4.88 41.09
CA GLU B 197 45.23 6.20 41.53
C GLU B 197 44.51 6.51 42.83
N GLY B 198 44.99 5.94 43.93
CA GLY B 198 44.34 6.10 45.20
C GLY B 198 43.12 5.20 45.32
N VAL B 199 42.24 5.26 44.32
CA VAL B 199 41.05 4.43 44.28
C VAL B 199 41.44 2.96 44.20
N LYS B 200 40.85 2.15 45.07
CA LYS B 200 41.09 0.72 45.13
C LYS B 200 39.85 -0.01 44.67
N GLU B 201 40.02 -1.12 43.98
CA GLU B 201 38.91 -1.90 43.49
C GLU B 201 39.04 -3.34 43.96
N LYS B 202 37.92 -3.89 44.43
CA LYS B 202 37.85 -5.26 44.89
C LYS B 202 37.02 -6.07 43.90
N LEU B 203 37.62 -7.11 43.33
CA LEU B 203 36.95 -7.92 42.34
C LEU B 203 36.74 -9.34 42.84
N SER B 204 35.56 -9.86 42.53
CA SER B 204 35.24 -11.27 42.70
C SER B 204 35.40 -11.99 41.37
N MET B 205 34.74 -13.15 41.27
CA MET B 205 34.85 -13.93 40.04
C MET B 205 33.84 -13.46 38.99
N VAL B 206 32.94 -12.56 39.37
CA VAL B 206 31.85 -12.16 38.48
C VAL B 206 32.01 -10.70 38.12
N GLN B 207 31.99 -10.40 36.83
CA GLN B 207 32.04 -9.04 36.33
C GLN B 207 30.72 -8.69 35.67
N VAL B 208 30.43 -7.40 35.60
CA VAL B 208 29.19 -6.92 35.02
C VAL B 208 29.51 -6.11 33.78
N TRP B 209 28.81 -6.40 32.70
CA TRP B 209 29.05 -5.67 31.46
C TRP B 209 27.75 -5.30 30.77
N PRO B 210 27.56 -4.03 30.39
CA PRO B 210 26.33 -3.64 29.70
C PRO B 210 26.13 -4.51 28.46
N VAL B 211 24.91 -5.02 28.32
CA VAL B 211 24.65 -6.01 27.28
C VAL B 211 24.58 -5.35 25.91
N ARG B 212 24.33 -4.04 25.87
CA ARG B 212 24.24 -3.34 24.60
C ARG B 212 25.58 -2.77 24.13
N GLN B 213 26.66 -2.99 24.87
CA GLN B 213 27.96 -2.45 24.51
C GLN B 213 28.87 -3.59 24.06
N VAL B 214 29.66 -3.34 23.02
CA VAL B 214 30.48 -4.39 22.44
C VAL B 214 31.77 -4.56 23.25
N ARG B 215 32.04 -5.80 23.65
CA ARG B 215 33.31 -5.93 24.34
C ARG B 215 34.47 -5.72 23.37
N PRO B 216 35.41 -4.78 23.72
CA PRO B 216 36.67 -4.34 22.96
C PRO B 216 37.64 -5.50 22.70
N VAL B 217 38.28 -5.52 21.53
CA VAL B 217 39.27 -6.58 21.21
C VAL B 217 40.54 -5.91 20.69
N THR B 218 41.66 -6.63 20.68
CA THR B 218 42.93 -6.05 20.18
C THR B 218 42.83 -5.79 18.67
N GLU B 219 42.35 -6.76 17.89
CA GLU B 219 42.24 -6.57 16.45
C GLU B 219 41.23 -7.57 15.90
N LYS B 220 40.40 -7.14 14.97
CA LYS B 220 39.50 -8.05 14.26
C LYS B 220 40.24 -8.63 13.06
N LEU B 221 40.31 -9.97 13.00
CA LEU B 221 41.15 -10.64 12.01
C LEU B 221 40.28 -11.31 10.96
N PRO B 222 40.84 -11.62 9.79
CA PRO B 222 40.08 -12.38 8.79
C PRO B 222 39.83 -13.80 9.27
N ALA B 223 38.70 -14.37 8.84
CA ALA B 223 38.37 -15.74 9.21
C ALA B 223 38.97 -16.72 8.20
N ASN B 224 39.89 -17.58 8.67
CA ASN B 224 40.59 -18.48 7.78
C ASN B 224 40.56 -19.93 8.26
N HIS B 225 39.45 -20.38 8.85
CA HIS B 225 39.35 -21.74 9.32
C HIS B 225 37.90 -22.20 9.26
N PRO B 226 37.63 -23.38 8.72
CA PRO B 226 36.24 -23.82 8.55
C PRO B 226 35.52 -23.94 9.87
N LEU B 227 34.22 -23.66 9.85
CA LEU B 227 33.32 -24.00 10.94
C LEU B 227 32.64 -25.30 10.57
N LEU B 228 33.10 -26.38 11.20
CA LEU B 228 32.64 -27.73 10.77
C LEU B 228 31.15 -27.89 11.11
N THR B 229 30.39 -28.27 10.10
CA THR B 229 28.95 -28.57 10.19
C THR B 229 28.72 -30.03 9.87
N GLY B 230 27.89 -30.69 10.68
CA GLY B 230 27.60 -32.08 10.46
C GLY B 230 26.64 -32.29 9.30
N GLN B 231 26.95 -31.69 8.15
CA GLN B 231 26.11 -31.77 6.97
C GLN B 231 26.99 -31.90 5.75
N ARG B 232 26.48 -32.60 4.73
CA ARG B 232 27.17 -32.67 3.45
C ARG B 232 27.02 -31.36 2.68
N VAL B 233 25.79 -31.00 2.34
CA VAL B 233 25.50 -29.66 1.86
C VAL B 233 25.57 -28.78 3.11
N LEU B 234 25.72 -27.47 2.94
CA LEU B 234 26.01 -26.54 4.03
C LEU B 234 27.44 -26.71 4.52
N ASP B 235 28.27 -27.43 3.77
CA ASP B 235 29.68 -27.55 4.12
C ASP B 235 30.51 -27.71 2.87
N ALA B 236 30.21 -28.74 2.07
CA ALA B 236 30.99 -28.98 0.87
C ALA B 236 30.78 -27.88 -0.16
N LEU B 237 29.57 -27.37 -0.29
CA LEU B 237 29.25 -26.40 -1.33
C LEU B 237 29.17 -24.97 -0.83
N PHE B 238 28.84 -24.76 0.44
CA PHE B 238 28.61 -23.42 0.99
C PHE B 238 29.25 -23.32 2.36
N PRO B 239 30.57 -23.26 2.42
CA PRO B 239 31.26 -23.36 3.71
C PRO B 239 30.96 -22.16 4.58
N CYS B 240 30.99 -22.39 5.89
CA CYS B 240 30.98 -21.33 6.88
C CYS B 240 32.31 -21.35 7.60
N VAL B 241 32.69 -20.23 8.19
CA VAL B 241 33.99 -20.12 8.82
C VAL B 241 33.81 -19.73 10.29
N GLN B 242 34.87 -19.96 11.06
CA GLN B 242 34.92 -19.50 12.45
C GLN B 242 34.97 -17.99 12.44
N GLY B 243 34.03 -17.37 13.12
CA GLY B 243 33.90 -15.93 13.13
C GLY B 243 33.02 -15.36 12.03
N GLY B 244 32.50 -16.19 11.14
CA GLY B 244 31.66 -15.68 10.07
C GLY B 244 30.22 -15.52 10.48
N THR B 245 29.43 -14.89 9.62
CA THR B 245 28.01 -14.74 9.87
C THR B 245 27.20 -15.31 8.71
N THR B 246 26.17 -16.08 9.05
CA THR B 246 25.31 -16.72 8.07
C THR B 246 23.86 -16.54 8.48
N ALA B 247 22.97 -16.67 7.50
CA ALA B 247 21.54 -16.61 7.75
C ALA B 247 20.86 -17.83 7.14
N ILE B 248 19.79 -18.27 7.77
CA ILE B 248 18.98 -19.37 7.25
C ILE B 248 17.52 -18.92 7.18
N PRO B 249 17.13 -18.17 6.15
CA PRO B 249 15.77 -17.64 6.11
C PRO B 249 14.75 -18.65 5.61
N GLY B 250 14.57 -19.75 6.34
CA GLY B 250 13.69 -20.82 5.92
C GLY B 250 12.24 -20.56 6.28
N ALA B 251 11.33 -20.99 5.42
CA ALA B 251 9.92 -21.05 5.78
C ALA B 251 9.68 -22.21 6.76
N PHE B 252 8.52 -22.14 7.43
CA PHE B 252 8.11 -23.16 8.41
C PHE B 252 8.12 -24.55 7.77
N GLY B 253 8.77 -25.51 8.42
CA GLY B 253 8.82 -26.88 7.89
C GLY B 253 10.08 -27.12 7.07
N CYS B 254 10.86 -26.06 6.81
CA CYS B 254 12.08 -26.21 6.02
C CYS B 254 13.20 -26.90 6.78
N GLY B 255 13.13 -26.93 8.11
CA GLY B 255 14.09 -27.68 8.87
C GLY B 255 15.27 -26.85 9.33
N LYS B 256 15.12 -25.53 9.34
CA LYS B 256 16.19 -24.64 9.79
C LYS B 256 16.49 -24.78 11.27
N THR B 257 15.48 -25.12 12.07
CA THR B 257 15.74 -25.39 13.51
C THR B 257 16.59 -26.65 13.63
N VAL B 258 16.33 -27.65 12.78
CA VAL B 258 17.13 -28.87 12.83
C VAL B 258 18.56 -28.58 12.40
N ILE B 259 18.75 -27.74 11.38
CA ILE B 259 20.11 -27.40 10.97
C ILE B 259 20.84 -26.72 12.12
N SER B 260 20.19 -25.77 12.79
CA SER B 260 20.83 -25.07 13.90
C SER B 260 21.13 -26.03 15.04
N GLN B 261 20.15 -26.87 15.39
CA GLN B 261 20.40 -27.82 16.52
C GLN B 261 21.47 -28.83 16.09
N SER B 262 21.45 -29.28 14.83
CA SER B 262 22.49 -30.20 14.40
C SER B 262 23.87 -29.55 14.48
N LEU B 263 23.99 -28.31 14.03
CA LEU B 263 25.27 -27.63 14.10
C LEU B 263 25.75 -27.51 15.55
N SER B 264 24.84 -27.19 16.46
CA SER B 264 25.18 -27.16 17.87
C SER B 264 25.68 -28.49 18.38
N LYS B 265 25.04 -29.59 18.00
CA LYS B 265 25.42 -30.91 18.49
C LYS B 265 26.78 -31.30 17.97
N TYR B 266 27.01 -31.11 16.67
CA TYR B 266 28.16 -31.67 15.98
C TYR B 266 28.90 -30.56 15.25
N SER B 267 29.88 -29.96 15.93
CA SER B 267 30.69 -28.90 15.34
C SER B 267 32.06 -28.96 15.99
N ASN B 268 32.98 -28.16 15.47
CA ASN B 268 34.34 -28.08 16.00
C ASN B 268 34.55 -26.83 16.85
N SER B 269 33.49 -26.23 17.35
CA SER B 269 33.57 -25.06 18.21
C SER B 269 33.77 -25.52 19.65
N ASP B 270 34.25 -24.62 20.51
CA ASP B 270 34.46 -25.00 21.89
C ASP B 270 33.23 -24.72 22.74
N VAL B 271 32.52 -23.63 22.49
CA VAL B 271 31.36 -23.25 23.28
C VAL B 271 30.24 -22.87 22.34
N ILE B 272 29.03 -23.35 22.61
CA ILE B 272 27.85 -22.98 21.85
C ILE B 272 26.89 -22.24 22.76
N ILE B 273 26.45 -21.07 22.33
CA ILE B 273 25.41 -20.31 23.01
C ILE B 273 24.18 -20.37 22.11
N TYR B 274 23.15 -21.05 22.58
CA TYR B 274 21.95 -21.25 21.77
C TYR B 274 20.84 -20.35 22.29
N VAL B 275 20.31 -19.49 21.43
CA VAL B 275 19.33 -18.49 21.85
C VAL B 275 17.99 -18.84 21.23
N GLY B 276 17.02 -19.17 22.08
CA GLY B 276 15.69 -19.48 21.61
C GLY B 276 14.76 -18.29 21.77
N CYS B 277 14.79 -17.39 20.79
CA CYS B 277 14.13 -16.10 20.89
C CYS B 277 12.83 -16.16 20.10
N GLY B 278 11.73 -16.40 20.80
CA GLY B 278 10.44 -16.59 20.16
C GLY B 278 10.19 -18.01 19.69
N GLU B 279 11.02 -18.94 20.16
CA GLU B 279 10.95 -20.36 19.70
C GLU B 279 9.86 -21.09 20.49
N ARG B 280 9.36 -22.20 19.97
CA ARG B 280 8.38 -23.03 20.72
C ARG B 280 9.03 -23.57 22.00
N GLY B 281 8.27 -23.67 23.09
CA GLY B 281 8.80 -24.17 24.37
C GLY B 281 9.29 -25.60 24.23
N ASN B 282 8.64 -26.39 23.38
CA ASN B 282 9.01 -27.81 23.22
C ASN B 282 10.42 -27.91 22.66
N GLU B 283 10.89 -26.92 21.88
CA GLU B 283 12.22 -27.03 21.26
C GLU B 283 13.32 -26.90 22.33
N MET B 284 13.11 -26.02 23.31
CA MET B 284 14.14 -25.79 24.36
C MET B 284 14.21 -27.03 25.27
N SER B 285 13.06 -27.66 25.54
CA SER B 285 13.04 -28.90 26.34
C SER B 285 13.76 -30.01 25.58
N GLU B 286 13.54 -30.10 24.27
CA GLU B 286 14.22 -31.11 23.42
C GLU B 286 15.73 -30.96 23.61
N VAL B 287 16.24 -29.74 23.67
CA VAL B 287 17.71 -29.55 23.86
C VAL B 287 18.07 -30.05 25.26
N LEU B 288 17.30 -29.64 26.28
CA LEU B 288 17.62 -30.02 27.65
C LEU B 288 17.56 -31.52 27.88
N ARG B 289 16.63 -32.21 27.21
CA ARG B 289 16.54 -33.66 27.32
C ARG B 289 17.62 -34.37 26.51
N ASP B 290 17.80 -34.01 25.24
CA ASP B 290 18.68 -34.75 24.35
C ASP B 290 20.15 -34.50 24.64
N PHE B 291 20.55 -33.24 24.84
CA PHE B 291 21.97 -32.93 24.95
C PHE B 291 22.65 -33.74 26.04
N PRO B 292 22.08 -33.90 27.25
CA PRO B 292 22.79 -34.67 28.29
C PRO B 292 23.12 -36.09 27.87
N GLU B 293 22.43 -36.62 26.87
CA GLU B 293 22.66 -37.97 26.40
C GLU B 293 23.68 -38.04 25.27
N LEU B 294 24.18 -36.90 24.80
CA LEU B 294 25.16 -36.92 23.74
C LEU B 294 26.56 -37.01 24.31
N THR B 295 27.48 -37.53 23.51
CA THR B 295 28.87 -37.70 23.93
C THR B 295 29.80 -36.95 23.00
N MET B 296 30.92 -36.50 23.55
CA MET B 296 32.05 -36.02 22.76
C MET B 296 33.30 -36.31 23.57
N GLU B 297 34.09 -37.27 23.11
CA GLU B 297 35.31 -37.64 23.83
C GLU B 297 36.29 -36.48 23.83
N VAL B 298 36.97 -36.30 24.96
CA VAL B 298 37.93 -35.21 25.08
C VAL B 298 39.36 -35.73 24.94
N ASP B 299 39.84 -36.49 25.91
CA ASP B 299 41.14 -37.14 25.83
C ASP B 299 41.02 -38.60 26.24
N GLY B 300 40.32 -39.38 25.42
CA GLY B 300 40.06 -40.77 25.75
C GLY B 300 38.93 -40.99 26.73
N LYS B 301 38.36 -39.93 27.29
CA LYS B 301 37.27 -40.05 28.25
C LYS B 301 35.98 -39.55 27.63
N VAL B 302 34.88 -40.23 27.93
CA VAL B 302 33.58 -39.84 27.40
C VAL B 302 32.96 -38.78 28.29
N GLU B 303 32.54 -37.68 27.68
CA GLU B 303 31.90 -36.60 28.43
C GLU B 303 30.65 -36.15 27.70
N SER B 304 29.72 -35.57 28.46
CA SER B 304 28.47 -35.07 27.91
C SER B 304 28.70 -33.75 27.17
N ILE B 305 27.73 -33.39 26.33
CA ILE B 305 27.84 -32.18 25.52
C ILE B 305 27.47 -30.95 26.34
N MET B 306 26.49 -31.09 27.24
CA MET B 306 25.94 -29.95 27.96
C MET B 306 26.99 -29.18 28.75
N LYS B 307 28.08 -29.84 29.15
CA LYS B 307 29.14 -29.15 29.89
C LYS B 307 29.85 -28.09 29.07
N ARG B 308 29.66 -28.08 27.74
CA ARG B 308 30.30 -27.08 26.90
C ARG B 308 29.29 -26.21 26.17
N THR B 309 28.03 -26.21 26.57
CA THR B 309 26.98 -25.45 25.91
C THR B 309 26.25 -24.60 26.95
N ALA B 310 25.61 -23.55 26.49
CA ALA B 310 24.65 -22.82 27.31
C ALA B 310 23.55 -22.29 26.41
N LEU B 311 22.37 -22.10 26.99
CA LEU B 311 21.24 -21.75 26.14
C LEU B 311 20.33 -20.76 26.85
N VAL B 312 19.66 -19.94 26.07
CA VAL B 312 18.78 -18.89 26.54
C VAL B 312 17.38 -19.18 26.01
N ALA B 313 16.40 -19.19 26.90
CA ALA B 313 15.02 -19.46 26.50
C ALA B 313 14.21 -18.18 26.64
N ASN B 314 13.62 -17.72 25.53
CA ASN B 314 12.68 -16.61 25.55
C ASN B 314 11.57 -17.00 24.58
N THR B 315 10.68 -17.86 25.03
CA THR B 315 9.80 -18.58 24.12
C THR B 315 8.72 -17.65 23.58
N SER B 316 8.01 -18.15 22.56
CA SER B 316 7.08 -17.30 21.83
C SER B 316 6.00 -16.72 22.74
N ASN B 317 5.65 -17.42 23.82
CA ASN B 317 4.51 -17.01 24.63
C ASN B 317 4.95 -16.23 25.85
N MET B 318 6.21 -15.82 25.87
CA MET B 318 6.79 -14.94 26.88
C MET B 318 6.73 -13.48 26.45
N PRO B 319 6.99 -12.54 27.36
CA PRO B 319 6.92 -11.12 27.01
C PRO B 319 7.70 -10.78 25.76
N VAL B 320 7.06 -10.03 24.86
CA VAL B 320 7.65 -9.74 23.57
C VAL B 320 8.86 -8.83 23.72
N ALA B 321 8.83 -7.90 24.67
CA ALA B 321 9.98 -7.01 24.85
C ALA B 321 11.22 -7.80 25.21
N ALA B 322 11.06 -8.91 25.95
CA ALA B 322 12.20 -9.69 26.39
C ALA B 322 12.96 -10.30 25.23
N ARG B 323 12.35 -10.34 24.04
CA ARG B 323 13.01 -10.90 22.87
C ARG B 323 14.24 -10.11 22.46
N GLU B 324 14.23 -8.80 22.71
CA GLU B 324 15.43 -8.00 22.42
C GLU B 324 16.55 -8.32 23.40
N ALA B 325 16.23 -8.41 24.69
CA ALA B 325 17.24 -8.74 25.69
C ALA B 325 17.84 -10.11 25.44
N SER B 326 17.03 -11.05 24.96
CA SER B 326 17.52 -12.41 24.71
C SER B 326 18.62 -12.39 23.66
N ILE B 327 18.39 -11.69 22.55
CA ILE B 327 19.35 -11.64 21.46
C ILE B 327 20.65 -11.02 21.92
N TYR B 328 20.58 -9.90 22.65
CA TYR B 328 21.80 -9.26 23.10
C TYR B 328 22.47 -10.02 24.23
N THR B 329 21.68 -10.67 25.09
CA THR B 329 22.28 -11.48 26.15
C THR B 329 23.11 -12.60 25.56
N GLY B 330 22.59 -13.26 24.54
CA GLY B 330 23.27 -14.36 23.87
C GLY B 330 24.62 -13.97 23.31
N ILE B 331 24.65 -12.87 22.55
CA ILE B 331 25.91 -12.44 21.94
C ILE B 331 26.87 -11.94 22.99
N THR B 332 26.35 -11.31 24.05
CA THR B 332 27.22 -10.83 25.11
C THR B 332 27.91 -11.99 25.81
N LEU B 333 27.18 -13.06 26.08
CA LEU B 333 27.78 -14.26 26.65
C LEU B 333 28.83 -14.81 25.70
N SER B 334 28.54 -14.78 24.40
CA SER B 334 29.46 -15.33 23.41
C SER B 334 30.78 -14.59 23.44
N GLU B 335 30.72 -13.25 23.51
CA GLU B 335 31.92 -12.45 23.54
C GLU B 335 32.75 -12.75 24.78
N TYR B 336 32.08 -12.93 25.92
CA TYR B 336 32.81 -13.22 27.15
C TYR B 336 33.68 -14.46 26.97
N PHE B 337 33.11 -15.52 26.41
CA PHE B 337 33.91 -16.71 26.19
C PHE B 337 34.93 -16.50 25.08
N ARG B 338 34.56 -15.74 24.04
CA ARG B 338 35.55 -15.36 23.04
C ARG B 338 36.78 -14.77 23.70
N ASP B 339 36.59 -13.89 24.66
CA ASP B 339 37.73 -13.23 25.29
C ASP B 339 38.64 -14.21 26.02
N MET B 340 38.14 -15.38 26.39
CA MET B 340 38.93 -16.35 27.14
C MET B 340 39.73 -17.29 26.26
N GLY B 341 39.67 -17.13 24.95
CA GLY B 341 40.48 -17.94 24.06
C GLY B 341 39.72 -19.13 23.50
N TYR B 342 38.40 -19.09 23.58
CA TYR B 342 37.59 -20.16 23.04
C TYR B 342 36.98 -19.75 21.71
N HIS B 343 36.72 -20.74 20.86
CA HIS B 343 35.96 -20.51 19.64
C HIS B 343 34.46 -20.68 19.88
N VAL B 344 33.70 -19.58 19.82
CA VAL B 344 32.28 -19.64 20.12
C VAL B 344 31.47 -19.60 18.83
N SER B 345 30.45 -20.44 18.76
CA SER B 345 29.54 -20.46 17.62
C SER B 345 28.09 -20.33 18.09
N MET B 346 27.69 -19.13 18.48
CA MET B 346 26.33 -18.90 18.94
C MET B 346 25.36 -18.84 17.76
N MET B 347 24.10 -19.15 18.04
CA MET B 347 23.07 -19.12 17.00
C MET B 347 21.75 -18.72 17.63
N ALA B 348 21.14 -17.67 17.08
CA ALA B 348 19.79 -17.31 17.50
C ALA B 348 18.78 -17.79 16.46
N ASP B 349 17.94 -18.74 16.88
CA ASP B 349 17.06 -19.40 15.94
C ASP B 349 15.77 -18.64 15.68
N SER B 350 15.84 -17.40 15.20
CA SER B 350 14.62 -16.65 14.94
C SER B 350 14.89 -15.34 14.20
N THR B 351 15.47 -14.34 14.86
CA THR B 351 15.82 -13.05 14.25
C THR B 351 14.54 -12.27 13.95
N SER B 352 13.69 -12.84 13.10
CA SER B 352 12.40 -12.27 12.78
C SER B 352 11.54 -12.03 14.01
N ARG B 353 11.66 -12.87 15.03
CA ARG B 353 10.94 -12.64 16.27
C ARG B 353 11.50 -11.44 17.01
N TRP B 354 12.81 -11.19 16.89
CA TRP B 354 13.39 -9.98 17.44
C TRP B 354 12.91 -8.74 16.69
N ALA B 355 13.03 -8.77 15.36
CA ALA B 355 12.50 -7.66 14.56
C ALA B 355 11.01 -7.48 14.79
N GLU B 356 10.29 -8.58 15.01
CA GLU B 356 8.87 -8.47 15.33
C GLU B 356 8.66 -7.72 16.65
N ALA B 357 9.47 -8.02 17.66
CA ALA B 357 9.37 -7.29 18.91
C ALA B 357 9.60 -5.80 18.69
N LEU B 358 10.57 -5.46 17.84
CA LEU B 358 10.84 -4.04 17.56
C LEU B 358 9.63 -3.39 16.90
N ARG B 359 8.95 -4.12 16.02
CA ARG B 359 7.77 -3.57 15.36
C ARG B 359 6.64 -3.34 16.35
N GLU B 360 6.40 -4.32 17.23
CA GLU B 360 5.32 -4.18 18.21
C GLU B 360 5.59 -3.02 19.15
N ILE B 361 6.83 -2.89 19.63
CA ILE B 361 7.15 -1.76 20.50
C ILE B 361 7.06 -0.45 19.74
N SER B 362 7.61 -0.41 18.53
CA SER B 362 7.55 0.83 17.74
C SER B 362 6.11 1.28 17.53
N GLY B 363 5.20 0.32 17.31
CA GLY B 363 3.79 0.65 17.22
C GLY B 363 3.26 1.31 18.48
N ARG B 364 3.51 0.68 19.63
CA ARG B 364 3.01 1.23 20.90
C ARG B 364 3.61 2.63 21.09
N LEU B 365 4.85 2.82 20.63
CA LEU B 365 5.49 4.12 20.74
C LEU B 365 4.93 5.15 19.77
N ALA B 366 4.07 4.75 18.84
CA ALA B 366 3.54 5.62 17.79
C ALA B 366 4.65 6.20 16.91
N GLU B 367 5.67 5.42 16.62
CA GLU B 367 6.76 5.88 15.75
C GLU B 367 6.34 5.77 14.29
N MET B 368 6.96 6.57 13.46
CA MET B 368 6.73 6.47 12.03
C MET B 368 7.39 5.20 11.48
N PRO B 369 6.62 4.26 10.97
CA PRO B 369 7.21 3.03 10.43
C PRO B 369 7.85 3.23 9.06
N ALA B 370 8.66 2.26 8.68
CA ALA B 370 9.30 2.19 7.37
C ALA B 370 8.72 0.98 6.67
N ASP B 371 9.57 0.23 5.98
CA ASP B 371 9.10 -0.81 5.07
C ASP B 371 8.34 -1.90 5.82
N SER B 372 7.10 -2.13 5.40
CA SER B 372 6.21 -3.16 5.92
C SER B 372 5.97 -3.07 7.42
N GLY B 373 5.94 -1.86 7.99
CA GLY B 373 5.64 -1.66 9.39
C GLY B 373 6.83 -1.75 10.32
N TYR B 374 8.00 -2.14 9.79
CA TYR B 374 9.17 -2.30 10.63
C TYR B 374 9.80 -0.94 10.92
N PRO B 375 10.49 -0.80 12.05
CA PRO B 375 11.15 0.48 12.34
C PRO B 375 12.20 0.81 11.30
N ALA B 376 12.37 2.11 11.08
CA ALA B 376 13.40 2.56 10.14
C ALA B 376 14.79 2.11 10.55
N TYR B 377 15.02 1.93 11.86
CA TYR B 377 16.32 1.58 12.38
C TYR B 377 16.54 0.06 12.47
N LEU B 378 15.65 -0.73 11.89
CA LEU B 378 15.83 -2.17 11.88
C LEU B 378 17.21 -2.55 11.37
N GLY B 379 17.61 -1.98 10.23
CA GLY B 379 18.92 -2.26 9.68
C GLY B 379 20.05 -1.89 10.61
N ALA B 380 19.87 -0.81 11.37
CA ALA B 380 20.90 -0.41 12.32
C ALA B 380 21.08 -1.45 13.41
N ARG B 381 19.99 -2.03 13.90
CA ARG B 381 20.09 -3.01 14.98
C ARG B 381 20.72 -4.31 14.47
N LEU B 382 20.32 -4.75 13.28
CA LEU B 382 20.87 -5.99 12.75
C LEU B 382 22.34 -5.85 12.41
N ALA B 383 22.74 -4.69 11.86
CA ALA B 383 24.13 -4.52 11.47
C ALA B 383 25.04 -4.57 12.68
N SER B 384 24.69 -3.86 13.76
CA SER B 384 25.52 -3.84 14.94
C SER B 384 25.51 -5.15 15.69
N PHE B 385 24.43 -5.92 15.60
CA PHE B 385 24.41 -7.28 16.16
C PHE B 385 25.37 -8.21 15.44
N TYR B 386 25.28 -8.30 14.11
CA TYR B 386 26.09 -9.27 13.38
C TYR B 386 27.55 -8.90 13.41
N GLU B 387 27.87 -7.60 13.41
CA GLU B 387 29.28 -7.22 13.41
C GLU B 387 29.99 -7.57 14.72
N ARG B 388 29.28 -8.06 15.72
CA ARG B 388 30.00 -8.50 16.90
C ARG B 388 30.61 -9.85 16.74
N ALA B 389 30.36 -10.52 15.61
CA ALA B 389 30.99 -11.79 15.28
C ALA B 389 32.39 -11.52 14.77
N GLY B 390 33.22 -12.56 14.72
CA GLY B 390 34.49 -12.46 14.04
C GLY B 390 35.62 -13.10 14.81
N ARG B 391 36.66 -13.54 14.10
CA ARG B 391 37.89 -13.98 14.75
C ARG B 391 38.69 -12.76 15.18
N VAL B 392 39.17 -12.76 16.41
CA VAL B 392 39.81 -11.59 16.97
C VAL B 392 41.12 -11.97 17.65
N LYS B 393 42.02 -10.99 17.79
CA LYS B 393 43.10 -11.11 18.81
C LYS B 393 42.56 -10.47 20.10
N CYS B 394 42.59 -11.21 21.20
CA CYS B 394 41.92 -10.74 22.44
C CYS B 394 42.73 -9.64 23.12
N LEU B 395 42.05 -8.79 23.89
CA LEU B 395 42.75 -7.87 24.83
C LEU B 395 43.27 -8.69 26.00
N GLY B 396 44.33 -8.23 26.66
CA GLY B 396 44.89 -9.01 27.76
C GLY B 396 46.30 -9.48 27.48
N ASN B 397 47.16 -9.42 28.50
CA ASN B 397 48.60 -9.68 28.27
C ASN B 397 48.82 -11.09 27.71
N PRO B 398 48.04 -12.17 28.10
CA PRO B 398 48.23 -13.59 27.74
C PRO B 398 48.09 -13.89 26.25
N GLU B 399 47.67 -12.93 25.42
CA GLU B 399 47.60 -13.10 23.97
C GLU B 399 46.77 -14.32 23.58
N ARG B 400 45.48 -14.20 23.83
CA ARG B 400 44.51 -15.26 23.47
C ARG B 400 44.05 -15.00 22.04
N GLU B 401 43.56 -16.04 21.39
CA GLU B 401 42.87 -15.90 20.12
C GLU B 401 41.51 -16.58 20.24
N GLY B 402 40.45 -15.87 19.85
CA GLY B 402 39.12 -16.42 19.86
C GLY B 402 38.31 -15.99 18.64
N SER B 403 37.04 -16.37 18.65
CA SER B 403 36.09 -16.06 17.60
C SER B 403 34.68 -16.16 18.16
N VAL B 404 33.77 -15.41 17.56
CA VAL B 404 32.34 -15.66 17.69
C VAL B 404 31.74 -15.78 16.30
N SER B 405 31.12 -16.91 16.01
CA SER B 405 30.32 -17.05 14.80
C SER B 405 28.86 -16.80 15.15
N ILE B 406 28.10 -16.30 14.18
CA ILE B 406 26.66 -16.15 14.37
C ILE B 406 25.94 -16.87 13.24
N VAL B 407 25.12 -17.85 13.62
CA VAL B 407 24.28 -18.57 12.66
C VAL B 407 22.84 -18.20 13.02
N GLY B 408 22.27 -17.25 12.29
CA GLY B 408 20.96 -16.75 12.64
C GLY B 408 19.89 -17.18 11.69
N ALA B 409 18.80 -17.75 12.22
CA ALA B 409 17.65 -18.06 11.40
C ALA B 409 16.83 -16.80 11.12
N VAL B 410 16.08 -16.84 10.03
CA VAL B 410 15.11 -15.81 9.71
C VAL B 410 13.83 -16.51 9.28
N SER B 411 12.68 -15.91 9.58
CA SER B 411 11.38 -16.52 9.32
C SER B 411 10.58 -15.62 8.38
N PRO B 412 10.89 -15.61 7.08
CA PRO B 412 10.12 -14.81 6.14
C PRO B 412 8.69 -15.34 6.03
N PRO B 413 7.71 -14.45 6.07
CA PRO B 413 6.32 -14.90 5.89
C PRO B 413 6.11 -15.47 4.49
N GLY B 414 5.46 -16.63 4.45
CA GLY B 414 5.17 -17.28 3.19
C GLY B 414 6.37 -17.87 2.50
N GLY B 415 7.56 -17.75 3.06
CA GLY B 415 8.76 -18.19 2.40
C GLY B 415 9.25 -17.23 1.32
N ASP B 416 8.70 -16.03 1.31
CA ASP B 416 9.04 -15.03 0.30
C ASP B 416 10.22 -14.20 0.79
N PHE B 417 11.35 -14.35 0.13
CA PHE B 417 12.58 -13.70 0.59
C PHE B 417 12.57 -12.24 0.17
N SER B 418 11.57 -11.50 0.61
CA SER B 418 11.41 -10.10 0.24
C SER B 418 11.15 -9.19 1.43
N ASP B 419 10.96 -9.73 2.63
CA ASP B 419 10.59 -8.90 3.77
C ASP B 419 11.78 -8.07 4.22
N PRO B 420 11.54 -6.98 4.94
CA PRO B 420 12.68 -6.16 5.40
C PRO B 420 13.71 -6.93 6.20
N VAL B 421 13.32 -7.98 6.92
CA VAL B 421 14.29 -8.68 7.75
C VAL B 421 15.17 -9.58 6.91
N THR B 422 14.59 -10.40 6.02
CA THR B 422 15.41 -11.20 5.13
C THR B 422 16.28 -10.33 4.23
N SER B 423 15.70 -9.25 3.70
CA SER B 423 16.45 -8.37 2.81
C SER B 423 17.62 -7.72 3.54
N ALA B 424 17.36 -7.11 4.70
CA ALA B 424 18.43 -6.52 5.47
C ALA B 424 19.45 -7.56 5.92
N THR B 425 18.98 -8.74 6.32
CA THR B 425 19.90 -9.77 6.80
C THR B 425 20.87 -10.18 5.70
N LEU B 426 20.35 -10.41 4.50
CA LEU B 426 21.20 -10.84 3.39
C LEU B 426 22.25 -9.80 3.02
N GLY B 427 21.98 -8.52 3.25
CA GLY B 427 23.00 -7.52 3.06
C GLY B 427 24.04 -7.45 4.13
N ILE B 428 23.89 -8.23 5.20
CA ILE B 428 24.82 -8.18 6.33
C ILE B 428 25.65 -9.46 6.39
N VAL B 429 24.99 -10.60 6.31
CA VAL B 429 25.68 -11.87 6.48
C VAL B 429 26.45 -12.24 5.21
N GLN B 430 27.54 -12.96 5.40
CA GLN B 430 28.43 -13.31 4.30
C GLN B 430 28.18 -14.71 3.74
N VAL B 431 27.38 -15.52 4.43
CA VAL B 431 26.99 -16.84 3.96
C VAL B 431 25.46 -16.90 3.96
N PHE B 432 24.89 -17.32 2.84
CA PHE B 432 23.44 -17.35 2.66
C PHE B 432 23.03 -18.80 2.41
N TRP B 433 22.38 -19.39 3.41
CA TRP B 433 21.93 -20.78 3.31
C TRP B 433 20.43 -20.77 3.06
N GLY B 434 20.03 -20.46 1.84
CA GLY B 434 18.62 -20.37 1.53
C GLY B 434 17.98 -21.74 1.50
N LEU B 435 16.78 -21.86 2.07
CA LEU B 435 16.07 -23.13 2.06
C LEU B 435 14.83 -23.02 1.17
N ASP B 436 14.45 -24.14 0.57
CA ASP B 436 13.33 -24.18 -0.36
C ASP B 436 12.21 -25.04 0.21
N LYS B 437 11.07 -24.42 0.45
CA LYS B 437 9.91 -25.14 0.98
C LYS B 437 9.55 -26.33 0.10
N LYS B 438 9.76 -26.21 -1.23
CA LYS B 438 9.39 -27.28 -2.12
C LYS B 438 10.31 -28.49 -2.00
N LEU B 439 11.52 -28.30 -1.46
CA LEU B 439 12.37 -29.41 -1.10
C LEU B 439 11.96 -30.06 0.21
N ALA B 440 11.56 -29.26 1.20
CA ALA B 440 11.06 -29.81 2.44
C ALA B 440 9.79 -30.63 2.26
N GLN B 441 8.92 -30.23 1.35
CA GLN B 441 7.70 -31.00 1.12
C GLN B 441 8.03 -32.41 0.68
N ARG B 442 9.12 -32.59 -0.04
CA ARG B 442 9.61 -33.89 -0.49
C ARG B 442 10.52 -34.56 0.53
N LYS B 443 10.64 -33.97 1.72
CA LYS B 443 11.47 -34.49 2.79
C LYS B 443 12.92 -34.64 2.31
N HIS B 444 13.32 -33.65 1.50
CA HIS B 444 14.67 -33.56 0.95
C HIS B 444 15.47 -32.72 1.93
N PHE B 445 15.83 -33.31 3.06
CA PHE B 445 16.43 -32.51 4.11
C PHE B 445 17.94 -32.69 4.14
N PRO B 446 18.71 -31.64 4.46
CA PRO B 446 18.22 -30.27 4.64
C PRO B 446 17.72 -29.66 3.35
N SER B 447 16.66 -28.86 3.44
CA SER B 447 15.98 -28.34 2.26
C SER B 447 16.75 -27.20 1.59
N VAL B 448 18.02 -27.42 1.28
CA VAL B 448 18.84 -26.33 0.77
C VAL B 448 18.60 -26.15 -0.73
N ASN B 449 18.34 -24.91 -1.11
CA ASN B 449 18.05 -24.60 -2.51
C ASN B 449 19.24 -24.80 -3.44
N TRP B 450 20.44 -24.45 -3.02
CA TRP B 450 21.69 -24.74 -3.73
C TRP B 450 21.81 -24.00 -5.05
N LEU B 451 20.80 -23.23 -5.39
CA LEU B 451 20.83 -22.35 -6.55
C LEU B 451 20.90 -20.89 -6.17
N ILE B 452 20.23 -20.50 -5.09
CA ILE B 452 20.25 -19.12 -4.63
C ILE B 452 21.22 -18.91 -3.47
N SER B 453 21.69 -19.98 -2.84
CA SER B 453 22.63 -19.83 -1.74
C SER B 453 24.01 -19.48 -2.27
N TYR B 454 24.83 -18.92 -1.39
CA TYR B 454 26.20 -18.60 -1.73
C TYR B 454 27.02 -18.51 -0.46
N SER B 455 28.34 -18.58 -0.61
CA SER B 455 29.25 -18.33 0.51
C SER B 455 30.41 -17.50 -0.01
N LYS B 456 30.70 -16.40 0.66
CA LYS B 456 31.79 -15.53 0.27
C LYS B 456 33.12 -15.94 0.90
N TYR B 457 33.16 -17.07 1.59
CA TYR B 457 34.37 -17.55 2.24
C TYR B 457 35.05 -18.66 1.44
N MET B 458 34.57 -18.94 0.22
CA MET B 458 35.18 -19.98 -0.59
C MET B 458 36.66 -19.69 -0.81
N ARG B 459 36.99 -18.47 -1.22
CA ARG B 459 38.37 -18.12 -1.48
C ARG B 459 39.19 -18.16 -0.19
N ALA B 460 38.59 -17.75 0.93
CA ALA B 460 39.32 -17.72 2.18
C ALA B 460 39.79 -19.11 2.60
N LEU B 461 38.98 -20.13 2.34
CA LEU B 461 39.32 -21.48 2.78
C LEU B 461 40.08 -22.29 1.75
N ASP B 462 40.21 -21.77 0.51
CA ASP B 462 40.98 -22.47 -0.51
C ASP B 462 42.39 -22.82 -0.03
N GLU B 463 43.01 -21.93 0.76
CA GLU B 463 44.31 -22.24 1.33
C GLU B 463 44.23 -23.43 2.27
N TYR B 464 43.24 -23.44 3.16
CA TYR B 464 43.06 -24.57 4.07
C TYR B 464 42.91 -25.87 3.28
N TYR B 465 42.02 -25.89 2.29
CA TYR B 465 41.72 -27.11 1.56
C TYR B 465 42.94 -27.63 0.84
N ASP B 466 43.72 -26.74 0.22
CA ASP B 466 44.92 -27.17 -0.47
C ASP B 466 45.91 -27.81 0.48
N LYS B 467 46.01 -27.28 1.70
CA LYS B 467 46.97 -27.84 2.65
C LYS B 467 46.57 -29.24 3.11
N HIS B 468 45.28 -29.49 3.31
CA HIS B 468 44.88 -30.72 3.96
C HIS B 468 44.29 -31.75 3.01
N PHE B 469 43.74 -31.32 1.87
CA PHE B 469 42.99 -32.22 0.99
C PHE B 469 43.43 -32.14 -0.46
N THR B 470 43.51 -30.93 -1.03
CA THR B 470 43.82 -30.64 -2.43
C THR B 470 42.71 -31.07 -3.37
N GLU B 471 42.31 -32.34 -3.31
CA GLU B 471 41.29 -32.86 -4.20
C GLU B 471 39.95 -32.19 -4.01
N PHE B 472 39.66 -31.65 -2.82
CA PHE B 472 38.36 -31.09 -2.55
C PHE B 472 37.95 -29.99 -3.51
N VAL B 473 38.82 -29.03 -3.78
CA VAL B 473 38.40 -27.85 -4.54
C VAL B 473 37.97 -28.22 -5.97
N PRO B 474 38.72 -29.00 -6.75
CA PRO B 474 38.22 -29.28 -8.11
C PRO B 474 36.96 -30.12 -8.08
N LEU B 475 36.76 -30.91 -7.02
CA LEU B 475 35.53 -31.67 -6.89
C LEU B 475 34.37 -30.74 -6.58
N ARG B 476 34.58 -29.77 -5.69
CA ARG B 476 33.53 -28.80 -5.41
C ARG B 476 33.10 -28.08 -6.68
N THR B 477 34.06 -27.67 -7.51
CA THR B 477 33.71 -26.95 -8.72
C THR B 477 32.90 -27.81 -9.66
N LYS B 478 33.35 -29.05 -9.88
CA LYS B 478 32.67 -29.94 -10.84
C LYS B 478 31.24 -30.20 -10.35
N ALA B 479 31.06 -30.40 -9.04
CA ALA B 479 29.73 -30.65 -8.52
C ALA B 479 28.80 -29.48 -8.77
N LYS B 480 29.29 -28.25 -8.61
CA LYS B 480 28.45 -27.10 -8.85
C LYS B 480 28.09 -26.99 -10.33
N GLU B 481 29.05 -27.28 -11.20
CA GLU B 481 28.76 -27.23 -12.64
C GLU B 481 27.70 -28.24 -13.02
N ILE B 482 27.74 -29.44 -12.43
CA ILE B 482 26.74 -30.44 -12.75
C ILE B 482 25.36 -29.97 -12.29
N LEU B 483 25.27 -29.45 -11.06
CA LEU B 483 23.97 -29.02 -10.55
C LEU B 483 23.42 -27.86 -11.37
N GLN B 484 24.28 -26.93 -11.77
CA GLN B 484 23.81 -25.80 -12.57
C GLN B 484 23.36 -26.24 -13.95
N GLU B 485 24.11 -27.16 -14.57
CA GLU B 485 23.70 -27.67 -15.87
C GLU B 485 22.37 -28.40 -15.79
N GLU B 486 22.16 -29.19 -14.73
CA GLU B 486 20.88 -29.86 -14.59
C GLU B 486 19.73 -28.85 -14.49
N GLU B 487 19.93 -27.76 -13.75
CA GLU B 487 18.88 -26.77 -13.64
C GLU B 487 18.61 -26.11 -15.00
N ASP B 488 19.68 -25.80 -15.73
CA ASP B 488 19.52 -25.22 -17.05
C ASP B 488 18.74 -26.15 -17.97
N LEU B 489 18.97 -27.46 -17.85
CA LEU B 489 18.21 -28.44 -18.61
C LEU B 489 16.77 -28.60 -18.14
N ALA B 490 16.55 -28.70 -16.83
CA ALA B 490 15.20 -28.93 -16.33
C ALA B 490 14.23 -27.89 -16.85
N GLU B 491 14.69 -26.63 -16.97
CA GLU B 491 13.81 -25.56 -17.45
C GLU B 491 13.24 -25.87 -18.82
N ILE B 492 14.02 -26.51 -19.70
CA ILE B 492 13.58 -26.79 -21.05
C ILE B 492 13.02 -28.21 -21.18
N VAL B 493 13.58 -29.14 -20.42
CA VAL B 493 13.12 -30.52 -20.49
C VAL B 493 11.64 -30.62 -20.15
N GLN B 494 11.18 -29.86 -19.16
CA GLN B 494 9.76 -29.88 -18.81
C GLN B 494 8.90 -29.56 -20.02
N LEU B 495 9.45 -28.82 -20.98
CA LEU B 495 8.67 -28.39 -22.14
C LEU B 495 8.86 -29.32 -23.32
N VAL B 496 10.04 -29.95 -23.42
CA VAL B 496 10.35 -30.78 -24.59
C VAL B 496 9.90 -32.21 -24.36
N GLY B 497 10.07 -32.72 -23.14
CA GLY B 497 9.74 -34.11 -22.88
C GLY B 497 10.88 -35.09 -23.04
N LYS B 498 12.12 -34.63 -22.89
CA LYS B 498 13.30 -35.48 -22.97
C LYS B 498 13.44 -36.11 -24.35
N ALA B 499 13.08 -35.37 -25.39
CA ALA B 499 13.14 -35.86 -26.76
C ALA B 499 14.41 -35.45 -27.48
N SER B 500 14.97 -34.29 -27.13
CA SER B 500 16.06 -33.68 -27.91
C SER B 500 17.39 -33.80 -27.17
N LEU B 501 17.35 -34.50 -26.04
CA LEU B 501 18.50 -34.62 -25.15
C LEU B 501 19.57 -35.45 -25.83
N ALA B 502 20.81 -34.98 -25.79
CA ALA B 502 21.95 -35.80 -26.20
C ALA B 502 22.29 -36.80 -25.11
N GLU B 503 23.00 -37.85 -25.49
CA GLU B 503 23.47 -38.83 -24.51
C GLU B 503 24.34 -38.23 -23.44
N THR B 504 25.16 -37.22 -23.75
CA THR B 504 25.95 -36.54 -22.76
C THR B 504 25.10 -35.76 -21.77
N ASP B 505 23.95 -35.25 -22.22
CA ASP B 505 23.03 -34.55 -21.34
C ASP B 505 22.24 -35.49 -20.43
N LYS B 506 21.85 -36.67 -20.93
CA LYS B 506 21.21 -37.62 -20.05
C LYS B 506 22.12 -38.06 -18.92
N ILE B 507 23.43 -38.17 -19.18
CA ILE B 507 24.36 -38.48 -18.11
C ILE B 507 24.35 -37.38 -17.05
N THR B 508 24.39 -36.12 -17.47
CA THR B 508 24.30 -35.02 -16.52
C THR B 508 23.03 -35.12 -15.69
N LEU B 509 21.91 -35.36 -16.36
CA LEU B 509 20.63 -35.39 -15.65
C LEU B 509 20.58 -36.50 -14.61
N GLU B 510 21.06 -37.69 -14.94
CA GLU B 510 21.00 -38.82 -14.03
C GLU B 510 22.04 -38.77 -12.94
N VAL B 511 23.25 -38.28 -13.23
CA VAL B 511 24.28 -38.13 -12.21
C VAL B 511 23.86 -37.00 -11.28
N ALA B 512 23.33 -35.92 -11.86
CA ALA B 512 22.82 -34.85 -11.02
C ALA B 512 21.76 -35.35 -10.06
N LYS B 513 20.87 -36.25 -10.51
CA LYS B 513 19.95 -36.89 -9.59
C LYS B 513 20.71 -37.68 -8.53
N LEU B 514 21.72 -38.44 -8.95
CA LEU B 514 22.55 -39.18 -8.01
C LEU B 514 23.07 -38.25 -6.92
N ILE B 515 23.60 -37.10 -7.31
CA ILE B 515 24.13 -36.15 -6.34
C ILE B 515 23.02 -35.63 -5.43
N LYS B 516 21.92 -35.20 -6.02
CA LYS B 516 20.81 -34.65 -5.26
C LYS B 516 20.30 -35.62 -4.20
N ASP B 517 20.00 -36.86 -4.59
CA ASP B 517 19.32 -37.76 -3.67
C ASP B 517 20.25 -38.36 -2.63
N ASP B 518 21.50 -38.62 -2.97
CA ASP B 518 22.40 -39.34 -2.10
C ASP B 518 23.43 -38.46 -1.39
N PHE B 519 23.77 -37.31 -1.96
CA PHE B 519 24.82 -36.46 -1.42
C PHE B 519 24.28 -35.23 -0.71
N LEU B 520 23.34 -34.50 -1.33
CA LEU B 520 22.90 -33.24 -0.75
C LEU B 520 21.94 -33.42 0.41
N GLN B 521 21.23 -34.54 0.47
CA GLN B 521 20.27 -34.77 1.53
C GLN B 521 20.77 -35.88 2.46
N GLN B 522 20.38 -35.78 3.73
CA GLN B 522 20.77 -36.76 4.72
C GLN B 522 19.75 -36.70 5.86
N ASN B 523 19.50 -37.85 6.48
CA ASN B 523 18.47 -37.94 7.52
C ASN B 523 19.15 -37.80 8.87
N GLY B 524 19.00 -36.61 9.49
CA GLY B 524 19.73 -36.29 10.70
C GLY B 524 19.27 -37.05 11.93
N TYR B 525 18.26 -37.91 11.80
CA TYR B 525 17.73 -38.67 12.93
C TYR B 525 17.97 -40.16 12.69
N THR B 526 19.19 -40.48 12.27
CA THR B 526 19.63 -41.83 11.98
C THR B 526 21.02 -41.97 12.58
N PRO B 527 21.50 -43.17 12.87
CA PRO B 527 22.86 -43.32 13.40
C PRO B 527 23.95 -43.04 12.39
N TYR B 528 23.63 -42.99 11.10
CA TYR B 528 24.64 -42.85 10.06
C TYR B 528 24.70 -41.45 9.46
N ASP B 529 23.59 -40.71 9.44
CA ASP B 529 23.61 -39.33 8.94
C ASP B 529 23.57 -38.30 10.06
N ARG B 530 23.60 -38.75 11.32
CA ARG B 530 23.52 -37.77 12.44
C ARG B 530 24.78 -36.91 12.42
N PHE B 531 25.89 -37.48 11.93
CA PHE B 531 27.12 -36.72 11.78
C PHE B 531 27.83 -37.23 10.54
N CYS B 532 28.34 -36.31 9.72
CA CYS B 532 29.04 -36.70 8.50
C CYS B 532 30.45 -36.11 8.54
N PRO B 533 31.44 -36.85 9.01
CA PRO B 533 32.80 -36.31 9.06
C PRO B 533 33.23 -35.83 7.68
N PHE B 534 33.95 -34.71 7.67
CA PHE B 534 34.30 -34.12 6.38
C PHE B 534 34.98 -35.10 5.46
N TYR B 535 35.91 -35.92 5.95
CA TYR B 535 36.62 -36.81 5.05
C TYR B 535 35.64 -37.73 4.31
N LYS B 536 34.52 -38.06 4.94
CA LYS B 536 33.53 -38.90 4.27
C LYS B 536 32.80 -38.13 3.17
N THR B 537 32.48 -36.86 3.42
CA THR B 537 31.79 -36.07 2.41
C THR B 537 32.62 -35.96 1.15
N VAL B 538 33.90 -35.65 1.29
CA VAL B 538 34.76 -35.50 0.11
C VAL B 538 35.06 -36.86 -0.49
N GLY B 539 35.15 -37.90 0.34
CA GLY B 539 35.39 -39.24 -0.18
C GLY B 539 34.29 -39.70 -1.12
N MET B 540 33.04 -39.61 -0.66
CA MET B 540 31.94 -40.11 -1.50
C MET B 540 31.68 -39.17 -2.66
N LEU B 541 31.98 -37.88 -2.52
CA LEU B 541 31.88 -36.99 -3.67
C LEU B 541 32.89 -37.36 -4.74
N SER B 542 34.11 -37.70 -4.34
CA SER B 542 35.12 -38.08 -5.31
C SER B 542 34.64 -39.23 -6.18
N ASN B 543 33.99 -40.22 -5.57
CA ASN B 543 33.49 -41.35 -6.35
C ASN B 543 32.39 -40.91 -7.30
N MET B 544 31.46 -40.10 -6.81
CA MET B 544 30.37 -39.66 -7.67
C MET B 544 30.89 -38.84 -8.86
N ILE B 545 31.85 -37.95 -8.61
CA ILE B 545 32.43 -37.18 -9.72
C ILE B 545 33.25 -38.10 -10.61
N SER B 546 34.03 -39.00 -10.03
CA SER B 546 34.80 -39.94 -10.84
C SER B 546 33.90 -40.74 -11.76
N PHE B 547 32.74 -41.19 -11.24
CA PHE B 547 31.77 -41.83 -12.12
C PHE B 547 31.35 -40.90 -13.23
N TYR B 548 31.01 -39.66 -12.90
CA TYR B 548 30.63 -38.70 -13.93
C TYR B 548 31.67 -38.63 -15.03
N ASP B 549 32.94 -38.44 -14.65
CA ASP B 549 33.99 -38.27 -15.66
C ASP B 549 34.17 -39.54 -16.49
N MET B 550 34.09 -40.71 -15.85
CA MET B 550 34.24 -41.96 -16.60
C MET B 550 33.05 -42.19 -17.51
N ALA B 551 31.83 -41.90 -17.04
CA ALA B 551 30.66 -42.07 -17.88
C ALA B 551 30.65 -41.07 -19.03
N ARG B 552 31.03 -39.82 -18.76
CA ARG B 552 31.04 -38.81 -19.81
C ARG B 552 32.12 -39.12 -20.84
N ARG B 553 33.30 -39.56 -20.40
CA ARG B 553 34.33 -39.95 -21.34
C ARG B 553 33.89 -41.17 -22.15
N ALA B 554 33.22 -42.12 -21.51
CA ALA B 554 32.85 -43.35 -22.21
C ALA B 554 31.99 -43.05 -23.43
N VAL B 555 31.06 -42.10 -23.29
CA VAL B 555 30.21 -41.73 -24.42
C VAL B 555 30.92 -40.78 -25.38
N GLU B 556 31.71 -39.84 -24.86
CA GLU B 556 32.39 -38.88 -25.73
C GLU B 556 33.37 -39.57 -26.68
N THR B 557 34.00 -40.65 -26.24
CA THR B 557 34.95 -41.35 -27.10
C THR B 557 34.28 -42.38 -28.00
N THR B 558 32.97 -42.64 -27.83
CA THR B 558 32.32 -43.67 -28.62
C THR B 558 31.15 -43.14 -29.44
N ALA B 559 30.65 -41.94 -29.13
CA ALA B 559 29.48 -41.43 -29.84
C ALA B 559 29.69 -41.37 -31.34
N GLN B 560 30.93 -41.14 -31.79
CA GLN B 560 31.24 -41.03 -33.20
C GLN B 560 31.73 -42.33 -33.82
N SER B 561 31.62 -43.44 -33.12
CA SER B 561 32.11 -44.73 -33.62
C SER B 561 30.93 -45.55 -34.15
N ASP B 562 31.12 -46.87 -34.21
CA ASP B 562 30.10 -47.74 -34.77
C ASP B 562 29.28 -48.38 -33.67
N ASN B 563 29.36 -47.82 -32.47
CA ASN B 563 28.63 -48.26 -31.29
C ASN B 563 28.83 -47.22 -30.19
N LYS B 564 27.76 -46.52 -29.86
CA LYS B 564 27.81 -45.40 -28.92
C LYS B 564 27.31 -45.95 -27.59
N ILE B 565 28.06 -45.67 -26.53
CA ILE B 565 27.65 -46.12 -25.20
C ILE B 565 26.62 -45.14 -24.63
N THR B 566 25.35 -45.37 -24.96
CA THR B 566 24.28 -44.53 -24.47
C THR B 566 23.96 -44.89 -23.02
N TRP B 567 23.14 -44.06 -22.40
CA TRP B 567 22.85 -44.25 -20.98
C TRP B 567 22.30 -45.65 -20.73
N SER B 568 21.42 -46.13 -21.62
CA SER B 568 20.77 -47.41 -21.41
C SER B 568 21.76 -48.56 -21.41
N ILE B 569 22.93 -48.39 -22.05
CA ILE B 569 23.90 -49.47 -22.13
C ILE B 569 24.73 -49.47 -20.84
N ILE B 570 25.16 -48.28 -20.41
CA ILE B 570 25.94 -48.20 -19.19
C ILE B 570 25.06 -48.50 -17.99
N ARG B 571 23.78 -48.12 -18.06
CA ARG B 571 22.89 -48.35 -16.94
C ARG B 571 22.70 -49.85 -16.69
N GLU B 572 22.50 -50.63 -17.74
CA GLU B 572 22.31 -52.06 -17.57
C GLU B 572 23.62 -52.75 -17.22
N HIS B 573 24.72 -52.32 -17.84
CA HIS B 573 26.02 -52.92 -17.54
C HIS B 573 26.49 -52.62 -16.12
N MET B 574 26.31 -51.40 -15.64
CA MET B 574 26.78 -51.02 -14.31
C MET B 574 25.64 -50.80 -13.32
N GLY B 575 24.50 -51.48 -13.47
CA GLY B 575 23.38 -51.18 -12.53
C GLY B 575 23.76 -51.39 -11.07
N GLU B 576 24.60 -52.38 -10.79
CA GLU B 576 25.07 -52.63 -9.40
C GLU B 576 25.87 -51.44 -8.86
N ILE B 577 26.64 -50.76 -9.71
CA ILE B 577 27.47 -49.61 -9.24
C ILE B 577 26.53 -48.48 -8.83
N LEU B 578 25.50 -48.19 -9.64
CA LEU B 578 24.57 -47.08 -9.33
C LEU B 578 23.89 -47.33 -7.99
N TYR B 579 23.49 -48.58 -7.72
CA TYR B 579 22.92 -48.87 -6.37
C TYR B 579 23.98 -48.69 -5.27
N LYS B 580 25.17 -49.25 -5.45
CA LYS B 580 26.25 -49.12 -4.43
C LYS B 580 26.51 -47.63 -4.17
N LEU B 581 26.55 -46.81 -5.22
CA LEU B 581 26.84 -45.36 -5.05
C LEU B 581 25.78 -44.77 -4.13
N SER B 582 24.52 -45.15 -4.32
CA SER B 582 23.43 -44.62 -3.45
C SER B 582 23.57 -45.13 -2.01
N SER B 583 24.15 -46.32 -1.82
CA SER B 583 24.28 -46.89 -0.45
C SER B 583 25.43 -46.26 0.33
N MET B 584 26.25 -45.43 -0.32
CA MET B 584 27.52 -44.95 0.30
C MET B 584 27.26 -44.12 1.56
N LYS B 585 26.02 -43.66 1.73
CA LYS B 585 25.65 -42.79 2.88
C LYS B 585 25.55 -43.67 4.11
N PHE B 586 25.22 -44.95 3.90
CA PHE B 586 24.85 -45.85 5.03
C PHE B 586 26.13 -46.47 5.57
N LYS B 587 27.03 -45.62 6.09
CA LYS B 587 28.37 -46.14 6.51
C LYS B 587 28.51 -46.11 8.04
N ASP B 588 27.60 -45.46 8.75
CA ASP B 588 27.66 -45.40 10.24
C ASP B 588 29.09 -45.16 10.73
N PRO B 589 29.62 -43.92 10.67
CA PRO B 589 31.00 -43.65 11.11
C PRO B 589 31.29 -44.02 12.57
N VAL B 590 30.26 -44.14 13.42
CA VAL B 590 30.54 -44.51 14.84
C VAL B 590 30.84 -46.01 14.93
N LYS B 591 30.05 -46.87 14.28
CA LYS B 591 30.33 -48.33 14.25
C LYS B 591 31.49 -48.67 13.32
N ASP B 592 31.51 -48.11 12.11
CA ASP B 592 32.60 -48.38 11.14
C ASP B 592 33.48 -47.14 11.03
N GLY B 593 34.73 -47.19 11.49
CA GLY B 593 35.53 -46.00 11.53
C GLY B 593 36.14 -45.62 10.18
N GLU B 594 37.04 -44.65 10.24
CA GLU B 594 37.64 -44.06 9.04
C GLU B 594 38.25 -45.14 8.14
N ALA B 595 38.95 -46.10 8.74
CA ALA B 595 39.65 -47.11 7.95
C ALA B 595 38.70 -47.91 7.08
N LYS B 596 37.52 -48.26 7.62
CA LYS B 596 36.57 -49.06 6.83
C LYS B 596 35.91 -48.21 5.76
N ILE B 597 35.61 -46.94 6.08
CA ILE B 597 34.92 -46.09 5.12
C ILE B 597 35.83 -45.78 3.93
N LYS B 598 37.09 -45.47 4.19
CA LYS B 598 38.01 -45.19 3.09
C LYS B 598 38.26 -46.43 2.25
N ALA B 599 38.44 -47.58 2.91
CA ALA B 599 38.64 -48.82 2.17
C ALA B 599 37.42 -49.16 1.32
N ASP B 600 36.23 -48.96 1.86
CA ASP B 600 35.00 -49.21 1.12
C ASP B 600 34.88 -48.29 -0.08
N TYR B 601 35.12 -46.99 0.12
CA TYR B 601 35.05 -46.06 -1.00
C TYR B 601 36.11 -46.37 -2.05
N ALA B 602 37.33 -46.70 -1.61
CA ALA B 602 38.37 -47.04 -2.57
C ALA B 602 38.00 -48.27 -3.39
N GLN B 603 37.39 -49.28 -2.77
CA GLN B 603 37.01 -50.48 -3.48
C GLN B 603 35.94 -50.20 -4.53
N LEU B 604 34.97 -49.34 -4.20
CA LEU B 604 33.93 -49.02 -5.18
C LEU B 604 34.51 -48.31 -6.38
N LEU B 605 35.48 -47.42 -6.15
CA LEU B 605 36.15 -46.76 -7.27
C LEU B 605 36.86 -47.76 -8.16
N GLU B 606 37.57 -48.72 -7.57
CA GLU B 606 38.20 -49.75 -8.39
C GLU B 606 37.16 -50.57 -9.14
N ASP B 607 36.04 -50.92 -8.49
CA ASP B 607 35.02 -51.72 -9.16
C ASP B 607 34.48 -50.98 -10.38
N MET B 608 34.25 -49.68 -10.24
CA MET B 608 33.77 -48.89 -11.37
C MET B 608 34.77 -48.88 -12.51
N GLN B 609 36.03 -48.61 -12.19
CA GLN B 609 37.07 -48.53 -13.22
C GLN B 609 37.17 -49.84 -14.00
N ASN B 610 37.04 -50.97 -13.31
CA ASN B 610 37.05 -52.25 -14.00
C ASN B 610 35.81 -52.42 -14.88
N ALA B 611 34.65 -51.94 -14.44
CA ALA B 611 33.44 -52.08 -15.25
C ALA B 611 33.58 -51.32 -16.56
N PHE B 612 34.18 -50.14 -16.53
CA PHE B 612 34.35 -49.37 -17.76
C PHE B 612 35.31 -50.07 -18.71
N ARG B 613 36.38 -50.65 -18.18
CA ARG B 613 37.33 -51.35 -19.03
C ARG B 613 36.65 -52.49 -19.78
N SER B 614 35.69 -53.16 -19.13
CA SER B 614 34.96 -54.24 -19.80
C SER B 614 33.84 -53.72 -20.68
N LEU B 615 33.44 -52.46 -20.47
CA LEU B 615 32.32 -51.90 -21.22
C LEU B 615 32.82 -51.27 -22.53
N GLU B 616 33.88 -50.48 -22.44
CA GLU B 616 34.35 -49.70 -23.59
C GLU B 616 35.40 -50.47 -24.38
N THR C 17 7.24 46.01 7.69
CA THR C 17 7.90 45.51 6.49
C THR C 17 9.15 44.71 6.83
N PHE C 18 9.52 44.72 8.11
CA PHE C 18 10.66 43.95 8.60
C PHE C 18 10.18 42.94 9.64
N GLY C 19 9.96 41.72 9.19
CA GLY C 19 9.50 40.68 10.10
C GLY C 19 10.68 39.96 10.72
N TYR C 20 10.40 38.87 11.43
CA TYR C 20 11.46 38.12 12.09
C TYR C 20 11.32 36.64 11.78
N VAL C 21 12.46 35.94 11.73
CA VAL C 21 12.42 34.49 11.56
C VAL C 21 12.02 33.83 12.87
N HIS C 22 11.02 32.96 12.81
CA HIS C 22 10.59 32.20 13.97
C HIS C 22 11.09 30.76 13.98
N GLY C 23 11.26 30.10 12.84
CA GLY C 23 11.75 28.74 12.86
C GLY C 23 12.14 28.08 11.56
N VAL C 24 13.40 27.63 11.41
CA VAL C 24 13.86 27.09 10.14
C VAL C 24 13.84 25.58 10.14
N SER C 25 13.21 24.99 9.12
CA SER C 25 13.19 23.54 8.95
C SER C 25 13.44 23.25 7.48
N GLY C 26 14.66 22.83 7.15
CA GLY C 26 15.06 22.67 5.77
C GLY C 26 14.95 23.99 5.04
N PRO C 27 14.42 23.96 3.83
CA PRO C 27 14.28 25.19 3.03
C PRO C 27 13.00 25.95 3.34
N VAL C 28 12.32 25.54 4.39
CA VAL C 28 11.03 26.10 4.79
C VAL C 28 11.27 26.94 6.04
N VAL C 29 10.96 28.22 5.99
CA VAL C 29 11.22 29.10 7.12
C VAL C 29 9.91 29.67 7.64
N THR C 30 9.67 29.51 8.94
CA THR C 30 8.50 30.10 9.58
C THR C 30 8.88 31.48 10.09
N ALA C 31 8.09 32.49 9.73
CA ALA C 31 8.34 33.85 10.18
C ALA C 31 7.21 34.32 11.08
N CYS C 32 7.39 35.47 11.72
CA CYS C 32 6.39 36.06 12.59
C CYS C 32 6.42 37.57 12.40
N ASP C 33 5.38 38.23 12.92
CA ASP C 33 5.24 39.68 12.81
C ASP C 33 5.18 40.11 11.35
N MET C 34 4.34 39.43 10.58
CA MET C 34 4.09 39.72 9.17
C MET C 34 2.60 39.74 8.88
N ALA C 35 1.85 40.48 9.69
CA ALA C 35 0.40 40.47 9.65
C ALA C 35 -0.16 40.92 8.32
N GLY C 36 0.51 41.85 7.65
CA GLY C 36 0.00 42.37 6.38
C GLY C 36 0.47 41.65 5.13
N ALA C 37 1.16 40.52 5.28
CA ALA C 37 1.74 39.85 4.12
C ALA C 37 0.66 39.17 3.28
N ALA C 38 0.94 39.04 2.00
CA ALA C 38 0.05 38.33 1.08
C ALA C 38 0.77 37.10 0.54
N MET C 39 0.02 36.11 0.08
CA MET C 39 0.58 34.87 -0.40
C MET C 39 1.42 35.14 -1.65
N TYR C 40 2.57 34.47 -1.70
CA TYR C 40 3.47 34.50 -2.84
C TYR C 40 4.08 35.87 -3.08
N GLU C 41 4.14 36.69 -2.05
CA GLU C 41 4.99 37.87 -2.05
C GLU C 41 6.44 37.43 -1.82
N LEU C 42 7.37 38.10 -2.50
CA LEU C 42 8.79 37.86 -2.33
C LEU C 42 9.24 38.41 -0.98
N VAL C 43 10.12 37.68 -0.30
CA VAL C 43 10.75 38.14 0.91
C VAL C 43 12.25 37.89 0.81
N ARG C 44 13.00 38.58 1.65
CA ARG C 44 14.43 38.35 1.79
C ARG C 44 14.67 37.92 3.23
N VAL C 45 15.07 36.66 3.40
CA VAL C 45 15.22 36.08 4.72
C VAL C 45 16.70 36.07 5.10
N GLY C 46 16.98 36.56 6.30
CA GLY C 46 18.32 36.50 6.85
C GLY C 46 19.17 37.71 6.54
N HIS C 47 20.37 37.76 7.15
CA HIS C 47 21.23 38.92 6.96
C HIS C 47 21.90 38.91 5.59
N SER C 48 21.83 37.78 4.87
CA SER C 48 22.28 37.72 3.49
C SER C 48 21.16 37.97 2.49
N GLU C 49 19.94 38.23 2.96
CA GLU C 49 18.79 38.53 2.12
C GLU C 49 18.52 37.40 1.12
N LEU C 50 18.33 36.21 1.66
CA LEU C 50 18.07 35.03 0.86
C LEU C 50 16.68 35.15 0.23
N VAL C 51 16.57 34.74 -1.03
CA VAL C 51 15.33 34.88 -1.79
C VAL C 51 14.35 33.81 -1.35
N GLY C 52 13.12 34.22 -1.06
CA GLY C 52 12.06 33.28 -0.74
C GLY C 52 10.70 33.88 -1.00
N GLU C 53 9.64 33.09 -0.86
CA GLU C 53 8.29 33.58 -1.06
C GLU C 53 7.37 32.95 -0.03
N ILE C 54 6.27 33.65 0.29
CA ILE C 54 5.35 33.15 1.29
C ILE C 54 4.42 32.14 0.64
N ILE C 55 4.31 30.96 1.24
CA ILE C 55 3.47 29.91 0.69
C ILE C 55 2.10 29.97 1.35
N ARG C 56 2.08 30.16 2.67
CA ARG C 56 0.82 30.18 3.39
C ARG C 56 1.00 31.02 4.64
N LEU C 57 -0.11 31.49 5.19
CA LEU C 57 -0.10 32.36 6.35
C LEU C 57 -1.04 31.79 7.40
N GLU C 58 -0.61 31.90 8.66
CA GLU C 58 -1.41 31.50 9.81
C GLU C 58 -1.36 32.64 10.81
N GLY C 59 -2.45 33.37 10.95
CA GLY C 59 -2.42 34.58 11.73
C GLY C 59 -1.42 35.56 11.15
N ASP C 60 -0.54 36.08 11.99
CA ASP C 60 0.52 36.99 11.54
C ASP C 60 1.83 36.26 11.28
N MET C 61 1.81 34.93 11.23
CA MET C 61 3.00 34.14 10.96
C MET C 61 2.95 33.61 9.54
N ALA C 62 4.03 33.77 8.80
CA ALA C 62 4.11 33.33 7.42
C ALA C 62 5.03 32.13 7.29
N THR C 63 4.68 31.21 6.40
CA THR C 63 5.55 30.10 6.00
C THR C 63 6.20 30.43 4.66
N ILE C 64 7.53 30.53 4.68
CA ILE C 64 8.34 31.03 3.57
C ILE C 64 9.12 29.91 2.91
N GLN C 65 9.03 29.81 1.58
CA GLN C 65 9.83 28.89 0.78
C GLN C 65 11.08 29.63 0.31
N VAL C 66 12.26 29.14 0.70
CA VAL C 66 13.50 29.81 0.33
C VAL C 66 14.18 29.09 -0.83
N TYR C 67 14.71 29.90 -1.75
CA TYR C 67 15.30 29.41 -2.99
C TYR C 67 16.82 29.24 -2.88
N GLU C 68 17.35 29.21 -1.66
CA GLU C 68 18.78 29.08 -1.43
C GLU C 68 18.99 28.22 -0.20
N GLU C 69 20.26 27.92 0.10
CA GLU C 69 20.56 27.15 1.29
C GLU C 69 20.19 27.96 2.54
N THR C 70 19.59 27.28 3.51
CA THR C 70 19.19 27.94 4.74
C THR C 70 20.17 27.74 5.89
N SER C 71 21.26 27.02 5.68
CA SER C 71 22.27 26.84 6.72
C SER C 71 22.74 28.18 7.24
N GLY C 72 22.76 28.32 8.57
CA GLY C 72 23.21 29.54 9.20
C GLY C 72 22.15 30.57 9.48
N VAL C 73 20.91 30.37 9.02
CA VAL C 73 19.83 31.30 9.30
C VAL C 73 19.41 31.09 10.75
N SER C 74 19.29 32.19 11.48
CA SER C 74 19.02 32.12 12.90
C SER C 74 17.59 32.56 13.20
N VAL C 75 17.04 32.08 14.31
CA VAL C 75 15.81 32.64 14.83
C VAL C 75 16.03 34.09 15.24
N GLY C 76 15.09 34.95 14.85
CA GLY C 76 15.24 36.37 15.02
C GLY C 76 15.88 37.10 13.85
N ASP C 77 16.42 36.38 12.86
CA ASP C 77 16.91 37.20 11.78
C ASP C 77 15.78 38.03 11.17
N PRO C 78 16.10 39.17 10.55
CA PRO C 78 15.07 39.95 9.88
C PRO C 78 14.56 39.27 8.62
N VAL C 79 13.31 39.59 8.28
CA VAL C 79 12.69 39.21 7.03
C VAL C 79 12.19 40.49 6.37
N LEU C 80 12.73 40.82 5.21
CA LEU C 80 12.30 42.00 4.47
C LEU C 80 11.20 41.61 3.50
N ARG C 81 10.03 42.22 3.65
CA ARG C 81 8.87 41.87 2.82
C ARG C 81 8.77 42.85 1.67
N THR C 82 8.59 42.33 0.46
CA THR C 82 8.36 43.19 -0.69
C THR C 82 6.93 43.01 -1.20
N GLY C 83 6.53 43.91 -2.08
CA GLY C 83 5.16 43.89 -2.55
C GLY C 83 4.94 43.18 -3.87
N LYS C 84 5.94 42.47 -4.35
CA LYS C 84 5.88 41.86 -5.65
C LYS C 84 6.06 40.35 -5.57
N PRO C 85 5.32 39.59 -6.38
CA PRO C 85 5.56 38.15 -6.45
C PRO C 85 6.80 37.82 -7.28
N LEU C 86 7.17 36.55 -7.34
CA LEU C 86 8.28 36.14 -8.19
C LEU C 86 7.98 36.56 -9.62
N SER C 87 8.89 37.30 -10.24
CA SER C 87 8.65 37.91 -11.54
C SER C 87 9.93 37.91 -12.35
N VAL C 88 9.80 38.12 -13.64
CA VAL C 88 10.96 38.19 -14.51
C VAL C 88 11.06 39.60 -15.07
N GLU C 89 12.30 40.08 -15.19
CA GLU C 89 12.62 41.33 -15.86
C GLU C 89 12.66 41.06 -17.36
N LEU C 90 11.82 41.75 -18.11
CA LEU C 90 11.66 41.53 -19.53
C LEU C 90 12.03 42.78 -20.31
N GLY C 91 13.06 42.66 -21.13
CA GLY C 91 13.56 43.78 -21.89
C GLY C 91 14.84 43.41 -22.63
N PRO C 92 15.45 44.39 -23.28
CA PRO C 92 16.66 44.11 -24.05
C PRO C 92 17.75 43.52 -23.16
N GLY C 93 18.48 42.56 -23.73
CA GLY C 93 19.55 41.89 -23.02
C GLY C 93 19.25 40.48 -22.59
N ILE C 94 18.12 39.91 -23.01
CA ILE C 94 17.78 38.53 -22.71
C ILE C 94 18.49 37.54 -23.64
N MET C 95 18.49 37.81 -24.94
CA MET C 95 18.93 36.86 -25.94
C MET C 95 20.44 36.70 -25.87
N GLY C 96 20.90 35.44 -25.87
CA GLY C 96 22.29 35.12 -25.69
C GLY C 96 22.71 34.93 -24.25
N ALA C 97 21.83 35.23 -23.31
CA ALA C 97 22.17 35.08 -21.90
C ALA C 97 21.69 33.73 -21.37
N ILE C 98 22.40 33.24 -20.36
CA ILE C 98 22.04 32.01 -19.67
C ILE C 98 21.55 32.41 -18.28
N PHE C 99 20.34 31.99 -17.95
CA PHE C 99 19.71 32.38 -16.70
C PHE C 99 19.52 31.19 -15.78
N ASP C 100 19.57 31.50 -14.48
CA ASP C 100 19.21 30.60 -13.36
C ASP C 100 17.69 30.37 -13.37
N GLY C 101 17.23 29.35 -12.64
CA GLY C 101 15.83 29.02 -12.55
C GLY C 101 14.91 30.12 -12.05
N ILE C 102 15.45 31.08 -11.30
CA ILE C 102 14.67 32.21 -10.83
C ILE C 102 15.21 33.49 -11.46
N GLN C 103 15.72 33.38 -12.69
CA GLN C 103 16.11 34.53 -13.50
C GLN C 103 17.33 35.23 -12.89
N ARG C 104 18.46 34.52 -12.82
CA ARG C 104 19.71 35.17 -12.37
C ARG C 104 20.77 34.86 -13.42
N PRO C 105 21.39 35.89 -14.11
CA PRO C 105 22.38 35.75 -15.20
C PRO C 105 23.66 35.13 -14.67
N LEU C 106 23.99 33.94 -15.17
CA LEU C 106 25.15 33.22 -14.67
C LEU C 106 26.44 33.81 -15.19
N SER C 107 26.42 34.39 -16.40
CA SER C 107 27.63 34.96 -16.96
C SER C 107 27.99 36.28 -16.28
N ASP C 108 26.98 36.99 -15.76
CA ASP C 108 27.25 38.25 -15.08
C ASP C 108 27.68 38.01 -13.64
N ILE C 109 27.13 36.98 -13.00
CA ILE C 109 27.58 36.61 -11.66
C ILE C 109 29.05 36.21 -11.68
N SER C 110 29.43 35.40 -12.68
CA SER C 110 30.83 35.01 -12.80
C SER C 110 31.74 36.21 -13.01
N SER C 111 31.42 37.08 -13.97
CA SER C 111 32.31 38.18 -14.30
C SER C 111 32.33 39.24 -13.21
N GLN C 112 31.22 39.44 -12.51
CA GLN C 112 31.20 40.42 -11.43
C GLN C 112 31.79 39.86 -10.15
N THR C 113 31.67 38.55 -9.94
CA THR C 113 32.21 37.94 -8.72
C THR C 113 33.63 37.43 -8.89
N GLN C 114 34.06 37.16 -10.11
CA GLN C 114 35.37 36.61 -10.42
C GLN C 114 35.66 35.30 -9.70
N SER C 115 34.70 34.39 -9.66
CA SER C 115 34.86 33.11 -8.98
C SER C 115 34.01 32.06 -9.66
N ILE C 116 34.45 30.81 -9.55
CA ILE C 116 33.67 29.67 -10.05
C ILE C 116 32.42 29.42 -9.23
N TYR C 117 32.31 30.01 -8.06
CA TYR C 117 31.22 29.74 -7.13
C TYR C 117 30.14 30.80 -7.26
N ILE C 118 28.89 30.41 -7.00
CA ILE C 118 27.79 31.42 -6.96
C ILE C 118 27.59 31.79 -5.50
N PRO C 119 27.82 33.08 -5.02
CA PRO C 119 27.61 33.53 -3.65
C PRO C 119 26.16 33.38 -3.23
N ARG C 120 25.96 33.10 -1.95
CA ARG C 120 24.61 33.08 -1.39
C ARG C 120 24.14 34.50 -1.10
N GLY C 121 22.92 34.82 -1.54
CA GLY C 121 22.44 36.18 -1.44
C GLY C 121 22.97 37.12 -2.50
N VAL C 122 23.33 36.57 -3.65
CA VAL C 122 23.86 37.39 -4.74
C VAL C 122 22.71 38.13 -5.41
N ASN C 123 22.94 39.41 -5.73
CA ASN C 123 21.92 40.26 -6.31
C ASN C 123 22.41 40.91 -7.60
N VAL C 124 22.42 40.15 -8.69
CA VAL C 124 22.79 40.73 -9.98
C VAL C 124 21.53 40.98 -10.80
N SER C 125 21.38 42.21 -11.27
CA SER C 125 20.19 42.57 -12.04
C SER C 125 20.03 41.62 -13.21
N ALA C 126 18.79 41.18 -13.43
CA ALA C 126 18.54 40.17 -14.45
C ALA C 126 18.99 40.63 -15.83
N LEU C 127 18.84 41.91 -16.12
CA LEU C 127 19.26 42.51 -17.39
C LEU C 127 20.28 43.58 -17.08
N SER C 128 21.46 43.48 -17.68
CA SER C 128 22.53 44.42 -17.38
C SER C 128 22.09 45.85 -17.65
N ARG C 129 22.47 46.75 -16.75
CA ARG C 129 22.14 48.16 -16.87
C ARG C 129 23.28 48.99 -17.45
N ASP C 130 24.36 48.34 -17.89
CA ASP C 130 25.52 49.04 -18.43
C ASP C 130 25.68 48.87 -19.93
N ILE C 131 24.62 48.47 -20.64
CA ILE C 131 24.71 48.23 -22.07
C ILE C 131 23.96 49.34 -22.80
N LYS C 132 24.63 49.97 -23.75
CA LYS C 132 23.99 50.98 -24.59
C LYS C 132 23.17 50.30 -25.68
N TRP C 133 21.87 50.53 -25.65
CA TRP C 133 20.94 49.93 -26.59
C TRP C 133 20.54 50.96 -27.63
N GLU C 134 20.44 50.52 -28.88
CA GLU C 134 19.96 51.38 -29.94
C GLU C 134 18.45 51.32 -30.03
N PHE C 135 17.79 52.40 -29.61
CA PHE C 135 16.34 52.44 -29.57
C PHE C 135 15.83 53.27 -30.74
N ILE C 136 14.86 52.70 -31.47
CA ILE C 136 14.21 53.35 -32.58
C ILE C 136 12.73 53.46 -32.27
N PRO C 137 12.14 54.65 -32.19
CA PRO C 137 10.70 54.77 -31.96
C PRO C 137 9.88 54.24 -33.13
N SER C 138 8.58 54.06 -32.93
CA SER C 138 7.69 53.69 -34.01
C SER C 138 7.63 54.72 -35.14
N LYS C 139 8.07 55.96 -34.91
CA LYS C 139 8.07 57.00 -35.92
C LYS C 139 6.65 57.45 -36.30
N ASN C 140 5.65 57.05 -35.52
CA ASN C 140 4.32 57.60 -35.66
C ASN C 140 3.66 57.95 -34.34
N LEU C 141 4.33 57.72 -33.21
CA LEU C 141 3.69 57.88 -31.91
C LEU C 141 3.95 59.28 -31.36
N ARG C 142 3.09 60.20 -31.79
CA ARG C 142 3.16 61.63 -31.39
C ARG C 142 2.73 61.75 -29.93
N VAL C 143 3.29 62.75 -29.24
CA VAL C 143 2.83 63.05 -27.89
C VAL C 143 1.39 63.53 -27.95
N GLY C 144 0.56 63.01 -27.05
CA GLY C 144 -0.87 63.25 -27.11
C GLY C 144 -1.67 62.14 -27.72
N SER C 145 -1.03 61.14 -28.30
CA SER C 145 -1.74 60.01 -28.89
C SER C 145 -2.19 59.04 -27.81
N HIS C 146 -3.13 58.16 -28.16
CA HIS C 146 -3.67 57.16 -27.19
C HIS C 146 -3.09 55.78 -27.49
N ILE C 147 -2.55 55.13 -26.46
CA ILE C 147 -2.00 53.80 -26.55
C ILE C 147 -2.56 52.94 -25.42
N THR C 148 -2.52 51.63 -25.63
CA THR C 148 -3.01 50.64 -24.69
C THR C 148 -1.96 49.56 -24.50
N GLY C 149 -2.24 48.64 -23.59
CA GLY C 149 -1.29 47.58 -23.30
C GLY C 149 -1.04 46.72 -24.52
N GLY C 150 0.22 46.35 -24.71
CA GLY C 150 0.63 45.57 -25.87
C GLY C 150 1.08 46.38 -27.07
N ASP C 151 0.83 47.68 -27.11
CA ASP C 151 1.28 48.50 -28.23
C ASP C 151 2.80 48.51 -28.29
N ILE C 152 3.33 48.57 -29.49
CA ILE C 152 4.78 48.65 -29.65
C ILE C 152 5.16 50.07 -30.04
N TYR C 153 6.03 50.69 -29.25
CA TYR C 153 6.42 52.06 -29.53
C TYR C 153 7.89 52.20 -29.91
N GLY C 154 8.61 51.12 -30.13
CA GLY C 154 9.97 51.21 -30.59
C GLY C 154 10.62 49.85 -30.60
N ILE C 155 11.80 49.79 -31.22
CA ILE C 155 12.54 48.55 -31.40
C ILE C 155 13.95 48.77 -30.91
N VAL C 156 14.57 47.73 -30.36
CA VAL C 156 15.96 47.76 -29.96
C VAL C 156 16.67 46.67 -30.76
N ASN C 157 17.74 47.05 -31.46
CA ASN C 157 18.45 46.11 -32.32
C ASN C 157 19.49 45.35 -31.48
N GLU C 158 19.04 44.26 -30.86
CA GLU C 158 19.96 43.43 -30.09
C GLU C 158 21.02 42.81 -30.99
N ASN C 159 20.60 42.36 -32.17
CA ASN C 159 21.49 41.80 -33.16
C ASN C 159 20.77 41.79 -34.50
N SER C 160 21.42 41.19 -35.49
CA SER C 160 20.92 41.19 -36.86
C SER C 160 19.82 40.16 -37.10
N LEU C 161 19.55 39.32 -36.11
CA LEU C 161 18.59 38.23 -36.31
C LEU C 161 17.23 38.57 -35.70
N ILE C 162 17.19 38.89 -34.42
CA ILE C 162 15.95 39.10 -33.69
C ILE C 162 15.88 40.57 -33.32
N LYS C 163 14.81 41.25 -33.75
CA LYS C 163 14.58 42.62 -33.32
C LYS C 163 13.77 42.58 -32.04
N HIS C 164 14.23 43.28 -31.01
CA HIS C 164 13.53 43.28 -29.74
C HIS C 164 12.54 44.44 -29.67
N LYS C 165 11.26 44.09 -29.63
CA LYS C 165 10.16 45.04 -29.78
C LYS C 165 9.72 45.48 -28.39
N ILE C 166 9.68 46.79 -28.14
CA ILE C 166 9.38 47.25 -26.79
C ILE C 166 7.89 47.52 -26.69
N MET C 167 7.21 46.72 -25.88
CA MET C 167 5.76 46.76 -25.73
C MET C 167 5.37 47.58 -24.52
N LEU C 168 4.22 48.22 -24.62
CA LEU C 168 3.72 48.77 -23.38
C LEU C 168 3.32 47.62 -22.45
N PRO C 169 3.72 47.63 -21.19
CA PRO C 169 3.41 46.52 -20.31
C PRO C 169 1.91 46.29 -20.25
N PRO C 170 1.47 45.04 -20.13
CA PRO C 170 0.04 44.77 -19.96
C PRO C 170 -0.48 45.43 -18.70
N ARG C 171 -1.78 45.70 -18.70
CA ARG C 171 -2.45 46.36 -17.59
C ARG C 171 -2.00 47.80 -17.43
N SER C 172 -1.68 48.47 -18.53
CA SER C 172 -1.36 49.89 -18.51
C SER C 172 -1.84 50.52 -19.81
N ARG C 173 -2.22 51.79 -19.73
CA ARG C 173 -2.79 52.51 -20.86
C ARG C 173 -2.76 54.00 -20.52
N GLY C 174 -2.94 54.82 -21.54
CA GLY C 174 -3.10 56.25 -21.30
C GLY C 174 -2.59 57.06 -22.48
N SER C 175 -2.46 58.36 -22.24
CA SER C 175 -1.99 59.29 -23.26
C SER C 175 -0.48 59.44 -23.14
N VAL C 176 0.19 59.58 -24.29
CA VAL C 176 1.64 59.73 -24.33
C VAL C 176 1.97 61.18 -23.97
N THR C 177 2.83 61.37 -22.97
CA THR C 177 3.26 62.73 -22.65
C THR C 177 4.71 62.95 -23.06
N TYR C 178 5.50 61.87 -23.18
CA TYR C 178 6.88 61.98 -23.64
C TYR C 178 7.30 60.68 -24.31
N ILE C 179 8.01 60.80 -25.44
CA ILE C 179 8.63 59.66 -26.10
C ILE C 179 10.06 60.04 -26.44
N ALA C 180 11.01 59.18 -26.02
CA ALA C 180 12.42 59.41 -26.29
C ALA C 180 12.69 59.39 -27.79
N PRO C 181 13.52 60.31 -28.27
CA PRO C 181 13.91 60.31 -29.69
C PRO C 181 14.87 59.18 -30.01
N PRO C 182 15.12 58.90 -31.28
CA PRO C 182 16.12 57.87 -31.63
C PRO C 182 17.44 58.15 -30.95
N GLY C 183 18.05 57.10 -30.42
CA GLY C 183 19.33 57.29 -29.75
C GLY C 183 19.69 56.08 -28.91
N ASN C 184 20.82 56.20 -28.23
CA ASN C 184 21.34 55.14 -27.38
C ASN C 184 20.91 55.37 -25.95
N TYR C 185 20.23 54.39 -25.37
CA TYR C 185 19.68 54.52 -24.03
C TYR C 185 20.06 53.29 -23.22
N ASP C 186 20.13 53.44 -21.91
CA ASP C 186 20.41 52.33 -21.03
C ASP C 186 19.11 51.74 -20.51
N ALA C 187 19.23 50.65 -19.75
CA ALA C 187 18.04 49.96 -19.25
C ALA C 187 17.42 50.69 -18.05
N SER C 188 18.08 51.73 -17.56
CA SER C 188 17.54 52.54 -16.50
C SER C 188 17.01 53.89 -16.96
N ASP C 189 17.04 54.17 -18.26
CA ASP C 189 16.55 55.45 -18.74
C ASP C 189 15.04 55.40 -18.93
N VAL C 190 14.39 56.55 -18.82
CA VAL C 190 12.98 56.65 -19.13
C VAL C 190 12.81 56.84 -20.63
N VAL C 191 12.04 55.96 -21.26
CA VAL C 191 11.83 56.02 -22.70
C VAL C 191 10.43 56.56 -23.00
N LEU C 192 9.43 56.12 -22.24
CA LEU C 192 8.04 56.46 -22.52
C LEU C 192 7.41 56.95 -21.23
N GLU C 193 6.69 58.06 -21.31
CA GLU C 193 5.90 58.54 -20.19
C GLU C 193 4.46 58.66 -20.68
N LEU C 194 3.54 58.07 -19.93
CA LEU C 194 2.13 58.11 -20.29
C LEU C 194 1.31 58.53 -19.06
N GLU C 195 0.20 59.20 -19.32
CA GLU C 195 -0.65 59.70 -18.25
C GLU C 195 -2.05 59.14 -18.38
N PHE C 196 -2.54 58.59 -17.26
CA PHE C 196 -3.88 58.04 -17.18
C PHE C 196 -4.50 58.53 -15.89
N GLU C 197 -5.63 59.23 -15.99
CA GLU C 197 -6.32 59.78 -14.84
C GLU C 197 -5.39 60.65 -14.00
N GLY C 198 -4.53 61.41 -14.66
CA GLY C 198 -3.67 62.34 -13.97
C GLY C 198 -2.41 61.72 -13.40
N VAL C 199 -2.25 60.40 -13.50
CA VAL C 199 -1.09 59.71 -12.96
C VAL C 199 -0.08 59.52 -14.08
N LYS C 200 1.15 60.00 -13.86
CA LYS C 200 2.19 59.89 -14.86
C LYS C 200 3.09 58.70 -14.56
N GLU C 201 3.09 57.73 -15.46
CA GLU C 201 3.87 56.50 -15.29
C GLU C 201 5.12 56.59 -16.16
N LYS C 202 6.29 56.46 -15.53
CA LYS C 202 7.54 56.55 -16.26
C LYS C 202 8.06 55.14 -16.52
N LEU C 203 8.15 54.76 -17.78
CA LEU C 203 8.56 53.42 -18.17
C LEU C 203 9.92 53.43 -18.83
N SER C 204 10.74 52.44 -18.50
CA SER C 204 11.99 52.21 -19.22
C SER C 204 11.82 51.09 -20.24
N MET C 205 12.93 50.47 -20.65
CA MET C 205 12.85 49.41 -21.65
C MET C 205 12.59 48.05 -21.02
N VAL C 206 12.50 47.99 -19.71
CA VAL C 206 12.35 46.72 -19.01
C VAL C 206 11.03 46.73 -18.25
N GLN C 207 10.23 45.69 -18.46
CA GLN C 207 8.98 45.51 -17.75
C GLN C 207 9.11 44.29 -16.86
N VAL C 208 8.31 44.25 -15.80
CA VAL C 208 8.38 43.13 -14.88
C VAL C 208 7.04 42.40 -14.91
N TRP C 209 7.10 41.08 -15.00
CA TRP C 209 5.85 40.33 -15.04
C TRP C 209 5.92 39.09 -14.16
N PRO C 210 4.92 38.87 -13.30
CA PRO C 210 4.94 37.70 -12.42
C PRO C 210 5.01 36.42 -13.25
N VAL C 211 5.69 35.41 -12.75
CA VAL C 211 5.88 34.18 -13.49
C VAL C 211 4.62 33.33 -13.52
N ARG C 212 3.80 33.43 -12.47
CA ARG C 212 2.60 32.59 -12.38
C ARG C 212 1.40 33.24 -13.06
N GLN C 213 1.56 34.47 -13.54
CA GLN C 213 0.50 35.15 -14.27
C GLN C 213 0.65 34.90 -15.77
N VAL C 214 -0.47 34.63 -16.42
CA VAL C 214 -0.51 34.39 -17.86
C VAL C 214 -0.66 35.72 -18.58
N ARG C 215 0.24 35.98 -19.53
CA ARG C 215 0.16 37.21 -20.30
C ARG C 215 -1.06 37.15 -21.21
N PRO C 216 -1.93 38.17 -21.17
CA PRO C 216 -3.18 38.10 -21.94
C PRO C 216 -2.94 38.28 -23.43
N VAL C 217 -3.86 37.72 -24.21
CA VAL C 217 -3.88 37.87 -25.66
C VAL C 217 -5.29 38.29 -26.07
N THR C 218 -5.40 38.80 -27.30
CA THR C 218 -6.71 39.13 -27.86
C THR C 218 -7.55 37.89 -28.15
N GLU C 219 -6.95 36.85 -28.75
CA GLU C 219 -7.68 35.64 -29.06
C GLU C 219 -6.71 34.46 -29.19
N LYS C 220 -7.09 33.32 -28.66
CA LYS C 220 -6.34 32.09 -28.92
C LYS C 220 -6.88 31.41 -30.17
N LEU C 221 -6.00 31.23 -31.16
CA LEU C 221 -6.35 30.80 -32.50
C LEU C 221 -5.98 29.34 -32.73
N PRO C 222 -6.63 28.66 -33.67
CA PRO C 222 -6.22 27.31 -34.03
C PRO C 222 -4.85 27.31 -34.69
N ALA C 223 -4.13 26.22 -34.44
CA ALA C 223 -2.77 26.00 -35.00
C ALA C 223 -2.90 25.34 -36.37
N ASN C 224 -2.58 26.07 -37.43
CA ASN C 224 -2.85 25.58 -38.78
C ASN C 224 -1.62 25.46 -39.66
N HIS C 225 -0.44 25.75 -39.10
CA HIS C 225 0.82 25.64 -39.87
C HIS C 225 1.79 24.70 -39.15
N PRO C 226 2.41 23.72 -39.85
CA PRO C 226 3.23 22.71 -39.18
C PRO C 226 4.55 23.23 -38.62
N LEU C 227 5.07 22.60 -37.56
CA LEU C 227 6.44 22.92 -37.07
C LEU C 227 7.40 21.84 -37.55
N LEU C 228 7.99 22.04 -38.74
CA LEU C 228 8.74 21.01 -39.46
C LEU C 228 10.03 20.74 -38.68
N THR C 229 10.40 19.47 -38.64
CA THR C 229 11.60 19.08 -37.93
C THR C 229 12.50 18.23 -38.82
N GLY C 230 13.65 17.81 -38.28
CA GLY C 230 14.62 17.12 -39.13
C GLY C 230 14.39 15.63 -39.17
N GLN C 231 13.49 15.13 -38.32
CA GLN C 231 13.32 13.66 -38.20
C GLN C 231 12.16 13.18 -39.08
N ARG C 232 12.42 12.20 -39.97
CA ARG C 232 11.37 11.69 -40.83
C ARG C 232 10.28 10.96 -40.06
N VAL C 233 10.62 10.29 -38.95
CA VAL C 233 9.64 9.46 -38.26
C VAL C 233 8.51 10.33 -37.73
N LEU C 234 8.81 11.58 -37.42
CA LEU C 234 7.95 12.50 -36.70
C LEU C 234 6.99 13.12 -37.70
N ASP C 235 7.51 13.85 -38.68
CA ASP C 235 6.78 14.56 -39.73
C ASP C 235 5.98 13.69 -40.69
N ALA C 236 6.38 12.43 -40.89
CA ALA C 236 5.63 11.56 -41.80
C ALA C 236 4.47 10.87 -41.09
N LEU C 237 4.49 10.87 -39.76
CA LEU C 237 3.57 10.03 -39.00
C LEU C 237 2.82 10.79 -37.92
N PHE C 238 3.51 11.63 -37.16
CA PHE C 238 2.99 12.26 -35.94
C PHE C 238 3.39 13.72 -35.93
N PRO C 239 2.83 14.53 -36.82
CA PRO C 239 3.32 15.90 -36.97
C PRO C 239 3.08 16.73 -35.73
N CYS C 240 3.97 17.70 -35.50
CA CYS C 240 3.73 18.75 -34.48
C CYS C 240 3.41 20.06 -35.19
N VAL C 241 2.60 20.92 -34.57
CA VAL C 241 2.15 22.15 -35.26
C VAL C 241 2.67 23.37 -34.50
N GLN C 242 2.89 24.48 -35.19
CA GLN C 242 3.31 25.74 -34.52
C GLN C 242 2.24 26.07 -33.49
N GLY C 243 2.63 26.26 -32.23
CA GLY C 243 1.61 26.51 -31.19
C GLY C 243 1.06 25.21 -30.66
N GLY C 244 1.65 24.09 -31.09
CA GLY C 244 1.18 22.77 -30.64
C GLY C 244 1.74 22.42 -29.28
N THR C 245 1.09 21.51 -28.56
CA THR C 245 1.68 21.07 -27.31
C THR C 245 1.97 19.58 -27.38
N THR C 246 3.25 19.22 -27.20
CA THR C 246 3.70 17.83 -27.30
C THR C 246 4.57 17.44 -26.13
N ALA C 247 4.91 16.15 -26.04
CA ALA C 247 5.89 15.69 -25.05
C ALA C 247 6.71 14.57 -25.68
N ILE C 248 7.99 14.52 -25.30
CA ILE C 248 8.96 13.48 -25.74
C ILE C 248 9.51 12.81 -24.48
N PRO C 249 9.11 11.56 -24.15
CA PRO C 249 9.66 10.88 -22.99
C PRO C 249 11.19 10.84 -23.03
N GLY C 250 11.83 10.96 -21.86
CA GLY C 250 13.30 10.98 -21.79
C GLY C 250 13.91 9.62 -22.11
N ALA C 251 15.02 9.60 -22.86
CA ALA C 251 15.74 8.35 -23.15
C ALA C 251 17.06 8.66 -23.84
N PHE C 252 18.19 8.25 -23.26
CA PHE C 252 19.48 8.67 -23.76
C PHE C 252 19.76 8.07 -25.14
N GLY C 253 20.20 8.94 -26.05
CA GLY C 253 20.66 8.50 -27.35
C GLY C 253 19.56 8.22 -28.34
N CYS C 254 18.32 8.30 -27.87
CA CYS C 254 17.12 7.92 -28.66
C CYS C 254 16.72 9.09 -29.54
N GLY C 255 17.46 10.20 -29.47
CA GLY C 255 17.08 11.37 -30.24
C GLY C 255 16.67 12.55 -29.38
N LYS C 256 16.60 12.37 -28.06
CA LYS C 256 16.22 13.47 -27.19
C LYS C 256 17.03 14.72 -27.47
N THR C 257 18.37 14.60 -27.53
CA THR C 257 19.22 15.75 -27.79
C THR C 257 19.38 16.05 -29.28
N VAL C 258 19.16 15.08 -30.17
CA VAL C 258 19.21 15.38 -31.60
C VAL C 258 18.03 16.24 -32.00
N ILE C 259 16.84 15.94 -31.47
CA ILE C 259 15.68 16.78 -31.76
C ILE C 259 15.86 18.16 -31.17
N SER C 260 16.34 18.26 -29.93
CA SER C 260 16.58 19.57 -29.34
C SER C 260 17.53 20.39 -30.19
N GLN C 261 18.64 19.80 -30.62
CA GLN C 261 19.59 20.55 -31.43
C GLN C 261 19.08 20.81 -32.84
N SER C 262 18.42 19.81 -33.46
CA SER C 262 17.89 20.00 -34.84
C SER C 262 16.79 21.06 -34.81
N LEU C 263 15.96 20.99 -33.77
CA LEU C 263 14.91 21.97 -33.54
C LEU C 263 15.47 23.37 -33.45
N SER C 264 16.65 23.51 -32.84
CA SER C 264 17.27 24.83 -32.72
C SER C 264 17.78 25.33 -34.05
N LYS C 265 18.32 24.45 -34.88
CA LYS C 265 19.10 24.89 -36.04
C LYS C 265 18.23 25.07 -37.28
N TYR C 266 17.32 24.12 -37.50
CA TYR C 266 16.67 23.98 -38.82
C TYR C 266 15.20 24.43 -38.77
N SER C 267 14.61 24.46 -37.58
CA SER C 267 13.15 24.46 -37.44
C SER C 267 12.54 25.72 -38.02
N ASN C 268 11.24 25.64 -38.31
CA ASN C 268 10.43 26.80 -38.77
C ASN C 268 10.04 27.64 -37.55
N SER C 269 11.01 28.28 -36.89
CA SER C 269 10.72 29.11 -35.70
C SER C 269 11.75 30.24 -35.58
N ASP C 270 11.39 31.30 -34.86
CA ASP C 270 12.23 32.48 -34.69
C ASP C 270 13.05 32.47 -33.42
N VAL C 271 12.47 32.08 -32.28
CA VAL C 271 13.13 32.19 -30.99
C VAL C 271 13.10 30.81 -30.34
N ILE C 272 14.26 30.36 -29.86
CA ILE C 272 14.39 29.05 -29.24
C ILE C 272 14.63 29.26 -27.75
N ILE C 273 13.87 28.58 -26.91
CA ILE C 273 14.09 28.62 -25.47
C ILE C 273 14.22 27.18 -24.99
N TYR C 274 15.32 26.85 -24.32
CA TYR C 274 15.48 25.53 -23.72
C TYR C 274 15.60 25.74 -22.22
N VAL C 275 14.74 25.11 -21.44
CA VAL C 275 14.71 25.32 -20.00
C VAL C 275 15.07 24.01 -19.31
N GLY C 276 16.07 24.07 -18.43
CA GLY C 276 16.40 22.93 -17.60
C GLY C 276 15.67 23.00 -16.28
N CYS C 277 15.22 21.86 -15.78
CA CYS C 277 14.58 21.82 -14.48
C CYS C 277 15.48 21.15 -13.43
N GLY C 278 15.91 19.92 -13.70
CA GLY C 278 16.84 19.27 -12.82
C GLY C 278 17.99 18.59 -13.54
N GLU C 279 18.70 19.32 -14.38
CA GLU C 279 19.66 18.73 -15.31
C GLU C 279 20.89 18.28 -14.54
N ARG C 280 21.55 17.25 -15.07
CA ARG C 280 22.81 16.78 -14.50
C ARG C 280 23.92 17.77 -14.83
N GLY C 281 24.83 17.98 -13.87
CA GLY C 281 25.91 18.93 -13.99
C GLY C 281 26.64 18.92 -15.32
N ASN C 282 27.07 17.74 -15.77
CA ASN C 282 27.82 17.67 -17.02
C ASN C 282 26.91 17.82 -18.24
N GLU C 283 25.68 17.33 -18.14
CA GLU C 283 24.73 17.56 -19.24
C GLU C 283 24.44 19.04 -19.41
N MET C 284 24.33 19.77 -18.30
CA MET C 284 24.19 21.22 -18.37
C MET C 284 25.43 21.83 -19.02
N SER C 285 26.61 21.34 -18.66
CA SER C 285 27.82 21.85 -19.29
C SER C 285 27.83 21.54 -20.79
N GLU C 286 27.42 20.34 -21.18
CA GLU C 286 27.39 19.99 -22.59
C GLU C 286 26.54 20.97 -23.37
N VAL C 287 25.35 21.28 -22.86
CA VAL C 287 24.47 22.24 -23.54
C VAL C 287 25.13 23.61 -23.58
N LEU C 288 25.72 24.04 -22.47
CA LEU C 288 26.39 25.33 -22.42
C LEU C 288 27.60 25.41 -23.31
N ARG C 289 28.35 24.32 -23.45
CA ARG C 289 29.48 24.28 -24.37
C ARG C 289 29.03 24.38 -25.82
N ASP C 290 27.99 23.65 -26.20
CA ASP C 290 27.49 23.72 -27.56
C ASP C 290 26.78 25.03 -27.86
N PHE C 291 26.11 25.61 -27.03
CA PHE C 291 25.35 26.85 -27.18
C PHE C 291 26.10 27.95 -27.92
N PRO C 292 27.31 28.37 -27.52
CA PRO C 292 27.97 29.43 -28.30
C PRO C 292 28.63 28.92 -29.56
N GLU C 293 28.69 27.60 -29.76
CA GLU C 293 29.44 27.03 -30.87
C GLU C 293 28.54 26.56 -32.00
N LEU C 294 27.33 26.10 -31.70
CA LEU C 294 26.42 25.71 -32.77
C LEU C 294 26.02 26.94 -33.59
N THR C 295 25.91 26.75 -34.90
CA THR C 295 25.57 27.84 -35.79
C THR C 295 24.44 27.41 -36.71
N MET C 296 23.89 28.39 -37.43
CA MET C 296 22.89 28.11 -38.43
C MET C 296 23.05 29.11 -39.58
N GLU C 297 22.53 28.73 -40.74
CA GLU C 297 22.45 29.62 -41.90
C GLU C 297 21.20 30.46 -41.77
N VAL C 298 21.32 31.77 -41.98
CA VAL C 298 20.16 32.66 -41.86
C VAL C 298 19.76 33.19 -43.23
N ASP C 299 20.55 34.09 -43.80
CA ASP C 299 20.29 34.60 -45.14
C ASP C 299 21.59 34.54 -45.95
N GLY C 300 22.05 33.32 -46.22
CA GLY C 300 23.32 33.14 -46.92
C GLY C 300 24.54 33.24 -46.03
N LYS C 301 24.35 33.62 -44.77
CA LYS C 301 25.46 33.78 -43.83
C LYS C 301 25.29 32.82 -42.66
N VAL C 302 26.40 32.36 -42.09
CA VAL C 302 26.33 31.49 -40.93
C VAL C 302 26.45 32.32 -39.67
N GLU C 303 25.50 32.16 -38.76
CA GLU C 303 25.46 32.96 -37.55
C GLU C 303 25.34 32.03 -36.34
N SER C 304 25.86 32.50 -35.21
CA SER C 304 25.78 31.71 -33.99
C SER C 304 24.33 31.53 -33.56
N ILE C 305 23.99 30.32 -33.12
CA ILE C 305 22.63 30.04 -32.68
C ILE C 305 22.25 30.86 -31.46
N MET C 306 23.22 31.23 -30.62
CA MET C 306 22.91 31.98 -29.41
C MET C 306 22.16 33.27 -29.69
N LYS C 307 22.30 33.83 -30.89
CA LYS C 307 21.68 35.13 -31.16
C LYS C 307 20.16 35.04 -31.23
N ARG C 308 19.60 33.85 -31.38
CA ARG C 308 18.15 33.69 -31.40
C ARG C 308 17.72 32.66 -30.36
N THR C 309 18.58 32.45 -29.37
CA THR C 309 18.35 31.42 -28.36
C THR C 309 18.64 32.01 -26.99
N ALA C 310 17.89 31.56 -25.99
CA ALA C 310 18.14 31.99 -24.61
C ALA C 310 17.74 30.83 -23.69
N LEU C 311 18.72 30.27 -23.00
CA LEU C 311 18.50 29.12 -22.14
C LEU C 311 18.28 29.55 -20.70
N VAL C 312 17.65 28.66 -19.93
CA VAL C 312 17.55 28.79 -18.48
C VAL C 312 18.21 27.56 -17.88
N ALA C 313 19.24 27.77 -17.07
CA ALA C 313 20.06 26.69 -16.55
C ALA C 313 19.72 26.42 -15.09
N ASN C 314 19.29 25.19 -14.78
CA ASN C 314 19.04 24.78 -13.38
C ASN C 314 19.37 23.29 -13.19
N THR C 315 20.36 22.98 -12.36
CA THR C 315 20.87 21.59 -12.23
C THR C 315 20.17 20.87 -11.07
N SER C 316 20.35 19.55 -10.97
CA SER C 316 19.62 18.72 -9.97
C SER C 316 20.04 19.09 -8.55
N ASN C 317 21.22 19.67 -8.38
CA ASN C 317 21.77 20.03 -7.03
C ASN C 317 21.34 21.44 -6.66
N MET C 318 20.47 22.08 -7.44
CA MET C 318 19.93 23.43 -7.08
C MET C 318 18.76 23.28 -6.10
N PRO C 319 18.44 24.32 -5.28
CA PRO C 319 17.29 24.25 -4.37
C PRO C 319 15.95 23.87 -5.02
N VAL C 320 15.15 23.08 -4.30
CA VAL C 320 13.87 22.55 -4.85
C VAL C 320 12.94 23.69 -5.29
N ALA C 321 12.98 24.82 -4.59
CA ALA C 321 12.09 25.91 -4.98
C ALA C 321 12.47 26.47 -6.34
N ALA C 322 13.77 26.59 -6.61
CA ALA C 322 14.17 27.08 -7.94
C ALA C 322 13.87 25.99 -8.97
N ARG C 323 13.99 24.72 -8.56
CA ARG C 323 13.72 23.60 -9.51
C ARG C 323 12.27 23.68 -9.96
N GLU C 324 11.37 24.02 -9.04
CA GLU C 324 9.97 24.24 -9.39
C GLU C 324 9.79 25.48 -10.25
N ALA C 325 10.41 26.59 -9.87
CA ALA C 325 10.19 27.85 -10.57
C ALA C 325 10.82 27.87 -11.97
N SER C 326 11.80 27.00 -12.25
CA SER C 326 12.47 27.06 -13.54
C SER C 326 11.46 27.01 -14.69
N ILE C 327 10.47 26.14 -14.60
CA ILE C 327 9.49 26.00 -15.68
C ILE C 327 8.70 27.29 -15.84
N TYR C 328 8.30 27.89 -14.72
CA TYR C 328 7.56 29.14 -14.77
C TYR C 328 8.39 30.27 -15.36
N THR C 329 9.68 30.33 -15.01
CA THR C 329 10.56 31.33 -15.61
C THR C 329 10.67 31.12 -17.11
N GLY C 330 10.87 29.89 -17.55
CA GLY C 330 11.00 29.63 -18.97
C GLY C 330 9.77 30.05 -19.75
N ILE C 331 8.59 29.62 -19.29
CA ILE C 331 7.38 29.95 -20.04
C ILE C 331 7.11 31.45 -19.98
N THR C 332 7.47 32.12 -18.90
CA THR C 332 7.32 33.57 -18.87
C THR C 332 8.12 34.23 -19.98
N LEU C 333 9.38 33.82 -20.16
CA LEU C 333 10.18 34.38 -21.25
C LEU C 333 9.56 34.01 -22.59
N SER C 334 9.03 32.80 -22.71
CA SER C 334 8.41 32.36 -23.96
C SER C 334 7.23 33.24 -24.33
N GLU C 335 6.33 33.49 -23.38
CA GLU C 335 5.19 34.35 -23.68
C GLU C 335 5.64 35.76 -24.02
N TYR C 336 6.67 36.25 -23.34
CA TYR C 336 7.14 37.60 -23.64
C TYR C 336 7.46 37.74 -25.11
N PHE C 337 8.23 36.81 -25.65
CA PHE C 337 8.56 36.90 -27.07
C PHE C 337 7.37 36.53 -27.96
N ARG C 338 6.50 35.64 -27.51
CA ARG C 338 5.26 35.40 -28.23
C ARG C 338 4.55 36.70 -28.54
N ASP C 339 4.48 37.60 -27.57
CA ASP C 339 3.78 38.86 -27.75
C ASP C 339 4.51 39.82 -28.69
N MET C 340 5.67 39.43 -29.22
CA MET C 340 6.35 40.21 -30.23
C MET C 340 5.98 39.80 -31.66
N GLY C 341 5.22 38.73 -31.82
CA GLY C 341 4.88 38.26 -33.15
C GLY C 341 5.83 37.20 -33.64
N TYR C 342 6.76 36.78 -32.79
CA TYR C 342 7.71 35.75 -33.16
C TYR C 342 7.10 34.36 -32.95
N HIS C 343 7.56 33.38 -33.70
CA HIS C 343 7.20 31.99 -33.38
C HIS C 343 8.23 31.39 -32.43
N VAL C 344 7.82 31.12 -31.20
CA VAL C 344 8.66 30.66 -30.11
C VAL C 344 8.51 29.15 -29.93
N SER C 345 9.64 28.47 -29.79
CA SER C 345 9.64 27.04 -29.56
C SER C 345 10.34 26.76 -28.24
N MET C 346 9.60 26.25 -27.27
CA MET C 346 10.10 26.04 -25.93
C MET C 346 10.32 24.54 -25.72
N MET C 347 11.55 24.17 -25.36
CA MET C 347 11.90 22.78 -25.07
C MET C 347 12.10 22.62 -23.57
N ALA C 348 11.43 21.63 -22.98
CA ALA C 348 11.68 21.30 -21.59
C ALA C 348 12.68 20.15 -21.54
N ASP C 349 13.56 20.15 -20.54
CA ASP C 349 14.38 18.97 -20.34
C ASP C 349 13.59 17.84 -19.72
N SER C 350 12.79 18.13 -18.69
CA SER C 350 12.06 17.08 -17.97
C SER C 350 10.92 17.74 -17.21
N THR C 351 9.74 17.12 -17.29
CA THR C 351 8.64 17.53 -16.42
C THR C 351 8.51 16.59 -15.22
N SER C 352 9.17 15.43 -15.27
CA SER C 352 9.24 14.58 -14.10
C SER C 352 10.09 15.20 -13.00
N ARG C 353 11.13 15.94 -13.39
CA ARG C 353 11.89 16.68 -12.39
C ARG C 353 11.07 17.79 -11.76
N TRP C 354 10.23 18.46 -12.54
CA TRP C 354 9.31 19.43 -11.97
C TRP C 354 8.33 18.75 -11.02
N ALA C 355 7.71 17.66 -11.47
CA ALA C 355 6.81 16.91 -10.60
C ALA C 355 7.54 16.41 -9.36
N GLU C 356 8.81 16.05 -9.51
CA GLU C 356 9.59 15.63 -8.35
C GLU C 356 9.74 16.77 -7.36
N ALA C 357 9.98 17.98 -7.85
CA ALA C 357 10.07 19.14 -6.97
C ALA C 357 8.76 19.36 -6.23
N LEU C 358 7.64 19.14 -6.92
CA LEU C 358 6.33 19.29 -6.30
C LEU C 358 6.12 18.24 -5.22
N ARG C 359 6.54 17.01 -5.49
CA ARG C 359 6.41 15.97 -4.47
C ARG C 359 7.26 16.29 -3.25
N GLU C 360 8.50 16.75 -3.46
CA GLU C 360 9.35 17.08 -2.34
C GLU C 360 8.74 18.20 -1.50
N ILE C 361 8.29 19.27 -2.16
CA ILE C 361 7.72 20.38 -1.40
C ILE C 361 6.40 19.97 -0.75
N SER C 362 5.55 19.24 -1.47
CA SER C 362 4.29 18.79 -0.87
C SER C 362 4.54 18.05 0.43
N GLY C 363 5.54 17.18 0.46
CA GLY C 363 5.91 16.53 1.71
C GLY C 363 6.36 17.51 2.76
N ARG C 364 7.29 18.41 2.40
CA ARG C 364 7.81 19.34 3.38
C ARG C 364 6.69 20.19 3.98
N LEU C 365 5.68 20.52 3.19
CA LEU C 365 4.57 21.32 3.69
C LEU C 365 3.56 20.49 4.49
N ALA C 366 3.76 19.17 4.59
CA ALA C 366 2.87 18.29 5.34
C ALA C 366 1.42 18.42 4.89
N GLU C 367 1.23 18.45 3.57
CA GLU C 367 -0.09 18.45 2.98
C GLU C 367 -0.41 17.06 2.47
N MET C 368 -1.71 16.75 2.41
CA MET C 368 -2.15 15.37 2.12
C MET C 368 -1.77 15.07 0.67
N PRO C 369 -0.94 13.99 0.37
CA PRO C 369 -0.55 13.51 -0.95
C PRO C 369 -1.63 12.69 -1.63
N ALA C 370 -1.39 12.44 -2.92
CA ALA C 370 -2.21 11.50 -3.69
C ALA C 370 -1.33 10.35 -4.16
N ASP C 371 -1.53 9.90 -5.40
CA ASP C 371 -0.90 8.68 -5.87
C ASP C 371 0.62 8.81 -5.92
N SER C 372 1.29 7.78 -5.41
CA SER C 372 2.75 7.63 -5.44
C SER C 372 3.46 8.82 -4.79
N GLY C 373 2.79 9.52 -3.88
CA GLY C 373 3.43 10.58 -3.14
C GLY C 373 3.32 11.94 -3.79
N TYR C 374 2.77 11.99 -5.00
CA TYR C 374 2.63 13.26 -5.69
C TYR C 374 1.46 14.05 -5.10
N PRO C 375 1.50 15.38 -5.20
CA PRO C 375 0.34 16.16 -4.79
C PRO C 375 -0.86 15.88 -5.66
N ALA C 376 -2.06 15.94 -5.09
CA ALA C 376 -3.25 15.67 -5.89
C ALA C 376 -3.44 16.71 -6.98
N TYR C 377 -2.81 17.88 -6.83
CA TYR C 377 -2.97 18.94 -7.81
C TYR C 377 -1.90 18.93 -8.86
N LEU C 378 -1.10 17.87 -8.94
CA LEU C 378 -0.08 17.79 -9.98
C LEU C 378 -0.67 18.06 -11.35
N GLY C 379 -1.84 17.47 -11.64
CA GLY C 379 -2.46 17.68 -12.93
C GLY C 379 -2.78 19.14 -13.18
N ALA C 380 -3.18 19.86 -12.12
CA ALA C 380 -3.51 21.27 -12.28
C ALA C 380 -2.29 22.10 -12.63
N ARG C 381 -1.14 21.78 -12.03
CA ARG C 381 0.09 22.51 -12.37
C ARG C 381 0.52 22.23 -13.80
N LEU C 382 0.41 20.97 -14.22
CA LEU C 382 0.79 20.63 -15.59
C LEU C 382 -0.14 21.28 -16.60
N ALA C 383 -1.45 21.30 -16.32
CA ALA C 383 -2.37 21.97 -17.21
C ALA C 383 -2.06 23.46 -17.32
N SER C 384 -1.72 24.09 -16.18
CA SER C 384 -1.36 25.50 -16.20
C SER C 384 -0.18 25.76 -17.10
N PHE C 385 0.85 24.92 -17.02
CA PHE C 385 2.00 25.08 -17.90
C PHE C 385 1.63 24.78 -19.35
N TYR C 386 1.01 23.63 -19.60
CA TYR C 386 0.81 23.17 -20.97
C TYR C 386 -0.20 24.03 -21.71
N GLU C 387 -1.16 24.61 -21.00
CA GLU C 387 -2.16 25.43 -21.66
C GLU C 387 -1.72 26.83 -21.92
N ARG C 388 -0.51 27.23 -21.52
CA ARG C 388 0.02 28.54 -21.84
C ARG C 388 0.77 28.55 -23.17
N ALA C 389 0.10 28.20 -24.26
CA ALA C 389 0.75 28.00 -25.56
C ALA C 389 -0.30 28.09 -26.66
N GLY C 390 0.15 28.12 -27.90
CA GLY C 390 -0.77 28.18 -29.01
C GLY C 390 -0.56 29.39 -29.90
N ARG C 391 -1.14 29.34 -31.11
CA ARG C 391 -1.11 30.51 -32.00
C ARG C 391 -2.13 31.51 -31.47
N VAL C 392 -1.74 32.79 -31.35
CA VAL C 392 -2.61 33.76 -30.75
C VAL C 392 -2.65 35.01 -31.62
N LYS C 393 -3.70 35.81 -31.40
CA LYS C 393 -3.70 37.22 -31.82
C LYS C 393 -3.24 38.05 -30.62
N CYS C 394 -2.11 38.72 -30.81
CA CYS C 394 -1.46 39.44 -29.72
C CYS C 394 -2.18 40.73 -29.38
N LEU C 395 -2.04 41.16 -28.14
CA LEU C 395 -2.44 42.49 -27.74
C LEU C 395 -1.54 43.54 -28.37
N GLY C 396 -2.11 44.69 -28.68
CA GLY C 396 -1.36 45.81 -29.19
C GLY C 396 -1.88 46.22 -30.55
N ASN C 397 -1.69 47.48 -30.86
CA ASN C 397 -2.21 48.05 -32.10
C ASN C 397 -1.74 47.30 -33.35
N PRO C 398 -0.52 46.78 -33.42
CA PRO C 398 -0.01 46.24 -34.68
C PRO C 398 -0.73 45.00 -35.19
N GLU C 399 -1.64 44.41 -34.42
CA GLU C 399 -2.42 43.23 -34.85
C GLU C 399 -1.52 42.04 -35.16
N ARG C 400 -0.32 42.02 -34.61
CA ARG C 400 0.62 40.94 -34.90
C ARG C 400 0.13 39.64 -34.28
N GLU C 401 0.56 38.52 -34.86
CA GLU C 401 0.18 37.19 -34.40
C GLU C 401 1.43 36.34 -34.21
N GLY C 402 1.66 35.88 -32.99
CA GLY C 402 2.74 34.97 -32.70
C GLY C 402 2.24 33.62 -32.23
N SER C 403 3.18 32.81 -31.74
CA SER C 403 2.85 31.45 -31.24
C SER C 403 3.88 30.98 -30.21
N VAL C 404 3.49 30.08 -29.31
CA VAL C 404 4.48 29.34 -28.48
C VAL C 404 4.21 27.86 -28.71
N SER C 405 5.22 27.08 -29.09
CA SER C 405 5.08 25.61 -29.07
C SER C 405 5.73 25.07 -27.81
N ILE C 406 5.14 24.07 -27.16
CA ILE C 406 5.81 23.48 -26.01
C ILE C 406 6.12 22.02 -26.28
N VAL C 407 7.37 21.62 -26.09
CA VAL C 407 7.79 20.23 -26.16
C VAL C 407 8.13 19.81 -24.74
N GLY C 408 7.27 19.00 -24.13
CA GLY C 408 7.50 18.50 -22.79
C GLY C 408 8.42 17.29 -22.86
N ALA C 409 8.76 16.76 -21.70
CA ALA C 409 9.70 15.64 -21.61
C ALA C 409 9.42 14.89 -20.32
N VAL C 410 8.81 13.71 -20.45
CA VAL C 410 8.44 12.87 -19.28
C VAL C 410 9.45 11.74 -19.16
N SER C 411 10.39 11.86 -18.20
CA SER C 411 11.36 10.76 -17.98
C SER C 411 10.61 9.54 -17.46
N PRO C 412 10.65 8.37 -18.20
CA PRO C 412 9.85 7.08 -18.00
C PRO C 412 10.48 6.20 -16.93
N PRO C 413 9.90 6.08 -15.71
CA PRO C 413 10.34 5.07 -14.74
C PRO C 413 10.06 3.70 -15.38
N GLY C 414 9.22 3.69 -16.42
CA GLY C 414 8.93 2.45 -17.15
C GLY C 414 7.96 2.69 -18.29
N GLY C 415 7.54 1.63 -18.97
CA GLY C 415 6.59 1.76 -20.09
C GLY C 415 5.16 1.76 -19.60
N ASP C 416 4.96 1.76 -18.27
CA ASP C 416 3.61 1.76 -17.69
C ASP C 416 3.14 3.20 -17.53
N PHE C 417 2.09 3.59 -18.26
CA PHE C 417 1.68 5.01 -18.32
C PHE C 417 0.76 5.30 -17.13
N SER C 418 0.74 4.38 -16.17
CA SER C 418 0.04 4.64 -14.88
C SER C 418 0.84 5.68 -14.12
N ASP C 419 2.10 5.88 -14.53
CA ASP C 419 2.93 6.90 -13.91
C ASP C 419 2.14 8.19 -13.80
N PRO C 420 1.96 8.73 -12.60
CA PRO C 420 1.12 9.93 -12.45
C PRO C 420 1.51 11.06 -13.39
N VAL C 421 2.81 11.26 -13.63
CA VAL C 421 3.22 12.33 -14.52
C VAL C 421 2.89 11.98 -15.97
N THR C 422 3.19 10.76 -16.41
CA THR C 422 2.86 10.38 -17.77
C THR C 422 1.36 10.46 -18.00
N SER C 423 0.57 9.94 -17.06
CA SER C 423 -0.87 9.93 -17.21
C SER C 423 -1.46 11.33 -17.29
N ALA C 424 -1.10 12.23 -16.37
CA ALA C 424 -1.59 13.59 -16.44
C ALA C 424 -1.15 14.30 -17.71
N THR C 425 0.08 14.05 -18.17
CA THR C 425 0.53 14.68 -19.41
C THR C 425 -0.30 14.19 -20.59
N LEU C 426 -0.51 12.88 -20.69
CA LEU C 426 -1.25 12.32 -21.83
C LEU C 426 -2.65 12.89 -21.95
N GLY C 427 -3.30 13.18 -20.83
CA GLY C 427 -4.61 13.79 -20.89
C GLY C 427 -4.63 15.23 -21.33
N ILE C 428 -3.46 15.88 -21.42
CA ILE C 428 -3.36 17.28 -21.75
C ILE C 428 -2.75 17.51 -23.13
N VAL C 429 -1.63 16.86 -23.41
CA VAL C 429 -0.88 17.17 -24.62
C VAL C 429 -1.60 16.61 -25.85
N GLN C 430 -1.50 17.34 -26.95
CA GLN C 430 -2.11 16.93 -28.20
C GLN C 430 -1.24 15.97 -28.99
N VAL C 431 0.08 16.01 -28.81
CA VAL C 431 0.97 15.15 -29.56
C VAL C 431 1.86 14.42 -28.57
N PHE C 432 1.93 13.10 -28.72
CA PHE C 432 2.77 12.29 -27.83
C PHE C 432 3.67 11.41 -28.69
N TRP C 433 4.98 11.65 -28.57
CA TRP C 433 6.00 10.93 -29.36
C TRP C 433 6.68 9.90 -28.45
N GLY C 434 6.00 8.79 -28.14
CA GLY C 434 6.54 7.81 -27.19
C GLY C 434 7.77 7.11 -27.74
N LEU C 435 8.79 6.90 -26.89
CA LEU C 435 10.05 6.28 -27.36
C LEU C 435 10.10 4.81 -26.92
N ASP C 436 10.18 3.90 -27.88
CA ASP C 436 10.08 2.44 -27.59
C ASP C 436 11.38 1.95 -26.95
N LYS C 437 11.28 1.15 -25.89
CA LYS C 437 12.49 0.61 -25.23
C LYS C 437 13.15 -0.43 -26.14
N LYS C 438 12.36 -1.24 -26.84
CA LYS C 438 12.98 -2.32 -27.61
C LYS C 438 13.73 -1.79 -28.82
N LEU C 439 13.20 -0.74 -29.47
CA LEU C 439 13.94 -0.10 -30.54
C LEU C 439 15.22 0.55 -30.05
N ALA C 440 15.21 1.13 -28.86
CA ALA C 440 16.45 1.67 -28.29
C ALA C 440 17.46 0.57 -28.07
N GLN C 441 17.04 -0.57 -27.55
CA GLN C 441 17.95 -1.67 -27.28
C GLN C 441 18.55 -2.18 -28.59
N ARG C 442 17.77 -2.15 -29.67
CA ARG C 442 18.26 -2.52 -30.99
C ARG C 442 18.99 -1.40 -31.71
N LYS C 443 19.21 -0.26 -31.05
CA LYS C 443 19.94 0.86 -31.65
C LYS C 443 19.29 1.29 -32.97
N HIS C 444 17.96 1.32 -32.97
CA HIS C 444 17.18 1.89 -34.07
C HIS C 444 16.76 3.31 -33.71
N PHE C 445 17.36 4.26 -34.41
CA PHE C 445 17.24 5.65 -34.02
C PHE C 445 16.70 6.49 -35.18
N PRO C 446 15.82 7.47 -34.92
CA PRO C 446 15.20 7.75 -33.63
C PRO C 446 14.28 6.63 -33.21
N SER C 447 14.22 6.38 -31.89
CA SER C 447 13.44 5.25 -31.33
C SER C 447 11.98 5.68 -31.09
N VAL C 448 11.07 5.39 -32.02
CA VAL C 448 9.65 5.81 -31.89
C VAL C 448 8.76 4.56 -32.03
N ASN C 449 7.80 4.34 -31.14
CA ASN C 449 7.06 3.05 -31.11
C ASN C 449 6.20 2.86 -32.37
N TRP C 450 5.61 3.94 -32.86
CA TRP C 450 4.77 4.07 -34.06
C TRP C 450 3.39 3.44 -33.88
N LEU C 451 3.15 2.82 -32.73
CA LEU C 451 1.88 2.16 -32.44
C LEU C 451 1.15 2.80 -31.27
N ILE C 452 1.91 3.32 -30.30
CA ILE C 452 1.29 3.91 -29.08
C ILE C 452 1.33 5.44 -29.16
N SER C 453 2.06 6.00 -30.14
CA SER C 453 2.10 7.44 -30.30
C SER C 453 0.86 7.94 -31.03
N TYR C 454 0.61 9.22 -30.92
CA TYR C 454 -0.52 9.85 -31.58
C TYR C 454 -0.25 11.33 -31.77
N SER C 455 -0.98 11.93 -32.72
CA SER C 455 -0.98 13.37 -32.91
C SER C 455 -2.41 13.79 -33.22
N LYS C 456 -2.95 14.70 -32.42
CA LYS C 456 -4.32 15.17 -32.58
C LYS C 456 -4.45 16.38 -33.50
N TYR C 457 -3.42 16.72 -34.26
CA TYR C 457 -3.49 17.84 -35.18
C TYR C 457 -3.70 17.42 -36.63
N MET C 458 -4.10 16.18 -36.88
CA MET C 458 -4.27 15.71 -38.25
C MET C 458 -5.23 16.61 -39.03
N ARG C 459 -6.47 16.74 -38.55
CA ARG C 459 -7.46 17.55 -39.24
C ARG C 459 -7.04 19.02 -39.36
N ALA C 460 -6.30 19.55 -38.38
CA ALA C 460 -5.84 20.93 -38.47
C ALA C 460 -4.86 21.13 -39.60
N LEU C 461 -3.99 20.15 -39.85
CA LEU C 461 -2.97 20.26 -40.88
C LEU C 461 -3.43 19.76 -42.23
N ASP C 462 -4.56 19.04 -42.28
CA ASP C 462 -5.08 18.54 -43.56
C ASP C 462 -5.28 19.66 -44.57
N GLU C 463 -5.73 20.84 -44.12
CA GLU C 463 -5.85 21.97 -45.01
C GLU C 463 -4.50 22.36 -45.61
N TYR C 464 -3.48 22.48 -44.76
CA TYR C 464 -2.13 22.76 -45.23
C TYR C 464 -1.65 21.71 -46.23
N TYR C 465 -1.74 20.45 -45.85
CA TYR C 465 -1.22 19.37 -46.70
C TYR C 465 -1.94 19.33 -48.04
N ASP C 466 -3.26 19.48 -48.02
CA ASP C 466 -4.02 19.45 -49.27
C ASP C 466 -3.78 20.72 -50.09
N LYS C 467 -3.46 21.82 -49.42
CA LYS C 467 -3.22 23.05 -50.16
C LYS C 467 -1.90 23.02 -50.93
N HIS C 468 -0.85 22.45 -50.34
CA HIS C 468 0.48 22.59 -50.90
C HIS C 468 1.01 21.38 -51.65
N PHE C 469 0.57 20.19 -51.20
CA PHE C 469 1.20 18.91 -51.59
C PHE C 469 0.11 18.04 -52.24
N THR C 470 -1.05 17.90 -51.58
CA THR C 470 -2.20 17.10 -52.09
C THR C 470 -1.88 15.61 -52.03
N GLU C 471 -0.59 15.25 -51.96
CA GLU C 471 -0.21 13.82 -52.00
C GLU C 471 0.03 13.31 -50.58
N PHE C 472 0.41 14.20 -49.66
CA PHE C 472 0.90 13.70 -48.35
C PHE C 472 -0.21 12.94 -47.62
N VAL C 473 -1.43 13.49 -47.59
CA VAL C 473 -2.48 12.89 -46.71
C VAL C 473 -2.69 11.43 -47.09
N PRO C 474 -2.94 11.07 -48.37
CA PRO C 474 -3.16 9.68 -48.74
C PRO C 474 -1.92 8.79 -48.56
N LEU C 475 -0.72 9.36 -48.63
CA LEU C 475 0.52 8.57 -48.44
C LEU C 475 0.62 8.25 -46.95
N ARG C 476 0.30 9.25 -46.14
CA ARG C 476 0.29 9.12 -44.68
C ARG C 476 -0.67 8.02 -44.25
N THR C 477 -1.86 7.99 -44.84
CA THR C 477 -2.82 6.94 -44.49
C THR C 477 -2.27 5.57 -44.83
N LYS C 478 -1.75 5.40 -46.04
CA LYS C 478 -1.23 4.09 -46.43
C LYS C 478 -0.02 3.70 -45.60
N ALA C 479 0.84 4.65 -45.24
CA ALA C 479 2.01 4.32 -44.44
C ALA C 479 1.58 3.75 -43.09
N LYS C 480 0.54 4.33 -42.49
CA LYS C 480 0.09 3.83 -41.18
C LYS C 480 -0.50 2.44 -41.31
N GLU C 481 -1.25 2.19 -42.38
CA GLU C 481 -1.82 0.87 -42.62
C GLU C 481 -0.72 -0.17 -42.75
N ILE C 482 0.34 0.16 -43.49
CA ILE C 482 1.40 -0.83 -43.68
C ILE C 482 2.08 -1.15 -42.36
N LEU C 483 2.40 -0.14 -41.55
CA LEU C 483 3.13 -0.41 -40.32
C LEU C 483 2.29 -1.26 -39.36
N GLN C 484 0.99 -0.97 -39.27
CA GLN C 484 0.14 -1.77 -38.40
C GLN C 484 -0.05 -3.18 -38.94
N GLU C 485 -0.18 -3.33 -40.26
CA GLU C 485 -0.32 -4.66 -40.83
C GLU C 485 0.91 -5.51 -40.54
N GLU C 486 2.09 -4.89 -40.64
CA GLU C 486 3.33 -5.59 -40.34
C GLU C 486 3.36 -6.11 -38.91
N GLU C 487 2.90 -5.31 -37.94
CA GLU C 487 2.92 -5.78 -36.56
C GLU C 487 2.04 -7.02 -36.39
N ASP C 488 0.85 -7.01 -37.00
CA ASP C 488 -0.01 -8.18 -36.90
C ASP C 488 0.56 -9.38 -37.63
N LEU C 489 1.16 -9.18 -38.81
CA LEU C 489 1.79 -10.30 -39.49
C LEU C 489 3.00 -10.80 -38.72
N ALA C 490 3.77 -9.89 -38.13
CA ALA C 490 4.93 -10.28 -37.35
C ALA C 490 4.54 -11.20 -36.20
N GLU C 491 3.38 -10.96 -35.60
CA GLU C 491 2.98 -11.78 -34.46
C GLU C 491 2.80 -13.24 -34.86
N ILE C 492 2.19 -13.48 -36.02
CA ILE C 492 2.05 -14.86 -36.47
C ILE C 492 3.33 -15.40 -37.09
N VAL C 493 4.09 -14.60 -37.84
CA VAL C 493 5.30 -15.14 -38.45
C VAL C 493 6.23 -15.69 -37.37
N GLN C 494 6.34 -14.99 -36.23
CA GLN C 494 7.19 -15.51 -35.16
C GLN C 494 6.72 -16.88 -34.70
N LEU C 495 5.47 -17.24 -35.03
CA LEU C 495 4.91 -18.51 -34.58
C LEU C 495 4.98 -19.58 -35.67
N VAL C 496 4.66 -19.21 -36.91
CA VAL C 496 4.54 -20.20 -37.96
C VAL C 496 5.69 -20.16 -38.96
N GLY C 497 6.59 -19.19 -38.86
CA GLY C 497 7.79 -19.21 -39.68
C GLY C 497 7.63 -18.92 -41.16
N LYS C 498 6.59 -18.16 -41.52
CA LYS C 498 6.22 -17.85 -42.90
C LYS C 498 5.77 -19.07 -43.68
N ALA C 499 5.34 -20.14 -43.01
CA ALA C 499 4.95 -21.35 -43.72
C ALA C 499 3.86 -21.07 -44.76
N SER C 500 2.92 -20.19 -44.42
CA SER C 500 1.83 -19.82 -45.30
C SER C 500 1.63 -18.32 -45.25
N LEU C 501 1.90 -17.63 -46.36
CA LEU C 501 1.66 -16.22 -46.48
C LEU C 501 1.09 -15.95 -47.87
N ALA C 502 0.14 -15.03 -47.95
CA ALA C 502 -0.27 -14.49 -49.24
C ALA C 502 0.84 -13.65 -49.84
N GLU C 503 0.86 -13.60 -51.17
CA GLU C 503 1.86 -12.79 -51.85
C GLU C 503 1.82 -11.32 -51.44
N THR C 504 0.63 -10.77 -51.23
CA THR C 504 0.51 -9.41 -50.71
C THR C 504 1.10 -9.30 -49.31
N ASP C 505 0.87 -10.32 -48.47
CA ASP C 505 1.39 -10.31 -47.08
C ASP C 505 2.92 -10.30 -47.10
N LYS C 506 3.53 -11.07 -48.01
CA LYS C 506 5.01 -11.08 -48.12
C LYS C 506 5.49 -9.70 -48.53
N ILE C 507 4.77 -9.04 -49.44
CA ILE C 507 5.16 -7.67 -49.88
C ILE C 507 5.09 -6.73 -48.67
N THR C 508 3.99 -6.78 -47.91
CA THR C 508 3.81 -5.87 -46.75
C THR C 508 5.01 -6.02 -45.82
N LEU C 509 5.40 -7.26 -45.53
CA LEU C 509 6.50 -7.50 -44.56
C LEU C 509 7.78 -6.86 -45.09
N GLU C 510 8.04 -7.03 -46.40
CA GLU C 510 9.35 -6.62 -46.97
C GLU C 510 9.36 -5.12 -47.19
N VAL C 511 8.23 -4.56 -47.62
CA VAL C 511 8.16 -3.08 -47.82
C VAL C 511 8.19 -2.42 -46.44
N ALA C 512 7.48 -3.00 -45.47
CA ALA C 512 7.50 -2.45 -44.09
C ALA C 512 8.94 -2.48 -43.54
N LYS C 513 9.71 -3.53 -43.82
CA LYS C 513 11.15 -3.50 -43.42
C LYS C 513 11.87 -2.39 -44.18
N LEU C 514 11.57 -2.22 -45.47
CA LEU C 514 12.18 -1.13 -46.27
C LEU C 514 11.88 0.16 -45.56
N ILE C 515 10.64 0.32 -45.12
CA ILE C 515 10.26 1.57 -44.46
C ILE C 515 10.99 1.71 -43.13
N LYS C 516 10.96 0.66 -42.30
CA LYS C 516 11.54 0.76 -40.97
C LYS C 516 13.04 1.01 -41.04
N ASP C 517 13.73 0.35 -41.97
CA ASP C 517 15.17 0.52 -42.07
C ASP C 517 15.61 1.71 -42.90
N ASP C 518 14.92 2.02 -43.99
CA ASP C 518 15.39 3.05 -44.92
C ASP C 518 14.49 4.27 -44.97
N PHE C 519 13.49 4.36 -44.12
CA PHE C 519 12.72 5.59 -44.01
C PHE C 519 12.61 6.08 -42.57
N LEU C 520 12.19 5.21 -41.65
CA LEU C 520 11.98 5.62 -40.27
C LEU C 520 13.25 5.58 -39.45
N GLN C 521 14.36 5.13 -40.03
CA GLN C 521 15.65 5.08 -39.36
C GLN C 521 16.59 6.05 -40.02
N GLN C 522 17.29 6.85 -39.22
CA GLN C 522 18.23 7.81 -39.77
C GLN C 522 19.30 8.11 -38.74
N ASN C 523 20.52 8.38 -39.22
CA ASN C 523 21.65 8.78 -38.34
C ASN C 523 21.71 10.31 -38.29
N GLY C 524 21.28 10.90 -37.17
CA GLY C 524 21.15 12.36 -37.11
C GLY C 524 22.49 13.05 -36.91
N TYR C 525 23.61 12.33 -37.02
CA TYR C 525 24.90 12.98 -36.85
C TYR C 525 25.66 13.05 -38.17
N THR C 526 24.98 12.64 -39.23
CA THR C 526 25.54 12.60 -40.60
C THR C 526 25.05 13.82 -41.37
N PRO C 527 25.86 14.36 -42.31
CA PRO C 527 25.42 15.47 -43.16
C PRO C 527 24.11 15.16 -43.86
N TYR C 528 23.92 13.91 -44.29
CA TYR C 528 22.72 13.55 -45.07
C TYR C 528 21.45 13.48 -44.21
N ASP C 529 21.57 13.08 -42.94
CA ASP C 529 20.35 12.99 -42.08
C ASP C 529 20.36 13.92 -40.87
N ARG C 530 21.18 14.99 -40.85
CA ARG C 530 21.11 15.92 -39.69
C ARG C 530 19.73 16.55 -39.70
N PHE C 531 19.19 16.82 -40.88
CA PHE C 531 17.80 17.36 -40.98
C PHE C 531 17.30 16.96 -42.36
N CYS C 532 16.17 16.25 -42.41
CA CYS C 532 15.61 15.86 -43.72
C CYS C 532 14.44 16.81 -44.00
N PRO C 533 14.53 17.80 -44.98
CA PRO C 533 13.46 18.73 -45.34
C PRO C 533 12.21 18.00 -45.77
N PHE C 534 11.06 18.59 -45.45
CA PHE C 534 9.81 17.87 -45.67
C PHE C 534 9.63 17.41 -47.11
N TYR C 535 9.93 18.24 -48.10
CA TYR C 535 9.73 17.79 -49.47
C TYR C 535 10.46 16.47 -49.71
N LYS C 536 11.59 16.28 -49.03
CA LYS C 536 12.33 15.02 -49.19
C LYS C 536 11.66 13.90 -48.42
N THR C 537 11.19 14.19 -47.21
CA THR C 537 10.52 13.16 -46.43
C THR C 537 9.35 12.55 -47.18
N VAL C 538 8.51 13.41 -47.75
CA VAL C 538 7.33 12.95 -48.53
C VAL C 538 7.80 12.28 -49.83
N GLY C 539 8.86 12.80 -50.45
CA GLY C 539 9.43 12.16 -51.64
C GLY C 539 9.78 10.70 -51.40
N MET C 540 10.52 10.45 -50.33
CA MET C 540 10.92 9.09 -49.98
C MET C 540 9.71 8.21 -49.74
N LEU C 541 8.74 8.69 -48.98
CA LEU C 541 7.56 7.88 -48.69
C LEU C 541 6.74 7.61 -49.93
N SER C 542 6.65 8.62 -50.79
CA SER C 542 5.82 8.50 -52.04
C SER C 542 6.34 7.33 -52.87
N ASN C 543 7.66 7.23 -53.06
CA ASN C 543 8.21 6.18 -53.90
C ASN C 543 8.02 4.81 -53.27
N MET C 544 8.25 4.70 -51.96
CA MET C 544 8.14 3.39 -51.31
C MET C 544 6.71 2.86 -51.36
N ILE C 545 5.73 3.74 -51.16
CA ILE C 545 4.34 3.30 -51.27
C ILE C 545 3.98 3.02 -52.72
N SER C 546 4.44 3.85 -53.66
CA SER C 546 4.18 3.58 -55.06
C SER C 546 4.65 2.19 -55.45
N PHE C 547 5.83 1.81 -54.93
CA PHE C 547 6.36 0.45 -55.14
C PHE C 547 5.35 -0.55 -54.58
N TYR C 548 4.91 -0.32 -53.34
CA TYR C 548 3.97 -1.21 -52.70
C TYR C 548 2.76 -1.47 -53.58
N ASP C 549 2.13 -0.40 -54.06
CA ASP C 549 0.90 -0.55 -54.85
C ASP C 549 1.18 -1.29 -56.15
N MET C 550 2.31 -1.00 -56.80
CA MET C 550 2.63 -1.66 -58.06
C MET C 550 2.99 -3.12 -57.83
N ALA C 551 3.75 -3.41 -56.76
CA ALA C 551 4.06 -4.81 -56.44
C ALA C 551 2.81 -5.56 -56.04
N ARG C 552 1.90 -4.91 -55.32
CA ARG C 552 0.65 -5.57 -54.94
C ARG C 552 -0.23 -5.83 -56.15
N ARG C 553 -0.33 -4.86 -57.06
CA ARG C 553 -1.12 -5.04 -58.26
C ARG C 553 -0.58 -6.19 -59.10
N ALA C 554 0.74 -6.25 -59.28
CA ALA C 554 1.33 -7.27 -60.14
C ALA C 554 1.03 -8.68 -59.62
N VAL C 555 1.16 -8.90 -58.32
CA VAL C 555 0.97 -10.26 -57.83
C VAL C 555 -0.52 -10.60 -57.76
N GLU C 556 -1.37 -9.62 -57.42
CA GLU C 556 -2.80 -9.91 -57.39
C GLU C 556 -3.41 -9.96 -58.78
N THR C 557 -2.86 -9.20 -59.73
CA THR C 557 -3.45 -9.22 -61.07
C THR C 557 -3.17 -10.54 -61.77
N THR C 558 -1.97 -11.09 -61.59
CA THR C 558 -1.58 -12.34 -62.22
C THR C 558 -1.90 -13.55 -61.36
N ALA C 559 -2.56 -13.35 -60.22
CA ALA C 559 -2.94 -14.45 -59.37
C ALA C 559 -4.04 -15.29 -60.03
N GLN C 560 -4.05 -16.58 -59.70
CA GLN C 560 -4.96 -17.57 -60.28
C GLN C 560 -4.84 -17.64 -61.80
N SER C 561 -3.61 -17.56 -62.30
CA SER C 561 -3.33 -17.66 -63.72
C SER C 561 -2.07 -18.50 -63.94
N ASP C 562 -1.51 -18.38 -65.15
CA ASP C 562 -0.33 -19.17 -65.50
C ASP C 562 0.95 -18.48 -65.03
N ASN C 563 1.18 -17.24 -65.49
CA ASN C 563 2.40 -16.51 -65.18
C ASN C 563 2.16 -15.76 -63.86
N LYS C 564 2.02 -16.51 -62.77
CA LYS C 564 1.84 -15.92 -61.46
C LYS C 564 3.09 -15.15 -61.06
N ILE C 565 2.92 -13.90 -60.65
CA ILE C 565 4.03 -13.07 -60.19
C ILE C 565 4.06 -13.18 -58.66
N THR C 566 5.25 -13.36 -58.14
CA THR C 566 5.49 -13.31 -56.70
C THR C 566 6.57 -12.29 -56.40
N TRP C 567 6.70 -12.00 -55.09
CA TRP C 567 7.70 -11.05 -54.58
C TRP C 567 9.10 -11.56 -54.95
N SER C 568 9.32 -12.86 -54.82
CA SER C 568 10.67 -13.41 -55.15
C SER C 568 10.96 -13.11 -56.62
N ILE C 569 9.93 -13.24 -57.47
CA ILE C 569 10.12 -12.95 -58.91
C ILE C 569 10.38 -11.46 -59.06
N ILE C 570 9.62 -10.61 -58.34
CA ILE C 570 9.84 -9.15 -58.45
C ILE C 570 11.26 -8.81 -58.00
N ARG C 571 11.72 -9.39 -56.90
CA ARG C 571 13.06 -9.00 -56.39
C ARG C 571 14.11 -9.38 -57.44
N GLU C 572 13.96 -10.54 -58.06
CA GLU C 572 14.96 -10.99 -59.06
C GLU C 572 14.84 -10.11 -60.31
N HIS C 573 13.61 -9.78 -60.71
CA HIS C 573 13.39 -8.99 -61.95
C HIS C 573 13.92 -7.56 -61.80
N MET C 574 13.61 -6.91 -60.68
CA MET C 574 13.93 -5.47 -60.53
C MET C 574 14.62 -5.26 -59.18
N GLY C 575 15.64 -6.07 -58.90
CA GLY C 575 16.30 -5.99 -57.59
C GLY C 575 16.97 -4.63 -57.44
N GLU C 576 17.42 -4.04 -58.54
CA GLU C 576 18.17 -2.75 -58.45
C GLU C 576 17.20 -1.65 -58.01
N ILE C 577 15.89 -1.86 -58.16
CA ILE C 577 14.93 -0.88 -57.66
C ILE C 577 14.98 -0.82 -56.14
N LEU C 578 15.05 -1.99 -55.49
CA LEU C 578 15.13 -1.97 -54.01
C LEU C 578 16.45 -1.34 -53.57
N TYR C 579 17.55 -1.58 -54.30
CA TYR C 579 18.80 -0.92 -53.95
C TYR C 579 18.66 0.60 -54.02
N LYS C 580 18.05 1.10 -55.10
CA LYS C 580 17.86 2.55 -55.21
C LYS C 580 16.96 3.06 -54.11
N LEU C 581 15.87 2.36 -53.81
CA LEU C 581 14.96 2.83 -52.78
C LEU C 581 15.66 2.91 -51.43
N SER C 582 16.49 1.93 -51.11
CA SER C 582 17.21 1.91 -49.85
C SER C 582 18.31 2.97 -49.78
N SER C 583 18.60 3.62 -50.90
CA SER C 583 19.70 4.57 -51.00
C SER C 583 19.18 6.00 -50.95
N MET C 584 17.86 6.16 -50.91
CA MET C 584 17.26 7.48 -51.08
C MET C 584 17.63 8.41 -49.94
N LYS C 585 17.89 7.86 -48.75
CA LYS C 585 18.25 8.71 -47.61
C LYS C 585 19.54 9.46 -47.85
N PHE C 586 20.35 9.01 -48.80
CA PHE C 586 21.70 9.56 -48.98
C PHE C 586 21.76 10.67 -49.98
N LYS C 587 20.66 11.23 -50.49
CA LYS C 587 20.80 12.24 -51.53
C LYS C 587 21.44 13.52 -51.06
N ASP C 588 21.47 13.73 -49.74
CA ASP C 588 22.19 14.82 -49.05
C ASP C 588 21.72 16.21 -49.52
N PRO C 589 20.65 16.77 -48.92
CA PRO C 589 20.16 18.11 -49.28
C PRO C 589 21.21 19.19 -49.02
N VAL C 590 21.04 20.38 -49.62
CA VAL C 590 21.98 21.53 -49.42
C VAL C 590 23.31 21.28 -50.13
N LYS C 591 23.97 20.14 -49.89
CA LYS C 591 25.17 19.79 -50.71
C LYS C 591 24.69 19.55 -52.14
N ASP C 592 23.57 18.83 -52.28
CA ASP C 592 22.88 18.62 -53.53
C ASP C 592 21.66 19.53 -53.56
N GLY C 593 21.13 19.78 -54.74
CA GLY C 593 20.04 20.73 -54.90
C GLY C 593 18.67 20.09 -54.75
N GLU C 594 17.72 20.96 -54.40
CA GLU C 594 16.32 20.56 -54.26
C GLU C 594 15.77 20.06 -55.60
N ALA C 595 16.03 20.82 -56.67
CA ALA C 595 15.48 20.48 -57.98
C ALA C 595 16.00 19.12 -58.44
N LYS C 596 17.28 18.84 -58.18
CA LYS C 596 17.85 17.57 -58.60
C LYS C 596 17.31 16.41 -57.78
N ILE C 597 17.22 16.58 -56.46
CA ILE C 597 16.74 15.50 -55.61
C ILE C 597 15.33 15.10 -56.00
N LYS C 598 14.47 16.09 -56.26
CA LYS C 598 13.12 15.79 -56.73
C LYS C 598 13.16 15.08 -58.08
N ALA C 599 14.02 15.55 -59.00
CA ALA C 599 14.17 14.89 -60.28
C ALA C 599 14.70 13.48 -60.13
N ASP C 600 15.62 13.26 -59.19
CA ASP C 600 16.17 11.92 -58.98
C ASP C 600 15.10 10.97 -58.45
N TYR C 601 14.26 11.46 -57.54
CA TYR C 601 13.16 10.63 -57.05
C TYR C 601 12.15 10.35 -58.15
N ALA C 602 11.92 11.31 -59.04
CA ALA C 602 11.06 11.07 -60.19
C ALA C 602 11.62 9.95 -61.06
N GLN C 603 12.95 9.90 -61.19
CA GLN C 603 13.58 8.86 -62.00
C GLN C 603 13.37 7.49 -61.39
N LEU C 604 13.44 7.39 -60.07
CA LEU C 604 13.18 6.11 -59.42
C LEU C 604 11.76 5.64 -59.68
N LEU C 605 10.80 6.57 -59.62
CA LEU C 605 9.41 6.21 -59.91
C LEU C 605 9.25 5.76 -61.36
N GLU C 606 9.85 6.49 -62.30
CA GLU C 606 9.77 6.06 -63.69
C GLU C 606 10.45 4.71 -63.89
N ASP C 607 11.60 4.49 -63.26
CA ASP C 607 12.21 3.18 -63.43
C ASP C 607 11.33 2.07 -62.85
N MET C 608 10.73 2.27 -61.68
CA MET C 608 9.89 1.23 -61.11
C MET C 608 8.70 0.93 -62.02
N GLN C 609 8.05 1.98 -62.52
CA GLN C 609 6.87 1.80 -63.36
C GLN C 609 7.22 0.99 -64.60
N ASN C 610 8.36 1.26 -65.23
CA ASN C 610 8.78 0.51 -66.40
C ASN C 610 9.17 -0.92 -66.01
N ALA C 611 9.72 -1.10 -64.81
CA ALA C 611 10.14 -2.42 -64.38
C ALA C 611 8.95 -3.36 -64.25
N PHE C 612 7.82 -2.87 -63.73
CA PHE C 612 6.64 -3.73 -63.60
C PHE C 612 5.97 -3.93 -64.97
N ARG C 613 6.05 -2.93 -65.84
CA ARG C 613 5.50 -3.09 -67.18
C ARG C 613 6.19 -4.23 -67.92
N SER C 614 7.52 -4.30 -67.81
CA SER C 614 8.26 -5.37 -68.45
C SER C 614 8.10 -6.70 -67.71
N LEU C 615 7.85 -6.66 -66.41
CA LEU C 615 7.57 -7.89 -65.67
C LEU C 615 6.20 -8.47 -66.05
N GLU C 616 5.20 -7.61 -66.19
CA GLU C 616 3.86 -8.06 -66.59
C GLU C 616 3.75 -8.16 -68.11
N TYR D 39 -36.99 33.85 -2.14
CA TYR D 39 -36.12 34.98 -1.88
C TYR D 39 -35.75 35.05 -0.39
N LEU D 40 -34.64 35.73 -0.10
CA LEU D 40 -34.23 35.91 1.29
C LEU D 40 -34.45 37.34 1.75
N SER D 41 -34.12 38.31 0.91
CA SER D 41 -34.15 39.73 1.23
C SER D 41 -33.39 40.06 2.52
N GLN D 42 -32.22 39.45 2.72
CA GLN D 42 -31.42 39.70 3.91
C GLN D 42 -30.11 40.32 3.45
N PRO D 43 -29.74 41.49 3.94
CA PRO D 43 -28.45 42.10 3.55
C PRO D 43 -27.29 41.16 3.83
N ARG D 44 -26.36 41.16 2.88
CA ARG D 44 -25.18 40.31 2.97
C ARG D 44 -24.15 40.90 3.93
N LEU D 45 -23.43 40.01 4.60
CA LEU D 45 -22.32 40.39 5.45
C LEU D 45 -21.01 40.17 4.72
N THR D 46 -20.11 41.14 4.83
CA THR D 46 -18.78 41.05 4.25
C THR D 46 -17.78 41.10 5.40
N TYR D 47 -16.88 40.12 5.43
CA TYR D 47 -15.92 39.98 6.51
C TYR D 47 -14.52 40.34 6.01
N LYS D 48 -13.77 41.04 6.85
CA LYS D 48 -12.34 41.20 6.66
C LYS D 48 -11.52 40.36 7.63
N THR D 49 -12.16 39.46 8.39
CA THR D 49 -11.48 38.66 9.41
C THR D 49 -11.02 37.35 8.77
N VAL D 50 -9.70 37.21 8.69
CA VAL D 50 -9.08 36.04 8.05
C VAL D 50 -8.10 35.47 9.06
N SER D 51 -8.24 34.18 9.38
CA SER D 51 -7.33 33.52 10.30
C SER D 51 -6.05 33.06 9.60
N GLY D 52 -6.11 32.79 8.31
CA GLY D 52 -4.94 32.38 7.57
C GLY D 52 -5.33 31.84 6.20
N VAL D 53 -4.31 31.57 5.39
CA VAL D 53 -4.53 31.01 4.07
C VAL D 53 -3.55 29.86 3.86
N ASN D 54 -4.06 28.71 3.41
CA ASN D 54 -3.24 27.51 3.28
C ASN D 54 -3.57 26.76 2.00
N GLY D 55 -2.70 26.92 1.00
CA GLY D 55 -2.94 26.42 -0.34
C GLY D 55 -4.22 26.95 -0.96
N PRO D 56 -5.12 26.04 -1.33
CA PRO D 56 -6.37 26.48 -1.97
C PRO D 56 -7.39 26.98 -0.97
N LEU D 57 -7.11 26.89 0.32
CA LEU D 57 -8.09 27.20 1.34
C LEU D 57 -7.77 28.54 2.01
N VAL D 58 -8.83 29.28 2.32
CA VAL D 58 -8.77 30.49 3.12
C VAL D 58 -9.58 30.25 4.37
N ILE D 59 -8.99 30.47 5.54
CA ILE D 59 -9.66 30.21 6.81
C ILE D 59 -10.12 31.53 7.38
N LEU D 60 -11.42 31.67 7.60
CA LEU D 60 -12.01 32.92 8.04
C LEU D 60 -12.29 32.82 9.54
N ASP D 61 -12.61 33.93 10.17
CA ASP D 61 -12.93 33.92 11.60
C ASP D 61 -14.15 34.80 11.83
N HIS D 62 -14.76 34.63 13.01
CA HIS D 62 -15.89 35.38 13.51
C HIS D 62 -17.07 35.41 12.53
N VAL D 63 -17.31 34.32 11.81
CA VAL D 63 -18.38 34.30 10.81
C VAL D 63 -19.69 33.89 11.48
N LYS D 64 -20.75 34.63 11.19
CA LYS D 64 -22.05 34.45 11.82
C LYS D 64 -22.83 33.34 11.13
N PHE D 65 -23.19 32.31 11.89
CA PHE D 65 -24.02 31.20 11.45
C PHE D 65 -23.68 30.81 10.00
N PRO D 66 -22.44 30.39 9.75
CA PRO D 66 -22.06 29.99 8.41
C PRO D 66 -22.72 28.69 8.00
N ARG D 67 -22.96 28.56 6.70
CA ARG D 67 -23.47 27.33 6.14
C ARG D 67 -22.35 26.57 5.46
N TYR D 68 -22.50 25.26 5.38
CA TYR D 68 -21.67 24.41 4.55
C TYR D 68 -22.12 24.55 3.12
N ALA D 69 -21.15 24.59 2.20
CA ALA D 69 -21.38 24.72 0.77
C ALA D 69 -21.90 26.09 0.38
N GLU D 70 -21.81 27.07 1.29
CA GLU D 70 -22.21 28.44 1.01
C GLU D 70 -21.25 29.05 0.00
N ILE D 71 -21.78 29.83 -0.93
CA ILE D 71 -20.90 30.53 -1.88
C ILE D 71 -20.60 31.91 -1.35
N VAL D 72 -19.32 32.29 -1.45
CA VAL D 72 -18.84 33.59 -1.02
C VAL D 72 -18.04 34.20 -2.16
N HIS D 73 -17.84 35.51 -2.10
CA HIS D 73 -17.05 36.23 -3.09
C HIS D 73 -15.93 36.99 -2.39
N LEU D 74 -14.72 36.88 -2.90
CA LEU D 74 -13.60 37.62 -2.36
C LEU D 74 -13.27 38.84 -3.20
N THR D 75 -12.85 39.89 -2.51
CA THR D 75 -12.30 41.10 -3.11
C THR D 75 -10.90 41.32 -2.57
N LEU D 76 -9.91 41.26 -3.45
CA LEU D 76 -8.51 41.39 -3.07
C LEU D 76 -8.11 42.87 -3.09
N PRO D 77 -6.96 43.22 -2.50
CA PRO D 77 -6.59 44.63 -2.45
C PRO D 77 -6.47 45.27 -3.82
N ASP D 78 -6.30 44.48 -4.88
CA ASP D 78 -6.11 45.04 -6.22
C ASP D 78 -7.43 45.21 -6.93
N GLY D 79 -8.53 44.92 -6.24
CA GLY D 79 -9.86 45.12 -6.79
C GLY D 79 -10.33 43.85 -7.46
N THR D 80 -9.44 42.86 -7.54
CA THR D 80 -9.77 41.59 -8.16
C THR D 80 -10.83 40.87 -7.35
N LYS D 81 -11.82 40.32 -8.05
CA LYS D 81 -12.88 39.54 -7.43
C LYS D 81 -12.67 38.07 -7.74
N ARG D 82 -12.93 37.22 -6.76
CA ARG D 82 -12.75 35.79 -6.90
C ARG D 82 -13.89 35.08 -6.18
N SER D 83 -14.15 33.84 -6.58
CA SER D 83 -15.27 33.11 -6.02
C SER D 83 -14.73 32.00 -5.14
N GLY D 84 -15.55 31.53 -4.21
CA GLY D 84 -15.18 30.35 -3.46
C GLY D 84 -16.37 29.72 -2.78
N GLN D 85 -16.13 28.57 -2.17
CA GLN D 85 -17.21 27.85 -1.53
C GLN D 85 -16.76 27.30 -0.18
N VAL D 86 -17.66 27.36 0.81
CA VAL D 86 -17.32 26.94 2.15
C VAL D 86 -17.32 25.43 2.22
N LEU D 87 -16.17 24.85 2.59
CA LEU D 87 -16.04 23.40 2.71
C LEU D 87 -16.16 22.88 4.12
N GLU D 88 -15.83 23.69 5.12
CA GLU D 88 -15.92 23.27 6.50
C GLU D 88 -16.36 24.47 7.33
N VAL D 89 -17.25 24.22 8.29
CA VAL D 89 -17.62 25.26 9.24
C VAL D 89 -17.49 24.70 10.65
N SER D 90 -16.39 25.02 11.32
CA SER D 90 -16.17 24.55 12.70
C SER D 90 -16.33 25.73 13.66
N GLY D 91 -17.52 25.83 14.23
CA GLY D 91 -17.92 27.00 14.97
C GLY D 91 -17.92 28.27 14.14
N SER D 92 -17.15 29.25 14.59
CA SER D 92 -17.04 30.53 13.89
C SER D 92 -15.92 30.50 12.86
N LYS D 93 -15.22 29.38 12.74
CA LYS D 93 -14.07 29.24 11.83
C LYS D 93 -14.58 28.58 10.56
N ALA D 94 -15.04 29.40 9.61
CA ALA D 94 -15.44 28.90 8.31
C ALA D 94 -14.23 28.78 7.40
N VAL D 95 -14.15 27.67 6.67
CA VAL D 95 -13.03 27.43 5.77
C VAL D 95 -13.58 27.41 4.34
N VAL D 96 -13.08 28.34 3.52
CA VAL D 96 -13.59 28.46 2.17
C VAL D 96 -12.49 28.08 1.18
N GLN D 97 -12.88 27.31 0.17
CA GLN D 97 -11.99 26.97 -0.93
C GLN D 97 -12.22 28.03 -1.99
N VAL D 98 -11.15 28.63 -2.48
CA VAL D 98 -11.23 29.64 -3.52
C VAL D 98 -11.20 28.95 -4.88
N PHE D 99 -12.14 29.34 -5.74
CA PHE D 99 -12.23 28.70 -7.04
C PHE D 99 -10.98 28.96 -7.84
N GLU D 100 -10.61 30.24 -8.00
CA GLU D 100 -9.36 30.58 -8.65
C GLU D 100 -8.20 30.37 -7.69
N GLY D 101 -7.00 30.65 -8.17
CA GLY D 101 -5.83 30.56 -7.31
C GLY D 101 -5.92 31.51 -6.13
N THR D 102 -5.25 31.14 -5.05
CA THR D 102 -5.25 31.91 -3.83
C THR D 102 -4.11 32.92 -3.74
N SER D 103 -3.24 32.97 -4.75
CA SER D 103 -2.13 33.91 -4.75
C SER D 103 -2.64 35.33 -4.66
N GLY D 104 -1.97 36.15 -3.86
CA GLY D 104 -2.31 37.56 -3.77
C GLY D 104 -3.22 37.87 -2.61
N ILE D 105 -3.80 36.84 -2.01
CA ILE D 105 -4.69 36.99 -0.88
C ILE D 105 -3.88 37.18 0.39
N ASP D 106 -4.24 38.22 1.16
CA ASP D 106 -3.62 38.47 2.44
C ASP D 106 -4.59 38.12 3.55
N ALA D 107 -4.16 38.38 4.79
CA ALA D 107 -5.01 38.22 5.96
C ALA D 107 -5.34 39.53 6.65
N LYS D 108 -5.30 40.65 5.93
CA LYS D 108 -5.55 41.94 6.56
C LYS D 108 -6.56 42.80 5.81
N LYS D 109 -6.54 42.76 4.47
CA LYS D 109 -7.40 43.64 3.68
C LYS D 109 -8.42 42.90 2.83
N THR D 110 -8.14 41.66 2.43
CA THR D 110 -9.07 40.92 1.59
C THR D 110 -10.41 40.74 2.28
N SER D 111 -11.49 41.06 1.57
CA SER D 111 -12.83 40.97 2.14
C SER D 111 -13.56 39.79 1.53
N CYS D 112 -14.45 39.20 2.33
CA CYS D 112 -15.20 38.01 1.90
C CYS D 112 -16.68 38.31 2.07
N GLU D 113 -17.43 38.37 0.97
CA GLU D 113 -18.86 38.59 1.05
C GLU D 113 -19.59 37.26 0.96
N PHE D 114 -20.48 37.04 1.93
CA PHE D 114 -21.31 35.85 1.98
C PHE D 114 -22.65 36.13 1.33
N THR D 115 -23.13 35.16 0.53
CA THR D 115 -24.40 35.35 -0.16
C THR D 115 -25.57 34.89 0.69
N GLY D 116 -25.33 34.06 1.70
CA GLY D 116 -26.41 33.50 2.47
C GLY D 116 -27.07 32.30 1.85
N ASP D 117 -26.54 31.80 0.73
CA ASP D 117 -27.18 30.69 0.04
C ASP D 117 -26.09 29.80 -0.56
N ILE D 118 -26.53 28.72 -1.19
CA ILE D 118 -25.64 27.74 -1.81
C ILE D 118 -25.62 27.98 -3.31
N LEU D 119 -24.91 27.12 -4.04
CA LEU D 119 -24.75 27.31 -5.47
C LEU D 119 -25.99 26.79 -6.17
N ARG D 120 -26.74 27.69 -6.79
CA ARG D 120 -27.99 27.34 -7.46
C ARG D 120 -27.92 27.86 -8.89
N THR D 121 -28.18 27.02 -9.82
CA THR D 121 -27.95 27.43 -11.19
C THR D 121 -29.22 27.98 -11.81
N PRO D 122 -29.14 29.16 -12.43
CA PRO D 122 -30.27 29.68 -13.22
C PRO D 122 -30.49 28.80 -14.44
N VAL D 123 -31.72 28.32 -14.59
CA VAL D 123 -32.05 27.43 -15.68
C VAL D 123 -33.23 28.02 -16.44
N SER D 124 -33.27 27.69 -17.73
CA SER D 124 -34.33 28.12 -18.63
C SER D 124 -34.28 27.24 -19.85
N GLU D 125 -35.31 27.32 -20.69
CA GLU D 125 -35.23 26.70 -22.00
C GLU D 125 -34.29 27.48 -22.92
N ASP D 126 -34.24 28.80 -22.77
CA ASP D 126 -33.48 29.64 -23.67
C ASP D 126 -31.98 29.34 -23.65
N MET D 127 -31.46 28.80 -22.56
CA MET D 127 -30.04 28.48 -22.48
C MET D 127 -29.66 27.35 -23.42
N LEU D 128 -30.62 26.70 -24.06
CA LEU D 128 -30.29 25.71 -25.08
C LEU D 128 -29.92 26.42 -26.37
N GLY D 129 -28.71 26.15 -26.85
CA GLY D 129 -28.18 26.94 -27.94
C GLY D 129 -27.12 27.89 -27.44
N ARG D 130 -26.83 27.84 -26.14
CA ARG D 130 -25.78 28.65 -25.56
C ARG D 130 -24.59 27.77 -25.18
N VAL D 131 -23.45 28.43 -25.02
CA VAL D 131 -22.22 27.80 -24.61
C VAL D 131 -21.81 28.44 -23.29
N PHE D 132 -21.55 27.62 -22.28
CA PHE D 132 -21.17 28.11 -20.97
C PHE D 132 -19.85 27.49 -20.54
N ASN D 133 -19.20 28.15 -19.58
CA ASN D 133 -18.03 27.60 -18.92
C ASN D 133 -18.48 26.78 -17.71
N GLY D 134 -17.52 26.22 -16.99
CA GLY D 134 -17.83 25.34 -15.88
C GLY D 134 -18.64 25.99 -14.78
N SER D 135 -18.42 27.29 -14.56
CA SER D 135 -19.13 28.02 -13.53
C SER D 135 -20.55 28.39 -13.93
N GLY D 136 -20.95 28.16 -15.16
CA GLY D 136 -22.28 28.51 -15.58
C GLY D 136 -22.39 29.88 -16.23
N LYS D 137 -21.26 30.51 -16.46
CA LYS D 137 -21.22 31.82 -17.09
C LYS D 137 -21.17 31.68 -18.61
N PRO D 138 -21.80 32.58 -19.35
CA PRO D 138 -21.72 32.50 -20.82
C PRO D 138 -20.32 32.85 -21.29
N ILE D 139 -19.87 32.15 -22.33
CA ILE D 139 -18.59 32.47 -22.96
C ILE D 139 -18.79 32.58 -24.47
N ASP D 140 -20.03 32.84 -24.89
CA ASP D 140 -20.37 32.91 -26.31
C ASP D 140 -20.76 34.32 -26.70
N ARG D 141 -20.36 35.31 -25.89
CA ARG D 141 -20.63 36.73 -26.14
C ARG D 141 -22.11 37.06 -26.03
N GLY D 142 -22.92 36.14 -25.54
CA GLY D 142 -24.31 36.41 -25.30
C GLY D 142 -24.54 36.95 -23.90
N PRO D 143 -25.79 37.19 -23.55
CA PRO D 143 -26.12 37.73 -22.24
C PRO D 143 -26.08 36.63 -21.18
N VAL D 144 -26.10 37.07 -19.91
CA VAL D 144 -26.31 36.14 -18.81
C VAL D 144 -27.70 35.53 -18.93
N VAL D 145 -27.82 34.28 -18.50
CA VAL D 145 -29.09 33.57 -18.62
C VAL D 145 -30.16 34.30 -17.83
N LEU D 146 -31.30 34.53 -18.47
CA LEU D 146 -32.46 35.08 -17.77
C LEU D 146 -33.31 33.95 -17.24
N ALA D 147 -33.21 33.68 -15.94
CA ALA D 147 -33.61 32.41 -15.37
C ALA D 147 -35.11 32.19 -15.41
N GLU D 148 -35.55 30.95 -15.61
CA GLU D 148 -36.91 30.58 -15.26
C GLU D 148 -37.01 30.01 -13.86
N ASP D 149 -35.92 29.44 -13.34
CA ASP D 149 -35.92 28.98 -11.95
C ASP D 149 -34.49 28.82 -11.49
N PHE D 150 -34.33 28.47 -10.21
CA PHE D 150 -33.01 28.16 -9.66
C PHE D 150 -33.05 26.79 -9.02
N LEU D 151 -32.11 25.93 -9.40
CA LEU D 151 -32.06 24.57 -8.89
C LEU D 151 -30.75 24.33 -8.16
N ASP D 152 -30.82 23.59 -7.06
CA ASP D 152 -29.60 23.10 -6.43
C ASP D 152 -28.93 22.09 -7.35
N ILE D 153 -27.67 22.36 -7.69
CA ILE D 153 -27.02 21.53 -8.71
C ILE D 153 -26.77 20.13 -8.19
N MET D 154 -26.73 19.94 -6.87
CA MET D 154 -26.65 18.59 -6.33
C MET D 154 -27.97 17.85 -6.50
N GLY D 155 -29.08 18.57 -6.52
CA GLY D 155 -30.38 17.98 -6.79
C GLY D 155 -30.80 16.95 -5.75
N GLN D 156 -31.64 16.02 -6.23
CA GLN D 156 -32.21 14.97 -5.41
C GLN D 156 -32.26 13.68 -6.20
N PRO D 157 -32.22 12.53 -5.53
CA PRO D 157 -32.39 11.26 -6.23
C PRO D 157 -33.81 11.10 -6.76
N ILE D 158 -33.90 10.46 -7.91
CA ILE D 158 -35.20 10.17 -8.51
C ILE D 158 -35.84 8.99 -7.79
N ASN D 159 -37.08 9.17 -7.37
CA ASN D 159 -37.78 8.15 -6.60
C ASN D 159 -37.95 6.90 -7.47
N PRO D 160 -37.30 5.80 -7.13
CA PRO D 160 -37.40 4.58 -7.96
C PRO D 160 -38.82 4.12 -8.21
N GLN D 161 -39.77 4.45 -7.36
CA GLN D 161 -41.12 3.95 -7.55
C GLN D 161 -41.73 4.51 -8.83
N CYS D 162 -41.21 5.65 -9.30
CA CYS D 162 -41.80 6.28 -10.48
C CYS D 162 -40.87 6.20 -11.68
N ARG D 163 -39.89 5.30 -11.65
CA ARG D 163 -38.96 5.17 -12.76
C ARG D 163 -39.52 4.21 -13.78
N ILE D 164 -39.48 4.59 -15.05
CA ILE D 164 -40.06 3.76 -16.10
C ILE D 164 -38.94 3.06 -16.86
N TYR D 165 -39.11 1.75 -17.06
CA TYR D 165 -38.08 0.97 -17.80
C TYR D 165 -37.92 1.60 -19.17
N PRO D 166 -36.67 1.77 -19.76
CA PRO D 166 -36.37 2.35 -21.07
C PRO D 166 -37.11 1.62 -22.18
N GLU D 167 -37.57 2.37 -23.17
CA GLU D 167 -38.28 1.76 -24.31
C GLU D 167 -37.66 2.14 -25.65
N GLU D 168 -38.16 3.19 -26.27
CA GLU D 168 -37.83 3.47 -27.66
C GLU D 168 -36.33 3.74 -27.81
N MET D 169 -35.87 3.94 -29.04
CA MET D 169 -34.46 4.12 -29.34
C MET D 169 -34.18 5.58 -29.69
N ILE D 170 -32.97 6.03 -29.40
CA ILE D 170 -32.43 7.29 -29.90
C ILE D 170 -31.30 6.95 -30.86
N GLN D 171 -31.55 7.12 -32.16
CA GLN D 171 -30.53 6.80 -33.15
C GLN D 171 -29.42 7.85 -33.09
N THR D 172 -28.19 7.38 -33.25
CA THR D 172 -27.02 8.24 -33.20
C THR D 172 -26.54 8.66 -34.57
N GLY D 173 -26.89 7.92 -35.62
CA GLY D 173 -26.38 8.23 -36.95
C GLY D 173 -25.10 7.49 -37.29
N ILE D 174 -24.54 6.80 -36.32
CA ILE D 174 -23.32 6.03 -36.51
C ILE D 174 -23.69 4.54 -36.55
N SER D 175 -23.52 3.91 -37.70
CA SER D 175 -23.98 2.53 -37.87
C SER D 175 -23.39 1.60 -36.83
N ALA D 176 -22.12 1.78 -36.47
CA ALA D 176 -21.46 0.83 -35.58
C ALA D 176 -22.16 0.74 -34.23
N ILE D 177 -22.95 1.76 -33.88
CA ILE D 177 -23.65 1.79 -32.60
C ILE D 177 -25.14 2.04 -32.77
N ASP D 178 -25.68 1.85 -33.98
CA ASP D 178 -27.12 1.84 -34.18
C ASP D 178 -27.62 0.46 -34.58
N GLY D 179 -26.89 -0.24 -35.47
CA GLY D 179 -27.32 -1.57 -35.87
C GLY D 179 -26.70 -2.68 -35.07
N MET D 180 -25.81 -2.37 -34.12
CA MET D 180 -25.12 -3.39 -33.36
C MET D 180 -25.36 -3.27 -31.86
N ASN D 181 -25.28 -2.06 -31.31
CA ASN D 181 -25.46 -1.83 -29.88
C ASN D 181 -26.20 -0.51 -29.72
N SER D 182 -27.49 -0.51 -30.02
CA SER D 182 -28.24 0.73 -30.01
C SER D 182 -28.43 1.24 -28.60
N ILE D 183 -28.78 2.51 -28.49
CA ILE D 183 -28.94 3.18 -27.20
C ILE D 183 -30.43 3.32 -26.96
N ALA D 184 -30.93 2.67 -25.91
CA ALA D 184 -32.35 2.75 -25.61
C ALA D 184 -32.68 4.14 -25.05
N ARG D 185 -33.92 4.56 -25.23
CA ARG D 185 -34.30 5.88 -24.76
C ARG D 185 -34.45 5.86 -23.25
N GLY D 186 -33.33 5.83 -22.55
CA GLY D 186 -33.37 5.85 -21.11
C GLY D 186 -32.23 5.10 -20.46
N GLN D 187 -31.31 4.56 -21.27
CA GLN D 187 -30.22 3.83 -20.67
C GLN D 187 -29.00 4.72 -20.54
N LYS D 188 -27.94 4.16 -19.96
CA LYS D 188 -26.71 4.88 -19.68
C LYS D 188 -25.57 3.98 -20.12
N ILE D 189 -25.03 4.24 -21.30
CA ILE D 189 -24.00 3.37 -21.86
C ILE D 189 -22.77 4.19 -22.24
N PRO D 190 -21.64 3.96 -21.49
CA PRO D 190 -20.30 4.70 -21.51
C PRO D 190 -19.48 4.37 -22.75
N ILE D 191 -18.61 5.29 -23.18
CA ILE D 191 -17.65 4.94 -24.26
C ILE D 191 -16.27 4.90 -23.62
N PHE D 192 -15.67 3.72 -23.55
CA PHE D 192 -14.30 3.58 -23.01
C PHE D 192 -13.31 3.74 -24.17
N SER D 193 -12.29 4.59 -23.99
CA SER D 193 -11.31 4.90 -25.02
C SER D 193 -9.94 4.98 -24.37
N ALA D 194 -8.90 4.66 -25.14
CA ALA D 194 -7.55 4.94 -24.68
C ALA D 194 -7.16 6.36 -25.04
N ALA D 195 -6.17 6.89 -24.34
CA ALA D 195 -5.64 8.20 -24.65
C ALA D 195 -5.05 8.17 -26.06
N GLY D 196 -5.37 9.20 -26.85
CA GLY D 196 -4.84 9.35 -28.19
C GLY D 196 -5.82 8.95 -29.26
N LEU D 197 -6.87 8.22 -28.89
CA LEU D 197 -7.90 7.81 -29.84
C LEU D 197 -8.92 8.93 -30.03
N PRO D 198 -9.61 8.94 -31.16
CA PRO D 198 -10.54 10.03 -31.48
C PRO D 198 -11.90 9.91 -30.78
N HIS D 199 -11.84 9.94 -29.44
CA HIS D 199 -13.06 9.85 -28.60
C HIS D 199 -13.83 11.18 -28.66
N ASN D 200 -13.12 12.28 -28.85
CA ASN D 200 -13.78 13.61 -28.92
C ASN D 200 -14.38 13.79 -30.31
N GLU D 201 -13.75 13.26 -31.36
CA GLU D 201 -14.34 13.41 -32.68
C GLU D 201 -15.62 12.62 -32.80
N ILE D 202 -15.67 11.41 -32.23
CA ILE D 202 -16.90 10.64 -32.21
C ILE D 202 -17.97 11.36 -31.41
N ALA D 203 -17.60 11.87 -30.24
CA ALA D 203 -18.60 12.60 -29.40
C ALA D 203 -19.17 13.78 -30.19
N ALA D 204 -18.30 14.51 -30.90
CA ALA D 204 -18.79 15.65 -31.69
C ALA D 204 -19.71 15.16 -32.80
N GLN D 205 -19.37 14.02 -33.42
CA GLN D 205 -20.22 13.48 -34.48
C GLN D 205 -21.59 13.10 -33.95
N ILE D 206 -21.64 12.54 -32.74
CA ILE D 206 -22.91 12.19 -32.14
C ILE D 206 -23.77 13.43 -31.95
N CYS D 207 -23.16 14.51 -31.46
CA CYS D 207 -23.92 15.75 -31.30
C CYS D 207 -24.48 16.27 -32.62
N ARG D 208 -23.73 16.18 -33.71
CA ARG D 208 -24.25 16.64 -34.98
C ARG D 208 -25.30 15.72 -35.57
N GLN D 209 -25.18 14.41 -35.37
CA GLN D 209 -26.03 13.46 -36.07
C GLN D 209 -27.17 12.89 -35.23
N ALA D 210 -27.05 12.87 -33.91
CA ALA D 210 -28.01 12.16 -33.08
C ALA D 210 -29.40 12.80 -33.17
N GLY D 211 -30.41 11.96 -33.03
CA GLY D 211 -31.78 12.42 -33.03
C GLY D 211 -32.72 11.24 -32.86
N LEU D 212 -34.01 11.54 -33.01
CA LEU D 212 -35.02 10.52 -32.85
C LEU D 212 -35.20 9.73 -34.14
N VAL D 213 -35.84 8.56 -34.01
CA VAL D 213 -35.95 7.66 -35.15
C VAL D 213 -36.74 8.27 -36.29
N LYS D 214 -37.78 9.04 -35.98
CA LYS D 214 -38.67 9.61 -36.99
C LYS D 214 -39.35 8.52 -37.82
N LYS D 215 -39.92 7.56 -37.10
CA LYS D 215 -40.64 6.47 -37.74
C LYS D 215 -41.51 7.00 -38.88
N GLU D 225 -38.27 18.12 -32.86
CA GLU D 225 -38.72 19.33 -32.16
C GLU D 225 -38.73 19.15 -30.66
N ASN D 226 -38.61 17.91 -30.18
CA ASN D 226 -38.59 17.62 -28.75
C ASN D 226 -37.34 16.88 -28.33
N PHE D 227 -36.21 17.16 -28.96
CA PHE D 227 -34.95 16.51 -28.66
C PHE D 227 -33.86 17.54 -28.47
N ALA D 228 -33.10 17.39 -27.38
CA ALA D 228 -32.01 18.30 -27.08
C ALA D 228 -30.84 17.50 -26.56
N ILE D 229 -29.65 18.06 -26.74
CA ILE D 229 -28.42 17.45 -26.27
C ILE D 229 -27.75 18.43 -25.33
N VAL D 230 -27.29 17.92 -24.18
CA VAL D 230 -26.51 18.70 -23.24
C VAL D 230 -25.14 18.05 -23.18
N PHE D 231 -24.12 18.82 -23.56
CA PHE D 231 -22.77 18.26 -23.76
C PHE D 231 -21.82 18.98 -22.80
N ALA D 232 -21.10 18.22 -21.99
CA ALA D 232 -20.21 18.85 -21.00
C ALA D 232 -18.81 18.26 -21.19
N ALA D 233 -17.81 19.10 -21.39
CA ALA D 233 -16.42 18.60 -21.50
C ALA D 233 -15.68 19.00 -20.22
N MET D 234 -15.13 18.02 -19.50
CA MET D 234 -14.35 18.31 -18.27
C MET D 234 -12.87 18.16 -18.57
N GLY D 235 -12.07 19.15 -18.17
CA GLY D 235 -10.62 19.17 -18.30
C GLY D 235 -10.14 19.24 -19.74
N VAL D 236 -10.90 19.87 -20.61
CA VAL D 236 -10.60 19.89 -22.03
C VAL D 236 -9.54 20.95 -22.29
N ASN D 237 -8.60 20.64 -23.18
CA ASN D 237 -7.57 21.59 -23.56
C ASN D 237 -8.13 22.60 -24.56
N MET D 238 -7.40 23.70 -24.73
CA MET D 238 -7.87 24.81 -25.54
C MET D 238 -8.14 24.40 -26.98
N GLU D 239 -7.30 23.54 -27.55
CA GLU D 239 -7.47 23.15 -28.95
C GLU D 239 -8.76 22.36 -29.14
N THR D 240 -9.04 21.42 -28.23
CA THR D 240 -10.28 20.66 -28.36
C THR D 240 -11.50 21.51 -28.04
N ALA D 241 -11.39 22.42 -27.08
CA ALA D 241 -12.53 23.29 -26.77
C ALA D 241 -12.95 24.08 -28.02
N ARG D 242 -11.97 24.56 -28.78
CA ARG D 242 -12.30 25.19 -30.06
C ARG D 242 -12.96 24.20 -31.00
N PHE D 243 -12.46 22.97 -31.03
CA PHE D 243 -13.02 21.97 -31.94
C PHE D 243 -14.52 21.83 -31.74
N PHE D 244 -14.93 21.62 -30.48
CA PHE D 244 -16.37 21.41 -30.16
C PHE D 244 -17.16 22.66 -30.53
N LYS D 245 -16.71 23.81 -30.07
CA LYS D 245 -17.48 25.05 -30.25
C LYS D 245 -17.67 25.38 -31.72
N SER D 246 -16.57 25.32 -32.49
CA SER D 246 -16.67 25.66 -33.91
C SER D 246 -17.42 24.59 -34.70
N ASP D 247 -17.18 23.32 -34.41
CA ASP D 247 -17.85 22.25 -35.14
C ASP D 247 -19.35 22.26 -34.88
N PHE D 248 -19.76 22.59 -33.65
CA PHE D 248 -21.19 22.62 -33.36
C PHE D 248 -21.85 23.81 -34.04
N GLU D 249 -21.20 24.98 -33.99
CA GLU D 249 -21.82 26.17 -34.59
C GLU D 249 -21.93 26.03 -36.09
N GLU D 250 -20.85 25.61 -36.76
CA GLU D 250 -20.82 25.65 -38.22
C GLU D 250 -21.86 24.72 -38.85
N ASN D 251 -22.13 23.57 -38.24
CA ASN D 251 -22.99 22.58 -38.86
C ASN D 251 -24.46 22.71 -38.47
N GLY D 252 -24.82 23.80 -37.78
CA GLY D 252 -26.22 24.10 -37.57
C GLY D 252 -26.87 23.37 -36.42
N SER D 253 -26.08 22.54 -35.73
CA SER D 253 -26.59 21.73 -34.63
C SER D 253 -26.81 22.52 -33.36
N MET D 254 -26.26 23.72 -33.27
CA MET D 254 -26.22 24.40 -31.97
C MET D 254 -27.61 24.67 -31.44
N ASP D 255 -28.61 24.82 -32.31
CA ASP D 255 -29.96 25.13 -31.87
C ASP D 255 -30.48 24.13 -30.85
N ASN D 256 -29.95 22.90 -30.87
CA ASN D 256 -30.41 21.87 -29.97
C ASN D 256 -29.33 21.37 -29.02
N VAL D 257 -28.25 22.12 -28.83
CA VAL D 257 -27.14 21.70 -27.98
C VAL D 257 -26.91 22.75 -26.92
N CYS D 258 -26.74 22.30 -25.68
CA CYS D 258 -26.30 23.17 -24.59
C CYS D 258 -24.89 22.70 -24.23
N LEU D 259 -23.91 23.57 -24.47
CA LEU D 259 -22.52 23.16 -24.37
C LEU D 259 -21.85 23.79 -23.16
N PHE D 260 -21.21 22.95 -22.35
CA PHE D 260 -20.42 23.39 -21.20
C PHE D 260 -18.98 23.00 -21.46
N LEU D 261 -18.08 23.97 -21.39
CA LEU D 261 -16.66 23.72 -21.59
C LEU D 261 -15.92 24.10 -20.32
N ASN D 262 -15.30 23.09 -19.70
CA ASN D 262 -14.40 23.29 -18.57
C ASN D 262 -12.99 22.95 -19.03
N LEU D 263 -12.15 23.96 -19.15
CA LEU D 263 -10.85 23.80 -19.79
C LEU D 263 -9.84 23.22 -18.81
N ALA D 264 -8.79 22.62 -19.37
CA ALA D 264 -7.79 21.96 -18.53
C ALA D 264 -7.16 22.95 -17.55
N ASN D 265 -7.01 24.20 -17.95
CA ASN D 265 -6.42 25.21 -17.07
C ASN D 265 -7.46 26.00 -16.29
N ASP D 266 -8.71 25.54 -16.27
CA ASP D 266 -9.72 26.20 -15.45
C ASP D 266 -9.68 25.64 -14.03
N PRO D 267 -10.25 26.36 -13.06
CA PRO D 267 -10.30 25.87 -11.69
C PRO D 267 -10.81 24.44 -11.60
N THR D 268 -10.09 23.62 -10.84
CA THR D 268 -10.41 22.21 -10.72
C THR D 268 -11.69 21.94 -9.96
N ILE D 269 -12.08 22.85 -9.08
CA ILE D 269 -13.37 22.71 -8.39
C ILE D 269 -14.51 22.95 -9.37
N GLU D 270 -14.31 23.86 -10.33
CA GLU D 270 -15.35 24.11 -11.31
C GLU D 270 -15.62 22.94 -12.17
N ARG D 271 -14.57 22.15 -12.42
CA ARG D 271 -14.72 20.89 -13.13
C ARG D 271 -15.64 19.93 -12.41
N ILE D 272 -15.77 20.04 -11.08
CA ILE D 272 -16.64 19.14 -10.35
C ILE D 272 -18.10 19.50 -10.49
N ILE D 273 -18.44 20.79 -10.45
CA ILE D 273 -19.81 21.23 -10.66
C ILE D 273 -20.20 21.18 -12.14
N THR D 274 -19.25 21.34 -13.05
CA THR D 274 -19.62 21.29 -14.46
C THR D 274 -20.60 20.15 -14.76
N PRO D 275 -20.30 18.88 -14.45
CA PRO D 275 -21.29 17.85 -14.79
C PRO D 275 -22.55 17.99 -13.99
N ARG D 276 -22.48 18.64 -12.82
CA ARG D 276 -23.69 18.87 -12.05
C ARG D 276 -24.57 19.92 -12.70
N LEU D 277 -23.97 20.95 -13.29
CA LEU D 277 -24.73 21.93 -14.05
C LEU D 277 -25.34 21.32 -15.30
N ALA D 278 -24.59 20.43 -15.96
CA ALA D 278 -25.09 19.79 -17.18
C ALA D 278 -26.31 18.94 -16.87
N LEU D 279 -26.25 18.16 -15.79
CA LEU D 279 -27.39 17.35 -15.40
C LEU D 279 -28.51 18.21 -14.82
N THR D 280 -28.17 19.25 -14.07
CA THR D 280 -29.20 20.16 -13.59
C THR D 280 -29.99 20.74 -14.76
N THR D 281 -29.29 21.17 -15.82
CA THR D 281 -30.01 21.62 -17.01
C THR D 281 -30.82 20.49 -17.62
N ALA D 282 -30.22 19.30 -17.73
CA ALA D 282 -30.89 18.18 -18.36
C ALA D 282 -32.20 17.86 -17.63
N GLU D 283 -32.18 17.87 -16.30
CA GLU D 283 -33.37 17.61 -15.51
C GLU D 283 -34.43 18.67 -15.75
N PHE D 284 -34.04 19.94 -15.78
CA PHE D 284 -35.02 20.96 -16.10
C PHE D 284 -35.63 20.72 -17.48
N LEU D 285 -34.79 20.58 -18.50
CA LEU D 285 -35.28 20.47 -19.88
C LEU D 285 -36.12 19.22 -20.06
N ALA D 286 -35.63 18.09 -19.53
CA ALA D 286 -36.27 16.80 -19.75
C ALA D 286 -37.60 16.68 -19.01
N TYR D 287 -37.59 16.95 -17.71
CA TYR D 287 -38.72 16.55 -16.89
C TYR D 287 -39.73 17.67 -16.73
N GLN D 288 -39.28 18.92 -16.80
CA GLN D 288 -40.22 20.02 -16.66
C GLN D 288 -40.74 20.52 -18.01
N CYS D 289 -39.96 20.34 -19.08
CA CYS D 289 -40.36 20.84 -20.39
C CYS D 289 -40.70 19.72 -21.37
N GLU D 290 -40.93 18.50 -20.88
CA GLU D 290 -41.46 17.40 -21.67
C GLU D 290 -40.71 17.25 -23.00
N LYS D 291 -39.43 16.89 -22.90
CA LYS D 291 -38.65 16.62 -24.10
C LYS D 291 -37.56 15.61 -23.75
N HIS D 292 -36.95 15.04 -24.78
CA HIS D 292 -35.93 14.03 -24.56
C HIS D 292 -34.53 14.64 -24.70
N VAL D 293 -33.70 14.43 -23.68
CA VAL D 293 -32.40 15.06 -23.57
C VAL D 293 -31.34 13.97 -23.61
N LEU D 294 -30.37 14.13 -24.51
CA LEU D 294 -29.20 13.27 -24.52
C LEU D 294 -28.05 14.02 -23.83
N VAL D 295 -27.51 13.42 -22.79
CA VAL D 295 -26.43 14.05 -22.03
C VAL D 295 -25.13 13.31 -22.30
N ILE D 296 -24.14 14.05 -22.77
CA ILE D 296 -22.81 13.44 -23.08
C ILE D 296 -21.78 14.03 -22.11
N LEU D 297 -21.19 13.19 -21.26
CA LEU D 297 -20.21 13.68 -20.26
C LEU D 297 -18.82 13.28 -20.72
N THR D 298 -18.03 14.22 -21.25
CA THR D 298 -16.75 13.83 -21.92
C THR D 298 -15.58 13.93 -20.94
N ASP D 299 -14.77 12.87 -20.90
CA ASP D 299 -13.53 12.82 -20.08
C ASP D 299 -13.93 12.79 -18.62
N MET D 300 -14.72 11.80 -18.22
CA MET D 300 -15.00 11.59 -16.78
C MET D 300 -13.69 11.26 -16.09
N SER D 301 -12.70 10.72 -16.81
CA SER D 301 -11.45 10.52 -16.08
C SER D 301 -10.86 11.81 -15.55
N SER D 302 -10.96 12.92 -16.29
CA SER D 302 -10.51 14.21 -15.79
C SER D 302 -11.34 14.70 -14.62
N TYR D 303 -12.64 14.44 -14.63
CA TYR D 303 -13.45 14.68 -13.45
C TYR D 303 -12.91 13.92 -12.25
N ALA D 304 -12.66 12.62 -12.40
CA ALA D 304 -12.20 11.83 -11.28
C ALA D 304 -10.90 12.39 -10.70
N GLU D 305 -10.01 12.87 -11.57
CA GLU D 305 -8.77 13.46 -11.09
C GLU D 305 -9.04 14.73 -10.31
N ALA D 306 -9.95 15.58 -10.79
CA ALA D 306 -10.30 16.78 -10.04
C ALA D 306 -10.94 16.42 -8.71
N LEU D 307 -11.73 15.34 -8.67
CA LEU D 307 -12.35 14.91 -7.43
C LEU D 307 -11.32 14.49 -6.41
N ARG D 308 -10.28 13.78 -6.86
CA ARG D 308 -9.20 13.38 -5.97
C ARG D 308 -8.52 14.60 -5.38
N GLU D 309 -8.36 15.66 -6.19
CA GLU D 309 -7.78 16.90 -5.67
C GLU D 309 -8.66 17.51 -4.58
N VAL D 310 -9.97 17.48 -4.76
CA VAL D 310 -10.86 18.02 -3.72
C VAL D 310 -10.72 17.23 -2.43
N SER D 311 -10.64 15.90 -2.54
CA SER D 311 -10.43 15.06 -1.37
C SER D 311 -9.15 15.45 -0.65
N ALA D 312 -8.06 15.64 -1.40
CA ALA D 312 -6.82 16.08 -0.77
C ALA D 312 -6.99 17.43 -0.08
N ALA D 313 -7.73 18.36 -0.71
CA ALA D 313 -7.97 19.65 -0.08
C ALA D 313 -8.66 19.48 1.26
N ARG D 314 -9.50 18.46 1.41
CA ARG D 314 -10.16 18.22 2.69
C ARG D 314 -9.27 17.44 3.67
N GLU D 315 -8.04 17.11 3.26
CA GLU D 315 -7.12 16.29 4.07
C GLU D 315 -7.73 14.93 4.40
N GLU D 316 -8.37 14.32 3.41
CA GLU D 316 -8.89 12.97 3.53
C GLU D 316 -7.82 11.98 3.12
N VAL D 317 -7.79 10.83 3.79
CA VAL D 317 -6.81 9.80 3.46
C VAL D 317 -7.22 9.11 2.17
N PRO D 318 -6.37 9.08 1.15
CA PRO D 318 -6.78 8.50 -0.13
C PRO D 318 -7.18 7.03 -0.01
N GLY D 319 -8.10 6.60 -0.86
CA GLY D 319 -8.51 5.21 -0.87
C GLY D 319 -7.79 4.44 -1.95
N ARG D 320 -8.51 3.49 -2.56
CA ARG D 320 -7.91 2.54 -3.54
C ARG D 320 -7.27 3.31 -4.71
N ARG D 321 -6.01 3.02 -5.01
CA ARG D 321 -5.30 3.70 -6.13
C ARG D 321 -5.36 5.22 -6.00
N GLY D 322 -5.48 5.75 -4.78
CA GLY D 322 -5.34 7.21 -4.58
C GLY D 322 -6.67 7.93 -4.66
N PHE D 323 -7.74 7.23 -5.02
CA PHE D 323 -9.03 7.88 -5.23
C PHE D 323 -9.83 7.88 -3.93
N PRO D 324 -10.78 8.80 -3.77
CA PRO D 324 -11.58 8.82 -2.56
C PRO D 324 -12.39 7.55 -2.38
N GLY D 325 -12.61 7.19 -1.12
CA GLY D 325 -13.44 6.03 -0.82
C GLY D 325 -14.87 6.19 -1.26
N TYR D 326 -15.30 7.43 -1.46
CA TYR D 326 -16.66 7.70 -1.91
C TYR D 326 -16.77 7.92 -3.41
N MET D 327 -15.75 7.55 -4.20
CA MET D 327 -15.84 7.72 -5.64
C MET D 327 -17.03 6.95 -6.20
N TYR D 328 -17.35 5.80 -5.61
CA TYR D 328 -18.47 5.01 -6.10
C TYR D 328 -19.76 5.79 -6.06
N THR D 329 -20.12 6.33 -4.88
CA THR D 329 -21.39 7.04 -4.77
C THR D 329 -21.36 8.35 -5.53
N ASP D 330 -20.19 8.99 -5.63
CA ASP D 330 -20.11 10.24 -6.37
C ASP D 330 -20.42 10.03 -7.86
N LEU D 331 -19.86 8.97 -8.45
CA LEU D 331 -20.19 8.67 -9.84
C LEU D 331 -21.65 8.29 -10.00
N ALA D 332 -22.19 7.50 -9.08
CA ALA D 332 -23.60 7.15 -9.14
C ALA D 332 -24.47 8.39 -9.00
N THR D 333 -24.07 9.32 -8.13
CA THR D 333 -24.82 10.56 -7.97
C THR D 333 -25.00 11.28 -9.30
N ILE D 334 -23.96 11.32 -10.12
CA ILE D 334 -24.08 11.93 -11.44
C ILE D 334 -24.82 11.01 -12.39
N TYR D 335 -24.39 9.75 -12.48
CA TYR D 335 -24.87 8.88 -13.54
C TYR D 335 -26.36 8.63 -13.43
N GLU D 336 -26.86 8.39 -12.23
CA GLU D 336 -28.23 7.91 -12.05
C GLU D 336 -29.28 9.01 -12.16
N ARG D 337 -28.88 10.25 -12.40
CA ARG D 337 -29.85 11.34 -12.57
C ARG D 337 -30.27 11.32 -14.04
N ALA D 338 -30.91 10.24 -14.43
CA ALA D 338 -31.30 10.02 -15.83
C ALA D 338 -32.35 8.94 -15.87
N GLY D 339 -32.95 8.75 -17.05
CA GLY D 339 -33.99 7.75 -17.23
C GLY D 339 -35.37 8.32 -17.42
N ARG D 340 -36.37 7.45 -17.53
CA ARG D 340 -37.74 7.92 -17.72
C ARG D 340 -38.46 7.95 -16.38
N VAL D 341 -39.48 8.79 -16.30
CA VAL D 341 -40.29 8.95 -15.10
C VAL D 341 -41.76 8.78 -15.46
N GLU D 342 -42.54 8.27 -14.51
CA GLU D 342 -43.95 8.02 -14.77
C GLU D 342 -44.69 9.33 -14.97
N GLY D 343 -45.60 9.35 -15.95
CA GLY D 343 -46.52 10.44 -16.14
C GLY D 343 -46.00 11.60 -16.95
N ARG D 344 -44.76 11.52 -17.43
CA ARG D 344 -44.15 12.61 -18.20
C ARG D 344 -43.54 12.03 -19.47
N ASN D 345 -43.51 12.83 -20.53
CA ASN D 345 -43.03 12.33 -21.81
C ASN D 345 -41.55 12.62 -22.05
N GLY D 346 -40.85 13.19 -21.08
CA GLY D 346 -39.45 13.47 -21.24
C GLY D 346 -38.57 12.30 -20.83
N SER D 347 -37.27 12.40 -21.10
CA SER D 347 -36.34 11.34 -20.70
C SER D 347 -34.92 11.94 -20.70
N ILE D 348 -34.03 11.32 -19.94
CA ILE D 348 -32.61 11.65 -20.03
C ILE D 348 -31.82 10.37 -20.28
N THR D 349 -30.95 10.40 -21.27
CA THR D 349 -29.97 9.34 -21.47
C THR D 349 -28.58 9.91 -21.25
N GLN D 350 -27.60 9.03 -21.06
CA GLN D 350 -26.22 9.47 -20.89
C GLN D 350 -25.30 8.63 -21.74
N ILE D 351 -24.25 9.28 -22.25
CA ILE D 351 -23.13 8.53 -22.87
C ILE D 351 -21.86 9.07 -22.21
N PRO D 352 -21.52 8.64 -20.98
CA PRO D 352 -20.29 9.10 -20.36
C PRO D 352 -19.13 8.63 -21.24
N ILE D 353 -18.07 9.43 -21.38
CA ILE D 353 -16.90 8.99 -22.19
C ILE D 353 -15.68 8.97 -21.27
N LEU D 354 -14.97 7.85 -21.21
CA LEU D 354 -13.90 7.70 -20.19
C LEU D 354 -12.60 7.22 -20.83
N THR D 355 -11.50 7.91 -20.54
CA THR D 355 -10.17 7.51 -20.96
C THR D 355 -9.62 6.48 -19.97
N MET D 356 -9.16 5.36 -20.49
CA MET D 356 -8.66 4.28 -19.67
C MET D 356 -7.19 4.53 -19.35
N PRO D 357 -6.83 4.81 -18.11
CA PRO D 357 -5.40 4.99 -17.79
C PRO D 357 -4.63 3.73 -18.11
N ASN D 358 -3.52 3.90 -18.83
CA ASN D 358 -2.66 2.79 -19.23
C ASN D 358 -3.45 1.74 -20.02
N ASP D 359 -4.60 2.12 -20.58
CA ASP D 359 -5.44 1.24 -21.38
C ASP D 359 -5.84 -0.02 -20.62
N ASP D 360 -6.02 0.08 -19.31
CA ASP D 360 -6.36 -1.05 -18.46
C ASP D 360 -7.80 -0.90 -17.98
N ILE D 361 -8.70 -1.75 -18.49
CA ILE D 361 -10.15 -1.63 -18.16
C ILE D 361 -10.34 -1.93 -16.66
N THR D 362 -9.33 -2.49 -16.00
CA THR D 362 -9.44 -2.82 -14.59
C THR D 362 -9.35 -1.58 -13.70
N HIS D 363 -8.80 -0.48 -14.21
CA HIS D 363 -8.53 0.73 -13.43
C HIS D 363 -9.81 1.20 -12.74
N PRO D 364 -9.73 1.72 -11.52
CA PRO D 364 -10.96 2.11 -10.82
C PRO D 364 -11.90 3.00 -11.62
N ILE D 365 -11.38 3.90 -12.44
CA ILE D 365 -12.27 4.80 -13.18
C ILE D 365 -13.20 4.04 -14.13
N PRO D 366 -12.72 3.27 -15.12
CA PRO D 366 -13.69 2.55 -15.96
C PRO D 366 -14.35 1.42 -15.21
N ASP D 367 -13.70 0.86 -14.18
CA ASP D 367 -14.29 -0.24 -13.44
C ASP D 367 -15.47 0.23 -12.61
N LEU D 368 -15.26 1.27 -11.80
CA LEU D 368 -16.36 1.80 -11.02
C LEU D 368 -17.46 2.37 -11.90
N THR D 369 -17.13 2.95 -13.05
CA THR D 369 -18.18 3.40 -13.95
C THR D 369 -18.96 2.21 -14.50
N GLY D 370 -18.29 1.31 -15.22
CA GLY D 370 -18.97 0.20 -15.85
C GLY D 370 -19.78 -0.64 -14.89
N TYR D 371 -19.32 -0.77 -13.64
CA TYR D 371 -19.99 -1.58 -12.64
C TYR D 371 -21.41 -1.09 -12.36
N ILE D 372 -21.71 0.17 -12.68
CA ILE D 372 -23.01 0.76 -12.42
C ILE D 372 -23.62 1.37 -13.69
N THR D 373 -23.16 0.94 -14.86
CA THR D 373 -23.80 1.31 -16.10
C THR D 373 -24.22 0.09 -16.88
N GLU D 374 -25.00 0.30 -17.94
CA GLU D 374 -25.67 -0.77 -18.65
C GLU D 374 -24.99 -1.01 -19.99
N GLY D 375 -23.95 -1.85 -19.96
CA GLY D 375 -23.18 -2.17 -21.18
C GLY D 375 -22.06 -1.18 -21.45
N GLN D 376 -21.47 -1.24 -22.64
CA GLN D 376 -20.34 -0.34 -23.00
C GLN D 376 -20.20 -0.28 -24.52
N ILE D 377 -19.73 0.84 -25.07
CA ILE D 377 -19.40 0.94 -26.53
C ILE D 377 -17.99 0.43 -26.81
N TYR D 378 -16.98 0.88 -26.06
CA TYR D 378 -15.60 0.34 -26.17
C TYR D 378 -14.85 0.69 -27.46
N VAL D 379 -14.05 1.76 -27.47
CA VAL D 379 -13.34 2.16 -28.72
C VAL D 379 -11.96 1.49 -28.69
N ASP D 380 -11.52 0.85 -29.78
CA ASP D 380 -10.24 0.09 -29.75
C ASP D 380 -9.07 0.92 -30.31
N ARG D 381 -7.86 0.35 -30.30
CA ARG D 381 -6.70 1.02 -30.88
C ARG D 381 -6.33 0.43 -32.24
N GLN D 382 -6.41 -0.90 -32.36
CA GLN D 382 -6.03 -1.55 -33.62
C GLN D 382 -6.85 -1.01 -34.78
N LEU D 383 -8.16 -0.80 -34.57
CA LEU D 383 -8.99 -0.25 -35.62
C LEU D 383 -8.56 1.16 -36.00
N HIS D 384 -8.09 1.93 -35.01
CA HIS D 384 -7.60 3.27 -35.31
C HIS D 384 -6.30 3.22 -36.10
N ASN D 385 -5.35 2.39 -35.68
CA ASN D 385 -4.09 2.30 -36.40
C ASN D 385 -4.31 1.79 -37.82
N ARG D 386 -5.34 0.99 -38.03
CA ARG D 386 -5.71 0.56 -39.38
C ARG D 386 -6.47 1.63 -40.15
N GLN D 387 -6.64 2.82 -39.57
CA GLN D 387 -7.24 3.97 -40.24
C GLN D 387 -8.71 3.71 -40.55
N ILE D 388 -9.41 3.12 -39.58
CA ILE D 388 -10.84 2.90 -39.65
C ILE D 388 -11.50 3.91 -38.73
N TYR D 389 -12.49 4.64 -39.25
CA TYR D 389 -13.25 5.58 -38.45
C TYR D 389 -14.74 5.38 -38.74
N PRO D 390 -15.57 5.24 -37.71
CA PRO D 390 -15.15 5.12 -36.31
C PRO D 390 -14.47 3.80 -36.01
N PRO D 391 -13.44 3.83 -35.11
CA PRO D 391 -12.62 2.67 -34.53
C PRO D 391 -13.33 1.94 -33.38
N ILE D 392 -14.58 1.55 -33.57
CA ILE D 392 -15.38 0.92 -32.47
C ILE D 392 -15.36 -0.60 -32.69
N ASN D 393 -14.99 -1.37 -31.67
CA ASN D 393 -14.87 -2.85 -31.83
C ASN D 393 -16.15 -3.52 -31.34
N VAL D 394 -16.92 -4.13 -32.26
CA VAL D 394 -18.26 -4.59 -31.91
C VAL D 394 -18.24 -5.85 -31.06
N LEU D 395 -17.12 -6.56 -30.98
CA LEU D 395 -17.13 -7.87 -30.30
C LEU D 395 -17.19 -7.73 -28.79
N PRO D 396 -16.36 -6.82 -28.15
CA PRO D 396 -16.33 -6.45 -26.65
C PRO D 396 -17.39 -5.44 -26.18
N SER D 397 -18.11 -4.83 -27.12
CA SER D 397 -19.18 -3.86 -26.77
C SER D 397 -20.46 -4.59 -26.38
N LEU D 398 -21.39 -3.91 -25.72
CA LEU D 398 -22.67 -4.53 -25.30
C LEU D 398 -23.67 -3.42 -24.97
N SER D 399 -24.93 -3.57 -25.40
CA SER D 399 -25.96 -2.67 -24.86
C SER D 399 -27.06 -3.56 -24.32
N ARG D 400 -27.15 -3.63 -22.98
CA ARG D 400 -28.09 -4.53 -22.33
C ARG D 400 -29.54 -4.17 -22.60
N LEU D 401 -29.81 -2.93 -23.00
CA LEU D 401 -31.17 -2.48 -23.24
C LEU D 401 -31.55 -2.56 -24.71
N MET D 402 -30.67 -3.06 -25.57
CA MET D 402 -30.98 -3.09 -26.99
C MET D 402 -32.25 -3.89 -27.25
N LYS D 403 -32.47 -4.95 -26.47
CA LYS D 403 -33.68 -5.77 -26.60
C LYS D 403 -34.94 -4.93 -26.52
N SER D 404 -34.94 -3.88 -25.72
CA SER D 404 -36.10 -3.01 -25.63
C SER D 404 -36.06 -1.86 -26.61
N ALA D 405 -34.85 -1.43 -27.01
CA ALA D 405 -34.73 -0.28 -27.89
C ALA D 405 -35.31 -0.55 -29.27
N ILE D 406 -35.18 -1.79 -29.75
CA ILE D 406 -35.44 -2.06 -31.16
C ILE D 406 -36.60 -3.04 -31.29
N GLY D 407 -37.15 -3.13 -32.48
CA GLY D 407 -38.26 -4.02 -32.76
C GLY D 407 -39.40 -3.28 -33.43
N GLU D 408 -40.41 -4.04 -33.81
CA GLU D 408 -41.55 -3.49 -34.51
C GLU D 408 -42.20 -2.38 -33.69
N GLY D 409 -42.46 -1.26 -34.35
CA GLY D 409 -43.09 -0.13 -33.68
C GLY D 409 -42.08 0.85 -33.14
N MET D 410 -40.80 0.45 -33.13
CA MET D 410 -39.74 1.32 -32.65
C MET D 410 -38.69 1.56 -33.73
N THR D 411 -38.22 0.50 -34.38
CA THR D 411 -37.36 0.65 -35.55
C THR D 411 -37.86 -0.12 -36.77
N ARG D 412 -37.53 -1.40 -36.92
CA ARG D 412 -38.04 -2.25 -37.98
C ARG D 412 -38.09 -3.68 -37.45
N LYS D 413 -38.95 -4.49 -38.07
CA LYS D 413 -39.16 -5.85 -37.60
C LYS D 413 -37.85 -6.63 -37.49
N ASP D 414 -36.95 -6.47 -38.45
CA ASP D 414 -35.79 -7.34 -38.60
C ASP D 414 -34.59 -6.83 -37.81
N HIS D 415 -34.74 -5.74 -37.07
CA HIS D 415 -33.58 -5.16 -36.41
C HIS D 415 -32.83 -6.17 -35.56
N ALA D 416 -33.53 -6.86 -34.66
CA ALA D 416 -32.85 -7.78 -33.74
C ALA D 416 -32.17 -8.90 -34.50
N ASP D 417 -32.79 -9.36 -35.58
CA ASP D 417 -32.26 -10.51 -36.30
C ASP D 417 -31.01 -10.13 -37.08
N VAL D 418 -30.99 -8.94 -37.68
CA VAL D 418 -29.83 -8.49 -38.42
C VAL D 418 -28.64 -8.30 -37.48
N SER D 419 -28.87 -7.70 -36.32
CA SER D 419 -27.79 -7.51 -35.36
C SER D 419 -27.18 -8.84 -34.94
N ASN D 420 -28.01 -9.82 -34.57
CA ASN D 420 -27.47 -11.07 -34.06
C ASN D 420 -26.67 -11.80 -35.14
N GLN D 421 -27.15 -11.77 -36.38
CA GLN D 421 -26.46 -12.48 -37.44
C GLN D 421 -25.16 -11.80 -37.81
N LEU D 422 -25.14 -10.46 -37.85
CA LEU D 422 -23.92 -9.75 -38.17
C LEU D 422 -22.86 -9.98 -37.11
N TYR D 423 -23.25 -9.99 -35.84
CA TYR D 423 -22.28 -10.23 -34.77
C TYR D 423 -21.62 -11.58 -34.93
N ALA D 424 -22.42 -12.63 -35.16
CA ALA D 424 -21.86 -13.96 -35.35
C ALA D 424 -20.96 -14.00 -36.58
N CYS D 425 -21.40 -13.37 -37.67
CA CYS D 425 -20.59 -13.38 -38.88
C CYS D 425 -19.27 -12.66 -38.69
N TYR D 426 -19.26 -11.52 -38.02
CA TYR D 426 -18.00 -10.82 -37.76
C TYR D 426 -17.09 -11.65 -36.85
N ALA D 427 -17.64 -12.21 -35.78
CA ALA D 427 -16.82 -13.02 -34.88
C ALA D 427 -16.23 -14.21 -35.62
N ILE D 428 -17.03 -14.85 -36.48
CA ILE D 428 -16.53 -15.96 -37.26
C ILE D 428 -15.47 -15.49 -38.25
N GLY D 429 -15.73 -14.39 -38.97
CA GLY D 429 -14.75 -13.89 -39.91
C GLY D 429 -13.39 -13.65 -39.26
N LYS D 430 -13.40 -13.09 -38.05
CA LYS D 430 -12.14 -12.91 -37.33
C LYS D 430 -11.49 -14.25 -37.03
N ASP D 431 -12.32 -15.26 -36.70
CA ASP D 431 -11.80 -16.59 -36.43
C ASP D 431 -11.19 -17.21 -37.68
N VAL D 432 -11.86 -17.05 -38.82
CA VAL D 432 -11.32 -17.54 -40.09
C VAL D 432 -10.05 -16.79 -40.46
N GLN D 433 -10.04 -15.47 -40.25
CA GLN D 433 -8.84 -14.70 -40.55
C GLN D 433 -7.66 -15.21 -39.76
N ALA D 434 -7.87 -15.53 -38.49
CA ALA D 434 -6.82 -16.12 -37.67
C ALA D 434 -6.37 -17.45 -38.23
N MET D 435 -7.32 -18.28 -38.69
CA MET D 435 -6.96 -19.52 -39.35
C MET D 435 -6.15 -19.27 -40.62
N LYS D 436 -6.60 -18.34 -41.46
CA LYS D 436 -5.87 -18.04 -42.69
C LYS D 436 -4.40 -17.78 -42.40
N ALA D 437 -4.11 -17.00 -41.37
CA ALA D 437 -2.71 -16.72 -41.04
C ALA D 437 -1.90 -17.98 -40.76
N VAL D 438 -2.55 -19.11 -40.45
CA VAL D 438 -1.85 -20.35 -40.13
C VAL D 438 -1.83 -21.32 -41.30
N VAL D 439 -2.95 -21.48 -42.01
CA VAL D 439 -3.06 -22.52 -43.03
C VAL D 439 -2.96 -21.97 -44.44
N GLY D 440 -3.14 -20.67 -44.62
CA GLY D 440 -3.08 -20.08 -45.93
C GLY D 440 -4.44 -20.00 -46.61
N GLU D 441 -4.46 -19.33 -47.76
CA GLU D 441 -5.71 -19.12 -48.48
C GLU D 441 -6.19 -20.41 -49.16
N GLU D 442 -5.25 -21.19 -49.71
CA GLU D 442 -5.62 -22.41 -50.39
C GLU D 442 -6.19 -23.47 -49.46
N ALA D 443 -5.94 -23.37 -48.16
CA ALA D 443 -6.45 -24.37 -47.23
C ALA D 443 -7.86 -24.04 -46.76
N LEU D 444 -8.43 -22.93 -47.22
CA LEU D 444 -9.76 -22.56 -46.80
C LEU D 444 -10.82 -23.14 -47.72
N THR D 445 -12.00 -23.41 -47.16
CA THR D 445 -13.14 -23.90 -47.92
C THR D 445 -14.02 -22.74 -48.34
N SER D 446 -15.08 -23.02 -49.09
CA SER D 446 -15.93 -21.95 -49.59
C SER D 446 -16.61 -21.16 -48.49
N ASP D 447 -17.08 -21.84 -47.44
CA ASP D 447 -17.74 -21.13 -46.34
C ASP D 447 -16.76 -20.20 -45.62
N ASP D 448 -15.53 -20.67 -45.43
CA ASP D 448 -14.53 -19.81 -44.80
C ASP D 448 -14.24 -18.58 -45.64
N LEU D 449 -14.20 -18.74 -46.96
CA LEU D 449 -13.95 -17.59 -47.84
C LEU D 449 -15.09 -16.58 -47.76
N LEU D 450 -16.33 -17.07 -47.60
CA LEU D 450 -17.45 -16.16 -47.44
C LEU D 450 -17.33 -15.36 -46.16
N TYR D 451 -16.85 -16.00 -45.09
CA TYR D 451 -16.65 -15.29 -43.83
C TYR D 451 -15.49 -14.30 -43.93
N LEU D 452 -14.48 -14.65 -44.71
CA LEU D 452 -13.37 -13.72 -44.93
C LEU D 452 -13.81 -12.52 -45.77
N GLU D 453 -14.59 -12.79 -46.82
CA GLU D 453 -15.13 -11.70 -47.62
C GLU D 453 -16.04 -10.80 -46.79
N PHE D 454 -16.90 -11.41 -45.97
CA PHE D 454 -17.73 -10.62 -45.07
C PHE D 454 -16.88 -9.74 -44.18
N LEU D 455 -15.84 -10.31 -43.55
CA LEU D 455 -15.03 -9.51 -42.64
C LEU D 455 -14.47 -8.28 -43.33
N GLN D 456 -13.92 -8.47 -44.54
CA GLN D 456 -13.30 -7.35 -45.24
C GLN D 456 -14.33 -6.31 -45.65
N LYS D 457 -15.46 -6.75 -46.20
CA LYS D 457 -16.48 -5.79 -46.60
C LYS D 457 -17.28 -5.26 -45.43
N PHE D 458 -17.44 -6.02 -44.36
CA PHE D 458 -18.15 -5.53 -43.18
C PHE D 458 -17.46 -4.31 -42.61
N GLU D 459 -16.15 -4.41 -42.37
CA GLU D 459 -15.43 -3.27 -41.82
C GLU D 459 -15.38 -2.12 -42.81
N LYS D 460 -15.18 -2.40 -44.09
CA LYS D 460 -15.06 -1.32 -45.06
C LYS D 460 -16.38 -0.59 -45.34
N ASN D 461 -17.50 -1.31 -45.42
CA ASN D 461 -18.78 -0.70 -45.76
C ASN D 461 -19.65 -0.39 -44.56
N PHE D 462 -19.69 -1.27 -43.55
CA PHE D 462 -20.65 -1.11 -42.47
C PHE D 462 -20.07 -0.29 -41.33
N ILE D 463 -18.88 -0.65 -40.86
CA ILE D 463 -18.30 0.04 -39.72
C ILE D 463 -17.68 1.36 -40.16
N THR D 464 -16.84 1.34 -41.20
CA THR D 464 -16.26 2.58 -41.70
C THR D 464 -17.32 3.50 -42.28
N GLN D 465 -17.37 4.72 -41.77
CA GLN D 465 -18.44 5.64 -42.10
C GLN D 465 -17.97 7.02 -42.52
N GLY D 466 -17.05 7.64 -41.79
CA GLY D 466 -16.70 9.00 -42.04
C GLY D 466 -17.44 9.90 -41.08
N PRO D 467 -16.88 11.08 -40.79
CA PRO D 467 -17.47 11.92 -39.74
C PRO D 467 -18.66 12.73 -40.20
N TYR D 468 -18.94 12.78 -41.49
CA TYR D 468 -19.98 13.66 -42.01
C TYR D 468 -21.05 12.91 -42.79
N GLU D 469 -21.06 11.58 -42.70
CA GLU D 469 -22.15 10.81 -43.27
C GLU D 469 -23.08 10.33 -42.16
N ASN D 470 -24.32 10.76 -42.23
CA ASN D 470 -25.31 10.45 -41.21
C ASN D 470 -26.16 9.28 -41.70
N ARG D 471 -25.97 8.13 -41.08
CA ARG D 471 -26.67 6.92 -41.49
C ARG D 471 -27.80 6.69 -40.50
N THR D 472 -29.04 6.80 -40.97
CA THR D 472 -30.17 6.50 -40.10
C THR D 472 -30.27 5.01 -39.88
N VAL D 473 -31.07 4.63 -38.88
CA VAL D 473 -31.25 3.23 -38.50
C VAL D 473 -31.73 2.35 -39.65
N TYR D 474 -32.57 2.90 -40.53
CA TYR D 474 -33.09 2.08 -41.62
C TYR D 474 -32.04 1.86 -42.70
N GLU D 475 -31.26 2.89 -43.03
CA GLU D 475 -30.13 2.67 -43.93
C GLU D 475 -29.08 1.76 -43.31
N THR D 476 -28.84 1.86 -42.01
CA THR D 476 -27.88 0.96 -41.38
C THR D 476 -28.31 -0.49 -41.52
N LEU D 477 -29.60 -0.77 -41.30
CA LEU D 477 -30.09 -2.13 -41.46
C LEU D 477 -29.99 -2.59 -42.92
N ASP D 478 -30.31 -1.70 -43.86
CA ASP D 478 -30.21 -2.07 -45.27
C ASP D 478 -28.78 -2.38 -45.66
N ILE D 479 -27.82 -1.61 -45.12
CA ILE D 479 -26.41 -1.92 -45.34
C ILE D 479 -26.08 -3.28 -44.73
N GLY D 480 -26.59 -3.54 -43.51
CA GLY D 480 -26.42 -4.86 -42.93
C GLY D 480 -26.86 -5.96 -43.88
N TRP D 481 -28.06 -5.82 -44.46
CA TRP D 481 -28.54 -6.85 -45.36
C TRP D 481 -27.63 -7.02 -46.56
N GLN D 482 -27.07 -5.92 -47.07
CA GLN D 482 -26.13 -6.02 -48.18
C GLN D 482 -24.94 -6.89 -47.81
N LEU D 483 -24.53 -6.87 -46.55
CA LEU D 483 -23.46 -7.74 -46.09
C LEU D 483 -23.95 -9.16 -45.90
N LEU D 484 -25.14 -9.33 -45.32
CA LEU D 484 -25.72 -10.65 -45.10
C LEU D 484 -26.04 -11.38 -46.39
N ARG D 485 -26.46 -10.69 -47.44
CA ARG D 485 -26.75 -11.35 -48.70
C ARG D 485 -25.51 -11.92 -49.38
N ILE D 486 -24.34 -11.73 -48.77
CA ILE D 486 -23.15 -12.47 -49.22
C ILE D 486 -23.37 -13.96 -49.03
N PHE D 487 -24.03 -14.33 -47.94
CA PHE D 487 -24.20 -15.72 -47.58
C PHE D 487 -25.49 -16.25 -48.18
N PRO D 488 -25.52 -17.53 -48.57
CA PRO D 488 -26.80 -18.18 -48.88
C PRO D 488 -27.65 -18.33 -47.63
N LYS D 489 -28.95 -18.48 -47.85
CA LYS D 489 -29.90 -18.51 -46.75
C LYS D 489 -29.52 -19.54 -45.69
N GLU D 490 -29.00 -20.69 -46.11
CA GLU D 490 -28.77 -21.79 -45.19
C GLU D 490 -27.67 -21.51 -44.17
N MET D 491 -26.82 -20.52 -44.41
CA MET D 491 -25.75 -20.20 -43.47
C MET D 491 -26.13 -19.11 -42.48
N LEU D 492 -27.31 -18.51 -42.63
CA LEU D 492 -27.76 -17.43 -41.75
C LEU D 492 -28.59 -18.05 -40.63
N LYS D 493 -27.91 -18.74 -39.71
CA LYS D 493 -28.61 -19.64 -38.81
C LYS D 493 -29.42 -18.88 -37.77
N ARG D 494 -29.03 -17.64 -37.48
CA ARG D 494 -29.66 -16.88 -36.40
C ARG D 494 -30.82 -16.01 -36.87
N ILE D 495 -31.19 -16.06 -38.14
CA ILE D 495 -32.31 -15.27 -38.63
C ILE D 495 -33.45 -16.23 -38.96
N PRO D 496 -34.61 -16.09 -38.32
CA PRO D 496 -35.74 -16.97 -38.64
C PRO D 496 -36.13 -16.90 -40.10
N GLN D 497 -36.69 -18.01 -40.59
CA GLN D 497 -37.05 -18.12 -41.99
C GLN D 497 -38.04 -17.05 -42.42
N SER D 498 -38.96 -16.67 -41.51
CA SER D 498 -39.94 -15.64 -41.86
C SER D 498 -39.25 -14.32 -42.16
N THR D 499 -38.24 -13.97 -41.37
CA THR D 499 -37.51 -12.73 -41.61
C THR D 499 -36.75 -12.79 -42.93
N LEU D 500 -36.10 -13.93 -43.21
CA LEU D 500 -35.33 -14.07 -44.44
C LEU D 500 -36.22 -13.91 -45.65
N SER D 501 -37.38 -14.56 -45.65
CA SER D 501 -38.27 -14.53 -46.81
C SER D 501 -38.73 -13.11 -47.12
N GLU D 502 -38.89 -12.26 -46.11
CA GLU D 502 -39.37 -10.91 -46.37
C GLU D 502 -38.25 -9.98 -46.80
N PHE D 503 -37.08 -10.08 -46.16
CA PHE D 503 -36.04 -9.08 -46.30
C PHE D 503 -34.84 -9.54 -47.12
N TYR D 504 -34.51 -10.83 -47.08
CA TYR D 504 -33.29 -11.34 -47.69
C TYR D 504 -33.16 -11.02 -49.18
N PRO D 505 -34.21 -11.23 -50.01
CA PRO D 505 -34.01 -11.05 -51.46
C PRO D 505 -33.94 -9.58 -51.86
N ARG D 506 -33.46 -9.32 -53.06
CA ARG D 506 -33.47 -7.98 -53.65
C ARG D 506 -32.37 -7.13 -53.05
N TYR E 39 -7.34 -11.57 49.21
CA TYR E 39 -8.47 -11.26 48.30
C TYR E 39 -8.72 -9.75 48.28
N LEU E 40 -9.72 -9.32 47.51
CA LEU E 40 -10.06 -7.92 47.38
C LEU E 40 -11.19 -7.59 48.34
N SER E 41 -10.85 -6.95 49.46
CA SER E 41 -11.82 -6.62 50.48
C SER E 41 -12.42 -5.23 50.35
N GLN E 42 -11.82 -4.36 49.56
CA GLN E 42 -12.25 -2.97 49.53
C GLN E 42 -13.47 -2.83 48.62
N PRO E 43 -14.44 -1.99 48.97
CA PRO E 43 -15.62 -1.81 48.12
C PRO E 43 -15.21 -1.34 46.73
N ARG E 44 -15.97 -1.78 45.73
CA ARG E 44 -15.73 -1.35 44.35
C ARG E 44 -16.34 0.03 44.12
N LEU E 45 -15.71 0.78 43.21
CA LEU E 45 -16.23 2.08 42.84
C LEU E 45 -17.03 1.99 41.55
N THR E 46 -18.07 2.81 41.46
CA THR E 46 -18.89 2.92 40.26
C THR E 46 -18.78 4.35 39.74
N TYR E 47 -18.62 4.48 38.42
CA TYR E 47 -18.41 5.77 37.78
C TYR E 47 -19.52 6.06 36.79
N LYS E 48 -19.90 7.33 36.69
CA LYS E 48 -20.65 7.86 35.55
C LYS E 48 -19.86 8.93 34.81
N THR E 49 -18.60 8.64 34.49
CA THR E 49 -17.65 9.66 34.03
C THR E 49 -17.16 9.38 32.61
N VAL E 50 -17.98 8.71 31.81
CA VAL E 50 -17.56 8.33 30.46
C VAL E 50 -17.17 9.60 29.71
N SER E 51 -15.94 9.63 29.20
CA SER E 51 -15.48 10.79 28.44
C SER E 51 -16.00 10.79 27.01
N GLY E 52 -15.98 9.62 26.35
CA GLY E 52 -16.45 9.54 24.99
C GLY E 52 -16.41 8.11 24.47
N VAL E 53 -16.94 7.87 23.27
CA VAL E 53 -16.95 6.53 22.72
C VAL E 53 -16.43 6.62 21.29
N ASN E 54 -15.47 5.76 20.96
CA ASN E 54 -14.90 5.72 19.61
C ASN E 54 -14.72 4.29 19.13
N GLY E 55 -15.59 3.88 18.22
CA GLY E 55 -15.72 2.50 17.82
C GLY E 55 -16.07 1.56 18.95
N PRO E 56 -15.26 0.51 19.14
CA PRO E 56 -15.52 -0.44 20.22
C PRO E 56 -14.95 -0.02 21.56
N LEU E 57 -14.37 1.19 21.63
CA LEU E 57 -13.62 1.62 22.86
C LEU E 57 -14.37 2.74 23.60
N VAL E 58 -14.64 2.53 24.88
CA VAL E 58 -15.31 3.49 25.74
C VAL E 58 -14.26 4.11 26.65
N ILE E 59 -14.11 5.43 26.60
CA ILE E 59 -13.01 6.10 27.26
C ILE E 59 -13.58 6.76 28.50
N LEU E 60 -13.04 6.41 29.67
CA LEU E 60 -13.49 7.00 30.91
C LEU E 60 -12.46 8.00 31.39
N ASP E 61 -12.92 9.03 32.10
CA ASP E 61 -12.05 9.99 32.77
C ASP E 61 -12.32 9.92 34.25
N HIS E 62 -11.58 10.72 35.02
CA HIS E 62 -11.77 10.86 36.46
C HIS E 62 -11.76 9.52 37.17
N VAL E 63 -10.90 8.60 36.75
CA VAL E 63 -10.85 7.29 37.38
C VAL E 63 -9.71 7.26 38.40
N LYS E 64 -10.00 6.69 39.57
CA LYS E 64 -9.04 6.66 40.66
C LYS E 64 -8.09 5.48 40.43
N PHE E 65 -6.79 5.79 40.38
CA PHE E 65 -5.73 4.79 40.24
C PHE E 65 -6.12 3.70 39.25
N PRO E 66 -6.28 4.03 37.97
CA PRO E 66 -6.62 3.00 36.99
C PRO E 66 -5.61 1.87 36.98
N ARG E 67 -6.14 0.66 36.81
CA ARG E 67 -5.32 -0.54 36.72
C ARG E 67 -5.34 -1.06 35.28
N TYR E 68 -4.16 -1.43 34.78
CA TYR E 68 -4.07 -1.96 33.43
C TYR E 68 -4.63 -3.38 33.37
N ALA E 69 -5.43 -3.64 32.34
CA ALA E 69 -5.98 -4.96 32.07
C ALA E 69 -6.88 -5.42 33.21
N GLU E 70 -7.66 -4.48 33.71
CA GLU E 70 -8.70 -4.79 34.69
C GLU E 70 -10.05 -4.83 33.99
N ILE E 71 -10.99 -5.55 34.58
CA ILE E 71 -12.29 -5.74 33.96
C ILE E 71 -13.30 -4.77 34.56
N VAL E 72 -14.13 -4.20 33.68
CA VAL E 72 -15.13 -3.22 34.03
C VAL E 72 -16.49 -3.77 33.62
N HIS E 73 -17.45 -3.66 34.53
CA HIS E 73 -18.85 -3.99 34.26
C HIS E 73 -19.62 -2.69 34.10
N LEU E 74 -20.44 -2.59 33.07
CA LEU E 74 -21.15 -1.37 32.76
C LEU E 74 -22.63 -1.67 32.54
N THR E 75 -23.48 -0.74 32.97
CA THR E 75 -24.92 -0.85 32.76
C THR E 75 -25.39 0.31 31.90
N LEU E 76 -26.18 -0.03 30.88
CA LEU E 76 -26.71 0.89 29.89
C LEU E 76 -27.99 1.50 30.45
N PRO E 77 -28.51 2.61 29.88
CA PRO E 77 -29.69 3.22 30.49
C PRO E 77 -30.89 2.30 30.55
N ASP E 78 -30.95 1.28 29.69
CA ASP E 78 -32.10 0.39 29.63
C ASP E 78 -31.92 -0.86 30.51
N GLY E 79 -30.87 -0.91 31.31
CA GLY E 79 -30.62 -2.04 32.18
C GLY E 79 -29.72 -3.10 31.62
N THR E 80 -29.36 -3.03 30.34
CA THR E 80 -28.48 -4.01 29.75
C THR E 80 -27.12 -3.98 30.44
N LYS E 81 -26.59 -5.16 30.77
CA LYS E 81 -25.28 -5.28 31.40
C LYS E 81 -24.27 -5.75 30.37
N ARG E 82 -23.11 -5.10 30.34
CA ARG E 82 -22.03 -5.46 29.45
C ARG E 82 -20.72 -5.33 30.21
N SER E 83 -19.66 -5.90 29.66
CA SER E 83 -18.37 -5.90 30.31
C SER E 83 -17.29 -5.53 29.32
N GLY E 84 -16.15 -5.08 29.83
CA GLY E 84 -15.01 -4.82 28.97
C GLY E 84 -13.73 -4.79 29.76
N GLN E 85 -12.61 -4.67 29.05
CA GLN E 85 -11.29 -4.68 29.67
C GLN E 85 -10.55 -3.39 29.35
N VAL E 86 -9.83 -2.88 30.34
CA VAL E 86 -9.00 -1.69 30.17
C VAL E 86 -7.72 -2.09 29.44
N LEU E 87 -7.59 -1.58 28.21
CA LEU E 87 -6.44 -1.90 27.32
C LEU E 87 -5.43 -0.75 27.37
N GLU E 88 -5.78 0.34 28.06
CA GLU E 88 -4.84 1.47 28.19
C GLU E 88 -5.26 2.32 29.40
N VAL E 89 -4.28 2.79 30.16
CA VAL E 89 -4.48 3.76 31.23
C VAL E 89 -3.46 4.88 31.07
N SER E 90 -3.90 6.10 31.39
CA SER E 90 -3.04 7.27 31.34
C SER E 90 -3.60 8.32 32.28
N GLY E 91 -2.90 8.62 33.36
CA GLY E 91 -3.40 9.61 34.30
C GLY E 91 -4.76 9.20 34.85
N SER E 92 -5.75 10.05 34.64
CA SER E 92 -7.10 9.79 35.15
C SER E 92 -7.98 9.12 34.11
N LYS E 93 -7.45 8.82 32.93
CA LYS E 93 -8.23 8.26 31.85
C LYS E 93 -7.98 6.75 31.76
N ALA E 94 -8.97 6.02 31.23
CA ALA E 94 -8.84 4.59 30.96
C ALA E 94 -9.67 4.23 29.74
N VAL E 95 -9.12 3.35 28.90
CA VAL E 95 -9.81 2.92 27.64
C VAL E 95 -10.36 1.51 27.83
N VAL E 96 -11.68 1.36 27.81
CA VAL E 96 -12.36 0.09 28.06
C VAL E 96 -12.86 -0.47 26.74
N GLN E 97 -12.43 -1.69 26.41
CA GLN E 97 -12.97 -2.38 25.24
C GLN E 97 -14.15 -3.24 25.68
N VAL E 98 -15.32 -2.95 25.14
CA VAL E 98 -16.55 -3.59 25.56
C VAL E 98 -16.77 -4.83 24.71
N PHE E 99 -17.00 -5.97 25.36
CA PHE E 99 -17.08 -7.25 24.69
C PHE E 99 -18.36 -7.37 23.86
N GLU E 100 -19.50 -7.11 24.50
CA GLU E 100 -20.79 -7.24 23.81
C GLU E 100 -20.91 -6.21 22.69
N GLY E 101 -20.30 -5.05 22.86
CA GLY E 101 -20.37 -4.02 21.84
C GLY E 101 -20.66 -2.68 22.47
N THR E 102 -20.54 -1.64 21.64
CA THR E 102 -20.75 -0.28 22.11
C THR E 102 -22.04 0.35 21.57
N SER E 103 -22.88 -0.42 20.89
CA SER E 103 -24.17 0.09 20.44
C SER E 103 -25.11 0.31 21.61
N GLY E 104 -25.62 1.52 21.75
CA GLY E 104 -26.46 1.88 22.88
C GLY E 104 -25.72 2.43 24.07
N ILE E 105 -24.39 2.56 24.03
CA ILE E 105 -23.63 3.10 25.15
C ILE E 105 -23.88 4.61 25.21
N ASP E 106 -24.27 5.09 26.37
CA ASP E 106 -24.52 6.51 26.58
C ASP E 106 -23.27 7.23 27.03
N ALA E 107 -23.40 8.54 27.20
CA ALA E 107 -22.29 9.37 27.66
C ALA E 107 -22.59 9.99 29.01
N LYS E 108 -23.86 10.08 29.39
CA LYS E 108 -24.27 10.71 30.63
C LYS E 108 -24.82 9.71 31.64
N LYS E 109 -25.57 8.71 31.18
CA LYS E 109 -26.21 7.76 32.07
C LYS E 109 -25.46 6.44 32.20
N THR E 110 -24.39 6.23 31.44
CA THR E 110 -23.68 4.96 31.49
C THR E 110 -23.00 4.80 32.84
N SER E 111 -23.20 3.66 33.48
CA SER E 111 -22.64 3.40 34.80
C SER E 111 -21.64 2.26 34.70
N CYS E 112 -20.40 2.51 35.12
CA CYS E 112 -19.33 1.53 35.05
C CYS E 112 -18.76 1.28 36.44
N GLU E 113 -18.38 0.03 36.71
CA GLU E 113 -17.69 -0.34 37.93
C GLU E 113 -16.46 -1.15 37.62
N PHE E 114 -15.40 -0.91 38.40
CA PHE E 114 -14.11 -1.54 38.20
C PHE E 114 -13.96 -2.70 39.17
N THR E 115 -13.75 -3.91 38.63
CA THR E 115 -13.71 -5.09 39.49
C THR E 115 -12.49 -5.05 40.41
N GLY E 116 -11.41 -4.43 39.95
CA GLY E 116 -10.18 -4.30 40.72
C GLY E 116 -9.18 -5.39 40.43
N ASP E 117 -9.46 -6.25 39.47
CA ASP E 117 -8.57 -7.33 39.08
C ASP E 117 -8.73 -7.65 37.61
N ILE E 118 -7.93 -8.59 37.14
CA ILE E 118 -7.97 -9.04 35.75
C ILE E 118 -9.06 -10.09 35.62
N LEU E 119 -9.45 -10.39 34.39
CA LEU E 119 -10.48 -11.40 34.18
C LEU E 119 -9.98 -12.74 34.70
N ARG E 120 -10.18 -12.99 35.99
CA ARG E 120 -9.98 -14.30 36.59
C ARG E 120 -11.29 -15.07 36.54
N THR E 121 -11.21 -16.30 36.08
CA THR E 121 -12.51 -16.94 35.91
C THR E 121 -12.64 -18.15 36.82
N PRO E 122 -13.86 -18.46 37.25
CA PRO E 122 -14.10 -19.64 38.08
C PRO E 122 -13.83 -20.90 37.28
N VAL E 123 -13.12 -21.84 37.88
CA VAL E 123 -12.86 -23.13 37.25
C VAL E 123 -13.09 -24.23 38.29
N SER E 124 -13.61 -25.36 37.81
CA SER E 124 -13.83 -26.55 38.62
C SER E 124 -13.76 -27.78 37.73
N GLU E 125 -13.49 -28.92 38.35
CA GLU E 125 -13.42 -30.17 37.62
C GLU E 125 -14.75 -30.51 36.97
N ASP E 126 -15.86 -30.21 37.65
CA ASP E 126 -17.17 -30.59 37.17
C ASP E 126 -17.70 -29.70 36.06
N MET E 127 -16.84 -28.89 35.44
CA MET E 127 -17.18 -28.24 34.18
C MET E 127 -17.31 -29.24 33.04
N LEU E 128 -16.75 -30.43 33.16
CA LEU E 128 -16.94 -31.47 32.17
C LEU E 128 -18.39 -31.96 32.19
N GLY E 129 -19.02 -32.00 31.02
CA GLY E 129 -20.43 -32.23 30.96
C GLY E 129 -21.28 -30.97 30.92
N ARG E 130 -20.66 -29.80 31.00
CA ARG E 130 -21.36 -28.53 30.93
C ARG E 130 -21.14 -27.91 29.58
N VAL E 131 -22.06 -27.04 29.17
CA VAL E 131 -21.96 -26.28 27.93
C VAL E 131 -21.94 -24.81 28.29
N PHE E 132 -20.92 -24.09 27.82
CA PHE E 132 -20.79 -22.67 28.10
C PHE E 132 -20.84 -21.86 26.82
N ASN E 133 -21.13 -20.57 26.96
CA ASN E 133 -21.02 -19.65 25.84
C ASN E 133 -19.60 -19.13 25.73
N GLY E 134 -19.39 -18.23 24.77
CA GLY E 134 -18.04 -17.74 24.52
C GLY E 134 -17.51 -16.85 25.62
N SER E 135 -18.38 -16.40 26.51
CA SER E 135 -17.96 -15.57 27.63
C SER E 135 -17.72 -16.37 28.90
N GLY E 136 -17.92 -17.70 28.86
CA GLY E 136 -17.73 -18.51 30.05
C GLY E 136 -18.97 -18.73 30.89
N LYS E 137 -20.12 -18.26 30.42
CA LYS E 137 -21.35 -18.43 31.15
C LYS E 137 -22.05 -19.70 30.71
N PRO E 138 -22.78 -20.36 31.61
CA PRO E 138 -23.51 -21.58 31.23
C PRO E 138 -24.68 -21.27 30.32
N ILE E 139 -24.93 -22.15 29.36
CA ILE E 139 -26.09 -22.06 28.50
C ILE E 139 -26.84 -23.40 28.45
N ASP E 140 -26.64 -24.27 29.44
CA ASP E 140 -27.27 -25.59 29.42
C ASP E 140 -28.37 -25.67 30.47
N ARG E 141 -28.84 -24.52 30.95
CA ARG E 141 -29.90 -24.44 31.97
C ARG E 141 -29.42 -24.94 33.32
N GLY E 142 -28.13 -25.16 33.49
CA GLY E 142 -27.57 -25.49 34.77
C GLY E 142 -27.16 -24.22 35.50
N PRO E 143 -26.62 -24.37 36.71
CA PRO E 143 -26.19 -23.19 37.46
C PRO E 143 -24.84 -22.67 36.99
N VAL E 144 -24.46 -21.51 37.55
CA VAL E 144 -23.11 -21.00 37.39
C VAL E 144 -22.08 -21.94 38.02
N VAL E 145 -20.83 -21.74 37.62
CA VAL E 145 -19.76 -22.60 38.09
C VAL E 145 -19.49 -22.36 39.57
N LEU E 146 -19.45 -23.44 40.34
CA LEU E 146 -19.11 -23.38 41.75
C LEU E 146 -17.62 -23.62 41.87
N ALA E 147 -16.85 -22.53 41.89
CA ALA E 147 -15.43 -22.56 41.58
C ALA E 147 -14.63 -23.37 42.59
N GLU E 148 -13.60 -24.09 42.11
CA GLU E 148 -12.58 -24.58 43.03
C GLU E 148 -11.47 -23.55 43.16
N ASP E 149 -11.27 -22.73 42.14
CA ASP E 149 -10.33 -21.62 42.23
C ASP E 149 -10.67 -20.62 41.13
N PHE E 150 -9.93 -19.51 41.11
CA PHE E 150 -10.04 -18.50 40.08
C PHE E 150 -8.69 -18.33 39.41
N LEU E 151 -8.63 -18.62 38.11
CA LEU E 151 -7.39 -18.55 37.36
C LEU E 151 -7.39 -17.36 36.42
N ASP E 152 -6.20 -16.79 36.21
CA ASP E 152 -6.06 -15.66 35.30
C ASP E 152 -6.22 -16.13 33.87
N ILE E 153 -7.20 -15.57 33.16
CA ILE E 153 -7.43 -15.98 31.78
C ILE E 153 -6.18 -15.82 30.94
N MET E 154 -5.32 -14.88 31.32
CA MET E 154 -4.13 -14.71 30.47
C MET E 154 -3.16 -15.82 30.62
N GLY E 155 -3.22 -16.53 31.75
CA GLY E 155 -2.31 -17.62 32.06
C GLY E 155 -0.90 -17.18 32.36
N GLN E 156 0.00 -18.15 32.44
CA GLN E 156 1.41 -17.90 32.67
C GLN E 156 2.20 -18.81 31.75
N PRO E 157 3.35 -18.36 31.27
CA PRO E 157 4.23 -19.26 30.50
C PRO E 157 4.82 -20.33 31.40
N ILE E 158 4.90 -21.53 30.86
CA ILE E 158 5.47 -22.66 31.58
C ILE E 158 6.98 -22.56 31.52
N ASN E 159 7.63 -22.71 32.67
CA ASN E 159 9.08 -22.64 32.78
C ASN E 159 9.71 -23.68 31.87
N PRO E 160 10.43 -23.27 30.83
CA PRO E 160 11.03 -24.26 29.91
C PRO E 160 11.94 -25.26 30.58
N GLN E 161 12.42 -24.99 31.79
CA GLN E 161 13.29 -25.96 32.43
C GLN E 161 12.50 -27.12 33.01
N CYS E 162 11.22 -26.89 33.32
CA CYS E 162 10.37 -27.94 33.89
C CYS E 162 9.50 -28.59 32.83
N ARG E 163 9.34 -27.96 31.67
CA ARG E 163 8.63 -28.57 30.57
C ARG E 163 9.33 -29.84 30.12
N ILE E 164 8.58 -30.92 29.96
CA ILE E 164 9.16 -32.20 29.60
C ILE E 164 8.80 -32.50 28.15
N TYR E 165 9.82 -32.88 27.39
CA TYR E 165 9.62 -33.12 25.93
C TYR E 165 8.61 -34.24 25.82
N PRO E 166 7.56 -34.17 24.90
CA PRO E 166 6.57 -35.22 24.63
C PRO E 166 7.26 -36.48 24.13
N GLU E 167 6.88 -37.63 24.69
CA GLU E 167 7.44 -38.91 24.29
C GLU E 167 6.37 -40.01 24.33
N GLU E 168 5.14 -39.64 23.96
CA GLU E 168 4.02 -40.58 23.93
C GLU E 168 3.24 -40.34 22.64
N MET E 169 2.78 -41.42 22.03
CA MET E 169 2.04 -41.30 20.78
C MET E 169 0.55 -41.56 20.99
N ILE E 170 -0.27 -40.78 20.30
CA ILE E 170 -1.71 -40.97 20.25
C ILE E 170 -2.04 -41.66 18.94
N GLN E 171 -2.87 -42.70 19.01
CA GLN E 171 -3.27 -43.44 17.81
C GLN E 171 -4.60 -42.87 17.32
N THR E 172 -4.52 -42.16 16.21
CA THR E 172 -5.70 -41.45 15.72
C THR E 172 -6.60 -42.37 14.91
N GLY E 173 -6.02 -43.46 14.46
CA GLY E 173 -6.76 -44.48 13.68
C GLY E 173 -6.78 -44.08 12.24
N ILE E 174 -6.21 -42.93 11.90
CA ILE E 174 -6.25 -42.49 10.49
C ILE E 174 -4.87 -42.78 9.91
N SER E 175 -4.81 -43.61 8.87
CA SER E 175 -3.49 -44.05 8.37
C SER E 175 -2.74 -42.82 7.88
N ALA E 176 -3.48 -41.90 7.26
CA ALA E 176 -2.83 -40.69 6.76
C ALA E 176 -2.10 -39.93 7.85
N ILE E 177 -2.45 -40.16 9.12
CA ILE E 177 -1.82 -39.48 10.25
C ILE E 177 -0.92 -40.45 11.02
N ASP E 178 -1.49 -41.54 11.54
CA ASP E 178 -0.71 -42.45 12.36
C ASP E 178 0.55 -42.95 11.67
N GLY E 179 0.49 -43.17 10.36
CA GLY E 179 1.67 -43.59 9.63
C GLY E 179 2.64 -42.47 9.34
N MET E 180 2.23 -41.52 8.51
CA MET E 180 3.16 -40.55 7.94
C MET E 180 3.25 -39.25 8.72
N ASN E 181 2.36 -39.01 9.68
CA ASN E 181 2.42 -37.76 10.45
C ASN E 181 1.84 -38.05 11.84
N SER E 182 2.61 -38.77 12.64
CA SER E 182 2.10 -39.25 13.93
C SER E 182 1.82 -38.08 14.87
N ILE E 183 0.94 -38.33 15.83
CA ILE E 183 0.51 -37.33 16.79
C ILE E 183 1.08 -37.74 18.13
N ALA E 184 1.77 -36.83 18.80
CA ALA E 184 2.22 -37.09 20.16
C ALA E 184 1.26 -36.47 21.17
N ARG E 185 1.28 -36.99 22.38
CA ARG E 185 0.43 -36.47 23.45
C ARG E 185 1.07 -35.24 24.05
N GLY E 186 0.45 -34.08 23.84
CA GLY E 186 1.09 -32.82 24.17
C GLY E 186 1.53 -32.05 22.93
N GLN E 187 1.26 -32.63 21.76
CA GLN E 187 1.70 -31.98 20.49
C GLN E 187 0.63 -30.99 20.04
N LYS E 188 1.05 -29.99 19.26
CA LYS E 188 0.12 -29.02 18.67
C LYS E 188 -0.02 -29.25 17.18
N ILE E 189 -1.14 -29.81 16.75
CA ILE E 189 -1.37 -30.12 15.35
C ILE E 189 -2.73 -29.61 14.88
N PRO E 190 -2.79 -28.43 14.29
CA PRO E 190 -4.03 -27.98 13.63
C PRO E 190 -4.24 -28.70 12.31
N ILE E 191 -5.49 -28.74 11.89
CA ILE E 191 -5.87 -29.19 10.57
C ILE E 191 -6.10 -27.96 9.71
N PHE E 192 -5.25 -27.77 8.71
CA PHE E 192 -5.47 -26.69 7.75
C PHE E 192 -6.49 -27.14 6.71
N SER E 193 -7.59 -26.41 6.60
CA SER E 193 -8.68 -26.80 5.72
C SER E 193 -9.13 -25.60 4.91
N ALA E 194 -10.27 -25.76 4.23
CA ALA E 194 -10.85 -24.72 3.40
C ALA E 194 -12.35 -24.84 3.45
N ALA E 195 -13.03 -23.72 3.23
CA ALA E 195 -14.48 -23.68 3.36
C ALA E 195 -15.13 -24.76 2.51
N GLY E 196 -16.02 -25.54 3.12
CA GLY E 196 -16.74 -26.58 2.44
C GLY E 196 -16.17 -27.97 2.60
N LEU E 197 -14.95 -28.07 3.06
CA LEU E 197 -14.31 -29.36 3.25
C LEU E 197 -14.69 -29.96 4.60
N PRO E 198 -14.67 -31.29 4.72
CA PRO E 198 -15.14 -31.91 5.97
C PRO E 198 -14.08 -31.91 7.06
N HIS E 199 -13.59 -30.74 7.44
CA HIS E 199 -12.64 -30.69 8.55
C HIS E 199 -13.34 -30.87 9.88
N ASN E 200 -14.64 -30.54 9.95
CA ASN E 200 -15.38 -30.75 11.19
C ASN E 200 -15.67 -32.23 11.41
N GLU E 201 -15.86 -32.98 10.33
CA GLU E 201 -16.07 -34.42 10.46
C GLU E 201 -14.79 -35.12 10.90
N ILE E 202 -13.65 -34.70 10.35
CA ILE E 202 -12.38 -35.30 10.75
C ILE E 202 -12.11 -35.07 12.23
N ALA E 203 -12.30 -33.84 12.71
CA ALA E 203 -12.10 -33.55 14.12
C ALA E 203 -13.03 -34.39 14.98
N ALA E 204 -14.29 -34.53 14.54
CA ALA E 204 -15.24 -35.33 15.29
C ALA E 204 -14.80 -36.79 15.37
N GLN E 205 -14.28 -37.29 14.25
CA GLN E 205 -13.83 -38.70 14.17
C GLN E 205 -12.69 -38.88 15.16
N ILE E 206 -11.72 -37.96 15.14
CA ILE E 206 -10.56 -38.01 16.01
C ILE E 206 -10.99 -38.06 17.47
N CYS E 207 -12.07 -37.34 17.81
CA CYS E 207 -12.51 -37.34 19.19
C CYS E 207 -12.92 -38.71 19.70
N ARG E 208 -13.28 -39.64 18.81
CA ARG E 208 -13.89 -40.88 19.31
C ARG E 208 -12.92 -42.05 19.32
N GLN E 209 -12.02 -42.04 18.32
CA GLN E 209 -11.14 -43.19 17.98
C GLN E 209 -9.69 -42.79 18.22
N ALA E 210 -9.44 -41.79 19.06
CA ALA E 210 -8.09 -41.38 19.40
C ALA E 210 -7.68 -42.12 20.67
N GLY E 211 -6.75 -43.06 20.53
CA GLY E 211 -6.27 -43.80 21.67
C GLY E 211 -4.76 -43.80 21.81
N LEU E 212 -4.21 -44.89 22.33
CA LEU E 212 -2.77 -45.03 22.52
C LEU E 212 -2.24 -46.18 21.68
N VAL E 213 -0.93 -46.16 21.42
CA VAL E 213 -0.28 -47.21 20.66
C VAL E 213 0.39 -48.20 21.60
N LYS E 214 0.11 -48.09 22.90
CA LYS E 214 0.73 -48.98 23.88
C LYS E 214 0.04 -50.34 23.86
N LYS E 215 0.28 -51.11 22.81
CA LYS E 215 -0.34 -52.42 22.65
C LYS E 215 0.72 -53.52 22.63
N GLU E 225 -7.77 -45.51 28.88
CA GLU E 225 -7.39 -44.13 28.60
C GLU E 225 -8.61 -43.33 28.15
N ASN E 226 -8.94 -42.28 28.89
CA ASN E 226 -10.10 -41.46 28.56
C ASN E 226 -9.69 -39.99 28.52
N PHE E 227 -9.69 -39.42 27.31
CA PHE E 227 -9.32 -38.02 27.14
C PHE E 227 -10.47 -37.12 27.56
N ALA E 228 -10.16 -36.04 28.28
CA ALA E 228 -11.17 -35.00 28.49
C ALA E 228 -11.09 -33.98 27.37
N ILE E 229 -12.19 -33.81 26.64
CA ILE E 229 -12.21 -32.98 25.44
C ILE E 229 -12.80 -31.63 25.78
N VAL E 230 -12.11 -30.56 25.39
CA VAL E 230 -12.58 -29.19 25.54
C VAL E 230 -12.70 -28.59 24.15
N PHE E 231 -13.92 -28.30 23.74
CA PHE E 231 -14.19 -27.95 22.34
C PHE E 231 -14.70 -26.52 22.27
N ALA E 232 -13.92 -25.64 21.66
CA ALA E 232 -14.26 -24.22 21.60
C ALA E 232 -14.85 -23.93 20.23
N ALA E 233 -16.18 -23.80 20.17
CA ALA E 233 -16.89 -23.58 18.92
C ALA E 233 -17.11 -22.10 18.71
N MET E 234 -16.23 -21.47 17.95
CA MET E 234 -16.21 -20.02 17.81
C MET E 234 -16.29 -19.66 16.33
N GLY E 235 -17.16 -18.71 16.02
CA GLY E 235 -17.31 -18.22 14.66
C GLY E 235 -17.96 -19.22 13.73
N VAL E 236 -18.83 -20.08 14.27
CA VAL E 236 -19.44 -21.16 13.51
C VAL E 236 -20.95 -20.98 13.55
N ASN E 237 -21.65 -21.66 12.64
CA ASN E 237 -23.11 -21.59 12.64
C ASN E 237 -23.68 -22.61 13.61
N MET E 238 -25.00 -22.52 13.81
CA MET E 238 -25.68 -23.46 14.70
C MET E 238 -25.45 -24.90 14.28
N GLU E 239 -25.56 -25.20 12.99
CA GLU E 239 -25.46 -26.57 12.54
C GLU E 239 -24.11 -27.19 12.88
N THR E 240 -23.02 -26.41 12.79
CA THR E 240 -21.72 -26.94 13.19
C THR E 240 -21.67 -27.24 14.67
N ALA E 241 -22.14 -26.31 15.51
CA ALA E 241 -22.15 -26.55 16.94
C ALA E 241 -23.07 -27.70 17.31
N ARG E 242 -24.20 -27.82 16.63
CA ARG E 242 -25.11 -28.93 16.91
C ARG E 242 -24.54 -30.24 16.41
N PHE E 243 -23.84 -30.20 15.28
CA PHE E 243 -23.16 -31.40 14.78
C PHE E 243 -22.20 -31.95 15.82
N PHE E 244 -21.34 -31.10 16.38
CA PHE E 244 -20.36 -31.59 17.35
C PHE E 244 -21.05 -31.99 18.65
N LYS E 245 -21.98 -31.17 19.14
CA LYS E 245 -22.70 -31.50 20.35
C LYS E 245 -23.40 -32.85 20.23
N SER E 246 -24.09 -33.07 19.11
CA SER E 246 -24.73 -34.37 18.91
C SER E 246 -23.72 -35.49 18.80
N ASP E 247 -22.62 -35.29 18.07
CA ASP E 247 -21.62 -36.34 17.94
C ASP E 247 -21.05 -36.72 19.29
N PHE E 248 -20.75 -35.72 20.14
CA PHE E 248 -20.20 -36.03 21.44
C PHE E 248 -21.16 -36.88 22.28
N GLU E 249 -22.46 -36.58 22.21
CA GLU E 249 -23.43 -37.46 22.86
C GLU E 249 -23.54 -38.80 22.17
N GLU E 250 -23.52 -38.83 20.84
CA GLU E 250 -23.60 -40.09 20.10
C GLU E 250 -22.44 -41.00 20.47
N ASN E 251 -21.25 -40.44 20.68
CA ASN E 251 -20.09 -41.23 21.05
C ASN E 251 -20.16 -41.76 22.48
N GLY E 252 -21.13 -41.28 23.28
CA GLY E 252 -21.25 -41.71 24.66
C GLY E 252 -20.15 -41.19 25.57
N SER E 253 -19.55 -40.05 25.22
CA SER E 253 -18.41 -39.51 25.93
C SER E 253 -18.69 -38.16 26.55
N MET E 254 -19.97 -37.75 26.56
CA MET E 254 -20.29 -36.38 26.93
C MET E 254 -19.86 -36.08 28.36
N ASP E 255 -19.73 -37.10 29.20
CA ASP E 255 -19.33 -36.88 30.59
C ASP E 255 -17.90 -36.36 30.67
N ASN E 256 -17.15 -36.47 29.58
CA ASN E 256 -15.79 -35.95 29.55
C ASN E 256 -15.63 -34.81 28.56
N VAL E 257 -16.74 -34.18 28.17
CA VAL E 257 -16.69 -33.10 27.19
C VAL E 257 -17.22 -31.80 27.78
N CYS E 258 -16.42 -30.73 27.64
CA CYS E 258 -16.79 -29.37 28.04
C CYS E 258 -16.86 -28.56 26.75
N LEU E 259 -18.00 -27.93 26.51
CA LEU E 259 -18.18 -27.13 25.31
C LEU E 259 -18.19 -25.64 25.63
N PHE E 260 -17.59 -24.85 24.75
CA PHE E 260 -17.68 -23.39 24.77
C PHE E 260 -18.19 -22.96 23.41
N LEU E 261 -19.34 -22.30 23.39
CA LEU E 261 -19.95 -21.88 22.13
C LEU E 261 -19.87 -20.37 21.99
N ASN E 262 -19.48 -19.94 20.79
CA ASN E 262 -19.50 -18.53 20.41
C ASN E 262 -19.84 -18.48 18.93
N LEU E 263 -21.12 -18.29 18.63
CA LEU E 263 -21.63 -18.54 17.29
C LEU E 263 -21.48 -17.32 16.40
N ALA E 264 -21.71 -17.52 15.11
CA ALA E 264 -21.56 -16.43 14.14
C ALA E 264 -22.37 -15.20 14.51
N ASN E 265 -23.50 -15.37 15.20
CA ASN E 265 -24.37 -14.27 15.56
C ASN E 265 -24.06 -13.72 16.95
N ASP E 266 -22.95 -14.12 17.55
CA ASP E 266 -22.51 -13.60 18.83
C ASP E 266 -21.45 -12.52 18.62
N PRO E 267 -21.21 -11.66 19.63
CA PRO E 267 -20.21 -10.59 19.50
C PRO E 267 -18.83 -11.05 19.06
N THR E 268 -18.18 -10.24 18.23
CA THR E 268 -16.88 -10.60 17.68
C THR E 268 -15.73 -10.33 18.63
N ILE E 269 -15.96 -9.56 19.69
CA ILE E 269 -14.89 -9.29 20.63
C ILE E 269 -14.73 -10.42 21.63
N GLU E 270 -15.84 -11.05 22.03
CA GLU E 270 -15.73 -12.22 22.90
C GLU E 270 -14.99 -13.35 22.22
N ARG E 271 -14.92 -13.33 20.89
CA ARG E 271 -14.31 -14.44 20.17
C ARG E 271 -12.81 -14.51 20.39
N ILE E 272 -12.20 -13.50 21.02
CA ILE E 272 -10.78 -13.56 21.32
C ILE E 272 -10.51 -13.77 22.80
N ILE E 273 -11.49 -14.20 23.58
CA ILE E 273 -11.22 -14.66 24.93
C ILE E 273 -11.69 -16.09 25.08
N THR E 274 -12.61 -16.52 24.21
CA THR E 274 -13.14 -17.87 24.32
C THR E 274 -12.00 -18.90 24.29
N PRO E 275 -11.05 -18.82 23.35
CA PRO E 275 -9.97 -19.81 23.37
C PRO E 275 -9.24 -19.87 24.70
N ARG E 276 -9.06 -18.73 25.35
CA ARG E 276 -8.33 -18.67 26.62
C ARG E 276 -9.15 -19.24 27.76
N LEU E 277 -10.47 -19.10 27.66
CA LEU E 277 -11.41 -19.73 28.57
C LEU E 277 -11.35 -21.24 28.46
N ALA E 278 -11.31 -21.73 27.22
CA ALA E 278 -11.19 -23.17 27.00
C ALA E 278 -9.86 -23.68 27.53
N LEU E 279 -8.79 -22.94 27.23
CA LEU E 279 -7.45 -23.37 27.62
C LEU E 279 -7.28 -23.26 29.12
N THR E 280 -7.85 -22.22 29.72
CA THR E 280 -7.78 -22.07 31.17
C THR E 280 -8.38 -23.28 31.87
N THR E 281 -9.54 -23.75 31.39
CA THR E 281 -10.09 -24.97 31.96
C THR E 281 -9.14 -26.14 31.73
N ALA E 282 -8.59 -26.23 30.51
CA ALA E 282 -7.70 -27.34 30.19
C ALA E 282 -6.51 -27.35 31.13
N GLU E 283 -5.97 -26.17 31.44
CA GLU E 283 -4.80 -26.08 32.30
C GLU E 283 -5.13 -26.55 33.70
N PHE E 284 -6.30 -26.16 34.21
CA PHE E 284 -6.73 -26.64 35.52
C PHE E 284 -6.77 -28.16 35.52
N LEU E 285 -7.47 -28.73 34.54
CA LEU E 285 -7.65 -30.17 34.49
C LEU E 285 -6.32 -30.89 34.28
N ALA E 286 -5.47 -30.37 33.41
CA ALA E 286 -4.27 -31.12 33.06
C ALA E 286 -3.19 -30.96 34.11
N TYR E 287 -2.99 -29.75 34.61
CA TYR E 287 -1.83 -29.50 35.44
C TYR E 287 -2.13 -29.50 36.93
N GLN E 288 -3.39 -29.40 37.31
CA GLN E 288 -3.76 -29.47 38.72
C GLN E 288 -4.49 -30.75 39.06
N CYS E 289 -5.24 -31.32 38.12
CA CYS E 289 -5.95 -32.57 38.38
C CYS E 289 -5.42 -33.76 37.58
N GLU E 290 -4.30 -33.63 36.87
CA GLU E 290 -3.66 -34.74 36.16
C GLU E 290 -4.64 -35.49 35.27
N LYS E 291 -5.40 -34.73 34.51
CA LYS E 291 -6.30 -35.27 33.50
C LYS E 291 -5.69 -35.02 32.13
N HIS E 292 -5.69 -36.03 31.27
CA HIS E 292 -5.26 -35.83 29.90
C HIS E 292 -6.37 -35.17 29.09
N VAL E 293 -6.06 -34.00 28.53
CA VAL E 293 -7.07 -33.14 27.92
C VAL E 293 -6.74 -32.98 26.44
N LEU E 294 -7.76 -33.03 25.61
CA LEU E 294 -7.66 -32.73 24.18
C LEU E 294 -8.44 -31.44 23.94
N VAL E 295 -7.73 -30.41 23.48
CA VAL E 295 -8.37 -29.12 23.26
C VAL E 295 -8.44 -28.83 21.77
N ILE E 296 -9.65 -28.64 21.27
CA ILE E 296 -9.89 -28.42 19.85
C ILE E 296 -10.48 -27.03 19.71
N LEU E 297 -9.85 -26.19 18.89
CA LEU E 297 -10.33 -24.84 18.66
C LEU E 297 -10.85 -24.77 17.23
N THR E 298 -12.11 -24.39 17.06
CA THR E 298 -12.70 -24.43 15.73
C THR E 298 -12.13 -23.26 14.93
N ASP E 299 -12.41 -23.25 13.62
CA ASP E 299 -11.77 -22.33 12.69
C ASP E 299 -11.12 -21.15 13.40
N MET E 300 -9.81 -21.26 13.62
CA MET E 300 -9.04 -20.20 14.24
C MET E 300 -9.08 -18.92 13.42
N SER E 301 -9.53 -19.02 12.17
CA SER E 301 -9.57 -17.83 11.31
C SER E 301 -10.60 -16.83 11.81
N SER E 302 -11.65 -17.31 12.49
CA SER E 302 -12.59 -16.38 13.10
C SER E 302 -11.97 -15.68 14.30
N TYR E 303 -11.03 -16.35 14.97
CA TYR E 303 -10.23 -15.68 15.98
C TYR E 303 -9.36 -14.61 15.34
N ALA E 304 -8.66 -14.95 14.26
CA ALA E 304 -7.79 -13.99 13.61
C ALA E 304 -8.57 -12.79 13.09
N GLU E 305 -9.75 -13.02 12.53
CA GLU E 305 -10.55 -11.91 12.03
C GLU E 305 -11.05 -11.04 13.18
N ALA E 306 -11.48 -11.64 14.28
CA ALA E 306 -11.85 -10.86 15.45
C ALA E 306 -10.68 -10.06 15.98
N LEU E 307 -9.48 -10.67 15.96
CA LEU E 307 -8.28 -9.96 16.37
C LEU E 307 -7.97 -8.81 15.42
N ARG E 308 -8.11 -9.04 14.12
CA ARG E 308 -7.86 -7.98 13.15
C ARG E 308 -8.80 -6.81 13.37
N GLU E 309 -10.06 -7.09 13.70
CA GLU E 309 -11.01 -6.02 13.98
C GLU E 309 -10.52 -5.15 15.12
N VAL E 310 -10.03 -5.78 16.18
CA VAL E 310 -9.51 -5.03 17.37
C VAL E 310 -8.28 -4.22 16.96
N SER E 311 -7.38 -4.83 16.17
CA SER E 311 -6.15 -4.12 15.72
C SER E 311 -6.52 -2.87 14.93
N ALA E 312 -7.46 -2.98 14.00
CA ALA E 312 -7.91 -1.81 13.20
C ALA E 312 -8.54 -0.78 14.13
N ALA E 313 -9.37 -1.24 15.08
CA ALA E 313 -10.11 -0.31 15.97
C ALA E 313 -9.10 0.51 16.79
N ARG E 314 -7.99 -0.11 17.20
CA ARG E 314 -7.00 0.57 18.07
C ARG E 314 -5.92 1.24 17.21
N GLU E 315 -6.06 1.18 15.88
CA GLU E 315 -5.06 1.77 14.95
C GLU E 315 -3.65 1.24 15.23
N GLU E 316 -3.51 -0.07 15.42
CA GLU E 316 -2.17 -0.69 15.60
C GLU E 316 -1.49 -0.91 14.25
N VAL E 317 -0.16 -1.02 14.28
CA VAL E 317 0.72 -1.22 13.12
C VAL E 317 0.38 -2.54 12.43
N PRO E 318 -0.06 -2.50 11.18
CA PRO E 318 -0.43 -3.74 10.47
C PRO E 318 0.81 -4.50 10.03
N GLY E 319 0.65 -5.79 9.82
CA GLY E 319 1.69 -6.57 9.16
C GLY E 319 1.36 -7.00 7.75
N ARG E 320 0.65 -8.12 7.61
CA ARG E 320 0.20 -8.57 6.30
C ARG E 320 -1.31 -8.68 6.31
N ARG E 321 -1.94 -8.31 5.20
CA ARG E 321 -3.37 -8.49 5.00
C ARG E 321 -4.18 -7.81 6.11
N GLY E 322 -3.60 -6.76 6.71
CA GLY E 322 -4.28 -5.96 7.69
C GLY E 322 -4.22 -6.49 9.11
N PHE E 323 -3.58 -7.63 9.32
CA PHE E 323 -3.51 -8.23 10.65
C PHE E 323 -2.46 -7.52 11.50
N PRO E 324 -2.61 -7.55 12.82
CA PRO E 324 -1.66 -6.84 13.68
C PRO E 324 -0.26 -7.42 13.57
N GLY E 325 0.72 -6.53 13.66
CA GLY E 325 2.11 -6.93 13.65
C GLY E 325 2.49 -7.81 14.82
N TYR E 326 1.63 -7.83 15.84
CA TYR E 326 1.84 -8.68 17.00
C TYR E 326 1.01 -9.95 16.96
N MET E 327 0.42 -10.26 15.81
CA MET E 327 -0.44 -11.44 15.69
C MET E 327 0.28 -12.70 16.13
N TYR E 328 1.56 -12.81 15.78
CA TYR E 328 2.33 -13.99 16.17
C TYR E 328 2.38 -14.14 17.68
N THR E 329 2.73 -13.06 18.39
CA THR E 329 2.78 -13.15 19.85
C THR E 329 1.44 -13.52 20.44
N ASP E 330 0.36 -12.95 19.91
CA ASP E 330 -0.97 -13.29 20.41
C ASP E 330 -1.30 -14.75 20.15
N LEU E 331 -0.97 -15.25 18.96
CA LEU E 331 -1.19 -16.66 18.67
C LEU E 331 -0.39 -17.56 19.59
N ALA E 332 0.86 -17.21 19.88
CA ALA E 332 1.66 -18.01 20.80
C ALA E 332 1.02 -18.06 22.18
N THR E 333 0.46 -16.94 22.63
CA THR E 333 -0.25 -16.94 23.90
C THR E 333 -1.35 -18.00 23.91
N ILE E 334 -2.02 -18.20 22.78
CA ILE E 334 -3.05 -19.22 22.72
C ILE E 334 -2.45 -20.62 22.52
N TYR E 335 -1.57 -20.76 21.53
CA TYR E 335 -1.11 -22.09 21.12
C TYR E 335 -0.24 -22.75 22.16
N GLU E 336 0.68 -22.01 22.78
CA GLU E 336 1.71 -22.61 23.60
C GLU E 336 1.19 -23.11 24.94
N ARG E 337 -0.11 -22.99 25.18
CA ARG E 337 -0.70 -23.57 26.39
C ARG E 337 -0.97 -25.05 26.14
N ALA E 338 0.13 -25.79 26.00
CA ALA E 338 0.05 -27.20 25.62
C ALA E 338 1.32 -27.90 26.07
N GLY E 339 1.26 -29.22 26.09
CA GLY E 339 2.46 -29.99 26.37
C GLY E 339 2.45 -30.55 27.77
N ARG E 340 3.36 -31.48 28.02
CA ARG E 340 3.48 -32.09 29.34
C ARG E 340 4.42 -31.26 30.21
N VAL E 341 4.27 -31.40 31.52
CA VAL E 341 5.15 -30.76 32.50
C VAL E 341 5.76 -31.84 33.38
N GLU E 342 7.06 -31.76 33.60
CA GLU E 342 7.77 -32.79 34.36
C GLU E 342 7.20 -32.93 35.75
N GLY E 343 7.03 -34.17 36.19
CA GLY E 343 6.58 -34.45 37.54
C GLY E 343 5.09 -34.54 37.72
N ARG E 344 4.30 -34.34 36.65
CA ARG E 344 2.85 -34.39 36.72
C ARG E 344 2.37 -35.26 35.57
N ASN E 345 1.27 -35.99 35.78
CA ASN E 345 0.85 -37.03 34.85
C ASN E 345 -0.19 -36.53 33.85
N GLY E 346 -0.41 -35.23 33.79
CA GLY E 346 -1.35 -34.65 32.85
C GLY E 346 -0.69 -34.24 31.55
N SER E 347 -1.52 -33.82 30.61
CA SER E 347 -1.06 -33.30 29.33
C SER E 347 -2.20 -32.51 28.70
N ILE E 348 -1.84 -31.61 27.78
CA ILE E 348 -2.79 -30.93 26.92
C ILE E 348 -2.35 -31.10 25.47
N THR E 349 -3.24 -31.63 24.64
CA THR E 349 -3.00 -31.72 23.20
C THR E 349 -3.96 -30.78 22.50
N GLN E 350 -3.45 -30.03 21.52
CA GLN E 350 -4.25 -29.05 20.83
C GLN E 350 -4.44 -29.46 19.37
N ILE E 351 -5.61 -29.15 18.83
CA ILE E 351 -5.84 -29.27 17.40
C ILE E 351 -6.52 -27.98 16.93
N PRO E 352 -5.77 -26.84 16.76
CA PRO E 352 -6.33 -25.49 16.36
C PRO E 352 -6.80 -25.47 14.89
N ILE E 353 -7.85 -26.23 14.54
CA ILE E 353 -8.21 -26.29 13.13
C ILE E 353 -8.49 -24.89 12.63
N LEU E 354 -8.11 -24.62 11.39
CA LEU E 354 -8.32 -23.31 10.80
C LEU E 354 -8.69 -23.45 9.33
N THR E 355 -9.52 -22.52 8.85
CA THR E 355 -9.86 -22.42 7.44
C THR E 355 -8.85 -21.52 6.75
N MET E 356 -8.31 -21.98 5.63
CA MET E 356 -7.36 -21.20 4.86
C MET E 356 -8.12 -20.30 3.90
N PRO E 357 -8.05 -18.94 4.06
CA PRO E 357 -8.69 -17.91 3.13
C PRO E 357 -8.28 -18.19 1.67
N ASN E 358 -9.26 -18.56 0.84
CA ASN E 358 -9.03 -18.77 -0.59
C ASN E 358 -7.97 -19.83 -0.86
N ASP E 359 -7.82 -20.81 0.02
CA ASP E 359 -6.89 -21.92 -0.17
C ASP E 359 -5.46 -21.42 -0.30
N ASP E 360 -5.20 -20.23 0.24
CA ASP E 360 -3.89 -19.61 0.17
C ASP E 360 -3.05 -20.08 1.34
N ILE E 361 -2.11 -20.99 1.07
CA ILE E 361 -1.32 -21.61 2.13
C ILE E 361 -0.38 -20.60 2.76
N THR E 362 -0.18 -19.47 2.10
CA THR E 362 0.71 -18.42 2.61
C THR E 362 -0.06 -17.31 3.30
N HIS E 363 -1.37 -17.43 3.43
CA HIS E 363 -2.14 -16.44 4.17
C HIS E 363 -1.60 -16.32 5.58
N PRO E 364 -1.58 -15.12 6.16
CA PRO E 364 -0.97 -14.96 7.48
C PRO E 364 -1.47 -15.94 8.53
N ILE E 365 -2.75 -16.33 8.46
CA ILE E 365 -3.32 -17.20 9.48
C ILE E 365 -2.62 -18.55 9.44
N PRO E 366 -2.69 -19.32 8.34
CA PRO E 366 -1.95 -20.59 8.31
C PRO E 366 -0.46 -20.38 8.35
N ASP E 367 0.05 -19.26 7.85
CA ASP E 367 1.49 -19.02 7.85
C ASP E 367 2.01 -18.87 9.27
N LEU E 368 1.44 -17.93 10.03
CA LEU E 368 1.92 -17.71 11.39
C LEU E 368 1.66 -18.93 12.27
N THR E 369 0.52 -19.61 12.08
CA THR E 369 0.29 -20.84 12.81
C THR E 369 1.36 -21.89 12.51
N GLY E 370 1.67 -22.04 11.22
CA GLY E 370 2.68 -23.03 10.78
C GLY E 370 4.01 -22.80 11.46
N TYR E 371 4.32 -21.54 11.76
CA TYR E 371 5.57 -21.20 12.44
C TYR E 371 5.53 -21.56 13.92
N ILE E 372 4.32 -21.68 14.50
CA ILE E 372 4.23 -21.88 15.94
C ILE E 372 4.00 -23.34 16.27
N THR E 373 3.06 -23.98 15.56
CA THR E 373 2.63 -25.36 15.89
C THR E 373 3.63 -26.40 15.35
N GLU E 374 3.53 -27.64 15.84
CA GLU E 374 4.48 -28.71 15.42
C GLU E 374 4.03 -29.32 14.10
N GLY E 375 3.82 -28.50 13.06
CA GLY E 375 3.30 -29.01 11.78
C GLY E 375 1.79 -28.89 11.63
N GLN E 376 1.22 -29.61 10.65
CA GLN E 376 -0.23 -29.49 10.36
C GLN E 376 -0.68 -30.74 9.58
N ILE E 377 -1.99 -31.04 9.59
CA ILE E 377 -2.54 -32.15 8.82
C ILE E 377 -2.84 -31.75 7.39
N TYR E 378 -3.50 -30.61 7.18
CA TYR E 378 -3.74 -30.03 5.86
C TYR E 378 -4.61 -30.95 5.00
N VAL E 379 -5.85 -30.50 4.77
CA VAL E 379 -6.68 -31.15 3.77
C VAL E 379 -6.88 -30.18 2.60
N ASP E 380 -7.32 -30.71 1.46
CA ASP E 380 -7.46 -29.91 0.25
C ASP E 380 -8.70 -30.32 -0.51
N ARG E 381 -8.94 -29.60 -1.61
CA ARG E 381 -10.12 -29.83 -2.43
C ARG E 381 -9.90 -30.88 -3.51
N GLN E 382 -8.63 -31.11 -3.88
CA GLN E 382 -8.33 -32.08 -4.93
C GLN E 382 -8.70 -33.49 -4.52
N LEU E 383 -8.54 -33.82 -3.23
CA LEU E 383 -8.99 -35.09 -2.69
C LEU E 383 -10.49 -35.11 -2.44
N HIS E 384 -11.04 -34.04 -1.85
CA HIS E 384 -12.47 -33.98 -1.60
C HIS E 384 -13.27 -34.06 -2.89
N ASN E 385 -12.81 -33.42 -3.96
CA ASN E 385 -13.57 -33.39 -5.20
C ASN E 385 -13.63 -34.77 -5.84
N ARG E 386 -12.88 -35.73 -5.30
CA ARG E 386 -12.92 -37.10 -5.78
C ARG E 386 -13.52 -38.06 -4.76
N GLN E 387 -14.22 -37.53 -3.76
CA GLN E 387 -14.92 -38.34 -2.75
C GLN E 387 -13.95 -39.24 -1.99
N ILE E 388 -12.79 -38.68 -1.68
CA ILE E 388 -11.78 -39.35 -0.86
C ILE E 388 -11.91 -38.84 0.57
N TYR E 389 -12.09 -39.76 1.52
CA TYR E 389 -12.18 -39.35 2.95
C TYR E 389 -11.30 -40.26 3.81
N PRO E 390 -10.50 -39.71 4.75
CA PRO E 390 -10.38 -38.26 4.91
C PRO E 390 -9.53 -37.67 3.78
N PRO E 391 -9.85 -36.44 3.22
CA PRO E 391 -9.12 -35.74 2.15
C PRO E 391 -7.83 -35.08 2.65
N ILE E 392 -6.96 -35.89 3.23
CA ILE E 392 -5.72 -35.39 3.84
C ILE E 392 -4.59 -35.54 2.82
N ASN E 393 -3.93 -34.42 2.52
CA ASN E 393 -2.82 -34.41 1.55
C ASN E 393 -1.51 -34.42 2.33
N VAL E 394 -0.81 -35.55 2.29
CA VAL E 394 0.40 -35.70 3.08
C VAL E 394 1.57 -34.86 2.60
N LEU E 395 1.61 -34.48 1.32
CA LEU E 395 2.84 -33.88 0.80
C LEU E 395 3.16 -32.57 1.52
N PRO E 396 2.23 -31.61 1.66
CA PRO E 396 2.60 -30.34 2.29
C PRO E 396 2.50 -30.37 3.81
N SER E 397 2.36 -31.56 4.38
CA SER E 397 2.11 -31.73 5.80
C SER E 397 3.39 -32.23 6.47
N LEU E 398 3.40 -32.14 7.81
CA LEU E 398 4.55 -32.63 8.63
C LEU E 398 4.14 -32.76 10.10
N SER E 399 4.83 -33.61 10.86
CA SER E 399 4.65 -33.61 12.34
C SER E 399 6.04 -33.49 12.96
N ARG E 400 6.29 -32.39 13.69
CA ARG E 400 7.65 -31.99 14.14
C ARG E 400 8.06 -32.72 15.41
N LEU E 401 7.27 -33.70 15.86
CA LEU E 401 7.66 -34.62 16.95
C LEU E 401 7.70 -36.07 16.46
N MET E 402 7.31 -36.33 15.22
CA MET E 402 7.21 -37.73 14.72
C MET E 402 8.55 -38.45 14.88
N LYS E 403 9.67 -37.77 14.62
CA LYS E 403 11.00 -38.43 14.60
C LYS E 403 11.34 -39.09 15.94
N SER E 404 10.77 -38.60 17.04
CA SER E 404 11.03 -39.16 18.36
C SER E 404 9.89 -40.01 18.90
N ALA E 405 8.69 -39.92 18.34
CA ALA E 405 7.55 -40.62 18.90
C ALA E 405 7.32 -41.98 18.25
N ILE E 406 8.20 -42.40 17.34
CA ILE E 406 8.01 -43.63 16.61
C ILE E 406 9.26 -44.49 16.74
N GLY E 407 9.15 -45.76 16.34
CA GLY E 407 10.30 -46.63 16.35
C GLY E 407 10.37 -47.59 17.53
N GLU E 408 11.55 -48.16 17.76
CA GLU E 408 11.69 -49.18 18.78
C GLU E 408 11.24 -48.67 20.14
N GLY E 409 10.31 -49.40 20.76
CA GLY E 409 9.74 -48.99 22.02
C GLY E 409 8.50 -48.13 21.90
N MET E 410 8.21 -47.64 20.69
CA MET E 410 7.03 -46.81 20.50
C MET E 410 6.02 -47.49 19.59
N THR E 411 6.42 -47.84 18.37
CA THR E 411 5.54 -48.53 17.45
C THR E 411 6.21 -49.77 16.86
N ARG E 412 6.94 -49.61 15.76
CA ARG E 412 7.74 -50.66 15.17
C ARG E 412 9.00 -50.02 14.60
N LYS E 413 10.08 -50.77 14.61
CA LYS E 413 11.37 -50.20 14.25
C LYS E 413 11.42 -49.67 12.82
N ASP E 414 10.59 -50.13 11.89
CA ASP E 414 10.65 -49.69 10.51
C ASP E 414 9.75 -48.48 10.26
N HIS E 415 9.10 -47.98 11.30
CA HIS E 415 8.15 -46.89 11.10
C HIS E 415 8.77 -45.74 10.33
N ALA E 416 9.90 -45.22 10.81
CA ALA E 416 10.48 -44.04 10.17
C ALA E 416 10.86 -44.33 8.72
N ASP E 417 11.33 -45.54 8.44
CA ASP E 417 11.78 -45.86 7.09
C ASP E 417 10.60 -45.94 6.12
N VAL E 418 9.49 -46.54 6.57
CA VAL E 418 8.32 -46.64 5.70
C VAL E 418 7.77 -45.26 5.39
N SER E 419 7.68 -44.39 6.40
CA SER E 419 7.13 -43.07 6.17
C SER E 419 7.96 -42.30 5.14
N ASN E 420 9.28 -42.28 5.33
CA ASN E 420 10.11 -41.46 4.45
C ASN E 420 10.05 -41.93 3.01
N GLN E 421 10.04 -43.24 2.80
CA GLN E 421 9.98 -43.75 1.43
C GLN E 421 8.62 -43.47 0.80
N LEU E 422 7.54 -43.57 1.58
CA LEU E 422 6.22 -43.26 1.05
C LEU E 422 6.14 -41.80 0.62
N TYR E 423 6.75 -40.90 1.38
CA TYR E 423 6.79 -39.49 0.98
C TYR E 423 7.50 -39.33 -0.35
N ALA E 424 8.65 -39.99 -0.50
CA ALA E 424 9.39 -39.90 -1.75
C ALA E 424 8.57 -40.42 -2.93
N CYS E 425 7.93 -41.58 -2.76
CA CYS E 425 7.16 -42.16 -3.85
C CYS E 425 5.93 -41.32 -4.16
N TYR E 426 5.24 -40.82 -3.14
CA TYR E 426 4.06 -39.99 -3.38
C TYR E 426 4.43 -38.72 -4.12
N ALA E 427 5.48 -38.01 -3.67
CA ALA E 427 5.84 -36.76 -4.31
C ALA E 427 6.25 -36.98 -5.76
N ILE E 428 6.99 -38.05 -6.04
CA ILE E 428 7.41 -38.32 -7.41
C ILE E 428 6.20 -38.62 -8.28
N GLY E 429 5.26 -39.43 -7.78
CA GLY E 429 4.05 -39.68 -8.54
C GLY E 429 3.34 -38.41 -8.91
N LYS E 430 3.30 -37.43 -8.01
CA LYS E 430 2.72 -36.14 -8.36
C LYS E 430 3.54 -35.45 -9.45
N ASP E 431 4.86 -35.59 -9.39
CA ASP E 431 5.71 -35.03 -10.44
C ASP E 431 5.43 -35.70 -11.79
N VAL E 432 5.14 -37.00 -11.75
CA VAL E 432 4.86 -37.71 -13.00
C VAL E 432 3.58 -37.19 -13.64
N GLN E 433 2.54 -36.94 -12.85
CA GLN E 433 1.32 -36.35 -13.38
C GLN E 433 1.58 -34.97 -13.96
N ALA E 434 2.39 -34.17 -13.27
CA ALA E 434 2.72 -32.84 -13.80
C ALA E 434 3.40 -32.93 -15.15
N MET E 435 4.30 -33.91 -15.32
CA MET E 435 4.90 -34.15 -16.63
C MET E 435 3.89 -34.72 -17.62
N LYS E 436 3.22 -35.81 -17.24
CA LYS E 436 2.33 -36.51 -18.16
C LYS E 436 1.23 -35.61 -18.71
N ALA E 437 0.75 -34.65 -17.92
CA ALA E 437 -0.28 -33.74 -18.41
C ALA E 437 0.11 -33.06 -19.71
N VAL E 438 1.40 -32.91 -19.98
CA VAL E 438 1.88 -32.24 -21.17
C VAL E 438 2.43 -33.20 -22.21
N VAL E 439 3.25 -34.17 -21.81
CA VAL E 439 3.94 -35.04 -22.76
C VAL E 439 3.08 -36.22 -23.19
N GLY E 440 2.08 -36.59 -22.41
CA GLY E 440 1.20 -37.69 -22.78
C GLY E 440 1.66 -38.98 -22.13
N GLU E 441 0.75 -39.92 -21.95
CA GLU E 441 1.09 -41.21 -21.34
C GLU E 441 2.12 -41.98 -22.16
N GLU E 442 2.05 -41.89 -23.49
CA GLU E 442 2.99 -42.60 -24.33
C GLU E 442 4.42 -42.11 -24.16
N ALA E 443 4.62 -40.93 -23.57
CA ALA E 443 5.96 -40.40 -23.40
C ALA E 443 6.63 -40.89 -22.13
N LEU E 444 5.92 -41.70 -21.34
CA LEU E 444 6.44 -42.19 -20.08
C LEU E 444 7.09 -43.56 -20.27
N THR E 445 8.06 -43.84 -19.41
CA THR E 445 8.77 -45.11 -19.39
C THR E 445 8.37 -45.89 -18.13
N SER E 446 8.92 -47.10 -17.99
CA SER E 446 8.53 -47.97 -16.90
C SER E 446 8.89 -47.36 -15.54
N ASP E 447 9.96 -46.57 -15.49
CA ASP E 447 10.36 -45.84 -14.30
C ASP E 447 9.32 -44.83 -13.84
N ASP E 448 8.51 -44.29 -14.76
CA ASP E 448 7.45 -43.37 -14.43
C ASP E 448 6.13 -44.05 -14.12
N LEU E 449 5.81 -45.14 -14.82
CA LEU E 449 4.52 -45.79 -14.61
C LEU E 449 4.45 -46.38 -13.20
N LEU E 450 5.60 -46.80 -12.66
CA LEU E 450 5.61 -47.34 -11.30
C LEU E 450 5.13 -46.30 -10.30
N TYR E 451 5.48 -45.03 -10.50
CA TYR E 451 5.07 -43.99 -9.57
C TYR E 451 3.61 -43.61 -9.80
N LEU E 452 3.14 -43.71 -11.04
CA LEU E 452 1.72 -43.48 -11.31
C LEU E 452 0.87 -44.59 -10.72
N GLU E 453 1.33 -45.83 -10.84
CA GLU E 453 0.63 -46.93 -10.18
C GLU E 453 0.64 -46.77 -8.67
N PHE E 454 1.80 -46.42 -8.10
CA PHE E 454 1.87 -46.17 -6.67
C PHE E 454 0.90 -45.07 -6.26
N LEU E 455 0.92 -43.95 -6.98
CA LEU E 455 0.11 -42.80 -6.59
C LEU E 455 -1.37 -43.17 -6.57
N GLN E 456 -1.83 -43.86 -7.61
CA GLN E 456 -3.24 -44.22 -7.71
C GLN E 456 -3.64 -45.23 -6.63
N LYS E 457 -2.83 -46.26 -6.41
CA LYS E 457 -3.12 -47.23 -5.36
C LYS E 457 -2.91 -46.66 -3.97
N PHE E 458 -1.94 -45.77 -3.81
CA PHE E 458 -1.70 -45.11 -2.54
C PHE E 458 -2.92 -44.37 -2.04
N GLU E 459 -3.51 -43.51 -2.88
CA GLU E 459 -4.62 -42.71 -2.40
C GLU E 459 -5.84 -43.54 -2.02
N LYS E 460 -6.18 -44.59 -2.80
CA LYS E 460 -7.36 -45.39 -2.50
C LYS E 460 -7.14 -46.46 -1.45
N ASN E 461 -5.92 -46.95 -1.25
CA ASN E 461 -5.66 -47.98 -0.26
C ASN E 461 -5.17 -47.42 1.07
N PHE E 462 -4.31 -46.40 1.05
CA PHE E 462 -3.66 -45.91 2.26
C PHE E 462 -4.42 -44.75 2.89
N ILE E 463 -4.84 -43.79 2.05
CA ILE E 463 -5.47 -42.55 2.56
C ILE E 463 -6.96 -42.80 2.76
N THR E 464 -7.63 -43.36 1.74
CA THR E 464 -9.10 -43.55 1.84
C THR E 464 -9.38 -44.55 2.95
N GLN E 465 -10.31 -44.22 3.85
CA GLN E 465 -10.64 -45.13 4.96
C GLN E 465 -12.15 -45.10 5.20
N GLY E 466 -12.70 -43.90 5.40
CA GLY E 466 -14.12 -43.78 5.74
C GLY E 466 -14.29 -43.21 7.13
N PRO E 467 -15.41 -42.54 7.47
CA PRO E 467 -15.56 -41.88 8.76
C PRO E 467 -15.46 -42.83 9.97
N TYR E 468 -15.73 -44.11 9.76
CA TYR E 468 -15.71 -45.04 10.89
C TYR E 468 -14.71 -46.17 10.72
N GLU E 469 -13.70 -45.97 9.87
CA GLU E 469 -12.64 -46.99 9.70
C GLU E 469 -11.49 -46.70 10.66
N ASN E 470 -11.28 -47.57 11.65
CA ASN E 470 -10.26 -47.30 12.69
C ASN E 470 -9.15 -48.33 12.51
N ARG E 471 -8.01 -47.91 11.95
CA ARG E 471 -6.92 -48.87 11.62
C ARG E 471 -5.86 -48.74 12.71
N THR E 472 -5.11 -49.81 13.00
CA THR E 472 -4.04 -49.58 13.96
C THR E 472 -2.81 -49.03 13.26
N VAL E 473 -1.86 -48.52 14.04
CA VAL E 473 -0.60 -48.08 13.47
C VAL E 473 0.17 -49.24 12.86
N TYR E 474 0.03 -50.45 13.43
CA TYR E 474 0.75 -51.59 12.88
C TYR E 474 0.15 -52.00 11.54
N GLU E 475 -1.17 -51.99 11.42
CA GLU E 475 -1.81 -52.24 10.13
C GLU E 475 -1.43 -51.17 9.12
N THR E 476 -1.32 -49.92 9.57
CA THR E 476 -0.96 -48.84 8.65
C THR E 476 0.41 -49.08 8.04
N LEU E 477 1.39 -49.49 8.85
CA LEU E 477 2.72 -49.74 8.31
C LEU E 477 2.72 -50.91 7.35
N ASP E 478 1.93 -51.94 7.69
CA ASP E 478 1.83 -53.14 6.82
C ASP E 478 1.26 -52.71 5.47
N ILE E 479 0.27 -51.81 5.49
CA ILE E 479 -0.30 -51.25 4.27
C ILE E 479 0.76 -50.50 3.48
N GLY E 480 1.55 -49.71 4.21
CA GLY E 480 2.69 -49.00 3.62
C GLY E 480 3.53 -49.95 2.81
N TRP E 481 3.94 -51.05 3.44
CA TRP E 481 4.77 -52.06 2.73
C TRP E 481 4.04 -52.58 1.50
N GLN E 482 2.73 -52.81 1.58
CA GLN E 482 1.94 -53.30 0.41
C GLN E 482 2.10 -52.34 -0.76
N LEU E 483 2.17 -51.04 -0.48
CA LEU E 483 2.36 -50.03 -1.55
C LEU E 483 3.84 -50.00 -1.94
N LEU E 484 4.76 -50.10 -0.98
CA LEU E 484 6.21 -49.96 -1.28
C LEU E 484 6.65 -51.11 -2.20
N ARG E 485 6.08 -52.31 -2.00
CA ARG E 485 6.45 -53.52 -2.78
C ARG E 485 6.01 -53.36 -4.23
N ILE E 486 5.33 -52.27 -4.57
CA ILE E 486 5.13 -51.94 -6.02
C ILE E 486 6.51 -51.73 -6.68
N PHE E 487 7.46 -51.12 -5.96
CA PHE E 487 8.81 -50.79 -6.54
C PHE E 487 9.80 -51.93 -6.26
N PRO E 488 10.88 -52.14 -7.14
CA PRO E 488 12.05 -53.00 -6.90
C PRO E 488 12.93 -52.42 -5.79
N LYS E 489 13.71 -53.28 -5.13
CA LYS E 489 14.49 -52.83 -3.99
C LYS E 489 15.39 -51.65 -4.35
N GLU E 490 15.95 -51.66 -5.56
CA GLU E 490 16.96 -50.67 -5.93
C GLU E 490 16.40 -49.26 -5.96
N MET E 491 15.09 -49.10 -6.10
CA MET E 491 14.50 -47.78 -6.18
C MET E 491 14.07 -47.24 -4.82
N LEU E 492 14.11 -48.06 -3.78
CA LEU E 492 13.66 -47.65 -2.44
C LEU E 492 14.86 -47.05 -1.69
N LYS E 493 15.31 -45.90 -2.18
CA LYS E 493 16.59 -45.34 -1.78
C LYS E 493 16.56 -44.63 -0.44
N ARG E 494 15.40 -44.48 0.19
CA ARG E 494 15.31 -43.85 1.50
C ARG E 494 15.38 -44.86 2.63
N ILE E 495 15.42 -46.15 2.31
CA ILE E 495 15.34 -47.22 3.29
C ILE E 495 16.66 -47.96 3.27
N PRO E 496 17.32 -48.16 4.41
CA PRO E 496 18.56 -48.96 4.43
C PRO E 496 18.29 -50.43 4.15
N GLN E 497 19.31 -51.11 3.64
CA GLN E 497 19.18 -52.54 3.38
C GLN E 497 18.94 -53.32 4.66
N SER E 498 19.29 -52.76 5.82
CA SER E 498 19.06 -53.46 7.07
C SER E 498 17.57 -53.53 7.38
N THR E 499 16.76 -52.75 6.67
CA THR E 499 15.31 -52.81 6.86
C THR E 499 14.64 -53.54 5.69
N LEU E 500 15.09 -53.25 4.47
CA LEU E 500 14.48 -53.87 3.30
C LEU E 500 14.56 -55.39 3.36
N SER E 501 15.70 -55.91 3.82
CA SER E 501 15.92 -57.35 3.83
C SER E 501 14.96 -58.10 4.74
N GLU E 502 14.29 -57.40 5.67
CA GLU E 502 13.48 -58.11 6.63
C GLU E 502 12.00 -58.06 6.28
N PHE E 503 11.57 -56.89 5.80
CA PHE E 503 10.16 -56.51 5.66
C PHE E 503 9.74 -56.60 4.19
N TYR E 504 10.65 -56.26 3.26
CA TYR E 504 10.30 -56.20 1.82
C TYR E 504 9.91 -57.58 1.28
N PRO E 505 10.60 -58.68 1.62
CA PRO E 505 10.29 -60.00 1.08
C PRO E 505 8.83 -60.43 1.19
N ARG E 506 8.14 -60.03 2.25
CA ARG E 506 6.72 -60.44 2.45
C ARG E 506 5.85 -59.80 1.36
N TYR F 39 36.31 36.33 13.48
CA TYR F 39 36.96 35.28 14.27
C TYR F 39 36.07 34.70 15.36
N LEU F 40 34.83 35.18 15.46
CA LEU F 40 33.83 34.69 16.42
C LEU F 40 34.38 34.60 17.84
N SER F 41 35.06 35.67 18.26
CA SER F 41 35.67 35.71 19.58
C SER F 41 34.59 36.03 20.61
N GLN F 42 33.59 35.13 20.69
CA GLN F 42 32.44 35.34 21.56
C GLN F 42 32.26 34.04 22.33
N PRO F 43 32.23 34.09 23.65
CA PRO F 43 32.07 32.86 24.44
C PRO F 43 30.84 32.08 24.04
N ARG F 44 30.94 30.76 24.16
CA ARG F 44 29.84 29.89 23.75
C ARG F 44 28.90 29.66 24.92
N LEU F 45 27.62 29.53 24.62
CA LEU F 45 26.64 29.17 25.63
C LEU F 45 26.54 27.66 25.76
N THR F 46 26.42 27.20 27.01
CA THR F 46 26.16 25.80 27.29
C THR F 46 24.87 25.66 28.08
N TYR F 47 23.99 24.78 27.60
CA TYR F 47 22.66 24.60 28.17
C TYR F 47 22.56 23.26 28.86
N LYS F 48 21.82 23.21 29.97
CA LYS F 48 21.29 21.98 30.52
C LYS F 48 19.79 21.87 30.31
N THR F 49 19.21 22.80 29.55
CA THR F 49 17.76 22.91 29.38
C THR F 49 17.35 21.91 28.30
N VAL F 50 17.51 20.62 28.59
CA VAL F 50 17.13 19.54 27.69
C VAL F 50 15.64 19.33 27.85
N SER F 51 14.91 19.32 26.73
CA SER F 51 13.47 19.10 26.79
C SER F 51 13.15 17.60 26.78
N GLY F 52 13.85 16.84 25.96
CA GLY F 52 13.63 15.41 25.89
C GLY F 52 14.48 14.77 24.81
N VAL F 53 14.49 13.44 24.82
CA VAL F 53 15.31 12.69 23.88
C VAL F 53 14.43 11.62 23.23
N ASN F 54 14.43 11.57 21.90
CA ASN F 54 13.60 10.62 21.17
C ASN F 54 14.37 9.99 20.02
N GLY F 55 14.78 8.74 20.22
CA GLY F 55 15.65 8.06 19.28
C GLY F 55 16.97 8.79 19.09
N PRO F 56 17.32 9.09 17.84
CA PRO F 56 18.61 9.74 17.58
C PRO F 56 18.57 11.24 17.79
N LEU F 57 17.42 11.78 18.19
CA LEU F 57 17.18 13.22 18.24
C LEU F 57 17.17 13.66 19.69
N VAL F 58 17.82 14.77 19.98
CA VAL F 58 17.71 15.39 21.30
C VAL F 58 17.06 16.77 21.13
N ILE F 59 16.00 17.01 21.91
CA ILE F 59 15.25 18.24 21.82
C ILE F 59 15.60 19.17 22.96
N LEU F 60 16.05 20.38 22.65
CA LEU F 60 16.47 21.35 23.63
C LEU F 60 15.47 22.50 23.68
N ASP F 61 15.35 23.14 24.84
CA ASP F 61 14.49 24.30 24.98
C ASP F 61 15.32 25.45 25.55
N HIS F 62 14.66 26.59 25.71
CA HIS F 62 15.25 27.80 26.28
C HIS F 62 16.56 28.18 25.62
N VAL F 63 16.67 28.00 24.31
CA VAL F 63 17.92 28.27 23.62
C VAL F 63 17.87 29.67 23.02
N LYS F 64 18.94 30.44 23.17
CA LYS F 64 19.00 31.81 22.69
C LYS F 64 19.35 31.81 21.21
N PHE F 65 18.50 32.44 20.40
CA PHE F 65 18.69 32.62 18.97
C PHE F 65 19.30 31.37 18.33
N PRO F 66 18.59 30.26 18.32
CA PRO F 66 19.12 29.04 17.72
C PRO F 66 19.49 29.28 16.27
N ARG F 67 20.64 28.74 15.85
CA ARG F 67 21.02 28.85 14.46
C ARG F 67 20.79 27.52 13.74
N TYR F 68 20.15 27.60 12.58
CA TYR F 68 19.82 26.40 11.82
C TYR F 68 21.09 25.69 11.36
N ALA F 69 21.11 24.37 11.53
CA ALA F 69 22.20 23.52 11.07
C ALA F 69 23.49 23.82 11.83
N GLU F 70 23.32 24.40 13.01
CA GLU F 70 24.42 24.70 13.91
C GLU F 70 24.96 23.39 14.44
N ILE F 71 26.01 23.43 15.24
CA ILE F 71 26.56 22.22 15.83
C ILE F 71 26.58 22.36 17.34
N VAL F 72 26.20 21.28 18.02
CA VAL F 72 26.13 21.25 19.48
C VAL F 72 26.99 20.09 19.98
N HIS F 73 27.83 20.38 20.96
CA HIS F 73 28.66 19.38 21.62
C HIS F 73 27.96 18.96 22.89
N LEU F 74 27.73 17.66 23.05
CA LEU F 74 27.02 17.15 24.20
C LEU F 74 28.00 16.49 25.15
N THR F 75 27.93 16.88 26.42
CA THR F 75 28.67 16.25 27.50
C THR F 75 27.71 15.48 28.39
N LEU F 76 27.82 14.16 28.39
CA LEU F 76 26.91 13.26 29.09
C LEU F 76 27.25 13.29 30.58
N PRO F 77 26.36 12.85 31.47
CA PRO F 77 26.67 12.95 32.91
C PRO F 77 27.95 12.22 33.29
N ASP F 78 28.36 11.22 32.51
CA ASP F 78 29.56 10.46 32.84
C ASP F 78 30.81 11.00 32.18
N GLY F 79 30.74 12.16 31.54
CA GLY F 79 31.88 12.79 30.90
C GLY F 79 32.05 12.46 29.44
N THR F 80 31.27 11.53 28.90
CA THR F 80 31.40 11.20 27.48
C THR F 80 31.07 12.43 26.63
N LYS F 81 31.92 12.71 25.64
CA LYS F 81 31.63 13.85 24.73
C LYS F 81 31.12 13.29 23.40
N ARG F 82 30.09 13.92 22.84
CA ARG F 82 29.49 13.58 21.56
C ARG F 82 29.06 14.86 20.87
N SER F 83 28.80 14.76 19.57
CA SER F 83 28.41 15.93 18.80
C SER F 83 27.12 15.64 18.05
N GLY F 84 26.44 16.71 17.66
CA GLY F 84 25.24 16.58 16.86
C GLY F 84 24.98 17.86 16.11
N GLN F 85 24.10 17.78 15.10
CA GLN F 85 23.79 18.95 14.29
C GLN F 85 22.31 19.26 14.36
N VAL F 86 22.00 20.56 14.43
CA VAL F 86 20.61 21.00 14.55
C VAL F 86 19.88 20.71 13.25
N LEU F 87 18.73 20.05 13.36
CA LEU F 87 17.89 19.78 12.20
C LEU F 87 16.82 20.84 11.97
N GLU F 88 16.29 21.42 13.02
CA GLU F 88 15.32 22.50 12.88
C GLU F 88 15.34 23.34 14.14
N VAL F 89 14.90 24.58 14.01
CA VAL F 89 14.74 25.46 15.14
C VAL F 89 13.35 26.07 15.08
N SER F 90 12.80 26.38 16.26
CA SER F 90 11.51 27.05 16.32
C SER F 90 11.40 27.72 17.67
N GLY F 91 11.30 29.05 17.67
CA GLY F 91 11.24 29.78 18.92
C GLY F 91 12.49 29.58 19.76
N SER F 92 12.31 28.98 20.93
CA SER F 92 13.38 28.74 21.88
C SER F 92 13.75 27.28 21.87
N LYS F 93 13.16 26.52 20.95
CA LYS F 93 13.37 25.09 20.88
C LYS F 93 14.27 24.78 19.70
N ALA F 94 15.00 23.68 19.79
CA ALA F 94 15.84 23.19 18.70
C ALA F 94 15.90 21.68 18.76
N VAL F 95 16.00 21.04 17.60
CA VAL F 95 16.07 19.59 17.53
C VAL F 95 17.49 19.27 17.06
N VAL F 96 18.21 18.50 17.85
CA VAL F 96 19.60 18.23 17.54
C VAL F 96 19.75 16.77 17.14
N GLN F 97 20.44 16.55 16.03
CA GLN F 97 20.74 15.22 15.52
C GLN F 97 22.08 14.80 16.10
N VAL F 98 22.08 13.75 16.92
CA VAL F 98 23.29 13.35 17.62
C VAL F 98 23.99 12.25 16.82
N PHE F 99 25.25 12.51 16.45
CA PHE F 99 25.92 11.67 15.47
C PHE F 99 26.39 10.36 16.09
N GLU F 100 27.01 10.43 17.26
CA GLU F 100 27.59 9.25 17.88
C GLU F 100 26.52 8.36 18.52
N GLY F 101 25.32 8.89 18.71
CA GLY F 101 24.29 8.15 19.41
C GLY F 101 23.78 8.87 20.63
N THR F 102 22.57 8.52 21.06
CA THR F 102 21.91 9.20 22.16
C THR F 102 21.86 8.37 23.43
N SER F 103 22.27 7.11 23.40
CA SER F 103 22.22 6.28 24.59
C SER F 103 23.01 6.93 25.73
N GLY F 104 22.43 6.97 26.91
CA GLY F 104 23.08 7.52 28.08
C GLY F 104 22.76 8.97 28.36
N ILE F 105 22.10 9.66 27.44
CA ILE F 105 21.75 11.07 27.64
C ILE F 105 20.54 11.14 28.54
N ASP F 106 20.61 11.99 29.57
CA ASP F 106 19.44 12.21 30.40
C ASP F 106 18.75 13.51 30.00
N ALA F 107 17.75 13.89 30.78
CA ALA F 107 17.04 15.14 30.56
C ALA F 107 17.20 16.13 31.69
N LYS F 108 18.34 16.11 32.39
CA LYS F 108 18.56 16.98 33.53
C LYS F 108 19.99 17.50 33.60
N LYS F 109 20.98 16.65 33.33
CA LYS F 109 22.37 17.02 33.58
C LYS F 109 23.19 17.19 32.30
N THR F 110 22.77 16.59 31.18
CA THR F 110 23.56 16.64 29.96
C THR F 110 23.79 18.09 29.56
N SER F 111 25.04 18.45 29.31
CA SER F 111 25.40 19.83 28.96
C SER F 111 25.55 19.94 27.45
N CYS F 112 24.91 20.95 26.86
CA CYS F 112 24.87 21.14 25.42
C CYS F 112 25.54 22.46 25.07
N GLU F 113 26.70 22.40 24.43
CA GLU F 113 27.44 23.60 24.04
C GLU F 113 27.18 23.88 22.56
N PHE F 114 26.70 25.09 22.28
CA PHE F 114 26.43 25.54 20.93
C PHE F 114 27.67 26.22 20.38
N THR F 115 28.13 25.77 19.21
CA THR F 115 29.37 26.32 18.67
C THR F 115 29.17 27.70 18.07
N GLY F 116 27.94 28.03 17.68
CA GLY F 116 27.68 29.30 17.02
C GLY F 116 27.93 29.31 15.53
N ASP F 117 28.29 28.18 14.93
CA ASP F 117 28.60 28.14 13.50
C ASP F 117 28.15 26.81 12.91
N ILE F 118 28.37 26.69 11.61
CA ILE F 118 28.01 25.50 10.83
C ILE F 118 29.23 24.60 10.82
N LEU F 119 29.02 23.28 10.80
CA LEU F 119 30.14 22.35 10.76
C LEU F 119 30.95 22.65 9.50
N ARG F 120 31.90 23.56 9.68
CA ARG F 120 33.05 23.76 8.77
C ARG F 120 34.19 22.88 9.27
N THR F 121 34.68 21.97 8.43
CA THR F 121 35.65 21.00 8.93
C THR F 121 37.06 21.39 8.51
N PRO F 122 38.05 21.09 9.34
CA PRO F 122 39.44 21.35 8.95
C PRO F 122 39.79 20.47 7.75
N VAL F 123 40.48 21.08 6.78
CA VAL F 123 40.94 20.36 5.61
C VAL F 123 42.39 20.71 5.38
N SER F 124 43.15 19.75 4.86
CA SER F 124 44.56 19.94 4.58
C SER F 124 44.96 19.07 3.40
N GLU F 125 45.89 19.58 2.60
CA GLU F 125 46.45 18.83 1.49
C GLU F 125 47.18 17.57 1.95
N ASP F 126 47.60 17.52 3.21
CA ASP F 126 48.35 16.38 3.71
C ASP F 126 47.45 15.35 4.39
N MET F 127 46.14 15.41 4.13
CA MET F 127 45.22 14.38 4.56
C MET F 127 45.41 13.07 3.83
N LEU F 128 46.11 13.07 2.69
CA LEU F 128 46.45 11.86 1.99
C LEU F 128 47.50 11.08 2.79
N GLY F 129 47.34 9.77 2.82
CA GLY F 129 48.18 8.94 3.66
C GLY F 129 47.68 8.88 5.07
N ARG F 130 46.38 9.08 5.25
CA ARG F 130 45.76 9.06 6.56
C ARG F 130 44.47 8.27 6.51
N VAL F 131 44.07 7.70 7.64
CA VAL F 131 42.79 7.02 7.77
C VAL F 131 41.97 7.71 8.87
N PHE F 132 40.78 8.16 8.52
CA PHE F 132 39.89 8.81 9.45
C PHE F 132 38.63 7.98 9.65
N ASN F 133 37.94 8.24 10.76
CA ASN F 133 36.66 7.60 11.00
C ASN F 133 35.57 8.38 10.27
N GLY F 134 34.31 8.01 10.51
CA GLY F 134 33.21 8.57 9.74
C GLY F 134 32.96 10.04 10.01
N SER F 135 33.55 10.58 11.08
CA SER F 135 33.32 11.97 11.45
C SER F 135 34.56 12.80 11.19
N GLY F 136 35.55 12.20 10.54
CA GLY F 136 36.76 12.92 10.19
C GLY F 136 37.83 12.98 11.27
N LYS F 137 37.77 12.09 12.25
CA LYS F 137 38.76 12.06 13.30
C LYS F 137 39.79 10.96 13.04
N PRO F 138 41.02 11.13 13.51
CA PRO F 138 42.06 10.11 13.28
C PRO F 138 41.67 8.77 13.88
N ILE F 139 41.93 7.70 13.14
CA ILE F 139 41.81 6.35 13.65
C ILE F 139 43.11 5.60 13.47
N ASP F 140 44.10 6.27 12.86
CA ASP F 140 45.33 5.61 12.45
C ASP F 140 46.48 5.92 13.40
N ARG F 141 46.17 6.40 14.60
CA ARG F 141 47.18 6.72 15.60
C ARG F 141 47.97 7.97 15.21
N GLY F 142 47.53 8.66 14.17
CA GLY F 142 48.11 9.93 13.81
C GLY F 142 47.46 11.08 14.56
N PRO F 143 47.96 12.29 14.35
CA PRO F 143 47.38 13.46 15.01
C PRO F 143 46.09 13.90 14.34
N VAL F 144 45.38 14.79 15.03
CA VAL F 144 44.24 15.47 14.42
C VAL F 144 44.73 16.33 13.27
N VAL F 145 44.03 16.26 12.14
CA VAL F 145 44.44 17.01 10.97
C VAL F 145 44.59 18.48 11.31
N LEU F 146 45.71 19.07 10.89
CA LEU F 146 45.96 20.47 11.18
C LEU F 146 45.18 21.33 10.20
N ALA F 147 44.47 22.32 10.73
CA ALA F 147 43.49 23.06 9.96
C ALA F 147 44.19 24.00 8.99
N GLU F 148 44.70 23.47 7.89
CA GLU F 148 45.20 24.34 6.83
C GLU F 148 44.12 25.32 6.41
N ASP F 149 42.87 24.86 6.32
CA ASP F 149 41.76 25.77 6.17
C ASP F 149 40.50 25.08 6.64
N PHE F 150 39.38 25.80 6.60
CA PHE F 150 38.10 25.21 6.93
C PHE F 150 37.15 25.33 5.74
N LEU F 151 36.33 24.31 5.53
CA LEU F 151 35.33 24.33 4.49
C LEU F 151 33.98 23.89 5.05
N ASP F 152 32.93 24.55 4.60
CA ASP F 152 31.58 24.15 4.97
C ASP F 152 31.17 22.89 4.21
N ILE F 153 30.96 21.80 4.94
CA ILE F 153 30.78 20.51 4.29
C ILE F 153 29.49 20.49 3.47
N MET F 154 28.60 21.47 3.69
CA MET F 154 27.35 21.51 2.94
C MET F 154 27.58 21.73 1.45
N GLY F 155 28.72 22.29 1.08
CA GLY F 155 29.08 22.46 -0.30
C GLY F 155 28.85 23.86 -0.81
N GLN F 156 29.74 24.36 -1.65
CA GLN F 156 29.52 25.66 -2.24
C GLN F 156 29.16 25.48 -3.71
N PRO F 157 27.93 25.81 -4.12
CA PRO F 157 27.51 25.53 -5.48
C PRO F 157 28.43 26.16 -6.51
N ILE F 158 28.75 25.39 -7.54
CA ILE F 158 29.64 25.83 -8.60
C ILE F 158 28.78 26.37 -9.75
N ASN F 159 29.16 27.54 -10.25
CA ASN F 159 28.49 28.24 -11.33
C ASN F 159 28.53 27.42 -12.60
N PRO F 160 27.39 26.95 -13.10
CA PRO F 160 27.41 26.14 -14.34
C PRO F 160 28.11 26.82 -15.49
N GLN F 161 28.20 28.14 -15.50
CA GLN F 161 28.89 28.83 -16.57
C GLN F 161 30.38 28.53 -16.56
N CYS F 162 30.95 28.29 -15.39
CA CYS F 162 32.37 27.99 -15.27
C CYS F 162 32.67 26.51 -15.26
N ARG F 163 31.65 25.66 -15.20
CA ARG F 163 31.85 24.22 -15.29
C ARG F 163 32.37 23.84 -16.66
N ILE F 164 33.39 22.99 -16.68
CA ILE F 164 34.01 22.54 -17.91
C ILE F 164 33.51 21.13 -18.22
N TYR F 165 33.01 20.95 -19.42
CA TYR F 165 32.50 19.65 -19.85
C TYR F 165 33.62 18.63 -19.86
N PRO F 166 33.43 17.46 -19.24
CA PRO F 166 34.48 16.43 -19.28
C PRO F 166 34.59 15.81 -20.65
N GLU F 167 35.79 15.38 -21.00
CA GLU F 167 36.06 14.72 -22.27
C GLU F 167 37.02 13.55 -22.16
N GLU F 168 38.17 13.73 -21.51
CA GLU F 168 39.21 12.71 -21.53
C GLU F 168 38.69 11.40 -20.97
N MET F 169 39.02 10.30 -21.66
CA MET F 169 38.62 8.97 -21.24
C MET F 169 39.53 8.45 -20.16
N ILE F 170 38.94 7.83 -19.14
CA ILE F 170 39.69 7.04 -18.17
C ILE F 170 39.72 5.60 -18.66
N GLN F 171 40.91 5.04 -18.76
CA GLN F 171 41.08 3.66 -19.22
C GLN F 171 41.10 2.76 -18.00
N THR F 172 39.94 2.17 -17.70
CA THR F 172 39.80 1.42 -16.46
C THR F 172 40.38 0.06 -16.52
N GLY F 173 40.64 -0.50 -17.70
CA GLY F 173 41.20 -1.84 -17.77
C GLY F 173 40.15 -2.92 -17.89
N ILE F 174 38.90 -2.56 -17.62
CA ILE F 174 37.80 -3.51 -17.63
C ILE F 174 37.06 -3.38 -18.96
N SER F 175 37.06 -4.45 -19.76
CA SER F 175 36.48 -4.40 -21.09
C SER F 175 35.03 -4.00 -21.09
N ALA F 176 34.25 -4.41 -20.09
CA ALA F 176 32.85 -4.03 -20.01
C ALA F 176 32.67 -2.52 -19.90
N ILE F 177 33.69 -1.81 -19.42
CA ILE F 177 33.61 -0.37 -19.23
C ILE F 177 34.34 0.37 -20.34
N ASP F 178 35.61 0.04 -20.57
CA ASP F 178 36.38 0.75 -21.59
C ASP F 178 35.82 0.55 -22.99
N GLY F 179 35.22 -0.61 -23.27
CA GLY F 179 34.66 -0.83 -24.59
C GLY F 179 33.32 -0.13 -24.76
N MET F 180 32.29 -0.61 -24.07
CA MET F 180 30.96 -0.06 -24.23
C MET F 180 30.73 1.18 -23.37
N ASN F 181 30.55 1.03 -22.07
CA ASN F 181 30.14 2.14 -21.22
C ASN F 181 31.36 2.87 -20.67
N SER F 182 32.04 3.61 -21.54
CA SER F 182 33.27 4.27 -21.16
C SER F 182 33.02 5.35 -20.11
N ILE F 183 34.06 5.66 -19.34
CA ILE F 183 33.98 6.65 -18.28
C ILE F 183 34.89 7.80 -18.62
N ALA F 184 34.36 9.01 -18.63
CA ALA F 184 35.14 10.22 -18.79
C ALA F 184 35.61 10.71 -17.43
N ARG F 185 36.72 11.43 -17.43
CA ARG F 185 37.21 12.02 -16.19
C ARG F 185 36.35 13.22 -15.80
N GLY F 186 35.73 13.14 -14.63
CA GLY F 186 34.76 14.13 -14.22
C GLY F 186 33.34 13.61 -14.32
N GLN F 187 33.20 12.33 -14.66
CA GLN F 187 31.89 11.75 -14.81
C GLN F 187 31.30 11.38 -13.44
N LYS F 188 30.07 10.88 -13.46
CA LYS F 188 29.38 10.41 -12.26
C LYS F 188 28.65 9.12 -12.65
N ILE F 189 29.31 7.99 -12.39
CA ILE F 189 28.83 6.69 -12.84
C ILE F 189 28.88 5.72 -11.64
N PRO F 190 27.80 5.57 -10.90
CA PRO F 190 27.80 4.66 -9.75
C PRO F 190 27.74 3.20 -10.22
N ILE F 191 28.19 2.32 -9.35
CA ILE F 191 28.12 0.87 -9.56
C ILE F 191 26.98 0.35 -8.71
N PHE F 192 25.91 -0.11 -9.35
CA PHE F 192 24.83 -0.76 -8.61
C PHE F 192 25.12 -2.25 -8.44
N SER F 193 24.71 -2.80 -7.31
CA SER F 193 24.83 -4.24 -7.09
C SER F 193 23.79 -4.66 -6.07
N ALA F 194 23.49 -5.95 -6.00
CA ALA F 194 22.76 -6.47 -4.85
C ALA F 194 23.71 -7.16 -3.88
N ALA F 195 23.17 -7.47 -2.70
CA ALA F 195 23.96 -8.13 -1.67
C ALA F 195 24.57 -9.43 -2.19
N GLY F 196 25.84 -9.63 -1.88
CA GLY F 196 26.52 -10.86 -2.21
C GLY F 196 27.31 -10.83 -3.50
N LEU F 197 27.14 -9.82 -4.32
CA LEU F 197 27.85 -9.70 -5.57
C LEU F 197 29.20 -9.04 -5.36
N PRO F 198 30.18 -9.30 -6.22
CA PRO F 198 31.53 -8.77 -6.05
C PRO F 198 31.69 -7.33 -6.51
N HIS F 199 30.89 -6.43 -5.93
CA HIS F 199 31.05 -5.02 -6.28
C HIS F 199 32.24 -4.40 -5.58
N ASN F 200 32.66 -4.97 -4.46
CA ASN F 200 33.84 -4.41 -3.76
C ASN F 200 35.09 -4.75 -4.56
N GLU F 201 35.13 -5.93 -5.19
CA GLU F 201 36.29 -6.29 -5.99
C GLU F 201 36.38 -5.43 -7.24
N ILE F 202 35.26 -5.16 -7.90
CA ILE F 202 35.29 -4.32 -9.11
C ILE F 202 35.78 -2.91 -8.77
N ALA F 203 35.26 -2.33 -7.69
CA ALA F 203 35.67 -0.98 -7.32
C ALA F 203 37.15 -0.95 -6.99
N ALA F 204 37.64 -1.96 -6.29
CA ALA F 204 39.07 -2.02 -5.99
C ALA F 204 39.90 -2.16 -7.25
N GLN F 205 39.43 -2.97 -8.21
CA GLN F 205 40.16 -3.15 -9.46
C GLN F 205 40.28 -1.84 -10.22
N ILE F 206 39.19 -1.06 -10.27
CA ILE F 206 39.22 0.21 -10.98
C ILE F 206 40.23 1.15 -10.34
N CYS F 207 40.24 1.22 -9.01
CA CYS F 207 41.13 2.10 -8.29
C CYS F 207 42.60 1.86 -8.63
N ARG F 208 43.06 0.62 -8.62
CA ARG F 208 44.45 0.33 -8.90
C ARG F 208 44.78 0.29 -10.38
N GLN F 209 43.79 0.05 -11.24
CA GLN F 209 44.01 0.08 -12.68
C GLN F 209 43.64 1.39 -13.34
N ALA F 210 43.25 2.41 -12.57
CA ALA F 210 42.75 3.64 -13.16
C ALA F 210 43.86 4.35 -13.92
N GLY F 211 43.47 5.02 -15.00
CA GLY F 211 44.40 5.81 -15.77
C GLY F 211 43.77 6.42 -17.01
N LEU F 212 44.57 7.11 -17.82
CA LEU F 212 44.06 7.72 -19.04
C LEU F 212 44.47 6.88 -20.25
N VAL F 213 43.70 7.03 -21.32
CA VAL F 213 44.03 6.41 -22.63
C VAL F 213 45.22 7.14 -23.24
N LYS F 214 46.32 6.44 -23.47
CA LYS F 214 47.56 7.10 -23.98
C LYS F 214 47.71 6.79 -25.46
N LYS F 215 48.28 7.71 -26.23
CA LYS F 215 48.41 7.53 -27.69
C LYS F 215 49.90 7.61 -28.07
N GLU F 225 49.49 12.16 -13.53
CA GLU F 225 49.92 10.80 -13.95
C GLU F 225 48.97 9.75 -13.37
N ASN F 226 48.39 10.01 -12.20
CA ASN F 226 47.47 9.04 -11.55
C ASN F 226 46.44 9.79 -10.70
N PHE F 227 45.53 9.05 -10.05
CA PHE F 227 44.44 9.67 -9.26
C PHE F 227 44.76 9.57 -7.78
N ALA F 228 44.34 10.58 -7.01
CA ALA F 228 44.22 10.52 -5.55
C ALA F 228 42.88 9.85 -5.26
N ILE F 229 42.85 9.06 -4.18
CA ILE F 229 41.65 8.33 -3.82
C ILE F 229 41.04 8.89 -2.54
N VAL F 230 39.75 9.18 -2.58
CA VAL F 230 38.97 9.54 -1.40
C VAL F 230 37.90 8.48 -1.27
N PHE F 231 38.02 7.69 -0.19
CA PHE F 231 37.22 6.45 -0.05
C PHE F 231 36.32 6.59 1.18
N ALA F 232 35.02 6.69 0.95
CA ALA F 232 34.08 6.93 2.07
C ALA F 232 33.35 5.61 2.34
N ALA F 233 33.61 4.99 3.48
CA ALA F 233 32.94 3.72 3.81
C ALA F 233 31.74 4.04 4.69
N MET F 234 30.54 3.67 4.24
CA MET F 234 29.31 3.96 5.02
C MET F 234 28.58 2.64 5.26
N GLY F 235 28.62 2.15 6.49
CA GLY F 235 27.98 0.91 6.87
C GLY F 235 28.70 -0.33 6.39
N VAL F 236 30.02 -0.20 6.23
CA VAL F 236 30.87 -1.28 5.64
C VAL F 236 31.35 -2.19 6.78
N ASN F 237 31.25 -3.51 6.59
CA ASN F 237 31.71 -4.46 7.59
C ASN F 237 33.22 -4.50 7.65
N MET F 238 33.75 -5.03 8.75
CA MET F 238 35.19 -5.03 8.96
C MET F 238 35.93 -5.82 7.90
N GLU F 239 35.35 -6.92 7.40
CA GLU F 239 36.02 -7.73 6.41
C GLU F 239 36.25 -6.94 5.12
N THR F 240 35.26 -6.14 4.71
CA THR F 240 35.42 -5.31 3.54
C THR F 240 36.40 -4.17 3.79
N ALA F 241 36.31 -3.55 4.97
CA ALA F 241 37.22 -2.45 5.29
C ALA F 241 38.67 -2.90 5.21
N ARG F 242 38.97 -4.11 5.67
CA ARG F 242 40.33 -4.63 5.56
C ARG F 242 40.65 -5.00 4.12
N PHE F 243 39.62 -5.40 3.35
CA PHE F 243 39.87 -5.70 1.95
C PHE F 243 40.45 -4.50 1.22
N PHE F 244 39.80 -3.34 1.33
CA PHE F 244 40.27 -2.15 0.63
C PHE F 244 41.55 -1.62 1.25
N LYS F 245 41.61 -1.55 2.59
CA LYS F 245 42.82 -1.06 3.23
C LYS F 245 44.04 -1.87 2.82
N SER F 246 43.92 -3.20 2.82
CA SER F 246 45.04 -4.03 2.41
C SER F 246 45.34 -3.87 0.93
N ASP F 247 44.32 -3.80 0.08
CA ASP F 247 44.57 -3.70 -1.35
C ASP F 247 45.33 -2.42 -1.68
N PHE F 248 44.99 -1.30 -1.03
CA PHE F 248 45.72 -0.07 -1.27
C PHE F 248 47.17 -0.20 -0.84
N GLU F 249 47.41 -0.82 0.32
CA GLU F 249 48.78 -1.03 0.78
C GLU F 249 49.55 -1.98 -0.09
N GLU F 250 48.95 -3.09 -0.52
CA GLU F 250 49.67 -4.08 -1.30
C GLU F 250 50.13 -3.52 -2.65
N ASN F 251 49.37 -2.58 -3.21
CA ASN F 251 49.72 -1.95 -4.47
C ASN F 251 50.56 -0.69 -4.29
N GLY F 252 50.86 -0.34 -3.04
CA GLY F 252 51.63 0.86 -2.75
C GLY F 252 50.92 2.16 -2.98
N SER F 253 49.59 2.18 -2.92
CA SER F 253 48.82 3.38 -3.26
C SER F 253 48.58 4.30 -2.07
N MET F 254 48.85 3.86 -0.85
CA MET F 254 48.38 4.62 0.31
C MET F 254 48.94 6.02 0.34
N ASP F 255 50.09 6.27 -0.27
CA ASP F 255 50.67 7.61 -0.34
C ASP F 255 49.69 8.62 -0.89
N ASN F 256 48.70 8.18 -1.67
CA ASN F 256 47.70 9.08 -2.24
C ASN F 256 46.28 8.69 -1.88
N VAL F 257 46.08 8.03 -0.74
CA VAL F 257 44.72 7.62 -0.36
C VAL F 257 44.34 8.25 0.97
N CYS F 258 43.12 8.75 1.04
CA CYS F 258 42.54 9.27 2.28
C CYS F 258 41.26 8.48 2.52
N LEU F 259 41.23 7.73 3.61
CA LEU F 259 40.10 6.90 3.94
C LEU F 259 39.23 7.56 5.02
N PHE F 260 37.91 7.44 4.86
CA PHE F 260 36.95 7.82 5.89
C PHE F 260 36.11 6.59 6.19
N LEU F 261 36.34 5.97 7.35
CA LEU F 261 35.72 4.68 7.63
C LEU F 261 34.60 4.84 8.65
N ASN F 262 33.37 4.66 8.19
CA ASN F 262 32.21 4.49 9.06
C ASN F 262 31.73 3.06 8.86
N LEU F 263 32.03 2.19 9.82
CA LEU F 263 31.80 0.77 9.64
C LEU F 263 30.38 0.39 10.03
N ALA F 264 29.99 -0.82 9.64
CA ALA F 264 28.67 -1.30 9.96
C ALA F 264 28.43 -1.31 11.48
N ASN F 265 29.49 -1.47 12.26
CA ASN F 265 29.30 -1.45 13.71
C ASN F 265 29.48 -0.06 14.31
N ASP F 266 29.56 0.98 13.48
CA ASP F 266 29.67 2.33 13.97
C ASP F 266 28.30 2.99 13.98
N PRO F 267 28.17 4.17 14.60
CA PRO F 267 26.88 4.87 14.62
C PRO F 267 26.29 5.11 13.24
N THR F 268 24.98 4.93 13.11
CA THR F 268 24.29 5.09 11.83
C THR F 268 23.88 6.51 11.54
N ILE F 269 23.94 7.42 12.51
CA ILE F 269 23.65 8.81 12.22
C ILE F 269 24.89 9.51 11.70
N GLU F 270 26.04 9.22 12.31
CA GLU F 270 27.32 9.75 11.85
C GLU F 270 27.50 9.61 10.35
N ARG F 271 27.11 8.49 9.78
CA ARG F 271 27.36 8.31 8.36
C ARG F 271 26.63 9.30 7.52
N ILE F 272 25.71 10.13 8.03
CA ILE F 272 25.07 11.14 7.19
C ILE F 272 26.06 12.20 6.74
N ILE F 273 27.07 12.52 7.56
CA ILE F 273 28.02 13.56 7.18
C ILE F 273 29.22 12.93 6.49
N THR F 274 29.51 11.68 6.82
CA THR F 274 30.66 11.01 6.24
C THR F 274 30.80 11.34 4.76
N PRO F 275 29.75 11.20 3.93
CA PRO F 275 29.96 11.41 2.48
C PRO F 275 30.23 12.86 2.17
N ARG F 276 29.79 13.76 3.05
CA ARG F 276 29.99 15.19 2.84
C ARG F 276 31.40 15.61 3.21
N LEU F 277 31.96 14.98 4.23
CA LEU F 277 33.36 15.14 4.61
C LEU F 277 34.30 14.59 3.55
N ALA F 278 33.95 13.45 2.96
CA ALA F 278 34.79 12.88 1.91
C ALA F 278 34.81 13.79 0.69
N LEU F 279 33.65 14.25 0.24
CA LEU F 279 33.63 15.10 -0.94
C LEU F 279 34.21 16.48 -0.65
N THR F 280 34.00 16.99 0.56
CA THR F 280 34.64 18.25 0.93
C THR F 280 36.15 18.17 0.80
N THR F 281 36.77 17.08 1.26
CA THR F 281 38.19 16.91 0.99
C THR F 281 38.49 16.79 -0.50
N ALA F 282 37.68 16.06 -1.25
CA ALA F 282 37.92 15.92 -2.69
C ALA F 282 37.88 17.28 -3.36
N GLU F 283 36.92 18.13 -2.99
CA GLU F 283 36.81 19.45 -3.56
C GLU F 283 38.00 20.33 -3.25
N PHE F 284 38.51 20.28 -2.02
CA PHE F 284 39.75 20.98 -1.69
C PHE F 284 40.90 20.48 -2.55
N LEU F 285 41.11 19.17 -2.58
CA LEU F 285 42.26 18.64 -3.32
C LEU F 285 42.14 18.89 -4.81
N ALA F 286 40.95 18.75 -5.38
CA ALA F 286 40.79 18.89 -6.83
C ALA F 286 40.77 20.32 -7.31
N TYR F 287 40.14 21.24 -6.59
CA TYR F 287 39.90 22.57 -7.11
C TYR F 287 40.83 23.62 -6.52
N GLN F 288 41.53 23.29 -5.44
CA GLN F 288 42.52 24.19 -4.85
C GLN F 288 43.94 23.65 -4.98
N CYS F 289 44.11 22.34 -4.92
CA CYS F 289 45.43 21.75 -5.00
C CYS F 289 45.73 21.09 -6.34
N GLU F 290 44.87 21.29 -7.34
CA GLU F 290 45.14 20.89 -8.72
C GLU F 290 45.50 19.42 -8.82
N LYS F 291 44.74 18.59 -8.11
CA LYS F 291 44.91 17.15 -8.14
C LYS F 291 43.75 16.54 -8.89
N HIS F 292 43.94 15.36 -9.46
CA HIS F 292 42.81 14.60 -9.95
C HIS F 292 42.41 13.56 -8.91
N VAL F 293 41.14 13.62 -8.50
CA VAL F 293 40.65 12.84 -7.38
C VAL F 293 39.58 11.89 -7.90
N LEU F 294 39.71 10.62 -7.56
CA LEU F 294 38.66 9.61 -7.80
C LEU F 294 37.99 9.33 -6.46
N VAL F 295 36.67 9.54 -6.40
CA VAL F 295 35.94 9.40 -5.16
C VAL F 295 35.08 8.15 -5.20
N ILE F 296 35.26 7.28 -4.20
CA ILE F 296 34.49 6.01 -4.12
C ILE F 296 33.57 6.07 -2.89
N LEU F 297 32.27 5.83 -3.07
CA LEU F 297 31.33 5.86 -1.92
C LEU F 297 30.82 4.43 -1.77
N THR F 298 31.17 3.74 -0.68
CA THR F 298 30.96 2.27 -0.63
C THR F 298 29.49 1.88 -0.66
N ASP F 299 28.60 2.72 -0.14
CA ASP F 299 27.16 2.37 -0.23
C ASP F 299 26.33 3.60 0.07
N MET F 300 25.53 4.03 -0.91
CA MET F 300 24.61 5.16 -0.67
C MET F 300 23.32 4.57 -0.11
N SER F 301 23.22 3.23 -0.12
CA SER F 301 21.98 2.66 0.42
C SER F 301 21.94 2.70 1.93
N SER F 302 23.03 2.35 2.62
CA SER F 302 23.16 2.57 4.05
C SER F 302 23.08 4.04 4.41
N TYR F 303 23.53 4.93 3.53
CA TYR F 303 23.30 6.35 3.69
C TYR F 303 21.82 6.69 3.63
N ALA F 304 21.12 6.20 2.62
CA ALA F 304 19.69 6.44 2.52
C ALA F 304 18.96 5.90 3.75
N GLU F 305 19.39 4.76 4.26
CA GLU F 305 18.77 4.22 5.47
C GLU F 305 18.98 5.17 6.65
N ALA F 306 20.19 5.73 6.78
CA ALA F 306 20.43 6.71 7.83
C ALA F 306 19.50 7.90 7.74
N LEU F 307 19.23 8.39 6.54
CA LEU F 307 18.27 9.46 6.34
C LEU F 307 16.86 9.03 6.73
N ARG F 308 16.51 7.79 6.38
CA ARG F 308 15.20 7.25 6.74
C ARG F 308 15.03 7.16 8.24
N GLU F 309 16.08 6.72 8.94
CA GLU F 309 16.03 6.64 10.39
C GLU F 309 15.75 8.01 11.01
N VAL F 310 16.42 9.04 10.50
CA VAL F 310 16.19 10.40 10.99
C VAL F 310 14.82 10.90 10.58
N SER F 311 14.46 10.69 9.31
CA SER F 311 13.16 11.15 8.83
C SER F 311 12.02 10.57 9.66
N ALA F 312 12.09 9.27 9.95
CA ALA F 312 11.08 8.66 10.80
C ALA F 312 11.13 9.24 12.21
N ALA F 313 12.33 9.40 12.76
CA ALA F 313 12.46 9.92 14.12
C ALA F 313 11.83 11.30 14.28
N ARG F 314 11.90 12.16 13.27
CA ARG F 314 11.30 13.49 13.38
C ARG F 314 9.92 13.54 12.75
N GLU F 315 9.32 12.37 12.47
CA GLU F 315 7.93 12.26 12.03
C GLU F 315 7.67 13.13 10.80
N GLU F 316 8.58 13.01 9.85
CA GLU F 316 8.45 13.65 8.54
C GLU F 316 7.54 12.83 7.65
N VAL F 317 6.90 13.49 6.69
CA VAL F 317 6.03 12.86 5.72
C VAL F 317 6.88 12.11 4.71
N PRO F 318 6.78 10.79 4.65
CA PRO F 318 7.63 10.01 3.73
C PRO F 318 7.09 10.01 2.32
N GLY F 319 7.95 9.59 1.39
CA GLY F 319 7.52 9.22 0.07
C GLY F 319 7.57 7.73 -0.11
N ARG F 320 7.98 7.28 -1.29
CA ARG F 320 7.93 5.86 -1.60
C ARG F 320 8.77 5.08 -0.59
N ARG F 321 8.21 3.97 -0.10
CA ARG F 321 8.86 3.01 0.78
C ARG F 321 9.38 3.63 2.07
N GLY F 322 8.82 4.75 2.52
CA GLY F 322 9.14 5.32 3.82
C GLY F 322 10.31 6.27 3.82
N PHE F 323 10.92 6.53 2.68
CA PHE F 323 12.08 7.39 2.62
C PHE F 323 11.63 8.85 2.52
N PRO F 324 12.47 9.80 2.99
CA PRO F 324 12.05 11.20 2.97
C PRO F 324 11.75 11.68 1.57
N GLY F 325 10.74 12.55 1.47
CA GLY F 325 10.36 13.08 0.18
C GLY F 325 11.47 13.88 -0.48
N TYR F 326 12.46 14.30 0.31
CA TYR F 326 13.59 15.06 -0.20
C TYR F 326 14.80 14.21 -0.50
N MET F 327 14.67 12.88 -0.59
CA MET F 327 15.81 12.06 -0.94
C MET F 327 16.46 12.54 -2.24
N TYR F 328 15.66 12.95 -3.21
CA TYR F 328 16.23 13.38 -4.49
C TYR F 328 17.21 14.53 -4.29
N THR F 329 16.78 15.56 -3.56
CA THR F 329 17.65 16.71 -3.33
C THR F 329 18.89 16.33 -2.52
N ASP F 330 18.71 15.57 -1.44
CA ASP F 330 19.86 15.25 -0.59
C ASP F 330 20.92 14.46 -1.35
N LEU F 331 20.50 13.62 -2.30
CA LEU F 331 21.46 12.90 -3.11
C LEU F 331 22.09 13.82 -4.16
N ALA F 332 21.29 14.68 -4.79
CA ALA F 332 21.85 15.55 -5.81
C ALA F 332 22.95 16.43 -5.23
N THR F 333 22.78 16.88 -4.00
CA THR F 333 23.79 17.74 -3.39
C THR F 333 25.05 17.00 -3.08
N ILE F 334 25.07 15.67 -3.15
CA ILE F 334 26.30 14.91 -2.99
C ILE F 334 26.84 14.43 -4.34
N TYR F 335 25.97 13.84 -5.18
CA TYR F 335 26.43 13.28 -6.44
C TYR F 335 27.04 14.35 -7.34
N GLU F 336 26.46 15.54 -7.37
CA GLU F 336 26.88 16.56 -8.32
C GLU F 336 28.17 17.24 -7.94
N ARG F 337 28.82 16.84 -6.84
CA ARG F 337 30.10 17.41 -6.48
C ARG F 337 31.18 16.69 -7.28
N ALA F 338 31.20 16.98 -8.58
CA ALA F 338 32.07 16.28 -9.51
C ALA F 338 32.34 17.19 -10.70
N GLY F 339 33.32 16.81 -11.52
CA GLY F 339 33.56 17.50 -12.76
C GLY F 339 34.72 18.47 -12.71
N ARG F 340 34.86 19.29 -13.74
CA ARG F 340 35.95 20.24 -13.83
C ARG F 340 35.41 21.66 -13.79
N VAL F 341 36.27 22.61 -13.46
CA VAL F 341 35.90 24.02 -13.41
C VAL F 341 36.94 24.83 -14.18
N GLU F 342 36.51 25.93 -14.79
CA GLU F 342 37.40 26.78 -15.54
C GLU F 342 38.52 27.32 -14.66
N GLY F 343 39.74 27.28 -15.18
CA GLY F 343 40.88 27.82 -14.48
C GLY F 343 41.66 26.82 -13.66
N ARG F 344 41.11 25.63 -13.45
CA ARG F 344 41.76 24.59 -12.67
C ARG F 344 42.21 23.47 -13.61
N ASN F 345 43.21 22.71 -13.16
CA ASN F 345 43.62 21.52 -13.90
C ASN F 345 43.15 20.22 -13.27
N GLY F 346 42.69 20.25 -12.03
CA GLY F 346 42.26 19.03 -11.38
C GLY F 346 40.83 18.69 -11.75
N SER F 347 40.33 17.62 -11.14
CA SER F 347 38.98 17.15 -11.44
C SER F 347 38.52 16.21 -10.34
N ILE F 348 37.21 16.01 -10.23
CA ILE F 348 36.67 14.95 -9.40
C ILE F 348 35.86 14.00 -10.26
N THR F 349 36.18 12.72 -10.19
CA THR F 349 35.40 11.66 -10.81
C THR F 349 34.77 10.84 -9.69
N GLN F 350 33.46 10.62 -9.77
CA GLN F 350 32.78 9.84 -8.76
C GLN F 350 32.36 8.50 -9.33
N ILE F 351 32.57 7.44 -8.55
CA ILE F 351 32.02 6.14 -8.85
C ILE F 351 31.40 5.59 -7.57
N PRO F 352 30.23 6.12 -7.09
CA PRO F 352 29.46 5.70 -5.82
C PRO F 352 28.98 4.25 -5.99
N ILE F 353 28.82 3.50 -4.91
CA ILE F 353 28.27 2.13 -5.03
C ILE F 353 26.91 2.09 -4.33
N LEU F 354 25.94 1.35 -4.89
CA LEU F 354 24.60 1.28 -4.25
C LEU F 354 24.11 -0.17 -4.20
N THR F 355 23.83 -0.67 -3.00
CA THR F 355 23.21 -1.99 -2.86
C THR F 355 21.72 -1.88 -3.20
N MET F 356 21.26 -2.77 -4.07
CA MET F 356 19.88 -2.71 -4.52
C MET F 356 19.04 -3.67 -3.71
N PRO F 357 18.15 -3.19 -2.86
CA PRO F 357 17.28 -4.11 -2.10
C PRO F 357 16.46 -4.98 -3.05
N ASN F 358 16.37 -6.27 -2.71
CA ASN F 358 15.58 -7.26 -3.44
C ASN F 358 16.02 -7.42 -4.90
N ASP F 359 17.23 -6.98 -5.25
CA ASP F 359 17.78 -7.22 -6.59
C ASP F 359 17.01 -6.47 -7.67
N ASP F 360 16.18 -5.51 -7.27
CA ASP F 360 15.39 -4.74 -8.23
C ASP F 360 16.16 -3.50 -8.63
N ILE F 361 15.60 -2.71 -9.53
CA ILE F 361 16.22 -1.46 -9.93
C ILE F 361 15.15 -0.38 -9.98
N THR F 362 14.00 -0.65 -9.38
CA THR F 362 12.95 0.34 -9.20
C THR F 362 12.84 0.82 -7.77
N HIS F 363 13.65 0.30 -6.85
CA HIS F 363 13.64 0.77 -5.48
C HIS F 363 13.96 2.27 -5.45
N PRO F 364 13.31 3.03 -4.57
CA PRO F 364 13.51 4.49 -4.61
C PRO F 364 14.96 4.90 -4.61
N ILE F 365 15.84 4.18 -3.92
CA ILE F 365 17.23 4.56 -3.82
C ILE F 365 17.89 4.49 -5.21
N PRO F 366 17.95 3.33 -5.87
CA PRO F 366 18.51 3.34 -7.23
C PRO F 366 17.67 4.10 -8.22
N ASP F 367 16.36 4.23 -7.97
CA ASP F 367 15.51 4.98 -8.90
C ASP F 367 15.89 6.44 -8.92
N LEU F 368 15.97 7.06 -7.74
CA LEU F 368 16.35 8.47 -7.68
C LEU F 368 17.80 8.68 -8.11
N THR F 369 18.70 7.75 -7.75
CA THR F 369 20.08 7.89 -8.20
C THR F 369 20.18 7.87 -9.71
N GLY F 370 19.47 6.95 -10.36
CA GLY F 370 19.52 6.88 -11.81
C GLY F 370 19.12 8.18 -12.47
N TYR F 371 18.23 8.94 -11.83
CA TYR F 371 17.81 10.21 -12.42
C TYR F 371 18.88 11.28 -12.25
N ILE F 372 19.83 11.07 -11.34
CA ILE F 372 20.80 12.11 -11.01
C ILE F 372 22.15 11.83 -11.65
N THR F 373 22.60 10.58 -11.61
CA THR F 373 23.93 10.23 -12.11
C THR F 373 23.89 9.97 -13.61
N GLU F 374 25.07 9.94 -14.21
CA GLU F 374 25.21 9.92 -15.66
C GLU F 374 25.43 8.49 -16.15
N GLY F 375 24.43 7.66 -15.90
CA GLY F 375 24.56 6.24 -16.19
C GLY F 375 24.99 5.40 -15.00
N GLN F 376 25.33 4.15 -15.25
CA GLN F 376 25.71 3.22 -14.21
C GLN F 376 26.48 2.04 -14.82
N ILE F 377 26.97 1.14 -13.96
CA ILE F 377 27.56 -0.10 -14.42
C ILE F 377 26.55 -1.24 -14.26
N TYR F 378 25.85 -1.26 -13.13
CA TYR F 378 24.88 -2.30 -12.81
C TYR F 378 25.52 -3.69 -12.83
N VAL F 379 25.94 -4.13 -11.65
CA VAL F 379 26.49 -5.48 -11.52
C VAL F 379 25.31 -6.42 -11.29
N ASP F 380 25.21 -7.46 -12.11
CA ASP F 380 24.05 -8.33 -12.08
C ASP F 380 24.35 -9.57 -11.23
N ARG F 381 23.34 -10.43 -11.12
CA ARG F 381 23.48 -11.69 -10.40
C ARG F 381 23.51 -12.89 -11.32
N GLN F 382 22.83 -12.80 -12.47
CA GLN F 382 22.79 -13.93 -13.40
C GLN F 382 24.18 -14.24 -13.95
N LEU F 383 25.00 -13.22 -14.13
CA LEU F 383 26.38 -13.45 -14.58
C LEU F 383 27.22 -14.00 -13.44
N HIS F 384 26.98 -13.51 -12.22
CA HIS F 384 27.73 -14.02 -11.06
C HIS F 384 27.46 -15.50 -10.82
N ASN F 385 26.20 -15.93 -10.92
CA ASN F 385 25.89 -17.33 -10.69
C ASN F 385 26.60 -18.23 -11.69
N ARG F 386 26.99 -17.67 -12.84
CA ARG F 386 27.69 -18.45 -13.85
C ARG F 386 29.21 -18.32 -13.75
N GLN F 387 29.71 -17.75 -12.66
CA GLN F 387 31.14 -17.63 -12.39
C GLN F 387 31.82 -16.73 -13.43
N ILE F 388 31.14 -15.65 -13.77
CA ILE F 388 31.65 -14.64 -14.69
C ILE F 388 32.10 -13.43 -13.87
N TYR F 389 33.32 -12.99 -14.09
CA TYR F 389 33.80 -11.80 -13.42
C TYR F 389 34.57 -10.92 -14.40
N PRO F 390 34.30 -9.60 -14.43
CA PRO F 390 33.24 -8.94 -13.66
C PRO F 390 31.86 -9.26 -14.18
N PRO F 391 30.94 -9.58 -13.29
CA PRO F 391 29.58 -9.92 -13.73
C PRO F 391 28.74 -8.70 -14.07
N ILE F 392 29.17 -7.94 -15.09
CA ILE F 392 28.47 -6.71 -15.44
C ILE F 392 27.55 -6.94 -16.62
N ASN F 393 26.30 -6.52 -16.48
CA ASN F 393 25.26 -6.69 -17.49
C ASN F 393 25.21 -5.41 -18.32
N VAL F 394 25.56 -5.52 -19.60
CA VAL F 394 25.72 -4.33 -20.43
C VAL F 394 24.39 -3.73 -20.89
N LEU F 395 23.27 -4.47 -20.76
CA LEU F 395 22.03 -3.99 -21.38
C LEU F 395 21.36 -2.91 -20.55
N PRO F 396 21.17 -3.06 -19.23
CA PRO F 396 20.45 -2.03 -18.48
C PRO F 396 21.36 -0.89 -18.05
N SER F 397 22.64 -0.95 -18.43
CA SER F 397 23.64 0.01 -17.98
C SER F 397 24.06 0.89 -19.13
N LEU F 398 24.10 2.20 -18.90
CA LEU F 398 24.49 3.16 -19.91
C LEU F 398 25.51 4.13 -19.33
N SER F 399 26.23 4.81 -20.21
CA SER F 399 27.13 5.88 -19.82
C SER F 399 26.81 7.10 -20.67
N ARG F 400 26.34 8.17 -20.04
CA ARG F 400 25.86 9.33 -20.77
C ARG F 400 26.95 10.01 -21.57
N LEU F 401 28.19 10.05 -21.07
CA LEU F 401 29.27 10.75 -21.72
C LEU F 401 29.97 9.90 -22.76
N MET F 402 29.54 8.64 -22.92
CA MET F 402 30.21 7.75 -23.85
C MET F 402 30.19 8.29 -25.27
N LYS F 403 29.11 8.94 -25.69
CA LYS F 403 28.99 9.33 -27.09
C LYS F 403 30.03 10.39 -27.46
N SER F 404 30.59 11.08 -26.47
CA SER F 404 31.51 12.17 -26.76
C SER F 404 32.93 11.90 -26.31
N ALA F 405 33.16 10.88 -25.48
CA ALA F 405 34.49 10.67 -24.90
C ALA F 405 35.29 9.69 -25.73
N ILE F 406 34.73 9.25 -26.85
CA ILE F 406 35.35 8.25 -27.71
C ILE F 406 35.38 8.75 -29.15
N GLY F 407 36.13 8.07 -30.00
CA GLY F 407 36.13 8.34 -31.41
C GLY F 407 37.47 8.88 -31.85
N GLU F 408 37.55 9.23 -33.14
CA GLU F 408 38.80 9.71 -33.72
C GLU F 408 39.31 10.91 -32.92
N GLY F 409 40.57 10.86 -32.53
CA GLY F 409 41.16 11.89 -31.71
C GLY F 409 41.20 11.58 -30.23
N MET F 410 40.44 10.59 -29.77
CA MET F 410 40.47 10.19 -28.37
C MET F 410 40.80 8.71 -28.20
N THR F 411 40.16 7.82 -28.96
CA THR F 411 40.50 6.41 -28.92
C THR F 411 40.77 5.86 -30.32
N ARG F 412 39.77 5.30 -30.99
CA ARG F 412 39.92 4.78 -32.35
C ARG F 412 38.70 5.21 -33.14
N LYS F 413 38.90 5.40 -34.44
CA LYS F 413 37.81 5.81 -35.32
C LYS F 413 36.59 4.94 -35.12
N ASP F 414 36.79 3.65 -34.97
CA ASP F 414 35.65 2.74 -34.95
C ASP F 414 35.07 2.53 -33.60
N HIS F 415 35.51 3.22 -32.54
CA HIS F 415 35.07 2.87 -31.20
C HIS F 415 33.55 2.90 -31.11
N ALA F 416 32.94 4.01 -31.53
CA ALA F 416 31.50 4.19 -31.39
C ALA F 416 30.71 3.13 -32.14
N ASP F 417 31.19 2.72 -33.31
CA ASP F 417 30.43 1.78 -34.13
C ASP F 417 30.51 0.37 -33.55
N VAL F 418 31.69 0.00 -33.04
CA VAL F 418 31.90 -1.32 -32.44
C VAL F 418 31.01 -1.51 -31.22
N SER F 419 30.93 -0.47 -30.38
CA SER F 419 30.13 -0.54 -29.17
C SER F 419 28.66 -0.79 -29.49
N ASN F 420 28.11 -0.02 -30.42
CA ASN F 420 26.69 -0.10 -30.72
C ASN F 420 26.33 -1.47 -31.30
N GLN F 421 27.20 -1.98 -32.18
CA GLN F 421 26.91 -3.24 -32.83
C GLN F 421 26.97 -4.38 -31.83
N LEU F 422 27.94 -4.33 -30.92
CA LEU F 422 28.07 -5.36 -29.90
C LEU F 422 26.86 -5.34 -28.98
N TYR F 423 26.41 -4.15 -28.62
CA TYR F 423 25.25 -4.00 -27.74
C TYR F 423 24.02 -4.64 -28.37
N ALA F 424 23.76 -4.28 -29.64
CA ALA F 424 22.56 -4.78 -30.29
C ALA F 424 22.63 -6.29 -30.42
N CYS F 425 23.80 -6.81 -30.75
CA CYS F 425 23.94 -8.26 -30.92
C CYS F 425 23.68 -8.96 -29.60
N TYR F 426 24.22 -8.42 -28.51
CA TYR F 426 23.98 -9.01 -27.19
C TYR F 426 22.51 -8.96 -26.83
N ALA F 427 21.88 -7.81 -27.05
CA ALA F 427 20.47 -7.67 -26.72
C ALA F 427 19.64 -8.69 -27.48
N ILE F 428 19.96 -8.89 -28.76
CA ILE F 428 19.21 -9.84 -29.55
C ILE F 428 19.45 -11.24 -29.04
N GLY F 429 20.71 -11.58 -28.74
CA GLY F 429 21.05 -12.88 -28.24
C GLY F 429 20.25 -13.23 -27.01
N LYS F 430 20.00 -12.23 -26.16
CA LYS F 430 19.20 -12.47 -24.97
C LYS F 430 17.75 -12.73 -25.34
N ASP F 431 17.24 -12.03 -26.36
CA ASP F 431 15.90 -12.30 -26.83
C ASP F 431 15.82 -13.67 -27.49
N VAL F 432 16.91 -14.09 -28.14
CA VAL F 432 16.95 -15.45 -28.68
C VAL F 432 16.96 -16.46 -27.56
N GLN F 433 17.76 -16.20 -26.51
CA GLN F 433 17.80 -17.12 -25.38
C GLN F 433 16.43 -17.22 -24.73
N ALA F 434 15.73 -16.08 -24.60
CA ALA F 434 14.38 -16.10 -24.07
C ALA F 434 13.44 -16.95 -24.89
N MET F 435 13.58 -16.96 -26.22
CA MET F 435 12.79 -17.82 -27.08
C MET F 435 13.23 -19.27 -26.97
N LYS F 436 14.54 -19.52 -27.03
CA LYS F 436 15.04 -20.89 -26.97
C LYS F 436 14.52 -21.60 -25.73
N ALA F 437 14.44 -20.89 -24.61
CA ALA F 437 13.94 -21.48 -23.38
C ALA F 437 12.54 -22.03 -23.51
N VAL F 438 11.81 -21.64 -24.54
CA VAL F 438 10.44 -22.10 -24.75
C VAL F 438 10.35 -23.09 -25.91
N VAL F 439 11.02 -22.80 -27.03
CA VAL F 439 10.79 -23.58 -28.25
C VAL F 439 11.88 -24.63 -28.43
N GLY F 440 12.98 -24.49 -27.72
CA GLY F 440 14.06 -25.44 -27.82
C GLY F 440 15.11 -25.08 -28.86
N GLU F 441 16.31 -25.66 -28.73
CA GLU F 441 17.38 -25.32 -29.65
C GLU F 441 17.11 -25.83 -31.06
N GLU F 442 16.15 -26.75 -31.21
CA GLU F 442 15.84 -27.32 -32.51
C GLU F 442 14.84 -26.48 -33.30
N ALA F 443 14.33 -25.40 -32.70
CA ALA F 443 13.37 -24.53 -33.36
C ALA F 443 13.93 -23.16 -33.71
N LEU F 444 15.25 -23.03 -33.84
CA LEU F 444 15.90 -21.77 -34.16
C LEU F 444 16.41 -21.80 -35.60
N THR F 445 16.44 -20.63 -36.23
CA THR F 445 16.97 -20.48 -37.58
C THR F 445 18.48 -20.19 -37.51
N SER F 446 19.10 -20.09 -38.69
CA SER F 446 20.54 -19.92 -38.74
C SER F 446 20.98 -18.61 -38.09
N ASP F 447 20.24 -17.53 -38.34
CA ASP F 447 20.60 -16.26 -37.74
C ASP F 447 20.47 -16.30 -36.22
N ASP F 448 19.40 -16.91 -35.70
CA ASP F 448 19.27 -17.01 -34.26
C ASP F 448 20.44 -17.75 -33.62
N LEU F 449 20.96 -18.78 -34.30
CA LEU F 449 22.12 -19.52 -33.82
C LEU F 449 23.37 -18.67 -33.79
N LEU F 450 23.50 -17.76 -34.76
CA LEU F 450 24.64 -16.84 -34.77
C LEU F 450 24.59 -15.92 -33.56
N TYR F 451 23.40 -15.44 -33.22
CA TYR F 451 23.26 -14.59 -32.04
C TYR F 451 23.47 -15.39 -30.76
N LEU F 452 23.05 -16.66 -30.74
CA LEU F 452 23.33 -17.50 -29.58
C LEU F 452 24.82 -17.77 -29.45
N GLU F 453 25.49 -18.03 -30.57
CA GLU F 453 26.94 -18.22 -30.53
C GLU F 453 27.64 -16.96 -30.05
N PHE F 454 27.22 -15.80 -30.57
CA PHE F 454 27.73 -14.53 -30.08
C PHE F 454 27.51 -14.38 -28.58
N LEU F 455 26.29 -14.65 -28.12
CA LEU F 455 25.97 -14.44 -26.71
C LEU F 455 26.92 -15.22 -25.82
N GLN F 456 27.12 -16.50 -26.13
CA GLN F 456 27.96 -17.33 -25.28
C GLN F 456 29.42 -16.90 -25.37
N LYS F 457 29.91 -16.61 -26.58
CA LYS F 457 31.31 -16.21 -26.73
C LYS F 457 31.54 -14.80 -26.22
N PHE F 458 30.53 -13.93 -26.33
CA PHE F 458 30.64 -12.57 -25.85
C PHE F 458 30.97 -12.53 -24.37
N GLU F 459 30.17 -13.23 -23.56
CA GLU F 459 30.45 -13.25 -22.12
C GLU F 459 31.75 -13.96 -21.79
N LYS F 460 32.09 -15.04 -22.50
CA LYS F 460 33.32 -15.76 -22.19
C LYS F 460 34.58 -15.01 -22.59
N ASN F 461 34.62 -14.42 -23.77
CA ASN F 461 35.85 -13.80 -24.26
C ASN F 461 35.93 -12.31 -24.02
N PHE F 462 34.79 -11.60 -24.00
CA PHE F 462 34.79 -10.15 -23.87
C PHE F 462 34.59 -9.71 -22.43
N ILE F 463 33.46 -10.10 -21.82
CA ILE F 463 33.14 -9.60 -20.48
C ILE F 463 34.06 -10.23 -19.44
N THR F 464 34.19 -11.55 -19.47
CA THR F 464 35.04 -12.25 -18.51
C THR F 464 36.49 -11.82 -18.65
N GLN F 465 37.09 -11.43 -17.53
CA GLN F 465 38.44 -10.86 -17.54
C GLN F 465 39.32 -11.37 -16.42
N GLY F 466 38.85 -11.33 -15.18
CA GLY F 466 39.70 -11.62 -14.05
C GLY F 466 40.10 -10.33 -13.35
N PRO F 467 40.29 -10.39 -12.03
CA PRO F 467 40.52 -9.16 -11.28
C PRO F 467 41.95 -8.64 -11.35
N TYR F 468 42.90 -9.43 -11.85
CA TYR F 468 44.31 -9.05 -11.85
C TYR F 468 44.85 -8.95 -13.26
N GLU F 469 43.96 -8.84 -14.24
CA GLU F 469 44.36 -8.61 -15.63
C GLU F 469 43.68 -7.37 -16.14
N ASN F 470 44.46 -6.43 -16.69
CA ASN F 470 43.93 -5.23 -17.31
C ASN F 470 44.12 -5.31 -18.82
N ARG F 471 43.13 -4.81 -19.55
CA ARG F 471 43.24 -4.71 -21.01
C ARG F 471 42.99 -3.26 -21.42
N THR F 472 43.70 -2.81 -22.45
CA THR F 472 43.59 -1.43 -22.89
C THR F 472 42.33 -1.25 -23.72
N VAL F 473 41.98 0.01 -23.97
CA VAL F 473 40.84 0.30 -24.83
C VAL F 473 41.07 -0.21 -26.24
N TYR F 474 42.31 -0.21 -26.71
CA TYR F 474 42.58 -0.71 -28.06
C TYR F 474 42.52 -2.22 -28.10
N GLU F 475 43.04 -2.89 -27.07
CA GLU F 475 42.90 -4.34 -26.98
C GLU F 475 41.43 -4.74 -26.83
N THR F 476 40.66 -3.96 -26.08
CA THR F 476 39.25 -4.26 -25.92
C THR F 476 38.51 -4.19 -27.25
N LEU F 477 38.79 -3.18 -28.07
CA LEU F 477 38.15 -3.10 -29.37
C LEU F 477 38.54 -4.26 -30.28
N ASP F 478 39.82 -4.67 -30.23
CA ASP F 478 40.24 -5.80 -31.04
C ASP F 478 39.46 -7.06 -30.67
N ILE F 479 39.23 -7.27 -29.38
CA ILE F 479 38.38 -8.38 -28.95
C ILE F 479 36.96 -8.21 -29.48
N GLY F 480 36.47 -6.97 -29.39
CA GLY F 480 35.14 -6.65 -29.91
C GLY F 480 35.02 -7.14 -31.33
N TRP F 481 36.00 -6.79 -32.15
CA TRP F 481 35.98 -7.21 -33.58
C TRP F 481 35.95 -8.73 -33.69
N GLN F 482 36.71 -9.45 -32.86
CA GLN F 482 36.71 -10.93 -32.91
C GLN F 482 35.28 -11.44 -32.69
N LEU F 483 34.53 -10.77 -31.83
CA LEU F 483 33.13 -11.19 -31.55
C LEU F 483 32.26 -10.77 -32.74
N LEU F 484 32.51 -9.58 -33.29
CA LEU F 484 31.67 -9.07 -34.41
C LEU F 484 31.88 -9.96 -35.64
N ARG F 485 33.11 -10.44 -35.86
CA ARG F 485 33.47 -11.25 -37.05
C ARG F 485 32.80 -12.62 -36.95
N ILE F 486 32.09 -12.90 -35.86
CA ILE F 486 31.25 -14.14 -35.83
C ILE F 486 30.18 -13.97 -36.92
N PHE F 487 29.63 -12.76 -37.08
CA PHE F 487 28.54 -12.50 -38.06
C PHE F 487 29.12 -12.21 -39.45
N PRO F 488 28.40 -12.57 -40.54
CA PRO F 488 28.73 -12.08 -41.88
C PRO F 488 28.50 -10.57 -41.95
N LYS F 489 29.28 -9.86 -42.77
CA LYS F 489 29.18 -8.41 -42.74
C LYS F 489 27.77 -7.91 -43.02
N GLU F 490 26.98 -8.67 -43.78
CA GLU F 490 25.65 -8.20 -44.15
C GLU F 490 24.72 -8.04 -42.95
N MET F 491 25.00 -8.73 -41.84
CA MET F 491 24.15 -8.63 -40.66
C MET F 491 24.55 -7.54 -39.70
N LEU F 492 25.69 -6.88 -39.92
CA LEU F 492 26.18 -5.86 -39.01
C LEU F 492 25.56 -4.51 -39.40
N LYS F 493 24.27 -4.39 -39.11
CA LYS F 493 23.48 -3.30 -39.68
C LYS F 493 23.69 -1.97 -38.96
N ARG F 494 24.42 -1.95 -37.86
CA ARG F 494 24.63 -0.72 -37.11
C ARG F 494 26.02 -0.14 -37.30
N ILE F 495 26.81 -0.71 -38.21
CA ILE F 495 28.15 -0.23 -38.53
C ILE F 495 28.13 0.25 -39.98
N PRO F 496 28.51 1.50 -40.25
CA PRO F 496 28.59 1.96 -41.64
C PRO F 496 29.57 1.12 -42.44
N GLN F 497 29.33 1.05 -43.75
CA GLN F 497 30.18 0.26 -44.64
C GLN F 497 31.62 0.72 -44.60
N SER F 498 31.87 2.03 -44.43
CA SER F 498 33.24 2.51 -44.42
C SER F 498 34.02 1.90 -43.27
N THR F 499 33.41 1.82 -42.08
CA THR F 499 34.09 1.22 -40.94
C THR F 499 34.36 -0.26 -41.17
N LEU F 500 33.36 -0.97 -41.71
CA LEU F 500 33.52 -2.40 -41.97
C LEU F 500 34.69 -2.65 -42.92
N SER F 501 34.76 -1.88 -44.00
CA SER F 501 35.82 -2.09 -44.98
C SER F 501 37.21 -1.88 -44.39
N GLU F 502 37.35 -1.04 -43.37
CA GLU F 502 38.68 -0.79 -42.83
C GLU F 502 39.10 -1.88 -41.84
N PHE F 503 38.17 -2.42 -41.07
CA PHE F 503 38.52 -3.26 -39.92
C PHE F 503 38.03 -4.69 -40.05
N TYR F 504 36.78 -4.82 -40.52
CA TYR F 504 36.04 -6.09 -40.43
C TYR F 504 36.91 -7.19 -41.02
N PRO F 505 37.55 -7.11 -42.26
CA PRO F 505 38.25 -8.23 -42.90
C PRO F 505 39.60 -8.53 -42.29
N ARG F 506 40.11 -7.66 -41.41
CA ARG F 506 41.47 -7.83 -40.88
C ARG F 506 41.62 -9.19 -40.22
N LYS G 4 10.11 -20.98 -11.49
CA LYS G 4 9.48 -22.10 -10.81
C LYS G 4 7.99 -21.83 -10.62
N ASP G 5 7.62 -21.26 -9.47
CA ASP G 5 6.23 -20.94 -9.23
C ASP G 5 5.87 -19.58 -9.83
N ARG G 6 6.83 -18.67 -9.89
CA ARG G 6 6.62 -17.34 -10.43
C ARG G 6 7.79 -17.00 -11.36
N ILE G 7 7.56 -16.00 -12.23
CA ILE G 7 8.64 -15.53 -13.09
C ILE G 7 9.66 -14.75 -12.27
N GLU G 8 9.30 -14.39 -11.04
CA GLU G 8 10.19 -13.68 -10.11
C GLU G 8 10.54 -12.29 -10.62
N ILE G 9 9.48 -11.53 -10.91
CA ILE G 9 9.59 -10.11 -11.22
C ILE G 9 9.09 -9.32 -10.02
N PHE G 10 9.87 -8.36 -9.57
CA PHE G 10 9.53 -7.65 -8.34
C PHE G 10 8.18 -6.97 -8.49
N PRO G 11 7.32 -7.03 -7.49
CA PRO G 11 5.99 -6.41 -7.60
C PRO G 11 6.08 -4.93 -7.98
N SER G 12 5.33 -4.57 -9.01
CA SER G 12 5.26 -3.20 -9.48
C SER G 12 4.10 -3.07 -10.44
N ARG G 13 3.67 -1.83 -10.68
CA ARG G 13 2.68 -1.55 -11.75
C ARG G 13 3.32 -1.88 -13.10
N MET G 14 4.63 -1.67 -13.26
CA MET G 14 5.30 -2.08 -14.48
C MET G 14 5.18 -3.59 -14.69
N ALA G 15 5.30 -4.37 -13.60
CA ALA G 15 5.17 -5.81 -13.72
C ALA G 15 3.77 -6.22 -14.13
N GLN G 16 2.75 -5.49 -13.64
CA GLN G 16 1.37 -5.79 -14.00
C GLN G 16 1.16 -5.66 -15.50
N THR G 17 1.66 -4.56 -16.08
CA THR G 17 1.53 -4.33 -17.51
C THR G 17 2.24 -5.41 -18.32
N ILE G 18 3.45 -5.78 -17.91
CA ILE G 18 4.21 -6.78 -18.65
C ILE G 18 3.54 -8.14 -18.54
N MET G 19 3.13 -8.52 -17.33
CA MET G 19 2.50 -9.81 -17.13
C MET G 19 1.17 -9.91 -17.87
N LYS G 20 0.39 -8.83 -17.87
CA LYS G 20 -0.88 -8.86 -18.58
C LYS G 20 -0.68 -9.00 -20.09
N ALA G 21 0.30 -8.27 -20.63
CA ALA G 21 0.64 -8.44 -22.03
C ALA G 21 1.22 -9.82 -22.30
N ARG G 22 2.05 -10.33 -21.39
CA ARG G 22 2.60 -11.67 -21.57
C ARG G 22 1.50 -12.72 -21.55
N LEU G 23 0.52 -12.57 -20.65
CA LEU G 23 -0.59 -13.50 -20.57
C LEU G 23 -1.42 -13.49 -21.86
N LYS G 24 -1.73 -12.30 -22.36
CA LYS G 24 -2.48 -12.22 -23.61
C LYS G 24 -1.71 -12.90 -24.75
N GLY G 25 -0.40 -12.68 -24.81
CA GLY G 25 0.39 -13.35 -25.83
C GLY G 25 0.33 -14.86 -25.72
N ALA G 26 0.51 -15.38 -24.50
CA ALA G 26 0.45 -16.82 -24.31
C ALA G 26 -0.92 -17.37 -24.69
N GLN G 27 -2.00 -16.68 -24.32
CA GLN G 27 -3.33 -17.16 -24.68
C GLN G 27 -3.53 -17.13 -26.19
N THR G 28 -3.08 -16.06 -26.86
CA THR G 28 -3.21 -16.04 -28.31
C THR G 28 -2.41 -17.17 -28.96
N GLY G 29 -1.18 -17.40 -28.49
CA GLY G 29 -0.39 -18.48 -29.05
C GLY G 29 -1.05 -19.83 -28.86
N ARG G 30 -1.65 -20.05 -27.68
CA ARG G 30 -2.36 -21.28 -27.42
C ARG G 30 -3.45 -21.52 -28.46
N ASN G 31 -4.25 -20.51 -28.73
CA ASN G 31 -5.34 -20.65 -29.71
C ASN G 31 -4.83 -20.83 -31.12
N LEU G 32 -3.79 -20.11 -31.52
CA LEU G 32 -3.25 -20.26 -32.86
C LEU G 32 -2.60 -21.62 -33.07
N LEU G 33 -1.87 -22.11 -32.07
CA LEU G 33 -1.31 -23.46 -32.16
C LEU G 33 -2.41 -24.52 -32.12
N LYS G 34 -3.46 -24.30 -31.34
CA LYS G 34 -4.58 -25.23 -31.35
C LYS G 34 -5.21 -25.33 -32.73
N LYS G 35 -5.36 -24.20 -33.42
CA LYS G 35 -5.84 -24.22 -34.80
C LYS G 35 -4.88 -24.96 -35.72
N LYS G 36 -3.58 -24.78 -35.55
CA LYS G 36 -2.62 -25.57 -36.33
C LYS G 36 -2.83 -27.06 -36.07
N SER G 37 -3.00 -27.45 -34.81
CA SER G 37 -3.22 -28.85 -34.48
C SER G 37 -4.50 -29.37 -35.12
N ASP G 38 -5.58 -28.59 -35.04
CA ASP G 38 -6.84 -29.05 -35.63
C ASP G 38 -6.70 -29.25 -37.13
N ALA G 39 -6.00 -28.34 -37.81
CA ALA G 39 -5.80 -28.49 -39.25
C ALA G 39 -5.00 -29.74 -39.56
N LEU G 40 -3.94 -29.99 -38.78
CA LEU G 40 -3.14 -31.19 -38.98
C LEU G 40 -3.95 -32.44 -38.67
N THR G 41 -4.76 -32.40 -37.61
CA THR G 41 -5.58 -33.56 -37.28
C THR G 41 -6.57 -33.90 -38.38
N LEU G 42 -7.23 -32.91 -38.98
CA LEU G 42 -8.18 -33.21 -40.05
C LEU G 42 -7.47 -33.89 -41.22
N ARG G 43 -6.33 -33.31 -41.65
CA ARG G 43 -5.61 -33.90 -42.77
C ARG G 43 -5.09 -35.29 -42.41
N PHE G 44 -4.65 -35.46 -41.17
CA PHE G 44 -4.16 -36.75 -40.68
C PHE G 44 -5.24 -37.82 -40.78
N ARG G 45 -6.43 -37.51 -40.27
CA ARG G 45 -7.53 -38.46 -40.31
C ARG G 45 -8.01 -38.72 -41.73
N GLN G 46 -7.97 -37.71 -42.60
CA GLN G 46 -8.38 -37.92 -43.98
C GLN G 46 -7.44 -38.87 -44.71
N ILE G 47 -6.12 -38.72 -44.46
CA ILE G 47 -5.16 -39.66 -45.04
C ILE G 47 -5.33 -41.05 -44.44
N LEU G 48 -5.58 -41.13 -43.14
CA LEU G 48 -5.81 -42.42 -42.51
C LEU G 48 -7.25 -42.87 -42.70
N SER G 154 4.49 -39.65 -46.64
CA SER G 154 4.22 -38.38 -45.99
C SER G 154 3.05 -38.50 -45.01
N PHE G 155 3.05 -39.59 -44.26
CA PHE G 155 2.03 -39.78 -43.23
C PHE G 155 2.64 -39.64 -41.84
N VAL G 156 3.81 -40.26 -41.64
CA VAL G 156 4.43 -40.27 -40.33
C VAL G 156 4.89 -38.87 -39.95
N THR G 157 5.19 -38.03 -40.94
CA THR G 157 5.63 -36.67 -40.64
C THR G 157 4.51 -35.85 -40.03
N LEU G 158 3.26 -36.19 -40.36
CA LEU G 158 2.13 -35.55 -39.73
C LEU G 158 1.94 -36.00 -38.29
N ASP G 159 2.15 -37.28 -38.00
CA ASP G 159 2.05 -37.78 -36.63
C ASP G 159 3.07 -37.09 -35.72
N GLU G 160 4.28 -36.87 -36.23
CA GLU G 160 5.27 -36.16 -35.44
C GLU G 160 4.89 -34.69 -35.26
N ALA G 161 4.40 -34.05 -36.32
CA ALA G 161 3.99 -32.65 -36.20
C ALA G 161 2.83 -32.50 -35.22
N ILE G 162 1.89 -33.44 -35.21
CA ILE G 162 0.77 -33.30 -34.29
C ILE G 162 1.26 -33.48 -32.86
N LYS G 163 2.04 -34.52 -32.58
CA LYS G 163 2.53 -34.69 -31.21
C LYS G 163 3.37 -33.50 -30.75
N ILE G 164 4.24 -32.98 -31.59
CA ILE G 164 5.02 -31.81 -31.20
C ILE G 164 4.16 -30.58 -30.97
N THR G 165 3.23 -30.29 -31.88
CA THR G 165 2.34 -29.15 -31.65
C THR G 165 1.46 -29.31 -30.42
N ASN G 166 0.88 -30.49 -30.22
CA ASN G 166 0.03 -30.69 -29.04
C ASN G 166 0.84 -30.60 -27.76
N ARG G 167 2.07 -31.12 -27.77
CA ARG G 167 2.90 -30.99 -26.59
C ARG G 167 3.18 -29.53 -26.26
N ARG G 168 3.49 -28.71 -27.26
CA ARG G 168 3.69 -27.29 -26.99
C ARG G 168 2.42 -26.64 -26.47
N VAL G 169 1.27 -26.96 -27.07
CA VAL G 169 0.03 -26.36 -26.59
C VAL G 169 -0.25 -26.76 -25.15
N ASN G 170 -0.08 -28.04 -24.82
CA ASN G 170 -0.29 -28.52 -23.46
C ASN G 170 0.61 -27.84 -22.45
N ALA G 171 1.89 -27.61 -22.79
CA ALA G 171 2.79 -26.89 -21.91
C ALA G 171 2.34 -25.47 -21.63
N ILE G 172 1.75 -24.80 -22.62
CA ILE G 172 1.35 -23.41 -22.44
C ILE G 172 0.25 -23.45 -21.39
N GLU G 173 -0.69 -24.37 -21.58
CA GLU G 173 -1.86 -24.50 -20.72
C GLU G 173 -1.53 -25.00 -19.33
N HIS G 174 -0.62 -25.96 -19.19
CA HIS G 174 -0.34 -26.58 -17.90
C HIS G 174 0.89 -26.05 -17.20
N VAL G 175 1.82 -25.40 -17.90
CA VAL G 175 3.04 -24.89 -17.31
C VAL G 175 3.13 -23.37 -17.40
N ILE G 176 3.13 -22.81 -18.62
CA ILE G 176 3.48 -21.41 -18.77
C ILE G 176 2.37 -20.47 -18.29
N ILE G 177 1.13 -20.65 -18.71
CA ILE G 177 0.11 -19.74 -18.22
C ILE G 177 -0.16 -19.85 -16.72
N PRO G 178 -0.27 -21.04 -16.15
CA PRO G 178 -0.52 -21.13 -14.71
C PRO G 178 0.51 -20.31 -13.96
N ARG G 179 1.75 -20.42 -14.43
CA ARG G 179 2.87 -19.68 -13.86
C ARG G 179 2.73 -18.18 -14.04
N ILE G 180 2.28 -17.72 -15.21
CA ILE G 180 2.02 -16.29 -15.39
C ILE G 180 0.89 -15.81 -14.50
N GLU G 181 -0.20 -16.57 -14.39
CA GLU G 181 -1.33 -16.21 -13.54
C GLU G 181 -0.97 -16.16 -12.06
N ARG G 182 -0.15 -17.11 -11.59
CA ARG G 182 0.33 -17.05 -10.22
C ARG G 182 1.19 -15.81 -10.01
N THR G 183 2.04 -15.48 -10.98
CA THR G 183 2.86 -14.28 -10.86
C THR G 183 2.00 -13.03 -10.80
N LEU G 184 1.00 -12.93 -11.66
CA LEU G 184 0.15 -11.75 -11.70
C LEU G 184 -0.64 -11.60 -10.40
N ALA G 185 -1.20 -12.71 -9.90
CA ALA G 185 -1.91 -12.65 -8.64
C ALA G 185 -0.99 -12.26 -7.49
N TYR G 186 0.23 -12.79 -7.49
CA TYR G 186 1.21 -12.36 -6.50
C TYR G 186 1.46 -10.86 -6.58
N ILE G 187 1.67 -10.34 -7.79
CA ILE G 187 1.95 -8.92 -7.94
C ILE G 187 0.81 -8.09 -7.39
N ILE G 188 -0.43 -8.44 -7.75
CA ILE G 188 -1.58 -7.67 -7.31
C ILE G 188 -1.67 -7.65 -5.79
N THR G 189 -1.51 -8.82 -5.16
CA THR G 189 -1.60 -8.87 -3.70
C THR G 189 -0.53 -8.00 -3.04
N GLU G 190 0.72 -8.09 -3.52
CA GLU G 190 1.79 -7.35 -2.86
C GLU G 190 1.60 -5.86 -3.01
N LEU G 191 1.09 -5.41 -4.16
CA LEU G 191 0.82 -4.01 -4.38
C LEU G 191 -0.27 -3.48 -3.46
N ASP G 192 -1.32 -4.26 -3.21
CA ASP G 192 -2.31 -3.86 -2.22
C ASP G 192 -1.73 -3.81 -0.82
N GLU G 193 -0.76 -4.68 -0.52
CA GLU G 193 -0.10 -4.62 0.78
C GLU G 193 0.70 -3.34 0.94
N ARG G 194 1.36 -2.89 -0.14
CA ARG G 194 2.08 -1.63 -0.06
C ARG G 194 1.13 -0.46 0.12
N GLU G 195 -0.04 -0.51 -0.54
CA GLU G 195 -1.02 0.56 -0.36
C GLU G 195 -1.43 0.68 1.10
N ARG G 196 -1.58 -0.46 1.79
CA ARG G 196 -2.05 -0.42 3.16
C ARG G 196 -1.07 0.29 4.07
N GLU G 197 0.22 -0.05 3.97
CA GLU G 197 1.19 0.57 4.87
C GLU G 197 1.30 2.06 4.60
N GLU G 198 1.09 2.48 3.35
CA GLU G 198 1.01 3.91 3.06
C GLU G 198 -0.22 4.52 3.70
N PHE G 199 -1.36 3.83 3.61
CA PHE G 199 -2.56 4.28 4.32
C PHE G 199 -2.28 4.45 5.81
N TYR G 200 -1.68 3.45 6.44
CA TYR G 200 -1.41 3.55 7.87
C TYR G 200 -0.61 4.81 8.19
N ARG G 201 0.49 5.02 7.47
CA ARG G 201 1.35 6.15 7.80
C ARG G 201 0.61 7.47 7.60
N LEU G 202 -0.13 7.59 6.50
CA LEU G 202 -0.86 8.83 6.25
C LEU G 202 -1.93 9.08 7.29
N LYS G 203 -2.61 8.03 7.75
CA LYS G 203 -3.65 8.22 8.76
C LYS G 203 -3.05 8.77 10.06
N LYS G 204 -1.89 8.24 10.43
CA LYS G 204 -1.24 8.63 11.71
C LYS G 204 -0.74 10.07 11.57
N ILE G 205 -0.28 10.43 10.37
CA ILE G 205 0.14 11.80 10.11
C ILE G 205 -1.02 12.77 10.29
N GLN G 206 -2.19 12.41 9.75
CA GLN G 206 -3.37 13.25 9.94
C GLN G 206 -3.76 13.32 11.41
N GLU G 207 -3.68 12.19 12.13
CA GLU G 207 -4.02 12.26 13.55
C GLU G 207 -3.00 13.05 14.33
N LYS G 208 -1.70 12.91 14.02
CA LYS G 208 -0.70 13.69 14.72
C LYS G 208 -0.90 15.18 14.49
N LYS G 209 -1.27 15.57 13.27
CA LYS G 209 -1.54 16.98 12.99
C LYS G 209 -2.68 17.49 13.85
N LYS G 210 -3.76 16.72 13.95
CA LYS G 210 -4.87 17.12 14.81
C LYS G 210 -4.44 17.23 16.26
N ILE G 211 -3.61 16.29 16.71
CA ILE G 211 -3.13 16.35 18.10
C ILE G 211 -2.32 17.61 18.33
N ILE G 212 -1.43 17.97 17.38
CA ILE G 212 -0.65 19.19 17.53
C ILE G 212 -1.56 20.40 17.62
N LYS G 213 -2.58 20.45 16.76
CA LYS G 213 -3.53 21.55 16.79
C LYS G 213 -4.25 21.65 18.13
N GLU G 214 -4.66 20.52 18.72
CA GLU G 214 -5.30 20.58 20.03
C GLU G 214 -4.35 21.15 21.08
N LYS G 215 -3.07 20.78 21.02
CA LYS G 215 -2.12 21.28 22.00
C LYS G 215 -2.02 22.80 21.92
N SER G 216 -2.11 23.36 20.71
CA SER G 216 -2.00 24.80 20.51
C SER G 216 -3.18 25.58 21.07
N GLU G 217 -4.27 24.91 21.44
CA GLU G 217 -5.48 25.62 21.89
C GLU G 217 -5.51 25.71 23.42
N GLN H 66 -22.44 23.73 -50.12
CA GLN H 66 -21.89 23.29 -48.83
C GLN H 66 -21.59 24.48 -47.93
N GLN H 67 -20.82 25.44 -48.44
CA GLN H 67 -20.49 26.61 -47.62
C GLN H 67 -21.72 27.45 -47.30
N LYS H 68 -22.73 27.42 -48.18
CA LYS H 68 -23.94 28.19 -47.92
C LYS H 68 -24.62 27.71 -46.64
N LYS H 69 -24.63 26.40 -46.42
CA LYS H 69 -25.26 25.86 -45.21
C LYS H 69 -24.51 26.34 -43.97
N ILE H 70 -23.18 26.33 -44.02
CA ILE H 70 -22.39 26.80 -42.89
C ILE H 70 -22.64 28.28 -42.63
N GLN H 71 -22.72 29.08 -43.70
CA GLN H 71 -22.99 30.50 -43.54
C GLN H 71 -24.33 30.75 -42.88
N MET H 72 -25.35 29.98 -43.28
CA MET H 72 -26.67 30.12 -42.70
C MET H 72 -26.65 29.75 -41.21
N SER H 73 -25.87 28.73 -40.86
CA SER H 73 -25.72 28.38 -39.45
C SER H 73 -25.17 29.54 -38.64
N ASN H 74 -24.13 30.21 -39.14
CA ASN H 74 -23.56 31.34 -38.43
C ASN H 74 -24.55 32.50 -38.36
N LEU H 75 -25.28 32.74 -39.43
CA LEU H 75 -26.26 33.82 -39.41
C LEU H 75 -27.37 33.54 -38.40
N MET H 76 -27.89 32.31 -38.37
CA MET H 76 -28.99 32.01 -37.45
C MET H 76 -28.52 32.02 -36.01
N ASN H 77 -27.30 31.52 -35.76
CA ASN H 77 -26.79 31.48 -34.39
C ASN H 77 -26.51 32.88 -33.88
N GLN H 78 -25.96 33.75 -34.73
CA GLN H 78 -25.71 35.11 -34.30
C GLN H 78 -27.01 35.90 -34.16
N ALA H 79 -27.98 35.63 -35.04
CA ALA H 79 -29.28 36.28 -34.91
C ALA H 79 -29.93 35.93 -33.57
N ARG H 80 -29.80 34.67 -33.14
CA ARG H 80 -30.33 34.28 -31.84
C ARG H 80 -29.67 35.07 -30.72
N LEU H 81 -28.35 35.22 -30.80
CA LEU H 81 -27.67 36.01 -29.77
C LEU H 81 -28.10 37.47 -29.82
N LYS H 82 -28.28 38.02 -31.03
CA LYS H 82 -28.67 39.42 -31.13
C LYS H 82 -29.99 39.67 -30.42
N VAL H 83 -30.99 38.82 -30.63
CA VAL H 83 -32.28 39.08 -29.97
C VAL H 83 -32.16 38.84 -28.47
N LEU H 84 -31.35 37.86 -28.04
CA LEU H 84 -31.19 37.63 -26.62
C LEU H 84 -30.50 38.82 -25.95
N ARG H 85 -29.50 39.40 -26.61
CA ARG H 85 -28.84 40.58 -26.05
C ARG H 85 -29.82 41.75 -25.95
N ALA H 86 -30.67 41.92 -26.95
CA ALA H 86 -31.67 42.99 -26.90
C ALA H 86 -32.61 42.78 -25.72
N ARG H 87 -32.99 41.53 -25.46
CA ARG H 87 -33.86 41.25 -24.32
C ARG H 87 -33.14 41.55 -23.01
N ASP H 88 -31.86 41.22 -22.94
CA ASP H 88 -31.09 41.56 -21.75
C ASP H 88 -30.95 43.06 -21.57
N ASP H 89 -30.81 43.82 -22.66
CA ASP H 89 -30.85 45.27 -22.45
C ASP H 89 -32.17 45.72 -21.87
N LEU H 90 -33.30 45.13 -22.28
CA LEU H 90 -34.58 45.54 -21.72
C LEU H 90 -34.61 45.34 -20.21
N ILE H 91 -34.07 44.21 -19.75
CA ILE H 91 -34.00 43.96 -18.31
C ILE H 91 -33.11 44.99 -17.64
N THR H 92 -31.94 45.26 -18.23
CA THR H 92 -31.03 46.25 -17.66
C THR H 92 -31.68 47.63 -17.59
N ASP H 93 -32.36 48.03 -18.67
CA ASP H 93 -33.01 49.34 -18.67
C ASP H 93 -34.08 49.43 -17.59
N LEU H 94 -34.83 48.33 -17.40
CA LEU H 94 -35.84 48.32 -16.33
C LEU H 94 -35.18 48.50 -14.96
N LEU H 95 -34.08 47.79 -14.72
CA LEU H 95 -33.39 47.94 -13.45
C LEU H 95 -32.86 49.35 -13.25
N ASN H 96 -32.35 49.97 -14.32
CA ASN H 96 -31.88 51.34 -14.23
C ASN H 96 -33.03 52.29 -13.95
N GLU H 97 -34.18 52.06 -14.59
CA GLU H 97 -35.37 52.86 -14.28
C GLU H 97 -35.80 52.67 -12.83
N ALA H 98 -35.75 51.44 -12.34
CA ALA H 98 -36.09 51.20 -10.94
C ALA H 98 -35.19 51.99 -10.01
N LYS H 99 -33.90 52.06 -10.33
CA LYS H 99 -32.98 52.83 -9.49
C LYS H 99 -33.35 54.30 -9.47
N GLN H 100 -33.76 54.83 -10.62
CA GLN H 100 -34.19 56.23 -10.66
C GLN H 100 -35.45 56.44 -9.83
N ARG H 101 -36.34 55.45 -9.83
CA ARG H 101 -37.57 55.55 -9.04
C ARG H 101 -37.28 55.47 -7.54
N LEU H 102 -36.30 54.64 -7.16
CA LEU H 102 -35.86 54.65 -5.77
C LEU H 102 -35.17 55.96 -5.42
N SER H 103 -34.47 56.57 -6.38
CA SER H 103 -33.93 57.90 -6.15
C SER H 103 -35.04 58.90 -5.85
N LYS H 104 -36.14 58.80 -6.59
CA LYS H 104 -37.30 59.64 -6.30
C LYS H 104 -37.86 59.38 -4.91
N VAL H 105 -37.81 58.11 -4.46
CA VAL H 105 -38.31 57.82 -3.12
C VAL H 105 -37.45 58.49 -2.06
N VAL H 106 -36.12 58.39 -2.15
CA VAL H 106 -35.27 58.94 -1.10
C VAL H 106 -35.35 60.46 -1.10
N LYS H 107 -35.79 61.06 -2.20
CA LYS H 107 -36.04 62.50 -2.18
C LYS H 107 -37.17 62.88 -1.22
N ASP H 108 -37.94 61.90 -0.75
CA ASP H 108 -39.00 62.18 0.22
C ASP H 108 -38.37 62.36 1.61
N THR H 109 -39.19 62.66 2.61
CA THR H 109 -38.68 62.74 3.97
C THR H 109 -39.27 61.67 4.87
N THR H 110 -40.59 61.65 5.05
CA THR H 110 -41.20 60.71 5.98
C THR H 110 -41.13 59.28 5.47
N ARG H 111 -41.35 59.10 4.16
CA ARG H 111 -41.28 57.75 3.59
C ARG H 111 -39.86 57.22 3.67
N TYR H 112 -38.87 58.09 3.42
CA TYR H 112 -37.48 57.67 3.51
C TYR H 112 -37.08 57.36 4.94
N GLN H 113 -37.55 58.15 5.90
CA GLN H 113 -37.27 57.86 7.30
C GLN H 113 -37.81 56.50 7.69
N VAL H 114 -38.97 56.12 7.18
CA VAL H 114 -39.49 54.79 7.46
C VAL H 114 -38.55 53.73 6.90
N LEU H 115 -38.04 53.93 5.68
CA LEU H 115 -37.06 53.00 5.14
C LEU H 115 -35.85 52.88 6.04
N LEU H 116 -35.35 54.01 6.53
CA LEU H 116 -34.20 54.00 7.41
C LEU H 116 -34.49 53.30 8.73
N ASP H 117 -35.67 53.53 9.31
CA ASP H 117 -35.98 52.82 10.54
C ASP H 117 -35.88 51.31 10.32
N GLY H 118 -36.47 50.83 9.22
CA GLY H 118 -36.40 49.40 8.95
C GLY H 118 -34.98 48.93 8.66
N LEU H 119 -34.26 49.66 7.81
CA LEU H 119 -32.94 49.23 7.38
C LEU H 119 -31.97 49.12 8.56
N VAL H 120 -32.03 50.11 9.46
CA VAL H 120 -31.15 50.04 10.63
C VAL H 120 -31.48 48.84 11.49
N LEU H 121 -32.77 48.58 11.73
CA LEU H 121 -33.11 47.43 12.56
C LEU H 121 -32.58 46.14 11.94
N GLN H 122 -32.81 45.94 10.64
CA GLN H 122 -32.38 44.68 10.01
C GLN H 122 -30.87 44.54 10.09
N GLY H 123 -30.15 45.63 9.90
CA GLY H 123 -28.70 45.57 10.01
C GLY H 123 -28.24 45.11 11.38
N LEU H 124 -28.78 45.75 12.42
CA LEU H 124 -28.39 45.42 13.78
C LEU H 124 -28.67 43.95 14.10
N TYR H 125 -29.81 43.45 13.65
CA TYR H 125 -30.21 42.09 13.98
C TYR H 125 -29.34 41.06 13.27
N GLN H 126 -28.84 41.40 12.09
CA GLN H 126 -28.01 40.46 11.36
C GLN H 126 -26.58 40.43 11.89
N LEU H 127 -26.10 41.55 12.43
CA LEU H 127 -24.70 41.62 12.84
C LEU H 127 -24.47 41.07 14.25
N LEU H 128 -25.40 41.33 15.17
CA LEU H 128 -25.36 40.78 16.52
C LEU H 128 -23.95 40.85 17.13
N GLU H 129 -23.47 42.08 17.32
CA GLU H 129 -22.16 42.31 17.91
C GLU H 129 -22.32 43.20 19.14
N PRO H 130 -21.40 43.13 20.09
CA PRO H 130 -21.51 43.99 21.27
C PRO H 130 -21.39 45.48 20.98
N ARG H 131 -20.78 45.85 19.87
CA ARG H 131 -20.65 47.25 19.48
C ARG H 131 -20.88 47.38 17.98
N MET H 132 -21.57 48.44 17.57
CA MET H 132 -21.90 48.65 16.17
C MET H 132 -21.74 50.12 15.82
N ILE H 133 -21.35 50.39 14.59
CA ILE H 133 -21.25 51.74 14.05
C ILE H 133 -22.05 51.82 12.77
N VAL H 134 -22.94 52.81 12.69
CA VAL H 134 -23.76 53.04 11.51
C VAL H 134 -23.14 54.16 10.69
N ARG H 135 -22.90 53.89 9.41
CA ARG H 135 -22.37 54.86 8.48
C ARG H 135 -23.41 55.16 7.42
N CYS H 136 -23.58 56.44 7.14
CA CYS H 136 -24.64 56.91 6.25
C CYS H 136 -24.13 58.11 5.48
N ARG H 137 -24.96 58.58 4.54
CA ARG H 137 -24.68 59.84 3.88
C ARG H 137 -24.87 60.99 4.87
N LYS H 138 -23.98 61.99 4.77
CA LYS H 138 -23.99 63.07 5.75
C LYS H 138 -25.35 63.73 5.83
N GLN H 139 -25.98 63.95 4.68
CA GLN H 139 -27.23 64.71 4.65
C GLN H 139 -28.37 63.93 5.29
N ASP H 140 -28.19 62.63 5.47
CA ASP H 140 -29.20 61.77 6.05
C ASP H 140 -29.02 61.57 7.54
N PHE H 141 -27.99 62.18 8.13
CA PHE H 141 -27.71 61.96 9.55
C PHE H 141 -28.91 62.27 10.45
N PRO H 142 -29.59 63.42 10.31
CA PRO H 142 -30.74 63.68 11.20
C PRO H 142 -31.75 62.54 11.23
N LEU H 143 -31.98 61.90 10.08
CA LEU H 143 -32.98 60.84 10.01
C LEU H 143 -32.44 59.54 10.58
N VAL H 144 -31.16 59.24 10.30
CA VAL H 144 -30.54 58.04 10.85
C VAL H 144 -30.44 58.14 12.37
N LYS H 145 -30.07 59.31 12.88
CA LYS H 145 -30.00 59.49 14.32
C LYS H 145 -31.29 59.04 14.99
N ALA H 146 -32.43 59.47 14.46
CA ALA H 146 -33.71 59.02 15.00
C ALA H 146 -33.86 57.52 14.85
N ALA H 147 -33.47 56.98 13.69
CA ALA H 147 -33.61 55.55 13.43
C ALA H 147 -32.82 54.73 14.44
N VAL H 148 -31.61 55.18 14.78
CA VAL H 148 -30.84 54.41 15.75
C VAL H 148 -31.46 54.54 17.14
N GLN H 149 -31.89 55.75 17.51
CA GLN H 149 -32.46 55.94 18.85
C GLN H 149 -33.64 55.02 19.09
N LYS H 150 -34.47 54.80 18.06
CA LYS H 150 -35.55 53.84 18.14
C LYS H 150 -35.08 52.40 18.02
N ALA H 151 -34.12 52.12 17.14
CA ALA H 151 -33.71 50.74 16.91
C ALA H 151 -33.12 50.12 18.17
N ILE H 152 -32.40 50.91 18.97
CA ILE H 152 -31.74 50.40 20.17
C ILE H 152 -32.71 49.76 21.16
N PRO H 153 -33.75 50.46 21.66
CA PRO H 153 -34.62 49.78 22.63
C PRO H 153 -35.38 48.61 22.02
N MET H 154 -35.66 48.66 20.72
CA MET H 154 -36.32 47.53 20.06
C MET H 154 -35.36 46.34 19.94
N TYR H 155 -34.11 46.60 19.60
CA TYR H 155 -33.11 45.54 19.52
C TYR H 155 -32.94 44.84 20.85
N LYS H 156 -32.75 45.61 21.92
CA LYS H 156 -32.55 45.04 23.24
C LYS H 156 -33.71 44.15 23.68
N ILE H 157 -34.94 44.56 23.40
CA ILE H 157 -36.08 43.72 23.75
C ILE H 157 -36.06 42.41 22.97
N ALA H 158 -35.84 42.49 21.66
CA ALA H 158 -35.86 41.31 20.81
C ALA H 158 -34.73 40.33 21.10
N THR H 159 -33.53 40.83 21.36
CA THR H 159 -32.35 39.99 21.46
C THR H 159 -31.86 39.79 22.88
N LYS H 160 -32.27 40.64 23.82
CA LYS H 160 -31.83 40.58 25.22
C LYS H 160 -30.32 40.70 25.34
N LYS H 161 -29.72 41.58 24.53
CA LYS H 161 -28.29 41.83 24.54
C LYS H 161 -28.06 43.33 24.45
N ASP H 162 -27.23 43.85 25.34
CA ASP H 162 -26.97 45.28 25.36
C ASP H 162 -25.85 45.63 24.40
N VAL H 163 -26.23 46.30 23.31
CA VAL H 163 -25.29 46.62 22.23
C VAL H 163 -25.15 48.12 22.15
N ASP H 164 -23.90 48.60 22.17
CA ASP H 164 -23.61 50.01 22.06
C ASP H 164 -23.52 50.39 20.59
N VAL H 165 -24.52 51.12 20.13
CA VAL H 165 -24.65 51.46 18.72
C VAL H 165 -24.33 52.94 18.54
N GLN H 166 -23.27 53.20 17.79
CA GLN H 166 -22.80 54.55 17.53
C GLN H 166 -23.03 54.87 16.06
N ILE H 167 -23.07 56.15 15.72
CA ILE H 167 -23.12 56.57 14.33
C ILE H 167 -21.80 57.24 13.98
N ASP H 168 -21.27 56.93 12.80
CA ASP H 168 -20.01 57.47 12.34
C ASP H 168 -20.21 58.90 11.86
N LEU H 169 -19.65 59.85 12.60
CA LEU H 169 -19.78 61.26 12.23
C LEU H 169 -18.58 61.79 11.46
N GLU H 170 -17.56 60.94 11.25
CA GLU H 170 -16.36 61.40 10.56
C GLU H 170 -16.28 60.86 9.13
N ALA H 171 -16.69 59.62 8.93
CA ALA H 171 -16.75 59.02 7.61
C ALA H 171 -18.20 58.84 7.18
N TYR H 172 -18.46 59.11 5.91
CA TYR H 172 -19.80 59.06 5.36
C TYR H 172 -19.78 58.30 4.06
N LEU H 173 -20.95 57.81 3.66
CA LEU H 173 -21.09 57.10 2.41
C LEU H 173 -20.98 58.04 1.23
N PRO H 174 -20.50 57.54 0.08
CA PRO H 174 -20.44 58.40 -1.11
C PRO H 174 -21.80 58.99 -1.40
N GLU H 175 -21.82 60.27 -1.78
CA GLU H 175 -23.06 61.00 -1.99
C GLU H 175 -23.83 60.50 -3.20
N ASP H 176 -23.24 59.66 -4.04
CA ASP H 176 -23.92 59.21 -5.25
C ASP H 176 -24.80 58.00 -4.98
N ILE H 177 -24.77 57.47 -3.76
CA ILE H 177 -25.64 56.34 -3.42
C ILE H 177 -27.05 56.82 -3.14
N ALA H 178 -28.03 56.15 -3.74
CA ALA H 178 -29.42 56.57 -3.59
C ALA H 178 -29.78 56.74 -2.12
N GLY H 179 -29.29 55.84 -1.27
CA GLY H 179 -29.61 55.92 0.13
C GLY H 179 -29.26 54.63 0.84
N GLY H 180 -29.70 54.54 2.09
CA GLY H 180 -29.37 53.39 2.90
C GLY H 180 -28.15 53.62 3.76
N VAL H 181 -27.77 52.57 4.48
CA VAL H 181 -26.73 52.63 5.50
C VAL H 181 -25.77 51.45 5.33
N GLU H 182 -24.59 51.57 5.95
CA GLU H 182 -23.72 50.42 6.17
C GLU H 182 -23.49 50.29 7.67
N ILE H 183 -23.44 49.06 8.16
CA ILE H 183 -23.24 48.80 9.59
C ILE H 183 -21.92 48.07 9.76
N TYR H 184 -21.08 48.60 10.63
CA TYR H 184 -19.78 48.02 10.94
C TYR H 184 -19.75 47.59 12.40
N ASN H 185 -18.97 46.56 12.67
CA ASN H 185 -18.71 46.16 14.05
C ASN H 185 -17.61 47.05 14.61
N GLY H 186 -17.27 46.83 15.88
CA GLY H 186 -16.37 47.70 16.61
C GLY H 186 -15.00 47.90 16.00
N ASP H 187 -14.46 46.84 15.42
CA ASP H 187 -13.12 46.88 14.85
C ASP H 187 -13.15 47.12 13.34
N ARG H 188 -14.32 47.42 12.77
CA ARG H 188 -14.49 47.66 11.33
C ARG H 188 -14.03 46.49 10.48
N LYS H 189 -14.17 45.27 10.97
CA LYS H 189 -13.77 44.10 10.20
C LYS H 189 -14.97 43.33 9.63
N ILE H 190 -16.16 43.55 10.16
CA ILE H 190 -17.40 42.97 9.64
C ILE H 190 -18.32 44.12 9.28
N LYS H 191 -18.82 44.11 8.05
CA LYS H 191 -19.73 45.13 7.55
C LYS H 191 -20.98 44.47 6.96
N VAL H 192 -22.12 45.15 7.09
CA VAL H 192 -23.37 44.69 6.52
C VAL H 192 -23.68 45.57 5.33
N SER H 193 -23.86 44.95 4.17
CA SER H 193 -24.12 45.65 2.92
C SER H 193 -25.59 46.04 2.87
N ASN H 194 -25.97 47.06 3.67
CA ASN H 194 -27.37 47.38 3.89
C ASN H 194 -27.71 48.70 3.24
N THR H 195 -27.06 49.02 2.12
CA THR H 195 -27.40 50.22 1.38
C THR H 195 -28.65 49.97 0.55
N LEU H 196 -29.26 51.05 0.09
CA LEU H 196 -30.51 50.93 -0.66
C LEU H 196 -30.27 50.30 -2.03
N GLU H 197 -29.21 50.72 -2.72
CA GLU H 197 -28.93 50.17 -4.04
C GLU H 197 -28.59 48.68 -3.97
N SER H 198 -27.84 48.28 -2.95
CA SER H 198 -27.49 46.87 -2.84
C SER H 198 -28.72 46.01 -2.58
N ARG H 199 -29.62 46.49 -1.73
CA ARG H 199 -30.84 45.72 -1.46
C ARG H 199 -31.66 45.55 -2.72
N LEU H 200 -31.76 46.59 -3.54
CA LEU H 200 -32.54 46.48 -4.76
C LEU H 200 -31.97 45.41 -5.68
N ASP H 201 -30.65 45.39 -5.87
CA ASP H 201 -30.05 44.36 -6.71
C ASP H 201 -30.32 42.98 -6.15
N LEU H 202 -30.26 42.83 -4.82
CA LEU H 202 -30.50 41.54 -4.20
C LEU H 202 -31.90 41.04 -4.50
N ILE H 203 -32.91 41.90 -4.29
CA ILE H 203 -34.28 41.50 -4.53
C ILE H 203 -34.56 41.30 -6.01
N ALA H 204 -34.10 42.20 -6.87
CA ALA H 204 -34.38 42.09 -8.29
C ALA H 204 -33.88 40.77 -8.86
N GLN H 205 -32.71 40.32 -8.40
CA GLN H 205 -32.16 39.07 -8.94
C GLN H 205 -32.91 37.87 -8.40
N GLN H 206 -33.20 37.84 -7.10
CA GLN H 206 -33.86 36.69 -6.51
C GLN H 206 -35.27 36.52 -7.05
N MET H 207 -35.94 37.62 -7.37
CA MET H 207 -37.28 37.60 -7.95
C MET H 207 -37.28 37.57 -9.47
N MET H 208 -36.10 37.55 -10.10
CA MET H 208 -36.03 37.71 -11.54
C MET H 208 -36.89 36.72 -12.32
N PRO H 209 -36.97 35.43 -11.96
CA PRO H 209 -37.85 34.53 -12.74
C PRO H 209 -39.26 35.05 -12.91
N GLU H 210 -39.78 35.78 -11.93
CA GLU H 210 -41.12 36.33 -12.07
C GLU H 210 -41.13 37.57 -12.95
N VAL H 211 -40.01 38.31 -12.97
CA VAL H 211 -39.90 39.46 -13.86
C VAL H 211 -39.92 39.00 -15.31
N ARG H 212 -39.18 37.93 -15.62
CA ARG H 212 -39.17 37.39 -16.97
C ARG H 212 -40.58 37.07 -17.44
N GLY H 213 -41.34 36.33 -16.65
CA GLY H 213 -42.69 35.96 -17.05
C GLY H 213 -43.61 37.16 -17.18
N ALA H 214 -43.54 38.08 -16.20
CA ALA H 214 -44.42 39.24 -16.24
C ALA H 214 -44.22 40.06 -17.50
N LEU H 215 -42.98 40.21 -17.95
CA LEU H 215 -42.70 41.09 -19.08
C LEU H 215 -42.90 40.38 -20.42
N PHE H 216 -42.43 39.14 -20.53
CA PHE H 216 -42.29 38.48 -21.81
C PHE H 216 -43.20 37.27 -21.97
N GLY H 217 -43.92 36.88 -20.91
CA GLY H 217 -44.82 35.76 -21.01
C GLY H 217 -44.27 34.49 -20.38
N ALA H 218 -45.16 33.56 -20.05
CA ALA H 218 -44.73 32.30 -19.48
C ALA H 218 -44.16 31.38 -20.56
N ASN H 219 -43.39 30.40 -20.13
CA ASN H 219 -42.84 29.40 -21.05
C ASN H 219 -43.92 28.41 -21.46
N ALA H 220 -44.36 28.51 -22.72
CA ALA H 220 -45.45 27.66 -23.19
C ALA H 220 -45.11 26.18 -23.18
N ASN H 221 -43.83 25.82 -23.17
CA ASN H 221 -43.42 24.41 -23.22
C ASN H 221 -43.19 23.82 -21.83
N ARG H 222 -43.35 24.61 -20.78
CA ARG H 222 -43.10 24.17 -19.40
C ARG H 222 -44.43 23.73 -18.80
N LYS H 223 -44.56 22.44 -18.54
CA LYS H 223 -45.82 21.88 -18.05
C LYS H 223 -45.84 21.61 -16.56
N PHE H 224 -44.68 21.33 -15.96
CA PHE H 224 -44.59 21.00 -14.55
C PHE H 224 -43.65 21.98 -13.86
N LEU H 225 -44.12 22.59 -12.77
CA LEU H 225 -43.32 23.56 -12.04
C LEU H 225 -42.57 22.94 -10.86
N ASP H 226 -42.71 21.63 -10.64
CA ASP H 226 -42.06 20.99 -9.51
C ASP H 226 -40.58 20.74 -9.80
N GLN I 66 -28.77 -48.02 18.81
CA GLN I 66 -28.41 -46.62 18.76
C GLN I 66 -29.36 -45.78 19.59
N GLN I 67 -30.65 -46.07 19.50
CA GLN I 67 -31.65 -45.21 20.13
C GLN I 67 -31.58 -45.32 21.65
N LYS I 68 -31.24 -46.52 22.16
CA LYS I 68 -31.23 -46.74 23.59
C LYS I 68 -30.12 -45.93 24.25
N LYS I 69 -28.95 -45.87 23.61
CA LYS I 69 -27.81 -45.23 24.27
C LYS I 69 -27.87 -43.72 24.15
N ILE I 70 -28.46 -43.20 23.05
CA ILE I 70 -28.63 -41.75 22.97
C ILE I 70 -29.71 -41.28 23.93
N GLN I 71 -30.75 -42.10 24.15
CA GLN I 71 -31.74 -41.74 25.16
C GLN I 71 -31.15 -41.77 26.56
N MET I 72 -30.32 -42.77 26.88
CA MET I 72 -29.72 -42.80 28.20
C MET I 72 -28.73 -41.66 28.38
N SER I 73 -28.04 -41.26 27.31
CA SER I 73 -27.15 -40.11 27.40
C SER I 73 -27.90 -38.86 27.81
N ASN I 74 -29.05 -38.62 27.17
CA ASN I 74 -29.87 -37.47 27.55
C ASN I 74 -30.30 -37.56 29.01
N LEU I 75 -30.67 -38.76 29.44
CA LEU I 75 -31.10 -38.96 30.83
C LEU I 75 -29.96 -38.68 31.80
N MET I 76 -28.74 -39.12 31.48
CA MET I 76 -27.62 -38.84 32.37
C MET I 76 -27.31 -37.35 32.41
N ASN I 77 -27.46 -36.66 31.29
CA ASN I 77 -27.25 -35.22 31.29
C ASN I 77 -28.26 -34.51 32.18
N GLN I 78 -29.52 -34.95 32.15
CA GLN I 78 -30.50 -34.37 33.05
C GLN I 78 -30.17 -34.66 34.52
N ALA I 79 -29.69 -35.86 34.83
CA ALA I 79 -29.31 -36.15 36.20
C ALA I 79 -28.22 -35.20 36.69
N ARG I 80 -27.26 -34.89 35.81
CA ARG I 80 -26.21 -33.95 36.17
C ARG I 80 -26.79 -32.59 36.52
N LEU I 81 -27.73 -32.10 35.71
CA LEU I 81 -28.34 -30.81 36.00
C LEU I 81 -29.11 -30.85 37.32
N LYS I 82 -29.75 -31.98 37.63
CA LYS I 82 -30.51 -32.07 38.86
C LYS I 82 -29.61 -31.92 40.08
N VAL I 83 -28.47 -32.61 40.11
CA VAL I 83 -27.62 -32.51 41.28
C VAL I 83 -26.95 -31.14 41.34
N LEU I 84 -26.61 -30.57 40.18
CA LEU I 84 -25.97 -29.26 40.17
C LEU I 84 -26.91 -28.19 40.70
N ARG I 85 -28.18 -28.27 40.29
CA ARG I 85 -29.17 -27.31 40.77
C ARG I 85 -29.39 -27.45 42.26
N ALA I 86 -29.47 -28.69 42.75
CA ALA I 86 -29.62 -28.90 44.18
C ALA I 86 -28.42 -28.37 44.95
N ARG I 87 -27.21 -28.57 44.42
CA ARG I 87 -26.03 -28.05 45.09
C ARG I 87 -26.06 -26.53 45.15
N ASP I 88 -26.46 -25.90 44.05
CA ASP I 88 -26.53 -24.44 44.05
C ASP I 88 -27.64 -23.94 45.00
N ASP I 89 -28.74 -24.67 45.11
CA ASP I 89 -29.77 -24.26 46.06
C ASP I 89 -29.23 -24.25 47.48
N LEU I 90 -28.39 -25.22 47.82
CA LEU I 90 -27.81 -25.27 49.16
C LEU I 90 -26.93 -24.05 49.42
N ILE I 91 -26.16 -23.65 48.41
CA ILE I 91 -25.34 -22.44 48.54
C ILE I 91 -26.22 -21.21 48.69
N THR I 92 -27.29 -21.12 47.90
CA THR I 92 -28.19 -19.98 48.04
C THR I 92 -28.84 -19.93 49.41
N ASP I 93 -29.32 -21.07 49.92
CA ASP I 93 -29.94 -21.02 51.24
C ASP I 93 -28.96 -20.49 52.27
N LEU I 94 -27.70 -20.90 52.19
CA LEU I 94 -26.70 -20.41 53.14
C LEU I 94 -26.57 -18.89 53.04
N LEU I 95 -26.43 -18.37 51.83
CA LEU I 95 -26.26 -16.93 51.64
C LEU I 95 -27.49 -16.16 52.09
N ASN I 96 -28.69 -16.69 51.84
CA ASN I 96 -29.87 -16.00 52.35
C ASN I 96 -29.94 -16.02 53.87
N GLU I 97 -29.45 -17.08 54.52
CA GLU I 97 -29.37 -17.08 55.97
C GLU I 97 -28.36 -16.05 56.45
N ALA I 98 -27.24 -15.94 55.75
CA ALA I 98 -26.24 -14.92 56.12
C ALA I 98 -26.86 -13.53 56.12
N LYS I 99 -27.72 -13.24 55.14
CA LYS I 99 -28.41 -11.95 55.11
C LYS I 99 -29.25 -11.76 56.38
N GLN I 100 -29.97 -12.80 56.79
CA GLN I 100 -30.76 -12.70 58.01
C GLN I 100 -29.87 -12.55 59.24
N ARG I 101 -28.71 -13.23 59.25
CA ARG I 101 -27.82 -13.09 60.39
C ARG I 101 -27.26 -11.66 60.46
N LEU I 102 -26.92 -11.08 59.31
CA LEU I 102 -26.43 -9.72 59.30
C LEU I 102 -27.49 -8.74 59.76
N SER I 103 -28.74 -9.00 59.39
CA SER I 103 -29.84 -8.14 59.85
C SER I 103 -29.91 -8.15 61.38
N LYS I 104 -29.80 -9.34 61.98
CA LYS I 104 -29.81 -9.43 63.44
C LYS I 104 -28.67 -8.63 64.06
N VAL I 105 -27.51 -8.61 63.41
CA VAL I 105 -26.39 -7.78 63.89
C VAL I 105 -26.74 -6.31 63.77
N VAL I 106 -27.33 -5.90 62.64
CA VAL I 106 -27.70 -4.50 62.46
C VAL I 106 -28.64 -4.05 63.56
N LYS I 107 -29.56 -4.92 63.97
CA LYS I 107 -30.51 -4.54 65.01
C LYS I 107 -29.82 -4.18 66.33
N ASP I 108 -28.56 -4.59 66.51
CA ASP I 108 -27.83 -4.36 67.76
C ASP I 108 -27.07 -3.04 67.63
N THR I 109 -27.62 -1.97 68.22
CA THR I 109 -26.99 -0.66 68.11
C THR I 109 -25.52 -0.69 68.48
N THR I 110 -25.14 -1.47 69.50
CA THR I 110 -23.80 -1.37 70.06
C THR I 110 -22.76 -2.00 69.14
N ARG I 111 -23.18 -2.83 68.18
CA ARG I 111 -22.27 -3.36 67.18
C ARG I 111 -22.47 -2.73 65.81
N TYR I 112 -23.71 -2.34 65.50
CA TYR I 112 -24.00 -1.76 64.20
C TYR I 112 -23.35 -0.39 64.06
N GLN I 113 -23.38 0.43 65.10
CA GLN I 113 -22.69 1.72 65.06
C GLN I 113 -21.20 1.52 64.82
N VAL I 114 -20.63 0.46 65.39
CA VAL I 114 -19.22 0.19 65.19
C VAL I 114 -18.94 -0.15 63.72
N LEU I 115 -19.79 -0.97 63.10
CA LEU I 115 -19.62 -1.23 61.67
C LEU I 115 -19.70 0.06 60.87
N LEU I 116 -20.70 0.89 61.18
CA LEU I 116 -20.89 2.13 60.46
C LEU I 116 -19.68 3.03 60.56
N ASP I 117 -19.08 3.14 61.75
CA ASP I 117 -17.86 3.91 61.89
C ASP I 117 -16.83 3.49 60.86
N GLY I 118 -16.58 2.19 60.76
CA GLY I 118 -15.65 1.71 59.76
C GLY I 118 -16.16 1.88 58.34
N LEU I 119 -17.43 1.56 58.11
CA LEU I 119 -17.96 1.56 56.75
C LEU I 119 -17.90 2.95 56.13
N VAL I 120 -18.21 3.98 56.93
CA VAL I 120 -18.14 5.34 56.39
C VAL I 120 -16.70 5.72 56.09
N LEU I 121 -15.78 5.47 57.04
CA LEU I 121 -14.40 5.86 56.80
C LEU I 121 -13.81 5.06 55.63
N GLN I 122 -14.18 3.79 55.51
CA GLN I 122 -13.63 2.95 54.45
C GLN I 122 -13.99 3.52 53.08
N GLY I 123 -15.25 3.90 52.91
CA GLY I 123 -15.66 4.51 51.66
C GLY I 123 -14.93 5.81 51.37
N LEU I 124 -14.71 6.61 52.42
CA LEU I 124 -14.03 7.88 52.24
C LEU I 124 -12.63 7.68 51.67
N TYR I 125 -11.93 6.63 52.10
CA TYR I 125 -10.58 6.40 51.62
C TYR I 125 -10.59 5.98 50.16
N GLN I 126 -11.67 5.35 49.70
CA GLN I 126 -11.72 4.91 48.32
C GLN I 126 -12.00 6.06 47.36
N LEU I 127 -12.73 7.08 47.81
CA LEU I 127 -13.05 8.17 46.91
C LEU I 127 -11.98 9.26 46.89
N LEU I 128 -11.48 9.64 48.08
CA LEU I 128 -10.42 10.65 48.22
C LEU I 128 -10.78 11.92 47.45
N GLU I 129 -11.98 12.40 47.71
CA GLU I 129 -12.54 13.58 47.08
C GLU I 129 -12.64 14.69 48.11
N PRO I 130 -12.58 15.95 47.70
CA PRO I 130 -12.78 17.06 48.63
C PRO I 130 -14.21 17.24 49.10
N ARG I 131 -15.19 16.63 48.43
CA ARG I 131 -16.59 16.79 48.80
C ARG I 131 -17.24 15.41 48.82
N MET I 132 -17.97 15.10 49.90
CA MET I 132 -18.62 13.82 50.07
C MET I 132 -20.10 14.01 50.35
N ILE I 133 -20.92 13.11 49.80
CA ILE I 133 -22.33 13.02 50.17
C ILE I 133 -22.61 11.60 50.65
N VAL I 134 -23.05 11.48 51.88
CA VAL I 134 -23.31 10.17 52.49
C VAL I 134 -24.80 9.91 52.45
N ARG I 135 -25.18 8.79 51.82
CA ARG I 135 -26.58 8.42 51.64
C ARG I 135 -26.84 7.15 52.43
N CYS I 136 -27.94 7.15 53.18
CA CYS I 136 -28.34 6.04 54.02
C CYS I 136 -29.85 5.96 54.06
N ARG I 137 -30.36 4.86 54.60
CA ARG I 137 -31.77 4.81 54.90
C ARG I 137 -32.07 5.62 56.16
N LYS I 138 -33.23 6.29 56.16
CA LYS I 138 -33.51 7.26 57.21
C LYS I 138 -33.39 6.65 58.60
N GLN I 139 -33.78 5.38 58.75
CA GLN I 139 -33.83 4.75 60.07
C GLN I 139 -32.49 4.83 60.79
N ASP I 140 -31.39 4.84 60.06
CA ASP I 140 -30.06 4.72 60.64
C ASP I 140 -29.35 6.07 60.68
N PHE I 141 -30.04 7.13 60.28
CA PHE I 141 -29.40 8.45 60.23
C PHE I 141 -28.67 8.85 61.51
N PRO I 142 -29.26 8.74 62.72
CA PRO I 142 -28.48 9.11 63.92
C PRO I 142 -27.13 8.44 64.04
N LEU I 143 -27.01 7.19 63.58
CA LEU I 143 -25.74 6.49 63.73
C LEU I 143 -24.77 6.83 62.61
N VAL I 144 -25.26 7.08 61.40
CA VAL I 144 -24.38 7.50 60.33
C VAL I 144 -23.78 8.87 60.65
N LYS I 145 -24.61 9.75 61.21
CA LYS I 145 -24.13 11.06 61.66
C LYS I 145 -22.94 10.91 62.60
N ALA I 146 -23.06 10.05 63.60
CA ALA I 146 -21.93 9.80 64.48
C ALA I 146 -20.75 9.17 63.73
N ALA I 147 -21.03 8.25 62.81
CA ALA I 147 -19.96 7.60 62.06
C ALA I 147 -19.16 8.61 61.25
N VAL I 148 -19.85 9.60 60.67
CA VAL I 148 -19.15 10.64 59.93
C VAL I 148 -18.35 11.52 60.87
N GLN I 149 -18.94 11.95 61.99
CA GLN I 149 -18.24 12.86 62.90
C GLN I 149 -16.93 12.26 63.38
N LYS I 150 -16.90 10.96 63.62
CA LYS I 150 -15.70 10.28 64.09
C LYS I 150 -14.79 9.86 62.96
N ALA I 151 -15.28 9.94 61.71
CA ALA I 151 -14.51 9.53 60.54
C ALA I 151 -13.67 10.65 59.97
N ILE I 152 -14.16 11.89 60.02
CA ILE I 152 -13.43 13.04 59.48
C ILE I 152 -12.11 13.29 60.22
N PRO I 153 -12.04 13.35 61.57
CA PRO I 153 -10.73 13.56 62.18
C PRO I 153 -9.72 12.53 61.70
N MET I 154 -10.20 11.31 61.46
CA MET I 154 -9.32 10.24 60.98
C MET I 154 -8.91 10.46 59.54
N TYR I 155 -9.87 10.82 58.69
CA TYR I 155 -9.53 11.06 57.28
C TYR I 155 -8.46 12.14 57.16
N LYS I 156 -8.60 13.24 57.89
CA LYS I 156 -7.65 14.34 57.77
C LYS I 156 -6.25 13.94 58.23
N ILE I 157 -6.13 12.81 58.91
CA ILE I 157 -4.83 12.36 59.41
C ILE I 157 -4.19 11.35 58.46
N ALA I 158 -4.98 10.40 57.97
CA ALA I 158 -4.49 9.40 57.04
C ALA I 158 -4.15 9.97 55.66
N THR I 159 -4.88 10.97 55.19
CA THR I 159 -4.65 11.55 53.87
C THR I 159 -4.07 12.95 53.90
N LYS I 160 -4.10 13.65 55.03
CA LYS I 160 -3.62 15.03 55.13
C LYS I 160 -4.35 15.93 54.12
N LYS I 161 -5.65 15.71 54.00
CA LYS I 161 -6.50 16.49 53.11
C LYS I 161 -7.80 16.81 53.82
N ASP I 162 -8.20 18.09 53.76
CA ASP I 162 -9.45 18.53 54.34
C ASP I 162 -10.60 18.13 53.42
N VAL I 163 -11.56 17.39 53.98
CA VAL I 163 -12.72 16.94 53.22
C VAL I 163 -13.99 17.39 53.92
N ASP I 164 -14.91 17.94 53.14
CA ASP I 164 -16.21 18.36 53.62
C ASP I 164 -17.22 17.26 53.36
N VAL I 165 -17.60 16.56 54.42
CA VAL I 165 -18.45 15.38 54.33
C VAL I 165 -19.84 15.74 54.85
N GLN I 166 -20.83 15.67 53.96
CA GLN I 166 -22.20 15.96 54.31
C GLN I 166 -23.03 14.70 54.13
N ILE I 167 -24.15 14.63 54.84
CA ILE I 167 -25.10 13.54 54.67
C ILE I 167 -26.29 14.04 53.87
N ASP I 168 -26.75 13.22 52.93
CA ASP I 168 -27.88 13.60 52.08
C ASP I 168 -29.17 13.41 52.86
N LEU I 169 -29.85 14.51 53.15
CA LEU I 169 -31.10 14.44 53.92
C LEU I 169 -32.32 14.43 53.03
N GLU I 170 -32.16 14.40 51.71
CA GLU I 170 -33.30 14.33 50.80
C GLU I 170 -33.40 12.96 50.14
N ALA I 171 -32.27 12.41 49.73
CA ALA I 171 -32.23 11.09 49.14
C ALA I 171 -31.79 10.06 50.16
N TYR I 172 -32.54 8.96 50.25
CA TYR I 172 -32.23 7.91 51.21
C TYR I 172 -32.16 6.56 50.51
N LEU I 173 -31.51 5.64 51.12
CA LEU I 173 -31.49 4.30 50.58
C LEU I 173 -32.84 3.62 50.82
N PRO I 174 -33.20 2.64 49.98
CA PRO I 174 -34.47 1.92 50.18
C PRO I 174 -34.54 1.35 51.59
N GLU I 175 -35.76 1.30 52.13
CA GLU I 175 -35.96 0.80 53.49
C GLU I 175 -35.63 -0.68 53.62
N ASP I 176 -35.56 -1.41 52.50
CA ASP I 176 -35.30 -2.84 52.56
C ASP I 176 -33.82 -3.18 52.50
N ILE I 177 -32.94 -2.18 52.57
CA ILE I 177 -31.52 -2.45 52.66
C ILE I 177 -31.15 -2.78 54.10
N ALA I 178 -30.45 -3.90 54.28
CA ALA I 178 -30.15 -4.39 55.62
C ALA I 178 -29.44 -3.34 56.45
N GLY I 179 -28.56 -2.57 55.82
CA GLY I 179 -27.81 -1.55 56.52
C GLY I 179 -26.60 -1.05 55.75
N GLY I 180 -25.86 -0.11 56.32
CA GLY I 180 -24.71 0.45 55.65
C GLY I 180 -25.03 1.72 54.90
N VAL I 181 -24.01 2.26 54.23
CA VAL I 181 -24.07 3.57 53.61
C VAL I 181 -23.52 3.47 52.19
N GLU I 182 -23.88 4.44 51.36
CA GLU I 182 -23.20 4.69 50.10
C GLU I 182 -22.76 6.14 50.06
N ILE I 183 -21.59 6.39 49.50
CA ILE I 183 -21.00 7.74 49.51
C ILE I 183 -20.77 8.19 48.07
N TYR I 184 -21.23 9.40 47.76
CA TYR I 184 -21.11 9.99 46.44
C TYR I 184 -20.13 11.16 46.49
N ASN I 185 -19.47 11.41 45.38
CA ASN I 185 -18.65 12.60 45.25
C ASN I 185 -19.53 13.81 44.93
N GLY I 186 -18.90 14.98 44.85
CA GLY I 186 -19.62 16.22 44.69
C GLY I 186 -20.63 16.25 43.56
N ASP I 187 -20.24 15.74 42.40
CA ASP I 187 -21.11 15.75 41.22
C ASP I 187 -21.93 14.48 41.07
N ARG I 188 -21.91 13.59 42.06
CA ARG I 188 -22.65 12.33 42.06
C ARG I 188 -22.27 11.41 40.90
N LYS I 189 -21.12 11.66 40.25
CA LYS I 189 -20.70 10.80 39.15
C LYS I 189 -19.86 9.62 39.62
N ILE I 190 -19.23 9.73 40.78
CA ILE I 190 -18.41 8.67 41.35
C ILE I 190 -19.00 8.29 42.70
N LYS I 191 -19.29 7.01 42.88
CA LYS I 191 -19.88 6.55 44.14
C LYS I 191 -19.19 5.25 44.56
N VAL I 192 -19.16 5.04 45.88
CA VAL I 192 -18.73 3.80 46.49
C VAL I 192 -19.91 3.22 47.25
N SER I 193 -20.18 1.93 47.02
CA SER I 193 -21.29 1.23 47.66
C SER I 193 -20.71 0.27 48.68
N ASN I 194 -20.96 0.56 49.97
CA ASN I 194 -20.44 -0.25 51.05
C ASN I 194 -21.54 -0.76 51.96
N THR I 195 -22.69 -1.12 51.41
CA THR I 195 -23.76 -1.64 52.24
C THR I 195 -23.53 -3.12 52.52
N LEU I 196 -24.34 -3.66 53.45
CA LEU I 196 -24.13 -5.02 53.91
C LEU I 196 -24.35 -6.05 52.81
N GLU I 197 -25.33 -5.82 51.93
CA GLU I 197 -25.54 -6.76 50.83
C GLU I 197 -24.36 -6.75 49.87
N SER I 198 -23.81 -5.56 49.60
CA SER I 198 -22.69 -5.46 48.68
C SER I 198 -21.46 -6.18 49.23
N ARG I 199 -21.20 -6.02 50.52
CA ARG I 199 -20.04 -6.67 51.14
C ARG I 199 -20.21 -8.19 51.14
N LEU I 200 -21.40 -8.66 51.48
CA LEU I 200 -21.64 -10.09 51.55
C LEU I 200 -21.38 -10.74 50.21
N ASP I 201 -21.87 -10.16 49.11
CA ASP I 201 -21.62 -10.76 47.81
C ASP I 201 -20.17 -10.57 47.40
N LEU I 202 -19.61 -9.39 47.63
CA LEU I 202 -18.22 -9.14 47.25
C LEU I 202 -17.28 -10.16 47.87
N ILE I 203 -17.49 -10.49 49.14
CA ILE I 203 -16.62 -11.47 49.79
C ILE I 203 -17.04 -12.88 49.41
N ALA I 204 -18.33 -13.19 49.51
CA ALA I 204 -18.78 -14.56 49.29
C ALA I 204 -18.36 -15.07 47.92
N GLN I 205 -18.38 -14.21 46.90
CA GLN I 205 -17.99 -14.64 45.57
C GLN I 205 -16.51 -15.01 45.49
N GLN I 206 -15.66 -14.41 46.30
CA GLN I 206 -14.24 -14.72 46.31
C GLN I 206 -13.88 -15.85 47.26
N MET I 207 -14.61 -16.01 48.36
CA MET I 207 -14.33 -17.09 49.28
C MET I 207 -15.06 -18.38 48.91
N MET I 208 -16.00 -18.31 47.96
CA MET I 208 -16.79 -19.45 47.53
C MET I 208 -15.96 -20.72 47.30
N PRO I 209 -14.79 -20.65 46.65
CA PRO I 209 -13.99 -21.88 46.52
C PRO I 209 -13.74 -22.57 47.85
N GLU I 210 -13.60 -21.79 48.93
CA GLU I 210 -13.42 -22.39 50.25
C GLU I 210 -14.74 -22.89 50.82
N VAL I 211 -15.84 -22.19 50.55
CA VAL I 211 -17.15 -22.69 50.96
C VAL I 211 -17.46 -24.01 50.28
N ARG I 212 -17.18 -24.09 48.97
CA ARG I 212 -17.39 -25.33 48.25
C ARG I 212 -16.76 -26.50 48.97
N GLY I 213 -15.47 -26.37 49.32
CA GLY I 213 -14.81 -27.42 50.07
C GLY I 213 -15.38 -27.59 51.46
N ALA I 214 -15.59 -26.49 52.18
CA ALA I 214 -16.09 -26.58 53.54
C ALA I 214 -17.43 -27.30 53.64
N LEU I 215 -18.31 -27.16 52.66
CA LEU I 215 -19.60 -27.83 52.73
C LEU I 215 -19.61 -29.20 52.09
N PHE I 216 -18.96 -29.39 50.95
CA PHE I 216 -19.15 -30.59 50.14
C PHE I 216 -17.92 -31.47 50.11
N GLY I 217 -16.80 -31.02 50.66
CA GLY I 217 -15.58 -31.80 50.64
C GLY I 217 -14.60 -31.34 49.58
N ALA I 218 -13.32 -31.62 49.78
CA ALA I 218 -12.32 -31.26 48.80
C ALA I 218 -12.38 -32.19 47.60
N ASN I 219 -11.87 -31.69 46.47
CA ASN I 219 -11.80 -32.49 45.25
C ASN I 219 -10.61 -33.43 45.36
N ALA I 220 -10.89 -34.73 45.44
CA ALA I 220 -9.82 -35.71 45.66
C ALA I 220 -8.86 -35.77 44.47
N ASN I 221 -9.29 -35.29 43.31
CA ASN I 221 -8.44 -35.38 42.13
C ASN I 221 -7.51 -34.18 41.96
N ARG I 222 -7.60 -33.16 42.81
CA ARG I 222 -6.72 -32.02 42.65
C ARG I 222 -5.50 -32.16 43.55
N LYS I 223 -4.32 -32.16 42.94
CA LYS I 223 -3.08 -32.36 43.67
C LYS I 223 -2.24 -31.09 43.78
N PHE I 224 -2.33 -30.19 42.81
CA PHE I 224 -1.47 -29.02 42.74
C PHE I 224 -2.32 -27.75 42.81
N LEU I 225 -1.75 -26.69 43.38
CA LEU I 225 -2.49 -25.45 43.56
C LEU I 225 -2.05 -24.37 42.58
N ASP I 226 -1.30 -24.72 41.55
CA ASP I 226 -0.83 -23.73 40.58
C ASP I 226 -1.92 -23.41 39.56
N GLN J 66 57.23 -8.81 -3.64
CA GLN J 66 56.24 -7.83 -3.23
C GLN J 66 56.40 -7.47 -1.76
N GLN J 67 56.84 -8.45 -0.97
CA GLN J 67 56.95 -8.25 0.47
C GLN J 67 57.89 -7.12 0.82
N LYS J 68 58.94 -6.90 0.01
CA LYS J 68 59.85 -5.79 0.28
C LYS J 68 59.16 -4.45 0.02
N LYS J 69 58.39 -4.38 -1.05
CA LYS J 69 57.64 -3.16 -1.33
C LYS J 69 56.62 -2.87 -0.23
N ILE J 70 55.95 -3.91 0.28
CA ILE J 70 54.99 -3.67 1.35
C ILE J 70 55.70 -3.15 2.60
N GLN J 71 56.86 -3.71 2.94
CA GLN J 71 57.59 -3.20 4.10
C GLN J 71 57.96 -1.73 3.91
N MET J 72 58.39 -1.37 2.70
CA MET J 72 58.75 0.03 2.46
C MET J 72 57.53 0.93 2.54
N SER J 73 56.38 0.46 2.07
CA SER J 73 55.15 1.21 2.21
C SER J 73 54.82 1.45 3.68
N ASN J 74 54.94 0.41 4.52
CA ASN J 74 54.67 0.57 5.94
C ASN J 74 55.68 1.49 6.62
N LEU J 75 56.95 1.44 6.21
CA LEU J 75 57.95 2.33 6.79
C LEU J 75 57.67 3.79 6.43
N MET J 76 57.31 4.05 5.17
CA MET J 76 57.01 5.41 4.77
C MET J 76 55.71 5.92 5.40
N ASN J 77 54.73 5.05 5.58
CA ASN J 77 53.49 5.48 6.22
C ASN J 77 53.73 5.87 7.66
N GLN J 78 54.52 5.08 8.39
CA GLN J 78 54.83 5.42 9.77
C GLN J 78 55.72 6.66 9.83
N ALA J 79 56.63 6.82 8.87
CA ALA J 79 57.46 8.02 8.83
C ALA J 79 56.60 9.28 8.73
N ARG J 80 55.56 9.24 7.91
CA ARG J 80 54.60 10.34 7.85
C ARG J 80 53.94 10.57 9.20
N LEU J 81 53.52 9.49 9.85
CA LEU J 81 52.89 9.66 11.16
C LEU J 81 53.87 10.23 12.18
N LYS J 82 55.16 9.86 12.07
CA LYS J 82 56.14 10.39 13.00
C LYS J 82 56.31 11.90 12.81
N VAL J 83 56.43 12.36 11.57
CA VAL J 83 56.65 13.79 11.37
C VAL J 83 55.37 14.56 11.65
N LEU J 84 54.20 13.97 11.34
CA LEU J 84 52.94 14.65 11.60
C LEU J 84 52.71 14.82 13.09
N ARG J 85 53.02 13.79 13.88
CA ARG J 85 52.90 13.91 15.33
C ARG J 85 53.89 14.93 15.86
N ALA J 86 55.11 14.95 15.31
CA ALA J 86 56.09 15.94 15.72
C ALA J 86 55.57 17.36 15.52
N ARG J 87 54.94 17.61 14.37
CA ARG J 87 54.36 18.92 14.11
C ARG J 87 53.27 19.26 15.13
N ASP J 88 52.41 18.29 15.45
CA ASP J 88 51.39 18.55 16.44
C ASP J 88 51.97 18.79 17.82
N ASP J 89 53.03 18.09 18.20
CA ASP J 89 53.64 18.35 19.49
C ASP J 89 54.21 19.77 19.55
N LEU J 90 54.81 20.23 18.44
CA LEU J 90 55.39 21.56 18.41
C LEU J 90 54.32 22.63 18.61
N ILE J 91 53.18 22.46 17.96
CA ILE J 91 52.07 23.41 18.13
C ILE J 91 51.52 23.34 19.55
N THR J 92 51.35 22.12 20.06
CA THR J 92 50.85 21.96 21.42
C THR J 92 51.74 22.67 22.43
N ASP J 93 53.06 22.54 22.31
CA ASP J 93 53.92 23.28 23.23
C ASP J 93 53.68 24.78 23.11
N LEU J 94 53.46 25.29 21.90
CA LEU J 94 53.21 26.71 21.73
C LEU J 94 51.95 27.13 22.48
N LEU J 95 50.90 26.32 22.38
CA LEU J 95 49.67 26.63 23.08
C LEU J 95 49.86 26.60 24.60
N ASN J 96 50.67 25.68 25.12
CA ASN J 96 50.91 25.72 26.56
C ASN J 96 51.73 26.94 26.96
N GLU J 97 52.60 27.44 26.08
CA GLU J 97 53.25 28.70 26.41
C GLU J 97 52.24 29.85 26.49
N ALA J 98 51.25 29.89 25.60
CA ALA J 98 50.25 30.94 25.68
C ALA J 98 49.55 30.92 27.03
N LYS J 99 49.24 29.73 27.53
CA LYS J 99 48.60 29.62 28.84
C LYS J 99 49.47 30.22 29.93
N GLN J 100 50.79 29.99 29.85
CA GLN J 100 51.69 30.56 30.86
C GLN J 100 51.79 32.07 30.72
N ARG J 101 51.72 32.56 29.49
CA ARG J 101 51.75 34.02 29.26
C ARG J 101 50.49 34.67 29.79
N LEU J 102 49.34 34.02 29.62
CA LEU J 102 48.10 34.56 30.16
C LEU J 102 48.14 34.61 31.69
N SER J 103 48.75 33.61 32.32
CA SER J 103 48.94 33.65 33.76
C SER J 103 49.81 34.85 34.16
N LYS J 104 50.90 35.07 33.42
CA LYS J 104 51.71 36.25 33.73
C LYS J 104 50.87 37.53 33.68
N VAL J 105 49.92 37.62 32.74
CA VAL J 105 49.03 38.78 32.71
C VAL J 105 48.17 38.83 33.97
N VAL J 106 47.65 37.69 34.40
CA VAL J 106 46.80 37.68 35.59
C VAL J 106 47.57 38.16 36.81
N LYS J 107 48.88 37.90 36.85
CA LYS J 107 49.70 38.39 37.97
C LYS J 107 49.70 39.91 38.05
N ASP J 108 49.27 40.60 37.00
CA ASP J 108 49.22 42.05 37.04
C ASP J 108 47.93 42.51 37.73
N THR J 109 47.78 43.84 37.89
CA THR J 109 46.51 44.37 38.35
C THR J 109 45.80 45.28 37.35
N THR J 110 46.45 46.32 36.83
CA THR J 110 45.75 47.19 35.89
C THR J 110 45.38 46.46 34.61
N ARG J 111 46.34 45.72 34.04
CA ARG J 111 46.09 45.05 32.77
C ARG J 111 45.02 43.97 32.96
N TYR J 112 45.07 43.25 34.07
CA TYR J 112 44.07 42.22 34.30
C TYR J 112 42.71 42.81 34.60
N GLN J 113 42.65 43.88 35.40
CA GLN J 113 41.37 44.49 35.72
C GLN J 113 40.65 44.96 34.48
N VAL J 114 41.40 45.53 33.52
CA VAL J 114 40.77 45.96 32.28
C VAL J 114 40.25 44.77 31.50
N LEU J 115 41.05 43.71 31.37
CA LEU J 115 40.59 42.50 30.72
C LEU J 115 39.40 41.89 31.46
N LEU J 116 39.47 41.88 32.78
CA LEU J 116 38.40 41.32 33.58
C LEU J 116 37.11 42.10 33.43
N ASP J 117 37.21 43.44 33.42
CA ASP J 117 35.98 44.21 33.23
C ASP J 117 35.29 43.80 31.95
N GLY J 118 36.05 43.64 30.86
CA GLY J 118 35.44 43.25 29.60
C GLY J 118 34.85 41.86 29.65
N LEU J 119 35.58 40.91 30.24
CA LEU J 119 35.13 39.52 30.27
C LEU J 119 33.80 39.38 30.99
N VAL J 120 33.63 40.10 32.10
CA VAL J 120 32.36 40.05 32.81
C VAL J 120 31.26 40.67 31.96
N LEU J 121 31.52 41.83 31.36
CA LEU J 121 30.47 42.47 30.58
C LEU J 121 30.01 41.59 29.42
N GLN J 122 30.97 40.96 28.73
CA GLN J 122 30.61 40.13 27.59
C GLN J 122 29.71 38.97 28.00
N GLY J 123 29.99 38.37 29.16
CA GLY J 123 29.16 37.28 29.63
C GLY J 123 27.72 37.69 29.82
N LEU J 124 27.50 38.91 30.33
CA LEU J 124 26.15 39.40 30.52
C LEU J 124 25.43 39.55 29.18
N TYR J 125 26.15 39.99 28.15
CA TYR J 125 25.54 40.19 26.84
C TYR J 125 25.17 38.86 26.19
N GLN J 126 25.93 37.81 26.50
CA GLN J 126 25.64 36.52 25.91
C GLN J 126 24.38 35.87 26.49
N LEU J 127 24.11 36.07 27.77
CA LEU J 127 22.95 35.43 28.39
C LEU J 127 21.66 36.23 28.19
N LEU J 128 21.73 37.55 28.37
CA LEU J 128 20.58 38.45 28.26
C LEU J 128 19.41 37.96 29.13
N GLU J 129 19.73 37.71 30.39
CA GLU J 129 18.80 37.17 31.37
C GLU J 129 18.54 38.19 32.46
N PRO J 130 17.36 38.14 33.09
CA PRO J 130 17.08 39.09 34.17
C PRO J 130 17.81 38.80 35.47
N ARG J 131 18.41 37.62 35.62
CA ARG J 131 19.14 37.26 36.83
C ARG J 131 20.37 36.45 36.44
N MET J 132 21.52 36.77 37.05
CA MET J 132 22.75 36.07 36.75
C MET J 132 23.59 35.86 38.01
N ILE J 133 24.38 34.79 37.99
CA ILE J 133 25.27 34.41 39.08
C ILE J 133 26.68 34.39 38.54
N VAL J 134 27.59 35.06 39.22
CA VAL J 134 28.99 35.14 38.80
C VAL J 134 29.79 34.10 39.56
N ARG J 135 30.57 33.30 38.83
CA ARG J 135 31.53 32.38 39.41
C ARG J 135 32.93 32.92 39.14
N CYS J 136 33.78 32.89 40.16
CA CYS J 136 35.14 33.36 40.06
C CYS J 136 36.02 32.60 41.04
N ARG J 137 37.33 32.80 40.91
CA ARG J 137 38.26 32.27 41.89
C ARG J 137 38.24 33.13 43.15
N LYS J 138 38.32 32.47 44.31
CA LYS J 138 38.18 33.18 45.57
C LYS J 138 39.13 34.37 45.65
N GLN J 139 40.39 34.17 45.25
CA GLN J 139 41.40 35.20 45.40
C GLN J 139 41.15 36.40 44.51
N ASP J 140 40.28 36.25 43.51
CA ASP J 140 39.99 37.33 42.58
C ASP J 140 38.73 38.12 42.93
N PHE J 141 38.01 37.72 43.98
CA PHE J 141 36.74 38.35 44.32
C PHE J 141 36.79 39.86 44.40
N PRO J 142 37.73 40.50 45.11
CA PRO J 142 37.74 41.98 45.12
C PRO J 142 37.78 42.54 43.72
N LEU J 143 38.45 41.85 42.80
CA LEU J 143 38.61 42.36 41.43
C LEU J 143 37.32 42.16 40.64
N VAL J 144 36.65 41.01 40.84
CA VAL J 144 35.40 40.73 40.15
C VAL J 144 34.30 41.66 40.63
N LYS J 145 34.23 41.88 41.94
CA LYS J 145 33.23 42.78 42.50
C LYS J 145 33.24 44.12 41.78
N ALA J 146 34.44 44.67 41.56
CA ALA J 146 34.56 45.91 40.79
C ALA J 146 34.08 45.71 39.36
N ALA J 147 34.42 44.56 38.76
CA ALA J 147 34.05 44.30 37.38
C ALA J 147 32.54 44.27 37.21
N VAL J 148 31.84 43.68 38.16
CA VAL J 148 30.38 43.64 38.08
C VAL J 148 29.80 45.04 38.28
N GLN J 149 30.34 45.79 39.25
CA GLN J 149 29.86 47.15 39.47
C GLN J 149 30.03 48.04 38.26
N LYS J 150 31.10 47.85 37.48
CA LYS J 150 31.35 48.62 36.28
C LYS J 150 30.61 48.09 35.07
N ALA J 151 30.37 46.79 34.99
CA ALA J 151 29.76 46.21 33.80
C ALA J 151 28.24 46.32 33.81
N ILE J 152 27.61 46.25 34.97
CA ILE J 152 26.15 46.19 35.04
C ILE J 152 25.50 47.51 34.61
N PRO J 153 26.07 48.71 34.87
CA PRO J 153 25.41 49.92 34.35
C PRO J 153 25.48 50.01 32.84
N MET J 154 26.50 49.35 32.26
CA MET J 154 26.65 49.32 30.81
C MET J 154 25.69 48.35 30.17
N TYR J 155 25.46 47.21 30.83
CA TYR J 155 24.46 46.25 30.36
C TYR J 155 23.08 46.90 30.31
N LYS J 156 22.69 47.51 31.43
CA LYS J 156 21.37 48.19 31.58
C LYS J 156 21.12 49.13 30.40
N ILE J 157 22.08 50.01 30.09
CA ILE J 157 21.95 50.96 29.00
C ILE J 157 21.97 50.28 27.64
N ALA J 158 22.87 49.34 27.39
CA ALA J 158 22.92 48.72 26.08
C ALA J 158 21.67 47.92 25.76
N THR J 159 21.11 47.21 26.74
CA THR J 159 19.98 46.33 26.50
C THR J 159 18.67 46.88 27.03
N LYS J 160 18.68 48.01 27.72
CA LYS J 160 17.47 48.64 28.27
C LYS J 160 16.68 47.66 29.13
N LYS J 161 17.38 46.89 29.96
CA LYS J 161 16.80 45.84 30.78
C LYS J 161 17.56 45.83 32.09
N ASP J 162 16.82 45.70 33.20
CA ASP J 162 17.44 45.54 34.51
C ASP J 162 17.77 44.08 34.77
N VAL J 163 19.01 43.83 35.22
CA VAL J 163 19.46 42.49 35.56
C VAL J 163 19.98 42.49 36.98
N ASP J 164 19.58 41.47 37.74
CA ASP J 164 20.06 41.27 39.09
C ASP J 164 21.24 40.31 39.05
N VAL J 165 22.44 40.84 39.16
CA VAL J 165 23.66 40.06 39.03
C VAL J 165 24.29 39.94 40.39
N GLN J 166 24.46 38.70 40.85
CA GLN J 166 25.05 38.43 42.15
C GLN J 166 26.30 37.59 41.98
N ILE J 167 27.26 37.81 42.85
CA ILE J 167 28.47 37.00 42.88
C ILE J 167 28.33 35.91 43.93
N ASP J 168 28.63 34.68 43.55
CA ASP J 168 28.53 33.55 44.47
C ASP J 168 29.78 33.52 45.34
N LEU J 169 29.60 33.73 46.64
CA LEU J 169 30.74 33.80 47.55
C LEU J 169 31.11 32.45 48.14
N GLU J 170 30.48 31.36 47.70
CA GLU J 170 30.88 30.04 48.19
C GLU J 170 31.31 29.11 47.05
N ALA J 171 30.56 29.09 45.96
CA ALA J 171 30.84 28.22 44.83
C ALA J 171 31.91 28.89 43.97
N TYR J 172 33.16 28.77 44.40
CA TYR J 172 34.28 29.37 43.69
C TYR J 172 34.76 28.43 42.59
N LEU J 173 35.47 28.97 41.61
CA LEU J 173 36.10 28.22 40.55
C LEU J 173 37.37 27.54 41.04
N PRO J 174 37.73 26.40 40.46
CA PRO J 174 38.98 25.73 40.87
C PRO J 174 40.15 26.70 40.75
N GLU J 175 41.04 26.65 41.76
CA GLU J 175 42.17 27.57 41.81
C GLU J 175 43.22 27.29 40.75
N ASP J 176 43.12 26.16 40.04
CA ASP J 176 44.10 25.86 39.01
C ASP J 176 43.83 26.62 37.72
N ILE J 177 42.68 27.29 37.62
CA ILE J 177 42.37 28.09 36.44
C ILE J 177 43.16 29.39 36.46
N ALA J 178 43.82 29.68 35.33
CA ALA J 178 44.67 30.87 35.27
C ALA J 178 43.89 32.13 35.60
N GLY J 179 42.65 32.22 35.14
CA GLY J 179 41.86 33.40 35.39
C GLY J 179 40.57 33.48 34.58
N GLY J 180 39.85 34.57 34.72
CA GLY J 180 38.58 34.70 34.03
C GLY J 180 37.43 34.24 34.91
N VAL J 181 36.23 34.29 34.33
CA VAL J 181 34.99 34.10 35.06
C VAL J 181 34.09 33.18 34.25
N GLU J 182 33.07 32.65 34.91
CA GLU J 182 31.95 32.02 34.22
C GLU J 182 30.66 32.59 34.79
N ILE J 183 29.67 32.80 33.92
CA ILE J 183 28.43 33.44 34.33
C ILE J 183 27.29 32.45 34.11
N TYR J 184 26.49 32.25 35.15
CA TYR J 184 25.35 31.36 35.12
C TYR J 184 24.07 32.19 35.22
N ASN J 185 22.99 31.68 34.64
CA ASN J 185 21.73 32.37 34.81
C ASN J 185 21.16 32.06 36.19
N GLY J 186 20.00 32.62 36.47
CA GLY J 186 19.41 32.57 37.80
C GLY J 186 19.13 31.17 38.33
N ASP J 187 18.75 30.26 37.44
CA ASP J 187 18.41 28.90 37.81
C ASP J 187 19.56 27.93 37.61
N ARG J 188 20.76 28.42 37.25
CA ARG J 188 21.93 27.58 37.04
C ARG J 188 21.67 26.49 36.00
N LYS J 189 20.87 26.80 34.99
CA LYS J 189 20.63 25.85 33.92
C LYS J 189 21.33 26.25 32.62
N ILE J 190 21.65 27.53 32.47
CA ILE J 190 22.34 28.04 31.28
C ILE J 190 23.59 28.76 31.75
N LYS J 191 24.72 28.42 31.15
CA LYS J 191 25.98 29.02 31.54
C LYS J 191 26.74 29.47 30.30
N VAL J 192 27.55 30.51 30.47
CA VAL J 192 28.56 30.90 29.51
C VAL J 192 29.91 30.78 30.18
N SER J 193 30.82 30.06 29.55
CA SER J 193 32.16 29.79 30.07
C SER J 193 33.09 30.81 29.45
N ASN J 194 33.59 31.72 30.27
CA ASN J 194 34.43 32.82 29.81
C ASN J 194 35.75 32.88 30.55
N THR J 195 36.38 31.74 30.78
CA THR J 195 37.68 31.75 31.44
C THR J 195 38.78 31.93 30.40
N LEU J 196 40.00 32.19 30.90
CA LEU J 196 41.14 32.39 30.02
C LEU J 196 41.45 31.14 29.19
N GLU J 197 41.34 29.97 29.80
CA GLU J 197 41.56 28.73 29.06
C GLU J 197 40.49 28.52 28.01
N SER J 198 39.23 28.77 28.37
CA SER J 198 38.14 28.61 27.42
C SER J 198 38.27 29.58 26.26
N ARG J 199 38.66 30.83 26.55
CA ARG J 199 38.80 31.83 25.49
C ARG J 199 39.99 31.50 24.60
N LEU J 200 41.08 31.04 25.21
CA LEU J 200 42.28 30.70 24.44
C LEU J 200 41.99 29.58 23.45
N ASP J 201 41.28 28.54 23.89
CA ASP J 201 40.96 27.45 22.98
C ASP J 201 39.97 27.90 21.91
N LEU J 202 39.00 28.73 22.29
CA LEU J 202 38.01 29.22 21.36
C LEU J 202 38.67 29.97 20.20
N ILE J 203 39.68 30.77 20.51
CA ILE J 203 40.36 31.54 19.46
C ILE J 203 41.45 30.71 18.82
N ALA J 204 42.30 30.07 19.63
CA ALA J 204 43.46 29.38 19.08
C ALA J 204 43.07 28.34 18.05
N GLN J 205 41.94 27.65 18.26
CA GLN J 205 41.54 26.61 17.32
C GLN J 205 41.07 27.18 15.99
N GLN J 206 40.69 28.45 15.93
CA GLN J 206 40.26 29.08 14.71
C GLN J 206 41.36 29.85 14.01
N MET J 207 42.44 30.19 14.71
CA MET J 207 43.56 30.85 14.06
C MET J 207 44.51 29.87 13.39
N MET J 208 44.27 28.56 13.56
CA MET J 208 45.17 27.53 13.02
C MET J 208 45.51 27.69 11.55
N PRO J 209 44.58 27.98 10.63
CA PRO J 209 45.01 28.21 9.24
C PRO J 209 46.11 29.25 9.12
N GLU J 210 46.07 30.28 9.97
CA GLU J 210 47.10 31.31 9.92
C GLU J 210 48.34 30.90 10.69
N VAL J 211 48.17 30.16 11.80
CA VAL J 211 49.34 29.69 12.54
C VAL J 211 50.12 28.69 11.70
N ARG J 212 49.43 27.74 11.05
CA ARG J 212 50.15 26.75 10.26
C ARG J 212 51.08 27.43 9.26
N GLY J 213 50.55 28.35 8.47
CA GLY J 213 51.37 29.05 7.50
C GLY J 213 52.48 29.86 8.15
N ALA J 214 52.14 30.65 9.16
CA ALA J 214 53.12 31.53 9.80
C ALA J 214 54.30 30.78 10.39
N LEU J 215 54.09 29.59 10.95
CA LEU J 215 55.17 28.85 11.59
C LEU J 215 55.89 27.91 10.62
N PHE J 216 55.14 27.22 9.77
CA PHE J 216 55.69 26.12 9.00
C PHE J 216 55.81 26.43 7.52
N GLY J 217 55.32 27.58 7.07
CA GLY J 217 55.44 27.97 5.69
C GLY J 217 54.17 27.70 4.91
N ALA J 218 53.99 28.41 3.79
CA ALA J 218 52.82 28.19 2.95
C ALA J 218 52.96 26.88 2.18
N ASN J 219 51.81 26.32 1.83
CA ASN J 219 51.78 25.07 1.08
C ASN J 219 51.94 25.36 -0.41
N ALA J 220 53.07 24.94 -0.98
CA ALA J 220 53.34 25.20 -2.38
C ALA J 220 52.39 24.45 -3.30
N ASN J 221 51.68 23.45 -2.79
CA ASN J 221 50.77 22.69 -3.63
C ASN J 221 49.40 23.36 -3.74
N ARG J 222 49.17 24.44 -3.00
CA ARG J 222 47.85 25.06 -2.98
C ARG J 222 47.88 26.31 -3.85
N LYS J 223 47.06 26.33 -4.91
CA LYS J 223 47.11 27.39 -5.89
C LYS J 223 45.97 28.38 -5.74
N PHE J 224 44.81 27.95 -5.26
CA PHE J 224 43.66 28.81 -5.06
C PHE J 224 43.28 28.82 -3.59
N LEU J 225 42.81 29.97 -3.10
CA LEU J 225 42.37 30.04 -1.72
C LEU J 225 40.85 30.17 -1.64
N ASP J 226 40.15 29.96 -2.75
CA ASP J 226 38.70 30.15 -2.78
C ASP J 226 37.98 28.81 -2.89
N SER K 70 -29.59 36.12 -46.39
CA SER K 70 -29.32 36.64 -45.06
C SER K 70 -30.34 37.68 -44.61
N ALA K 71 -31.01 38.36 -45.53
CA ALA K 71 -31.98 39.39 -45.19
C ALA K 71 -33.15 38.84 -44.38
N GLU K 72 -33.63 37.65 -44.71
CA GLU K 72 -34.76 37.08 -43.97
C GLU K 72 -34.40 36.84 -42.52
N VAL K 73 -33.14 36.51 -42.24
CA VAL K 73 -32.77 36.31 -40.84
C VAL K 73 -32.74 37.62 -40.09
N GLU K 74 -32.18 38.68 -40.67
CA GLU K 74 -32.18 39.96 -39.97
C GLU K 74 -33.59 40.50 -39.85
N GLN K 75 -34.44 40.25 -40.84
CA GLN K 75 -35.81 40.74 -40.76
C GLN K 75 -36.56 40.08 -39.60
N ALA K 76 -36.42 38.77 -39.44
CA ALA K 76 -37.06 38.09 -38.32
C ALA K 76 -36.50 38.55 -36.99
N THR K 77 -35.20 38.84 -36.92
CA THR K 77 -34.62 39.27 -35.66
C THR K 77 -35.25 40.57 -35.18
N ARG K 78 -35.41 41.52 -36.10
CA ARG K 78 -35.96 42.85 -35.75
C ARG K 78 -37.39 42.68 -35.24
N ARG K 79 -38.15 41.82 -35.91
CA ARG K 79 -39.53 41.52 -35.52
C ARG K 79 -39.59 40.90 -34.13
N GLN K 80 -38.68 39.98 -33.84
CA GLN K 80 -38.66 39.42 -32.49
C GLN K 80 -38.32 40.45 -31.43
N VAL K 81 -37.39 41.36 -31.71
CA VAL K 81 -37.09 42.40 -30.73
C VAL K 81 -38.28 43.31 -30.54
N GLN K 82 -38.95 43.68 -31.64
CA GLN K 82 -40.12 44.54 -31.53
C GLN K 82 -41.22 43.87 -30.71
N GLY K 83 -41.40 42.56 -30.91
CA GLY K 83 -42.37 41.83 -30.11
C GLY K 83 -42.03 41.87 -28.63
N MET K 84 -40.76 41.64 -28.28
CA MET K 84 -40.35 41.70 -26.88
C MET K 84 -40.60 43.08 -26.30
N GLN K 85 -40.30 44.12 -27.08
CA GLN K 85 -40.50 45.49 -26.62
C GLN K 85 -41.98 45.77 -26.37
N SER K 86 -42.84 45.31 -27.27
CA SER K 86 -44.27 45.48 -27.09
C SER K 86 -44.78 44.72 -25.86
N SER K 87 -44.33 43.48 -25.68
CA SER K 87 -44.82 42.69 -24.56
C SER K 87 -44.42 43.31 -23.24
N GLN K 88 -43.14 43.67 -23.09
CA GLN K 88 -42.69 44.18 -21.81
C GLN K 88 -43.34 45.52 -21.48
N GLN K 89 -43.72 46.30 -22.50
CA GLN K 89 -44.41 47.56 -22.24
C GLN K 89 -45.77 47.36 -21.60
N ARG K 90 -46.45 46.25 -21.88
CA ARG K 90 -47.85 46.12 -21.48
C ARG K 90 -48.00 46.30 -19.97
N ASN K 91 -47.07 45.73 -19.20
CA ASN K 91 -47.12 45.82 -17.74
C ASN K 91 -45.81 46.34 -17.15
N ARG K 92 -45.05 47.11 -17.91
CA ARG K 92 -43.74 47.56 -17.45
C ARG K 92 -43.84 48.23 -16.08
N GLU K 93 -44.80 49.14 -15.92
CA GLU K 93 -44.95 49.85 -14.66
C GLU K 93 -45.41 48.92 -13.53
N ARG K 94 -46.21 47.91 -13.84
CA ARG K 94 -46.69 46.99 -12.81
C ARG K 94 -45.55 46.11 -12.31
N VAL K 95 -44.69 45.65 -13.21
CA VAL K 95 -43.56 44.83 -12.79
C VAL K 95 -42.61 45.67 -11.95
N LEU K 96 -42.32 46.90 -12.37
CA LEU K 96 -41.49 47.80 -11.57
C LEU K 96 -42.16 48.12 -10.24
N THR K 97 -43.47 48.30 -10.25
CA THR K 97 -44.16 48.57 -9.00
C THR K 97 -43.97 47.45 -7.99
N GLN K 98 -44.07 46.20 -8.42
CA GLN K 98 -43.88 45.09 -7.48
C GLN K 98 -42.47 45.08 -6.94
N LEU K 99 -41.48 45.31 -7.80
CA LEU K 99 -40.09 45.32 -7.36
C LEU K 99 -39.84 46.45 -6.37
N LEU K 100 -40.37 47.64 -6.67
CA LEU K 100 -40.17 48.77 -5.76
C LEU K 100 -40.85 48.52 -4.41
N GLY K 101 -42.06 47.96 -4.43
CA GLY K 101 -42.74 47.66 -3.19
C GLY K 101 -42.00 46.64 -2.36
N MET K 102 -41.50 45.58 -3.00
CA MET K 102 -40.84 44.52 -2.26
C MET K 102 -39.54 45.00 -1.62
N VAL K 103 -38.78 45.84 -2.33
CA VAL K 103 -37.52 46.33 -1.78
C VAL K 103 -37.76 47.34 -0.67
N CYS K 104 -38.82 48.14 -0.80
CA CYS K 104 -39.13 49.13 0.22
C CYS K 104 -39.59 48.49 1.53
N ASP K 105 -40.25 47.33 1.45
CA ASP K 105 -40.67 46.64 2.66
C ASP K 105 -39.51 45.83 3.23
N VAL K 106 -38.96 46.29 4.34
CA VAL K 106 -37.74 45.76 4.90
C VAL K 106 -37.96 44.42 5.59
N ARG K 107 -38.95 44.34 6.49
CA ARG K 107 -39.24 43.13 7.25
C ARG K 107 -37.99 42.65 7.99
N PRO K 108 -37.54 43.36 9.02
CA PRO K 108 -36.35 42.91 9.76
C PRO K 108 -36.64 41.62 10.50
N GLN K 109 -35.59 40.79 10.63
CA GLN K 109 -35.73 39.51 11.29
C GLN K 109 -34.39 39.11 11.91
N VAL K 110 -34.47 38.47 13.07
CA VAL K 110 -33.27 37.94 13.73
C VAL K 110 -33.02 36.53 13.20
N HIS K 111 -31.75 36.22 12.96
CA HIS K 111 -31.38 34.92 12.42
C HIS K 111 -32.10 33.80 13.18
N PRO K 112 -32.62 32.78 12.49
CA PRO K 112 -33.42 31.77 13.18
C PRO K 112 -32.65 30.96 14.22
N ASN K 113 -31.32 30.94 14.17
CA ASN K 113 -30.56 30.12 15.10
C ASN K 113 -30.07 30.91 16.31
N TYR K 114 -30.52 32.14 16.46
CA TYR K 114 -30.17 32.94 17.62
C TYR K 114 -30.86 32.36 18.85
N ARG K 115 -30.09 32.10 19.90
CA ARG K 115 -30.60 31.43 21.10
C ARG K 115 -30.09 32.15 22.35
N ILE K 116 -30.87 33.12 22.83
CA ILE K 116 -30.54 33.82 24.05
C ILE K 116 -31.79 34.08 24.87
N SER L 70 -34.34 -46.30 33.36
CA SER L 70 -33.97 -45.00 33.93
C SER L 70 -34.08 -45.00 35.45
N ALA L 71 -34.66 -46.05 36.03
CA ALA L 71 -34.88 -46.08 37.47
C ALA L 71 -33.57 -45.96 38.23
N GLU L 72 -32.51 -46.59 37.70
CA GLU L 72 -31.21 -46.56 38.37
C GLU L 72 -30.65 -45.14 38.41
N VAL L 73 -30.89 -44.36 37.36
CA VAL L 73 -30.37 -43.00 37.31
C VAL L 73 -31.09 -42.12 38.32
N GLU L 74 -32.40 -42.23 38.41
CA GLU L 74 -33.14 -41.42 39.37
C GLU L 74 -32.83 -41.83 40.80
N GLN L 75 -32.65 -43.12 41.04
CA GLN L 75 -32.31 -43.56 42.39
C GLN L 75 -30.94 -43.08 42.81
N ALA L 76 -29.94 -43.17 41.93
CA ALA L 76 -28.62 -42.64 42.25
C ALA L 76 -28.65 -41.13 42.40
N THR L 77 -29.46 -40.45 41.59
CA THR L 77 -29.55 -38.99 41.69
C THR L 77 -30.08 -38.56 43.04
N ARG L 78 -31.14 -39.21 43.54
CA ARG L 78 -31.68 -38.81 44.83
C ARG L 78 -30.66 -39.03 45.95
N ARG L 79 -29.93 -40.14 45.89
CA ARG L 79 -28.93 -40.40 46.91
C ARG L 79 -27.84 -39.35 46.90
N GLN L 80 -27.40 -38.96 45.70
CA GLN L 80 -26.36 -37.94 45.59
C GLN L 80 -26.84 -36.60 46.11
N VAL L 81 -28.08 -36.23 45.80
CA VAL L 81 -28.60 -34.96 46.30
C VAL L 81 -28.73 -34.98 47.82
N GLN L 82 -29.23 -36.08 48.39
CA GLN L 82 -29.34 -36.12 49.85
C GLN L 82 -27.95 -36.11 50.50
N GLY L 83 -26.97 -36.76 49.86
CA GLY L 83 -25.63 -36.75 50.42
C GLY L 83 -25.06 -35.37 50.52
N MET L 84 -25.28 -34.55 49.49
CA MET L 84 -24.84 -33.16 49.52
C MET L 84 -25.51 -32.39 50.65
N GLN L 85 -26.83 -32.56 50.80
CA GLN L 85 -27.52 -31.87 51.88
C GLN L 85 -27.01 -32.33 53.25
N SER L 86 -26.80 -33.64 53.42
CA SER L 86 -26.33 -34.14 54.71
C SER L 86 -24.95 -33.58 55.03
N SER L 87 -24.07 -33.50 54.03
CA SER L 87 -22.72 -33.01 54.26
C SER L 87 -22.74 -31.56 54.72
N GLN L 88 -23.42 -30.69 53.98
CA GLN L 88 -23.37 -29.26 54.32
C GLN L 88 -24.03 -28.99 55.66
N GLN L 89 -24.99 -29.83 56.07
CA GLN L 89 -25.59 -29.62 57.38
C GLN L 89 -24.59 -29.66 58.52
N ARG L 90 -23.42 -30.27 58.33
CA ARG L 90 -22.43 -30.36 59.39
C ARG L 90 -21.46 -29.20 59.39
N ASN L 91 -21.47 -28.38 58.35
CA ASN L 91 -20.54 -27.26 58.21
C ASN L 91 -21.25 -25.93 58.06
N ARG L 92 -22.55 -25.94 57.74
CA ARG L 92 -23.27 -24.72 57.44
C ARG L 92 -23.05 -23.65 58.50
N GLU L 93 -23.11 -24.05 59.77
CA GLU L 93 -23.03 -23.06 60.85
C GLU L 93 -21.64 -22.46 60.94
N ARG L 94 -20.60 -23.30 60.82
CA ARG L 94 -19.23 -22.80 60.84
C ARG L 94 -18.95 -21.90 59.64
N VAL L 95 -19.47 -22.27 58.47
CA VAL L 95 -19.25 -21.42 57.30
C VAL L 95 -19.94 -20.07 57.49
N LEU L 96 -21.16 -20.06 58.01
CA LEU L 96 -21.82 -18.77 58.26
C LEU L 96 -21.01 -17.92 59.23
N THR L 97 -20.47 -18.52 60.29
CA THR L 97 -19.68 -17.75 61.24
C THR L 97 -18.47 -17.12 60.56
N GLN L 98 -17.75 -17.91 59.75
CA GLN L 98 -16.56 -17.39 59.08
C GLN L 98 -16.91 -16.25 58.14
N LEU L 99 -17.94 -16.42 57.33
CA LEU L 99 -18.31 -15.38 56.37
C LEU L 99 -18.81 -14.13 57.09
N LEU L 100 -19.62 -14.29 58.12
CA LEU L 100 -20.15 -13.12 58.81
C LEU L 100 -19.05 -12.30 59.47
N GLY L 101 -18.07 -12.96 60.08
CA GLY L 101 -16.98 -12.22 60.69
C GLY L 101 -16.21 -11.41 59.66
N MET L 102 -16.02 -11.98 58.46
CA MET L 102 -15.26 -11.29 57.43
C MET L 102 -16.02 -10.06 56.93
N VAL L 103 -17.35 -10.14 56.92
CA VAL L 103 -18.16 -8.99 56.54
C VAL L 103 -18.13 -7.92 57.62
N CYS L 104 -18.24 -8.33 58.89
CA CYS L 104 -18.27 -7.37 59.98
C CYS L 104 -16.93 -6.69 60.18
N ASP L 105 -15.83 -7.37 59.85
CA ASP L 105 -14.51 -6.77 59.98
C ASP L 105 -14.23 -5.89 58.77
N VAL L 106 -14.37 -4.58 58.94
CA VAL L 106 -14.36 -3.66 57.81
C VAL L 106 -12.96 -3.56 57.20
N ARG L 107 -11.95 -3.31 58.02
CA ARG L 107 -10.56 -3.12 57.58
C ARG L 107 -10.46 -1.96 56.59
N PRO L 108 -10.56 -0.72 57.04
CA PRO L 108 -10.33 0.41 56.14
C PRO L 108 -8.88 0.52 55.74
N GLN L 109 -8.61 1.01 54.53
CA GLN L 109 -7.25 1.13 54.05
C GLN L 109 -7.17 2.26 53.04
N VAL L 110 -5.97 2.81 52.91
CA VAL L 110 -5.67 3.80 51.88
C VAL L 110 -4.93 3.11 50.74
N HIS L 111 -5.31 3.45 49.51
CA HIS L 111 -4.73 2.81 48.34
C HIS L 111 -3.21 2.78 48.46
N PRO L 112 -2.56 1.64 48.17
CA PRO L 112 -1.11 1.57 48.36
C PRO L 112 -0.34 2.64 47.61
N ASN L 113 -0.90 3.17 46.52
CA ASN L 113 -0.18 4.14 45.72
C ASN L 113 -0.45 5.58 46.09
N TYR L 114 -1.18 5.84 47.18
CA TYR L 114 -1.47 7.21 47.59
C TYR L 114 -0.17 7.87 48.01
N ARG L 115 0.07 9.09 47.50
CA ARG L 115 1.27 9.81 47.83
C ARG L 115 0.96 10.91 48.85
N ILE L 116 1.94 11.17 49.72
CA ILE L 116 1.83 12.20 50.75
C ILE L 116 0.72 11.85 51.72
N SER M 70 66.22 0.85 5.87
CA SER M 70 65.28 1.70 6.61
C SER M 70 65.97 2.95 7.15
N ALA M 71 67.30 2.98 7.16
CA ALA M 71 68.00 4.14 7.69
C ALA M 71 67.68 5.40 6.91
N GLU M 72 67.51 5.28 5.58
CA GLU M 72 67.23 6.46 4.77
C GLU M 72 65.91 7.11 5.19
N VAL M 73 64.93 6.31 5.59
CA VAL M 73 63.64 6.87 5.97
C VAL M 73 63.74 7.57 7.31
N GLU M 74 64.41 6.94 8.28
CA GLU M 74 64.57 7.58 9.59
C GLU M 74 65.43 8.82 9.49
N GLN M 75 66.46 8.80 8.64
CA GLN M 75 67.30 9.99 8.50
C GLN M 75 66.52 11.17 7.90
N ALA M 76 65.71 10.93 6.87
CA ALA M 76 64.89 12.00 6.33
C ALA M 76 63.88 12.49 7.36
N THR M 77 63.31 11.57 8.14
CA THR M 77 62.36 11.98 9.17
C THR M 77 62.99 12.90 10.19
N ARG M 78 64.17 12.57 10.68
CA ARG M 78 64.81 13.42 11.69
C ARG M 78 65.09 14.81 11.13
N ARG M 79 65.54 14.87 9.87
CA ARG M 79 65.84 16.17 9.27
C ARG M 79 64.58 17.02 9.16
N GLN M 80 63.46 16.40 8.77
CA GLN M 80 62.22 17.15 8.64
C GLN M 80 61.76 17.71 9.97
N VAL M 81 61.90 16.91 11.04
CA VAL M 81 61.52 17.35 12.37
C VAL M 81 62.41 18.51 12.83
N GLN M 82 63.72 18.39 12.59
CA GLN M 82 64.63 19.47 12.97
C GLN M 82 64.33 20.74 12.20
N GLY M 83 63.96 20.60 10.93
CA GLY M 83 63.58 21.77 10.15
C GLY M 83 62.38 22.50 10.72
N MET M 84 61.37 21.73 11.15
CA MET M 84 60.20 22.34 11.77
C MET M 84 60.58 23.10 13.03
N GLN M 85 61.47 22.54 13.85
CA GLN M 85 61.84 23.22 15.09
C GLN M 85 62.51 24.55 14.80
N SER M 86 63.40 24.59 13.81
CA SER M 86 64.05 25.84 13.45
C SER M 86 63.04 26.85 12.90
N SER M 87 62.15 26.38 12.01
CA SER M 87 61.19 27.28 11.40
C SER M 87 60.25 27.89 12.44
N GLN M 88 59.77 27.07 13.36
CA GLN M 88 58.89 27.57 14.43
C GLN M 88 59.59 28.63 15.25
N GLN M 89 60.85 28.40 15.61
CA GLN M 89 61.57 29.31 16.49
C GLN M 89 61.71 30.69 15.88
N ARG M 90 61.85 30.78 14.55
CA ARG M 90 61.94 32.08 13.90
C ARG M 90 60.64 32.89 14.05
N ASN M 91 59.48 32.23 14.11
CA ASN M 91 58.21 32.93 14.19
C ASN M 91 57.46 32.69 15.51
N ARG M 92 58.06 31.93 16.43
CA ARG M 92 57.38 31.60 17.68
C ARG M 92 56.81 32.84 18.36
N GLU M 93 57.64 33.87 18.54
CA GLU M 93 57.20 35.03 19.31
C GLU M 93 56.19 35.85 18.52
N ARG M 94 56.37 35.95 17.21
CA ARG M 94 55.44 36.74 16.40
C ARG M 94 54.05 36.14 16.41
N VAL M 95 53.95 34.82 16.23
CA VAL M 95 52.62 34.20 16.22
C VAL M 95 52.02 34.22 17.62
N LEU M 96 52.83 33.93 18.63
CA LEU M 96 52.33 33.95 20.01
C LEU M 96 51.79 35.33 20.37
N THR M 97 52.50 36.37 19.97
CA THR M 97 52.06 37.73 20.28
C THR M 97 50.70 38.00 19.65
N GLN M 98 50.54 37.64 18.37
CA GLN M 98 49.26 37.87 17.70
C GLN M 98 48.12 37.16 18.41
N LEU M 99 48.32 35.90 18.80
CA LEU M 99 47.26 35.16 19.48
C LEU M 99 46.92 35.78 20.82
N LEU M 100 47.92 36.18 21.60
CA LEU M 100 47.64 36.81 22.89
C LEU M 100 46.97 38.15 22.71
N GLY M 101 47.34 38.92 21.69
CA GLY M 101 46.68 40.18 21.45
C GLY M 101 45.19 40.02 21.21
N MET M 102 44.80 38.99 20.47
CA MET M 102 43.38 38.72 20.25
C MET M 102 42.69 38.33 21.54
N VAL M 103 43.29 37.44 22.33
CA VAL M 103 42.67 36.99 23.56
C VAL M 103 42.42 38.16 24.50
N CYS M 104 43.36 39.09 24.59
CA CYS M 104 43.26 40.22 25.51
C CYS M 104 42.29 41.29 25.04
N ASP M 105 41.70 41.13 23.86
CA ASP M 105 40.77 42.11 23.29
C ASP M 105 39.39 41.47 23.30
N VAL M 106 38.54 41.93 24.21
CA VAL M 106 37.28 41.23 24.47
C VAL M 106 36.31 41.40 23.31
N ARG M 107 36.19 42.67 22.92
CA ARG M 107 35.28 43.16 21.86
C ARG M 107 33.87 42.66 22.16
N PRO M 108 33.16 43.15 23.25
CA PRO M 108 31.78 42.83 23.63
C PRO M 108 30.78 43.42 22.66
N GLN M 109 29.66 42.71 22.51
CA GLN M 109 28.57 43.18 21.66
C GLN M 109 27.30 42.45 22.04
N VAL M 110 26.16 43.04 21.64
CA VAL M 110 24.88 42.35 21.79
C VAL M 110 24.53 41.60 20.51
N HIS M 111 23.98 40.41 20.67
CA HIS M 111 23.61 39.59 19.53
C HIS M 111 22.84 40.45 18.51
N PRO M 112 23.13 40.32 17.23
CA PRO M 112 22.46 41.20 16.25
C PRO M 112 20.95 41.04 16.18
N ASN M 113 20.40 39.93 16.66
CA ASN M 113 18.96 39.74 16.58
C ASN M 113 18.22 40.19 17.82
N TYR M 114 18.90 40.84 18.77
CA TYR M 114 18.24 41.33 19.97
C TYR M 114 17.36 42.51 19.59
N ARG M 115 16.11 42.50 20.09
CA ARG M 115 15.18 43.59 19.86
C ARG M 115 14.50 43.95 21.18
N ILE M 116 14.16 45.22 21.34
CA ILE M 116 13.42 45.71 22.49
C ILE M 116 13.00 47.16 22.23
N GLY N 8 -25.28 -13.29 30.65
CA GLY N 8 -25.64 -13.97 29.43
C GLY N 8 -25.83 -15.47 29.60
N ILE N 9 -26.87 -15.84 30.35
CA ILE N 9 -27.16 -17.26 30.58
C ILE N 9 -27.66 -17.91 29.29
N LYS N 10 -28.34 -17.14 28.45
CA LYS N 10 -28.71 -17.57 27.10
C LYS N 10 -29.11 -19.04 27.09
N MET N 11 -30.13 -19.35 27.90
CA MET N 11 -30.71 -20.69 27.91
C MET N 11 -31.50 -20.91 26.62
N GLY N 12 -30.92 -21.67 25.70
CA GLY N 12 -31.45 -21.73 24.35
C GLY N 12 -31.32 -20.37 23.67
N GLY N 13 -32.47 -19.90 23.16
CA GLY N 13 -32.48 -18.59 22.52
C GLY N 13 -32.90 -17.47 23.45
N LEU N 14 -33.09 -17.75 24.72
CA LEU N 14 -33.64 -16.79 25.68
C LEU N 14 -32.59 -16.46 26.73
N THR N 15 -32.66 -15.24 27.25
CA THR N 15 -31.88 -14.84 28.42
C THR N 15 -32.67 -15.18 29.67
N SER N 16 -32.10 -14.84 30.83
CA SER N 16 -32.66 -15.23 32.11
C SER N 16 -34.08 -14.69 32.32
N GLU N 17 -34.27 -13.40 32.03
CA GLU N 17 -35.58 -12.79 32.22
C GLU N 17 -36.58 -13.30 31.19
N GLN N 18 -36.13 -13.47 29.94
CA GLN N 18 -37.03 -13.94 28.90
C GLN N 18 -37.45 -15.38 29.15
N TYR N 19 -36.53 -16.23 29.61
CA TYR N 19 -36.87 -17.63 29.85
C TYR N 19 -38.02 -17.73 30.83
N HIS N 20 -37.92 -17.06 31.98
CA HIS N 20 -38.94 -17.21 33.01
C HIS N 20 -40.22 -16.48 32.62
N SER N 21 -40.09 -15.40 31.85
CA SER N 21 -41.28 -14.75 31.32
C SER N 21 -42.07 -15.67 30.39
N GLN N 22 -41.40 -16.37 29.49
CA GLN N 22 -42.09 -17.33 28.63
C GLN N 22 -42.75 -18.45 29.42
N VAL N 23 -42.13 -18.89 30.52
CA VAL N 23 -42.80 -19.87 31.37
C VAL N 23 -44.08 -19.33 31.97
N VAL N 24 -44.09 -18.10 32.49
CA VAL N 24 -45.36 -17.60 33.02
C VAL N 24 -46.40 -17.53 31.91
N GLY N 25 -46.00 -17.07 30.72
CA GLY N 25 -46.94 -16.99 29.63
C GLY N 25 -47.59 -18.32 29.30
N LYS N 26 -46.78 -19.37 29.16
CA LYS N 26 -47.33 -20.67 28.81
C LYS N 26 -48.29 -21.18 29.88
N ILE N 27 -47.97 -20.95 31.16
CA ILE N 27 -48.89 -21.38 32.22
C ILE N 27 -50.21 -20.63 32.17
N GLY N 28 -50.18 -19.32 31.99
CA GLY N 28 -51.44 -18.59 31.88
C GLY N 28 -52.23 -19.04 30.66
N TYR N 29 -51.50 -19.31 29.58
CA TYR N 29 -52.13 -19.76 28.34
C TYR N 29 -52.84 -21.09 28.54
N ILE N 30 -52.19 -22.05 29.19
CA ILE N 30 -52.83 -23.33 29.43
C ILE N 30 -54.09 -23.15 30.26
N ALA N 31 -54.03 -22.31 31.29
CA ALA N 31 -55.22 -22.06 32.11
C ALA N 31 -56.36 -21.52 31.25
N ARG N 32 -56.05 -20.60 30.33
CA ARG N 32 -57.07 -20.06 29.45
C ARG N 32 -57.58 -21.13 28.48
N CYS N 33 -56.67 -21.93 27.93
CA CYS N 33 -57.07 -22.98 26.99
C CYS N 33 -57.96 -24.02 27.66
N MET N 34 -57.63 -24.38 28.90
CA MET N 34 -58.40 -25.42 29.59
C MET N 34 -59.84 -24.96 29.83
N GLN N 35 -60.03 -23.72 30.26
CA GLN N 35 -61.39 -23.22 30.40
C GLN N 35 -62.10 -23.06 29.06
N THR N 36 -61.36 -22.70 28.01
CA THR N 36 -61.94 -22.60 26.68
C THR N 36 -62.36 -23.94 26.11
N ILE N 37 -61.56 -24.97 26.26
CA ILE N 37 -61.89 -26.29 25.73
C ILE N 37 -62.96 -26.99 26.56
N ASP N 38 -62.92 -26.85 27.88
CA ASP N 38 -63.78 -27.59 28.78
C ASP N 38 -64.34 -26.62 29.82
N PRO N 39 -65.17 -25.67 29.42
CA PRO N 39 -65.72 -24.70 30.40
C PRO N 39 -66.55 -25.33 31.50
N GLU N 40 -67.10 -26.52 31.31
CA GLU N 40 -67.87 -27.20 32.34
C GLU N 40 -67.03 -28.12 33.21
N ASN N 41 -65.72 -28.18 32.96
CA ASN N 41 -64.80 -29.04 33.70
C ASN N 41 -65.25 -30.51 33.67
N ASN N 42 -65.67 -30.97 32.49
CA ASN N 42 -66.11 -32.35 32.33
C ASN N 42 -64.94 -33.32 32.13
N LEU N 43 -63.87 -32.88 31.51
CA LEU N 43 -62.75 -33.77 31.15
C LEU N 43 -61.77 -33.93 32.30
N LYS N 44 -62.17 -34.69 33.32
CA LYS N 44 -61.41 -34.76 34.56
C LYS N 44 -60.00 -35.30 34.35
N LYS N 45 -59.85 -36.34 33.52
CA LYS N 45 -58.52 -36.95 33.32
C LYS N 45 -57.57 -35.94 32.68
N ILE N 46 -58.05 -35.18 31.69
CA ILE N 46 -57.20 -34.22 31.00
C ILE N 46 -56.78 -33.10 31.95
N ARG N 47 -57.72 -32.61 32.77
CA ARG N 47 -57.37 -31.57 33.72
C ARG N 47 -56.28 -32.02 34.68
N GLU N 48 -56.35 -33.27 35.13
CA GLU N 48 -55.35 -33.77 36.07
C GLU N 48 -53.95 -33.71 35.48
N ASP N 49 -53.83 -33.99 34.18
CA ASP N 49 -52.52 -33.99 33.56
C ASP N 49 -51.90 -32.60 33.60
N TYR N 50 -52.72 -31.57 33.82
CA TYR N 50 -52.25 -30.19 33.87
C TYR N 50 -52.40 -29.56 35.24
N GLN N 51 -52.65 -30.37 36.27
CA GLN N 51 -52.95 -29.80 37.58
C GLN N 51 -51.81 -28.93 38.08
N ASP N 52 -50.57 -29.29 37.75
CA ASP N 52 -49.42 -28.56 38.28
C ASP N 52 -49.34 -27.15 37.69
N VAL N 53 -50.03 -26.91 36.59
CA VAL N 53 -50.05 -25.56 36.02
C VAL N 53 -51.41 -24.91 36.20
N LEU N 54 -52.46 -25.71 36.44
CA LEU N 54 -53.78 -25.13 36.71
C LEU N 54 -53.92 -24.73 38.17
N ILE N 55 -53.13 -25.35 39.05
CA ILE N 55 -53.14 -24.97 40.50
C ILE N 55 -52.72 -23.50 40.65
N TRP N 56 -51.96 -22.97 39.67
CA TRP N 56 -51.46 -21.58 39.74
C TRP N 56 -52.52 -20.64 39.15
N ALA N 57 -53.61 -21.21 38.62
CA ALA N 57 -54.68 -20.38 38.03
C ALA N 57 -55.67 -19.96 39.12
N GLU N 58 -56.50 -18.95 38.85
CA GLU N 58 -57.56 -18.52 39.81
C GLU N 58 -56.89 -17.86 41.01
N LYS N 59 -55.66 -17.36 40.81
CA LYS N 59 -54.95 -16.58 41.85
C LYS N 59 -54.51 -15.27 41.18
N ASN N 60 -54.52 -14.16 41.91
CA ASN N 60 -54.05 -12.90 41.30
C ASN N 60 -52.57 -12.73 41.66
N TYR N 61 -51.68 -13.02 40.72
CA TYR N 61 -50.23 -12.84 40.96
C TYR N 61 -49.73 -11.58 40.25
N ARG N 62 -50.63 -10.82 39.62
CA ARG N 62 -50.21 -9.61 38.86
C ARG N 62 -49.04 -9.94 37.91
N PHE N 63 -48.98 -11.15 37.38
CA PHE N 63 -47.80 -11.65 36.60
C PHE N 63 -46.54 -11.72 37.45
N GLU N 64 -46.27 -10.70 38.28
CA GLU N 64 -44.93 -10.62 38.86
C GLU N 64 -44.70 -11.70 39.92
N GLU N 65 -45.72 -12.08 40.68
CA GLU N 65 -45.45 -13.04 41.80
C GLU N 65 -45.28 -14.45 41.24
N ILE N 66 -46.03 -14.79 40.19
CA ILE N 66 -45.88 -16.14 39.56
C ILE N 66 -44.54 -16.16 38.83
N LEU N 67 -44.07 -15.02 38.33
CA LEU N 67 -42.75 -14.96 37.73
C LEU N 67 -41.67 -15.24 38.76
N GLU N 68 -41.82 -14.69 39.97
CA GLU N 68 -40.88 -15.02 41.03
C GLU N 68 -40.92 -16.50 41.40
N ALA N 69 -42.12 -17.10 41.43
CA ALA N 69 -42.23 -18.52 41.71
C ALA N 69 -41.46 -19.34 40.68
N SER N 70 -41.48 -18.90 39.41
CA SER N 70 -40.67 -19.55 38.39
C SER N 70 -39.18 -19.39 38.65
N LYS N 71 -38.73 -18.19 39.00
CA LYS N 71 -37.32 -18.00 39.26
C LYS N 71 -36.87 -18.80 40.48
N SER N 72 -37.73 -18.89 41.51
CA SER N 72 -37.36 -19.60 42.72
C SER N 72 -37.41 -21.11 42.52
N GLY N 73 -38.18 -21.57 41.53
CA GLY N 73 -38.22 -22.98 41.23
C GLY N 73 -39.46 -23.69 41.78
N LYS N 74 -40.48 -22.91 42.14
CA LYS N 74 -41.70 -23.52 42.68
C LYS N 74 -42.64 -23.96 41.56
N CYS N 75 -42.59 -23.31 40.42
CA CYS N 75 -43.42 -23.65 39.28
C CYS N 75 -42.74 -24.70 38.41
N PRO N 76 -43.51 -25.46 37.63
CA PRO N 76 -42.90 -26.37 36.66
C PRO N 76 -42.23 -25.60 35.53
N ASN N 77 -41.04 -25.06 35.81
CA ASN N 77 -40.39 -24.09 34.93
C ASN N 77 -39.52 -24.71 33.85
N ASP N 78 -39.66 -26.00 33.56
CA ASP N 78 -38.95 -26.57 32.42
C ASP N 78 -39.59 -26.11 31.13
N LEU N 79 -38.83 -25.39 30.30
CA LEU N 79 -39.43 -24.77 29.12
C LEU N 79 -39.85 -25.82 28.10
N ASP N 80 -39.04 -26.87 27.94
CA ASP N 80 -39.36 -27.86 26.93
C ASP N 80 -40.57 -28.70 27.29
N ALA N 81 -40.71 -29.07 28.57
CA ALA N 81 -41.88 -29.84 28.98
C ALA N 81 -43.16 -29.04 28.77
N LEU N 82 -43.13 -27.74 29.07
CA LEU N 82 -44.31 -26.91 28.85
C LEU N 82 -44.61 -26.76 27.37
N SER N 83 -43.58 -26.64 26.52
CA SER N 83 -43.82 -26.47 25.10
C SER N 83 -44.63 -27.65 24.55
N ARG N 84 -44.19 -28.88 24.84
CA ARG N 84 -44.89 -30.04 24.33
C ARG N 84 -46.28 -30.16 24.95
N ARG N 85 -46.38 -30.00 26.26
CA ARG N 85 -47.67 -30.17 26.93
C ARG N 85 -48.67 -29.10 26.53
N SER N 86 -48.24 -27.86 26.33
CA SER N 86 -49.08 -26.79 25.82
C SER N 86 -49.52 -27.05 24.38
N LEU N 87 -48.60 -27.49 23.53
CA LEU N 87 -48.96 -27.79 22.15
C LEU N 87 -50.10 -28.81 22.10
N ILE N 88 -50.01 -29.87 22.89
CA ILE N 88 -51.04 -30.90 22.89
C ILE N 88 -52.39 -30.31 23.24
N LEU N 89 -52.45 -29.46 24.26
CA LEU N 89 -53.73 -28.92 24.68
C LEU N 89 -54.32 -28.00 23.62
N GLN N 90 -53.51 -27.13 23.03
CA GLN N 90 -54.06 -26.21 22.05
C GLN N 90 -54.42 -26.93 20.76
N GLU N 91 -53.76 -28.04 20.45
CA GLU N 91 -54.21 -28.85 19.31
C GLU N 91 -55.57 -29.47 19.59
N LEU N 92 -55.84 -29.83 20.85
CA LEU N 92 -57.18 -30.23 21.23
C LEU N 92 -58.18 -29.10 21.01
N LEU N 93 -57.79 -27.85 21.26
CA LEU N 93 -58.69 -26.74 21.01
C LEU N 93 -59.03 -26.64 19.53
N ARG N 94 -58.03 -26.78 18.66
CA ARG N 94 -58.27 -26.75 17.23
C ARG N 94 -59.22 -27.86 16.81
N LEU N 95 -59.04 -29.04 17.38
CA LEU N 95 -59.90 -30.18 17.05
C LEU N 95 -61.36 -29.85 17.32
N VAL N 96 -61.66 -29.32 18.51
CA VAL N 96 -63.04 -29.04 18.86
C VAL N 96 -63.52 -27.70 18.30
N SER N 97 -62.62 -26.72 18.16
CA SER N 97 -62.99 -25.41 17.64
C SER N 97 -63.32 -25.43 16.15
N SER N 98 -62.54 -26.14 15.35
CA SER N 98 -62.71 -26.12 13.90
C SER N 98 -63.99 -26.84 13.46
N ILE N 99 -64.66 -27.51 14.38
CA ILE N 99 -65.87 -28.26 14.08
C ILE N 99 -66.95 -27.66 14.98
N SER N 100 -66.74 -26.42 15.40
CA SER N 100 -67.59 -25.78 16.40
C SER N 100 -69.09 -25.94 16.15
N PRO N 101 -69.60 -26.01 14.92
CA PRO N 101 -71.05 -26.21 14.75
C PRO N 101 -71.55 -27.52 15.35
N PHE N 102 -70.67 -28.47 15.63
CA PHE N 102 -71.05 -29.78 16.14
C PHE N 102 -70.40 -30.02 17.50
N LYS N 103 -71.06 -30.84 18.32
CA LYS N 103 -70.54 -31.26 19.61
C LYS N 103 -69.88 -32.62 19.45
N MET N 104 -68.70 -32.76 20.06
CA MET N 104 -68.00 -34.03 20.12
C MET N 104 -68.30 -34.71 21.44
N LYS N 105 -68.41 -36.04 21.39
CA LYS N 105 -68.69 -36.79 22.61
C LYS N 105 -67.51 -36.72 23.55
N LEU N 106 -67.79 -36.66 24.86
CA LEU N 106 -66.74 -36.55 25.87
C LEU N 106 -65.78 -37.74 25.82
N ASP N 107 -66.30 -38.94 25.57
CA ASP N 107 -65.41 -40.10 25.53
C ASP N 107 -64.44 -39.99 24.36
N LEU N 108 -64.89 -39.43 23.23
CA LEU N 108 -63.98 -39.25 22.11
C LEU N 108 -62.99 -38.14 22.37
N ILE N 109 -63.39 -37.08 23.06
CA ILE N 109 -62.43 -36.03 23.38
C ILE N 109 -61.28 -36.58 24.19
N GLU N 110 -61.57 -37.36 25.24
CA GLU N 110 -60.49 -37.94 26.03
C GLU N 110 -59.68 -38.94 25.21
N SER N 111 -60.34 -39.72 24.36
CA SER N 111 -59.61 -40.70 23.55
C SER N 111 -58.61 -40.00 22.64
N GLN N 112 -59.05 -38.95 21.96
CA GLN N 112 -58.16 -38.22 21.05
C GLN N 112 -57.03 -37.57 21.82
N TYR N 113 -57.31 -37.07 23.02
CA TYR N 113 -56.27 -36.51 23.87
C TYR N 113 -55.19 -37.54 24.16
N GLU N 114 -55.59 -38.74 24.60
CA GLU N 114 -54.60 -39.75 24.92
C GLU N 114 -53.75 -40.11 23.72
N LYS N 115 -54.36 -40.20 22.53
CA LYS N 115 -53.58 -40.52 21.33
C LYS N 115 -52.55 -39.45 21.02
N MET N 116 -52.88 -38.18 21.26
CA MET N 116 -51.92 -37.11 21.08
C MET N 116 -50.78 -37.22 22.09
N LYS N 117 -51.12 -37.41 23.36
CA LYS N 117 -50.10 -37.45 24.40
C LYS N 117 -49.08 -38.57 24.16
N GLN N 118 -49.52 -39.68 23.58
CA GLN N 118 -48.64 -40.80 23.29
C GLN N 118 -47.77 -40.57 22.05
N HIS N 119 -48.02 -39.54 21.26
CA HIS N 119 -47.29 -39.38 20.02
C HIS N 119 -45.87 -38.89 20.31
N VAL N 120 -44.92 -39.41 19.55
CA VAL N 120 -43.52 -39.05 19.76
C VAL N 120 -43.28 -37.58 19.45
N ASN N 121 -43.87 -37.06 18.38
CA ASN N 121 -43.61 -35.69 17.92
C ASN N 121 -44.89 -35.20 17.24
N LEU N 122 -45.85 -34.75 18.07
CA LEU N 122 -47.18 -34.43 17.56
C LEU N 122 -47.14 -33.41 16.43
N TRP N 123 -46.23 -32.44 16.51
CA TRP N 123 -46.23 -31.37 15.52
C TRP N 123 -46.11 -31.89 14.09
N LYS N 124 -45.42 -33.02 13.87
CA LYS N 124 -45.16 -33.51 12.53
C LYS N 124 -46.09 -34.67 12.18
N SER N 125 -47.09 -34.91 13.00
CA SER N 125 -47.99 -36.04 12.85
C SER N 125 -48.95 -35.78 11.68
N ASP N 126 -49.51 -36.87 11.15
CA ASP N 126 -50.67 -36.74 10.27
C ASP N 126 -51.85 -36.10 10.98
N TYR N 127 -51.97 -36.32 12.29
CA TYR N 127 -53.00 -35.61 13.05
C TYR N 127 -52.89 -34.10 12.86
N HIS N 128 -51.68 -33.56 13.03
CA HIS N 128 -51.50 -32.13 12.84
C HIS N 128 -51.83 -31.70 11.41
N VAL N 129 -51.35 -32.44 10.42
CA VAL N 129 -51.58 -32.04 9.04
C VAL N 129 -53.06 -32.05 8.71
N LYS N 130 -53.78 -33.08 9.16
CA LYS N 130 -55.21 -33.15 8.86
C LYS N 130 -55.96 -31.96 9.43
N LEU N 131 -55.59 -31.53 10.64
CA LEU N 131 -56.15 -30.30 11.19
C LEU N 131 -55.74 -29.07 10.41
N ASN N 132 -54.51 -29.00 9.93
CA ASN N 132 -54.14 -27.90 9.04
C ASN N 132 -54.96 -27.88 7.77
N GLN N 133 -55.26 -29.04 7.18
CA GLN N 133 -56.14 -29.05 6.02
C GLN N 133 -57.55 -28.62 6.40
N LEU N 134 -58.02 -29.04 7.59
CA LEU N 134 -59.35 -28.63 8.01
C LEU N 134 -59.44 -27.12 8.16
N ASN N 135 -58.45 -26.51 8.81
CA ASN N 135 -58.48 -25.06 8.97
C ASN N 135 -58.36 -24.33 7.64
N GLN N 136 -57.58 -24.88 6.71
CA GLN N 136 -57.53 -24.31 5.36
C GLN N 136 -58.92 -24.26 4.74
N LEU N 137 -59.64 -25.37 4.83
CA LEU N 137 -61.00 -25.42 4.28
C LEU N 137 -62.00 -24.59 5.06
N THR N 138 -61.95 -24.56 6.39
CA THR N 138 -62.91 -23.78 7.15
C THR N 138 -62.60 -22.30 7.22
N ASP N 139 -61.33 -21.88 7.12
CA ASP N 139 -61.03 -20.46 7.11
C ASP N 139 -61.48 -19.81 5.82
N TYR N 140 -61.27 -20.49 4.68
CA TYR N 140 -61.70 -19.95 3.40
C TYR N 140 -63.16 -19.54 3.44
N LEU N 141 -64.01 -20.37 4.03
CA LEU N 141 -65.45 -20.16 3.96
C LEU N 141 -65.93 -19.06 4.89
N LYS N 142 -65.06 -18.55 5.77
CA LYS N 142 -65.51 -17.56 6.74
C LYS N 142 -66.06 -16.31 6.06
N ASN N 143 -65.46 -15.90 4.95
CA ASN N 143 -65.86 -14.70 4.21
C ASN N 143 -65.93 -15.01 2.72
N ALA N 144 -66.95 -15.76 2.32
CA ALA N 144 -67.04 -16.26 0.96
C ALA N 144 -68.36 -15.83 0.34
N ALA N 145 -68.28 -15.40 -0.92
CA ALA N 145 -69.46 -14.98 -1.66
C ALA N 145 -70.30 -16.19 -2.04
N PRO N 146 -71.62 -16.04 -2.19
CA PRO N 146 -72.44 -17.12 -2.75
C PRO N 146 -72.03 -17.42 -4.18
N THR N 147 -71.86 -18.71 -4.47
CA THR N 147 -71.46 -19.21 -5.78
C THR N 147 -71.46 -20.73 -5.70
N PRO N 148 -71.68 -21.42 -6.83
CA PRO N 148 -71.74 -22.89 -6.81
C PRO N 148 -70.60 -23.53 -6.04
N LYS N 149 -69.37 -23.09 -6.31
CA LYS N 149 -68.21 -23.67 -5.66
C LYS N 149 -68.31 -23.56 -4.14
N ASN N 150 -68.65 -22.37 -3.65
CA ASN N 150 -68.66 -22.14 -2.21
C ASN N 150 -69.83 -22.82 -1.52
N ASN N 151 -70.94 -22.99 -2.23
CA ASN N 151 -72.04 -23.78 -1.68
C ASN N 151 -71.68 -25.26 -1.60
N PHE N 152 -70.94 -25.76 -2.60
CA PHE N 152 -70.48 -27.13 -2.56
C PHE N 152 -69.49 -27.34 -1.42
N LEU N 153 -68.55 -26.41 -1.27
CA LEU N 153 -67.57 -26.52 -0.20
C LEU N 153 -68.23 -26.43 1.17
N ARG N 154 -69.21 -25.55 1.33
CA ARG N 154 -69.88 -25.43 2.63
C ARG N 154 -70.69 -26.68 2.94
N ALA N 155 -71.38 -27.23 1.94
CA ALA N 155 -72.17 -28.44 2.18
C ALA N 155 -71.26 -29.59 2.57
N MET N 156 -70.14 -29.75 1.86
CA MET N 156 -69.21 -30.83 2.18
C MET N 156 -68.49 -30.55 3.50
N THR N 157 -68.17 -29.29 3.79
CA THR N 157 -67.52 -29.00 5.05
C THR N 157 -68.41 -29.37 6.23
N SER N 158 -69.70 -29.04 6.18
CA SER N 158 -70.57 -29.45 7.28
C SER N 158 -70.58 -30.97 7.45
N VAL N 159 -70.56 -31.72 6.35
CA VAL N 159 -70.46 -33.16 6.50
C VAL N 159 -69.12 -33.51 7.15
N LEU N 160 -68.03 -32.91 6.68
CA LEU N 160 -66.72 -33.21 7.24
C LEU N 160 -66.68 -32.94 8.74
N GLN N 161 -67.22 -31.79 9.16
CA GLN N 161 -67.26 -31.47 10.58
C GLN N 161 -68.17 -32.44 11.33
N MET N 162 -69.30 -32.80 10.72
CA MET N 162 -70.17 -33.79 11.36
C MET N 162 -69.46 -35.11 11.60
N GLN N 163 -68.74 -35.63 10.61
CA GLN N 163 -68.02 -36.87 10.77
C GLN N 163 -66.88 -36.79 11.78
N ILE N 164 -66.12 -35.71 11.79
CA ILE N 164 -65.00 -35.57 12.71
C ILE N 164 -65.53 -35.61 14.13
N ALA N 165 -66.67 -34.95 14.37
CA ALA N 165 -67.28 -34.96 15.68
C ALA N 165 -67.60 -36.36 16.17
N GLN N 166 -67.72 -37.32 15.25
CA GLN N 166 -68.08 -38.69 15.59
C GLN N 166 -66.90 -39.63 15.60
N TYR N 167 -65.94 -39.46 14.68
CA TYR N 167 -64.79 -40.34 14.58
C TYR N 167 -63.50 -39.73 15.09
N GLY N 168 -63.39 -38.41 15.16
CA GLY N 168 -62.13 -37.79 15.52
C GLY N 168 -61.17 -37.78 14.35
N ILE N 169 -59.90 -37.51 14.62
CA ILE N 169 -58.92 -37.41 13.54
C ILE N 169 -57.88 -38.51 13.60
N THR N 170 -57.42 -38.90 14.80
CA THR N 170 -56.37 -39.91 14.90
C THR N 170 -56.88 -41.27 14.46
N GLU N 171 -58.18 -41.52 14.62
CA GLU N 171 -58.78 -42.79 14.22
C GLU N 171 -59.05 -42.75 12.72
N ASP N 172 -58.02 -43.05 11.93
CA ASP N 172 -58.08 -42.92 10.48
C ASP N 172 -59.28 -43.62 9.87
N ASN N 173 -60.00 -42.92 9.01
CA ASN N 173 -61.22 -43.44 8.40
C ASN N 173 -61.24 -43.05 6.92
N GLU N 174 -61.39 -44.06 6.06
CA GLU N 174 -61.33 -43.80 4.63
C GLU N 174 -62.39 -42.79 4.21
N GLY N 175 -63.55 -42.82 4.86
CA GLY N 175 -64.61 -41.90 4.49
C GLY N 175 -64.23 -40.46 4.70
N ILE N 176 -63.64 -40.15 5.86
CA ILE N 176 -63.21 -38.79 6.16
C ILE N 176 -62.04 -38.40 5.27
N ASN N 177 -61.10 -39.32 5.07
CA ASN N 177 -59.94 -39.03 4.23
C ASN N 177 -60.36 -38.72 2.79
N GLN N 178 -61.30 -39.47 2.23
CA GLN N 178 -61.76 -39.19 0.87
C GLN N 178 -62.46 -37.85 0.80
N LEU N 179 -63.23 -37.50 1.83
CA LEU N 179 -63.90 -36.20 1.83
C LEU N 179 -62.90 -35.06 1.91
N PHE N 180 -61.83 -35.23 2.71
CA PHE N 180 -60.76 -34.24 2.72
C PHE N 180 -60.21 -34.04 1.31
N LYS N 181 -59.88 -35.13 0.63
CA LYS N 181 -59.30 -35.02 -0.70
C LYS N 181 -60.24 -34.31 -1.67
N LEU N 182 -61.53 -34.66 -1.62
CA LEU N 182 -62.47 -34.03 -2.54
C LEU N 182 -62.65 -32.55 -2.23
N GLY N 183 -62.75 -32.20 -0.94
CA GLY N 183 -62.91 -30.79 -0.59
C GLY N 183 -61.70 -29.97 -1.00
N LEU N 184 -60.50 -30.45 -0.70
CA LEU N 184 -59.30 -29.71 -1.04
C LEU N 184 -59.12 -29.62 -2.54
N HIS N 185 -59.45 -30.68 -3.28
CA HIS N 185 -59.34 -30.63 -4.72
C HIS N 185 -60.28 -29.58 -5.31
N LEU N 186 -61.51 -29.49 -4.79
CA LEU N 186 -62.41 -28.43 -5.24
C LEU N 186 -61.88 -27.07 -4.83
N LEU N 187 -61.40 -26.96 -3.58
CA LEU N 187 -60.95 -25.68 -3.07
C LEU N 187 -59.86 -25.09 -3.97
N ALA N 188 -58.93 -25.93 -4.43
CA ALA N 188 -57.85 -25.47 -5.29
C ALA N 188 -58.29 -25.34 -6.73
N MET N 189 -59.52 -25.74 -7.05
CA MET N 189 -59.97 -25.75 -8.43
C MET N 189 -60.25 -24.34 -8.91
N ALA N 190 -59.93 -24.08 -10.18
CA ALA N 190 -60.16 -22.77 -10.76
C ALA N 190 -61.60 -22.31 -10.56
N ASN N 191 -61.75 -21.04 -10.21
CA ASN N 191 -63.08 -20.49 -9.97
C ASN N 191 -63.84 -20.31 -11.28
N GLU N 192 -63.12 -20.11 -12.38
CA GLU N 192 -63.77 -19.90 -13.66
C GLU N 192 -64.41 -21.17 -14.20
N LYS N 193 -63.81 -22.33 -13.90
CA LYS N 193 -64.28 -23.61 -14.43
C LYS N 193 -65.53 -24.03 -13.66
N ILE N 194 -66.64 -24.20 -14.38
CA ILE N 194 -67.90 -24.58 -13.76
C ILE N 194 -68.18 -26.07 -13.93
N ASP N 195 -67.94 -26.61 -15.12
CA ASP N 195 -68.29 -28.00 -15.38
C ASP N 195 -67.53 -28.97 -14.48
N GLU N 196 -66.25 -28.70 -14.22
CA GLU N 196 -65.46 -29.63 -13.42
C GLU N 196 -65.94 -29.65 -11.98
N GLN N 197 -66.21 -28.48 -11.41
CA GLN N 197 -66.70 -28.43 -10.03
C GLN N 197 -68.13 -28.97 -9.94
N TYR N 198 -68.92 -28.80 -11.00
CA TYR N 198 -70.26 -29.35 -11.04
C TYR N 198 -70.26 -30.87 -11.01
N HIS N 199 -69.46 -31.50 -11.87
CA HIS N 199 -69.40 -32.96 -11.89
C HIS N 199 -68.69 -33.51 -10.67
N LEU N 200 -67.71 -32.80 -10.16
CA LEU N 200 -66.99 -33.26 -8.96
C LEU N 200 -67.92 -33.30 -7.74
N PHE N 201 -68.69 -32.24 -7.53
CA PHE N 201 -69.66 -32.25 -6.44
C PHE N 201 -70.70 -33.35 -6.65
N LYS N 202 -71.26 -33.44 -7.85
CA LYS N 202 -72.26 -34.47 -8.10
C LYS N 202 -71.67 -35.86 -7.91
N GLY N 203 -70.41 -36.06 -8.29
CA GLY N 203 -69.79 -37.36 -8.06
C GLY N 203 -69.85 -37.77 -6.61
N TYR N 204 -69.46 -36.87 -5.72
CA TYR N 204 -69.56 -37.15 -4.29
C TYR N 204 -70.99 -37.50 -3.90
N VAL N 205 -71.95 -36.67 -4.32
CA VAL N 205 -73.31 -36.85 -3.82
C VAL N 205 -73.87 -38.21 -4.24
N LYS N 206 -73.62 -38.62 -5.49
CA LYS N 206 -74.14 -39.90 -5.95
C LYS N 206 -73.29 -41.07 -5.48
N ASP N 207 -71.97 -40.89 -5.32
CA ASP N 207 -71.14 -41.99 -4.85
C ASP N 207 -71.18 -42.19 -3.35
N GLN N 208 -71.51 -41.16 -2.58
CA GLN N 208 -71.61 -41.31 -1.14
C GLN N 208 -72.43 -42.55 -0.79
N PRO N 209 -71.94 -43.40 0.12
CA PRO N 209 -72.65 -44.65 0.41
C PRO N 209 -74.12 -44.47 0.77
N GLU N 210 -74.48 -43.35 1.41
CA GLU N 210 -75.84 -43.13 1.85
C GLU N 210 -76.67 -42.54 0.70
N GLU N 211 -77.96 -42.36 0.96
CA GLU N 211 -78.88 -41.81 -0.05
C GLU N 211 -79.06 -40.31 0.06
N SER N 212 -78.96 -39.74 1.26
CA SER N 212 -79.21 -38.32 1.50
C SER N 212 -78.05 -37.76 2.31
N PRO N 213 -76.92 -37.48 1.67
CA PRO N 213 -75.69 -37.15 2.40
C PRO N 213 -75.78 -35.93 3.30
N PHE N 214 -76.68 -34.99 3.03
CA PHE N 214 -76.74 -33.72 3.74
C PHE N 214 -77.96 -33.61 4.64
N GLU N 215 -78.77 -34.66 4.71
CA GLU N 215 -80.01 -34.62 5.46
C GLU N 215 -79.69 -34.70 6.94
N GLY N 216 -80.07 -33.66 7.69
CA GLY N 216 -79.71 -33.53 9.08
C GLY N 216 -78.34 -32.93 9.34
N ILE N 217 -77.59 -32.58 8.31
CA ILE N 217 -76.25 -32.01 8.47
C ILE N 217 -76.32 -30.50 8.36
N LEU N 218 -76.99 -30.01 7.33
CA LEU N 218 -77.16 -28.60 7.08
C LEU N 218 -78.64 -28.25 6.99
N PRO N 219 -79.01 -26.99 7.31
CA PRO N 219 -80.39 -26.50 7.28
C PRO N 219 -81.12 -26.75 5.96
N ILE O 5 38.94 18.49 19.44
CA ILE O 5 38.90 17.70 18.22
C ILE O 5 39.23 16.23 18.44
N LYS O 6 39.10 15.72 19.67
CA LYS O 6 39.37 14.32 19.97
C LYS O 6 38.14 13.61 20.53
N VAL O 7 36.97 13.89 19.96
CA VAL O 7 35.74 13.34 20.52
C VAL O 7 35.74 11.82 20.49
N GLY O 8 36.22 11.22 19.40
CA GLY O 8 36.23 9.78 19.26
C GLY O 8 37.38 9.28 18.41
N ILE O 9 38.57 9.18 19.01
CA ILE O 9 39.77 8.78 18.26
C ILE O 9 39.72 7.30 17.89
N LYS O 10 39.31 6.44 18.82
CA LYS O 10 39.22 5.00 18.60
C LYS O 10 40.50 4.44 17.98
N MET O 11 41.64 4.80 18.59
CA MET O 11 42.99 4.47 18.06
C MET O 11 43.09 2.97 17.75
N GLY O 12 43.14 2.64 16.45
CA GLY O 12 43.15 1.27 15.98
C GLY O 12 41.84 0.55 16.17
N GLY O 13 41.28 0.62 17.38
CA GLY O 13 40.00 0.02 17.66
C GLY O 13 39.56 0.22 19.09
N LEU O 14 40.44 0.86 19.87
CA LEU O 14 40.20 1.13 21.31
C LEU O 14 40.06 2.63 21.53
N THR O 15 39.27 3.03 22.54
CA THR O 15 39.34 4.39 23.03
C THR O 15 40.75 4.67 23.56
N SER O 16 41.22 5.90 23.32
CA SER O 16 42.60 6.25 23.64
C SER O 16 43.01 5.74 25.02
N GLU O 17 42.15 5.90 26.01
CA GLU O 17 42.52 5.51 27.37
C GLU O 17 42.75 4.02 27.47
N GLN O 18 41.93 3.24 26.77
CA GLN O 18 42.03 1.76 26.84
C GLN O 18 43.27 1.32 26.05
N TYR O 19 43.56 1.98 24.93
CA TYR O 19 44.75 1.66 24.16
C TYR O 19 46.01 1.79 25.01
N HIS O 20 46.16 2.93 25.68
CA HIS O 20 47.38 3.15 26.45
C HIS O 20 47.42 2.26 27.68
N SER O 21 46.25 1.89 28.20
CA SER O 21 46.19 0.96 29.31
C SER O 21 46.76 -0.39 28.92
N GLN O 22 46.47 -0.79 27.69
CA GLN O 22 46.96 -2.09 27.18
C GLN O 22 48.47 -1.99 27.01
N VAL O 23 49.00 -0.84 26.56
CA VAL O 23 50.43 -0.67 26.43
C VAL O 23 51.12 -0.81 27.78
N VAL O 24 50.56 -0.19 28.83
CA VAL O 24 51.22 -0.30 30.12
C VAL O 24 51.31 -1.76 30.57
N GLY O 25 50.22 -2.51 30.41
CA GLY O 25 50.26 -3.91 30.80
C GLY O 25 51.29 -4.69 30.03
N LYS O 26 51.32 -4.53 28.71
CA LYS O 26 52.25 -5.31 27.89
C LYS O 26 53.68 -5.10 28.33
N ILE O 27 54.03 -3.88 28.73
CA ILE O 27 55.39 -3.62 29.21
C ILE O 27 55.66 -4.43 30.47
N GLY O 28 54.74 -4.39 31.42
CA GLY O 28 54.91 -5.19 32.63
C GLY O 28 54.93 -6.68 32.34
N TYR O 29 54.13 -7.12 31.37
CA TYR O 29 54.07 -8.54 31.04
C TYR O 29 55.42 -9.03 30.55
N ILE O 30 56.05 -8.30 29.63
CA ILE O 30 57.35 -8.73 29.13
C ILE O 30 58.35 -8.78 30.26
N ALA O 31 58.33 -7.78 31.14
CA ALA O 31 59.25 -7.79 32.28
C ALA O 31 59.04 -9.03 33.14
N ARG O 32 57.78 -9.40 33.37
CA ARG O 32 57.49 -10.61 34.12
C ARG O 32 57.94 -11.85 33.38
N CYS O 33 57.74 -11.87 32.05
CA CYS O 33 58.15 -13.04 31.27
C CYS O 33 59.66 -13.21 31.30
N MET O 34 60.42 -12.11 31.19
CA MET O 34 61.87 -12.22 31.22
C MET O 34 62.36 -12.69 32.58
N GLN O 35 61.78 -12.18 33.65
CA GLN O 35 62.19 -12.64 34.98
C GLN O 35 61.80 -14.09 35.22
N THR O 36 60.66 -14.52 34.69
CA THR O 36 60.24 -15.91 34.83
C THR O 36 61.08 -16.88 34.02
N ILE O 37 61.39 -16.55 32.77
CA ILE O 37 62.21 -17.44 31.95
C ILE O 37 63.68 -17.40 32.34
N ASP O 38 64.20 -16.26 32.78
CA ASP O 38 65.63 -16.12 33.03
C ASP O 38 65.88 -15.50 34.41
N PRO O 39 65.58 -16.21 35.48
CA PRO O 39 65.74 -15.63 36.83
C PRO O 39 67.12 -15.08 37.12
N GLU O 40 68.17 -15.65 36.52
CA GLU O 40 69.53 -15.22 36.77
C GLU O 40 70.02 -14.18 35.76
N ASN O 41 69.17 -13.74 34.83
CA ASN O 41 69.56 -12.79 33.79
C ASN O 41 70.78 -13.27 32.99
N ASN O 42 70.78 -14.55 32.63
CA ASN O 42 71.88 -15.10 31.83
C ASN O 42 71.73 -14.81 30.34
N LEU O 43 70.51 -14.64 29.84
CA LEU O 43 70.29 -14.47 28.40
C LEU O 43 70.54 -13.01 28.05
N LYS O 44 71.81 -12.61 28.07
CA LYS O 44 72.15 -11.21 27.90
C LYS O 44 71.70 -10.70 26.54
N LYS O 45 71.84 -11.52 25.51
CA LYS O 45 71.50 -11.10 24.16
C LYS O 45 70.03 -10.74 24.04
N ILE O 46 69.15 -11.51 24.67
CA ILE O 46 67.71 -11.25 24.57
C ILE O 46 67.32 -10.08 25.47
N ARG O 47 67.84 -10.05 26.70
CA ARG O 47 67.55 -8.92 27.57
C ARG O 47 67.91 -7.59 26.93
N GLU O 48 69.03 -7.52 26.22
CA GLU O 48 69.35 -6.31 25.48
C GLU O 48 68.32 -6.07 24.38
N ASP O 49 67.84 -7.15 23.75
CA ASP O 49 66.89 -7.00 22.65
C ASP O 49 65.57 -6.40 23.13
N TYR O 50 65.28 -6.51 24.43
CA TYR O 50 64.11 -5.89 25.04
C TYR O 50 64.48 -4.68 25.89
N GLN O 51 65.70 -4.18 25.76
CA GLN O 51 66.18 -3.16 26.68
C GLN O 51 65.27 -1.94 26.70
N ASP O 52 64.74 -1.56 25.53
CA ASP O 52 63.86 -0.40 25.46
C ASP O 52 62.52 -0.63 26.14
N VAL O 53 62.18 -1.88 26.46
CA VAL O 53 60.98 -2.17 27.23
C VAL O 53 61.34 -2.37 28.69
N LEU O 54 62.41 -3.14 28.94
CA LEU O 54 62.78 -3.46 30.32
C LEU O 54 63.29 -2.24 31.08
N ILE O 55 63.79 -1.24 30.35
CA ILE O 55 64.22 0.03 31.01
C ILE O 55 63.02 0.67 31.73
N TRP O 56 61.80 0.34 31.31
CA TRP O 56 60.59 0.91 31.94
C TRP O 56 60.05 -0.06 33.01
N ALA O 57 60.81 -1.10 33.31
CA ALA O 57 60.33 -2.12 34.27
C ALA O 57 61.50 -2.62 35.13
N GLU O 58 61.23 -3.48 36.12
CA GLU O 58 62.32 -3.88 37.06
C GLU O 58 62.81 -2.63 37.79
N LYS O 59 61.97 -1.59 37.87
CA LYS O 59 62.34 -0.31 38.54
C LYS O 59 61.10 0.15 39.31
N ASN O 60 61.29 1.08 40.25
CA ASN O 60 60.15 1.52 41.11
C ASN O 60 59.29 2.51 40.33
N TYR O 61 58.60 2.04 39.28
CA TYR O 61 57.66 2.92 38.56
C TYR O 61 56.25 2.65 39.07
N ARG O 62 55.40 3.67 39.13
CA ARG O 62 53.96 3.47 39.42
C ARG O 62 53.22 3.20 38.11
N PHE O 63 52.05 2.55 38.18
CA PHE O 63 51.29 2.24 36.94
C PHE O 63 51.00 3.56 36.21
N GLU O 64 50.56 4.58 36.95
CA GLU O 64 50.15 5.85 36.31
C GLU O 64 51.37 6.46 35.61
N GLU O 65 52.56 6.35 36.21
CA GLU O 65 53.78 6.96 35.63
C GLU O 65 54.12 6.31 34.28
N ILE O 66 53.96 4.99 34.18
CA ILE O 66 54.17 4.31 32.87
C ILE O 66 53.07 4.71 31.89
N LEU O 67 51.84 4.87 32.39
CA LEU O 67 50.71 5.28 31.53
C LEU O 67 51.06 6.64 30.96
N GLU O 68 51.59 7.52 31.81
CA GLU O 68 51.98 8.84 31.29
C GLU O 68 53.04 8.69 30.22
N ALA O 69 54.04 7.84 30.47
CA ALA O 69 55.11 7.63 29.50
C ALA O 69 54.56 7.20 28.15
N SER O 70 53.51 6.38 28.13
CA SER O 70 52.90 5.98 26.87
C SER O 70 52.28 7.17 26.17
N LYS O 71 51.43 7.92 26.88
CA LYS O 71 50.74 9.04 26.26
C LYS O 71 51.72 10.09 25.76
N SER O 72 52.82 10.29 26.47
CA SER O 72 53.81 11.30 26.11
C SER O 72 54.80 10.81 25.08
N GLY O 73 54.71 9.55 24.65
CA GLY O 73 55.64 9.00 23.69
C GLY O 73 57.02 8.72 24.23
N LYS O 74 57.18 8.43 25.51
CA LYS O 74 58.49 8.21 26.10
C LYS O 74 58.86 6.73 26.19
N CYS O 75 58.01 5.83 25.71
CA CYS O 75 58.21 4.40 25.78
C CYS O 75 57.63 3.75 24.52
N PRO O 76 57.93 2.48 24.29
CA PRO O 76 57.41 1.85 23.07
C PRO O 76 55.89 1.73 23.09
N ASN O 77 55.22 2.80 22.67
CA ASN O 77 53.77 2.89 22.70
C ASN O 77 53.09 2.39 21.44
N ASP O 78 53.80 1.67 20.57
CA ASP O 78 53.16 1.05 19.42
C ASP O 78 52.63 -0.32 19.84
N LEU O 79 51.33 -0.40 20.14
CA LEU O 79 50.77 -1.61 20.73
C LEU O 79 50.87 -2.83 19.83
N ASP O 80 50.72 -2.63 18.51
CA ASP O 80 50.76 -3.79 17.57
C ASP O 80 52.19 -4.30 17.48
N ALA O 81 53.16 -3.39 17.38
CA ALA O 81 54.58 -3.78 17.34
C ALA O 81 54.97 -4.36 18.69
N LEU O 82 54.44 -3.80 19.77
CA LEU O 82 54.80 -4.28 21.13
C LEU O 82 54.19 -5.67 21.32
N SER O 83 52.97 -5.89 20.81
CA SER O 83 52.33 -7.21 20.91
C SER O 83 53.20 -8.28 20.25
N ARG O 84 53.66 -8.03 19.03
CA ARG O 84 54.48 -9.05 18.33
C ARG O 84 55.72 -9.33 19.18
N ARG O 85 56.34 -8.28 19.70
CA ARG O 85 57.59 -8.45 20.46
C ARG O 85 57.30 -9.28 21.71
N SER O 86 56.11 -9.12 22.30
CA SER O 86 55.73 -9.93 23.49
C SER O 86 55.51 -11.38 23.07
N LEU O 87 54.76 -11.62 21.99
CA LEU O 87 54.38 -13.00 21.62
C LEU O 87 55.64 -13.84 21.37
N ILE O 88 56.64 -13.29 20.69
CA ILE O 88 57.85 -14.09 20.32
C ILE O 88 58.62 -14.49 21.59
N LEU O 89 58.22 -13.93 22.73
CA LEU O 89 58.72 -14.24 24.06
C LEU O 89 57.77 -15.15 24.82
N GLN O 90 56.46 -14.90 24.75
CA GLN O 90 55.51 -15.78 25.40
C GLN O 90 55.64 -17.20 24.87
N GLU O 91 55.81 -17.35 23.57
CA GLU O 91 55.98 -18.70 23.02
C GLU O 91 57.28 -19.32 23.50
N LEU O 92 58.33 -18.52 23.66
CA LEU O 92 59.57 -19.07 24.21
C LEU O 92 59.38 -19.47 25.68
N LEU O 93 58.58 -18.72 26.43
CA LEU O 93 58.36 -19.03 27.84
C LEU O 93 57.69 -20.38 27.99
N ARG O 94 56.62 -20.63 27.23
CA ARG O 94 55.92 -21.90 27.35
C ARG O 94 56.76 -23.04 26.80
N LEU O 95 57.61 -22.75 25.82
CA LEU O 95 58.53 -23.75 25.31
C LEU O 95 59.47 -24.23 26.41
N VAL O 96 60.03 -23.30 27.19
CA VAL O 96 60.93 -23.70 28.26
C VAL O 96 60.15 -24.28 29.44
N SER O 97 59.08 -23.62 29.87
CA SER O 97 58.32 -24.11 31.02
C SER O 97 57.64 -25.44 30.77
N SER O 98 57.22 -25.73 29.54
CA SER O 98 56.49 -26.97 29.30
C SER O 98 57.40 -28.19 29.40
N ILE O 99 58.71 -27.98 29.48
CA ILE O 99 59.68 -29.07 29.56
C ILE O 99 60.45 -28.96 30.86
N SER O 100 59.90 -28.23 31.82
CA SER O 100 60.57 -27.87 33.08
C SER O 100 61.62 -28.86 33.55
N PRO O 101 61.38 -30.17 33.67
CA PRO O 101 62.41 -31.06 34.20
C PRO O 101 63.68 -31.11 33.37
N PHE O 102 63.64 -30.73 32.10
CA PHE O 102 64.81 -30.80 31.25
C PHE O 102 65.14 -29.43 30.69
N LYS O 103 66.18 -28.80 31.21
CA LYS O 103 66.51 -27.45 30.84
C LYS O 103 67.24 -27.44 29.51
N MET O 104 67.01 -26.39 28.73
CA MET O 104 67.78 -26.13 27.53
C MET O 104 69.10 -25.47 27.89
N LYS O 105 70.11 -25.71 27.06
CA LYS O 105 71.33 -24.93 27.12
C LYS O 105 71.05 -23.50 26.71
N LEU O 106 71.78 -22.56 27.28
CA LEU O 106 71.55 -21.14 26.98
C LEU O 106 71.72 -20.87 25.49
N ASP O 107 72.67 -21.57 24.85
CA ASP O 107 72.87 -21.37 23.42
C ASP O 107 71.65 -21.81 22.63
N LEU O 108 70.96 -22.87 23.06
CA LEU O 108 69.77 -23.31 22.36
C LEU O 108 68.62 -22.35 22.55
N ILE O 109 68.47 -21.80 23.76
CA ILE O 109 67.38 -20.88 24.04
C ILE O 109 67.48 -19.64 23.16
N GLU O 110 68.69 -19.07 23.06
CA GLU O 110 68.87 -17.91 22.20
C GLU O 110 68.66 -18.26 20.73
N SER O 111 69.08 -19.46 20.32
CA SER O 111 68.83 -19.90 18.95
C SER O 111 67.34 -20.01 18.67
N GLN O 112 66.59 -20.61 19.59
CA GLN O 112 65.15 -20.72 19.40
C GLN O 112 64.49 -19.35 19.36
N TYR O 113 64.98 -18.42 20.18
CA TYR O 113 64.44 -17.06 20.15
C TYR O 113 64.55 -16.46 18.75
N GLU O 114 65.75 -16.53 18.16
CA GLU O 114 65.94 -15.95 16.84
C GLU O 114 65.11 -16.67 15.78
N LYS O 115 65.03 -18.00 15.89
CA LYS O 115 64.30 -18.77 14.88
C LYS O 115 62.82 -18.37 14.86
N MET O 116 62.25 -18.08 16.02
CA MET O 116 60.85 -17.65 16.06
C MET O 116 60.74 -16.18 15.71
N LYS O 117 61.63 -15.35 16.25
CA LYS O 117 61.55 -13.91 16.00
C LYS O 117 61.59 -13.60 14.52
N GLN O 118 62.40 -14.35 13.76
CA GLN O 118 62.59 -14.06 12.34
C GLN O 118 61.46 -14.61 11.49
N HIS O 119 60.49 -15.30 12.09
CA HIS O 119 59.39 -15.87 11.33
C HIS O 119 58.39 -14.80 10.92
N VAL O 120 57.86 -14.94 9.70
CA VAL O 120 56.96 -13.93 9.17
C VAL O 120 55.67 -13.85 9.98
N ASN O 121 55.22 -14.98 10.54
CA ASN O 121 53.99 -15.02 11.34
C ASN O 121 54.13 -16.18 12.32
N LEU O 122 54.59 -15.87 13.53
CA LEU O 122 54.85 -16.92 14.51
C LEU O 122 53.57 -17.64 14.92
N TRP O 123 52.48 -16.90 15.12
CA TRP O 123 51.28 -17.51 15.67
C TRP O 123 50.80 -18.68 14.82
N LYS O 124 50.79 -18.52 13.50
CA LYS O 124 50.26 -19.52 12.60
C LYS O 124 51.32 -20.52 12.15
N SER O 125 52.53 -20.42 12.67
CA SER O 125 53.61 -21.30 12.24
C SER O 125 53.48 -22.67 12.91
N ASP O 126 54.25 -23.62 12.39
CA ASP O 126 54.40 -24.92 13.04
C ASP O 126 54.96 -24.81 14.45
N TYR O 127 55.71 -23.74 14.76
CA TYR O 127 56.19 -23.56 16.12
C TYR O 127 55.05 -23.58 17.11
N HIS O 128 53.98 -22.84 16.80
CA HIS O 128 52.83 -22.78 17.70
C HIS O 128 52.11 -24.11 17.78
N VAL O 129 51.95 -24.80 16.65
CA VAL O 129 51.23 -26.07 16.66
C VAL O 129 51.97 -27.09 17.53
N LYS O 130 53.29 -27.17 17.41
CA LYS O 130 54.04 -28.10 18.22
C LYS O 130 53.89 -27.77 19.71
N LEU O 131 53.90 -26.48 20.06
CA LEU O 131 53.74 -26.11 21.46
C LEU O 131 52.36 -26.50 21.97
N ASN O 132 51.33 -26.32 21.14
CA ASN O 132 49.99 -26.69 21.55
C ASN O 132 49.89 -28.19 21.80
N GLN O 133 50.54 -29.00 20.96
CA GLN O 133 50.52 -30.44 21.18
C GLN O 133 51.26 -30.82 22.47
N LEU O 134 52.39 -30.16 22.71
CA LEU O 134 53.15 -30.44 23.93
C LEU O 134 52.33 -30.09 25.18
N ASN O 135 51.68 -28.93 25.17
CA ASN O 135 50.92 -28.53 26.34
C ASN O 135 49.70 -29.41 26.53
N GLN O 136 49.09 -29.92 25.47
CA GLN O 136 48.00 -30.88 25.62
C GLN O 136 48.49 -32.11 26.36
N LEU O 137 49.72 -32.52 26.06
CA LEU O 137 50.25 -33.73 26.71
C LEU O 137 50.63 -33.45 28.15
N THR O 138 51.31 -32.33 28.40
CA THR O 138 51.78 -32.07 29.76
C THR O 138 50.67 -31.56 30.68
N ASP O 139 49.65 -30.93 30.11
CA ASP O 139 48.52 -30.47 30.92
C ASP O 139 47.67 -31.65 31.38
N TYR O 140 47.39 -32.59 30.48
CA TYR O 140 46.62 -33.76 30.89
C TYR O 140 47.27 -34.43 32.10
N LEU O 141 48.58 -34.65 32.03
CA LEU O 141 49.23 -35.41 33.10
C LEU O 141 49.36 -34.66 34.41
N LYS O 142 48.92 -33.40 34.47
CA LYS O 142 49.02 -32.66 35.74
C LYS O 142 48.23 -33.34 36.84
N ASN O 143 47.13 -34.00 36.49
CA ASN O 143 46.29 -34.68 37.47
C ASN O 143 45.67 -35.90 36.82
N ALA O 144 46.28 -37.06 37.02
CA ALA O 144 45.84 -38.27 36.36
C ALA O 144 46.11 -39.46 37.26
N ALA O 145 45.20 -40.43 37.22
CA ALA O 145 45.34 -41.67 37.98
C ALA O 145 46.47 -42.53 37.40
N PRO O 146 47.11 -43.35 38.23
CA PRO O 146 48.21 -44.18 37.72
C PRO O 146 47.70 -45.41 37.00
N THR O 147 47.04 -45.20 35.87
CA THR O 147 46.51 -46.23 35.01
C THR O 147 47.55 -46.67 33.99
N PRO O 148 47.39 -47.86 33.41
CA PRO O 148 48.31 -48.26 32.33
C PRO O 148 48.53 -47.16 31.30
N LYS O 149 47.45 -46.59 30.77
CA LYS O 149 47.58 -45.50 29.81
C LYS O 149 48.37 -44.35 30.40
N ASN O 150 48.04 -43.94 31.63
CA ASN O 150 48.64 -42.74 32.19
C ASN O 150 50.11 -42.95 32.51
N ASN O 151 50.50 -44.16 32.91
CA ASN O 151 51.92 -44.43 33.13
C ASN O 151 52.68 -44.54 31.81
N PHE O 152 52.03 -45.05 30.77
CA PHE O 152 52.69 -45.15 29.48
C PHE O 152 52.85 -43.78 28.85
N LEU O 153 51.79 -42.96 28.92
CA LEU O 153 51.88 -41.61 28.36
C LEU O 153 52.89 -40.76 29.10
N ARG O 154 52.94 -40.88 30.43
CA ARG O 154 53.91 -40.12 31.20
C ARG O 154 55.33 -40.46 30.78
N ALA O 155 55.61 -41.75 30.62
CA ALA O 155 56.97 -42.15 30.24
C ALA O 155 57.37 -41.56 28.90
N MET O 156 56.47 -41.62 27.93
CA MET O 156 56.76 -41.06 26.61
C MET O 156 56.83 -39.54 26.65
N THR O 157 55.99 -38.91 27.47
CA THR O 157 56.06 -37.45 27.56
C THR O 157 57.39 -36.99 28.12
N SER O 158 57.92 -37.66 29.15
CA SER O 158 59.22 -37.24 29.67
C SER O 158 60.29 -37.35 28.60
N VAL O 159 60.20 -38.38 27.76
CA VAL O 159 61.19 -38.49 26.68
C VAL O 159 61.04 -37.30 25.72
N LEU O 160 59.80 -36.96 25.35
CA LEU O 160 59.58 -35.81 24.47
C LEU O 160 60.17 -34.54 25.09
N GLN O 161 59.95 -34.33 26.38
CA GLN O 161 60.50 -33.17 27.06
C GLN O 161 62.03 -33.19 27.01
N MET O 162 62.63 -34.36 27.24
CA MET O 162 64.09 -34.44 27.14
C MET O 162 64.55 -34.11 25.73
N GLN O 163 63.92 -34.72 24.72
CA GLN O 163 64.37 -34.52 23.36
C GLN O 163 64.24 -33.06 22.92
N ILE O 164 63.15 -32.41 23.32
CA ILE O 164 62.99 -30.99 23.00
C ILE O 164 64.07 -30.16 23.68
N ALA O 165 64.36 -30.47 24.96
CA ALA O 165 65.42 -29.77 25.66
C ALA O 165 66.75 -29.88 24.94
N GLN O 166 67.00 -30.98 24.26
CA GLN O 166 68.26 -31.12 23.54
C GLN O 166 68.24 -30.44 22.17
N TYR O 167 67.16 -30.62 21.41
CA TYR O 167 67.14 -30.19 20.02
C TYR O 167 66.34 -28.91 19.79
N GLY O 168 65.39 -28.59 20.65
CA GLY O 168 64.47 -27.51 20.37
C GLY O 168 63.34 -27.91 19.44
N ILE O 169 62.59 -26.92 18.94
CA ILE O 169 61.47 -27.19 18.05
C ILE O 169 61.61 -26.55 16.68
N THR O 170 62.80 -26.11 16.29
CA THR O 170 62.98 -25.50 14.98
C THR O 170 63.26 -26.55 13.90
N GLU O 171 63.95 -27.63 14.27
CA GLU O 171 64.28 -28.68 13.33
C GLU O 171 63.30 -29.84 13.44
N ASP O 172 62.85 -30.35 12.28
CA ASP O 172 61.90 -31.45 12.22
C ASP O 172 62.62 -32.78 12.46
N ASN O 173 63.17 -32.91 13.67
CA ASN O 173 63.89 -34.12 14.03
C ASN O 173 62.92 -35.29 14.16
N GLU O 174 63.26 -36.41 13.52
CA GLU O 174 62.39 -37.58 13.56
C GLU O 174 62.10 -38.03 14.99
N GLY O 175 63.06 -37.82 15.89
CA GLY O 175 62.85 -38.25 17.27
C GLY O 175 61.64 -37.59 17.90
N ILE O 176 61.64 -36.25 17.91
CA ILE O 176 60.53 -35.50 18.52
C ILE O 176 59.25 -35.69 17.72
N ASN O 177 59.37 -35.86 16.40
CA ASN O 177 58.17 -36.07 15.61
C ASN O 177 57.48 -37.37 15.98
N GLN O 178 58.22 -38.47 16.17
CA GLN O 178 57.60 -39.72 16.55
C GLN O 178 56.95 -39.62 17.93
N LEU O 179 57.64 -38.96 18.87
CA LEU O 179 57.08 -38.86 20.20
C LEU O 179 55.80 -38.04 20.19
N PHE O 180 55.74 -36.97 19.39
CA PHE O 180 54.51 -36.20 19.26
C PHE O 180 53.37 -37.06 18.75
N LYS O 181 53.62 -37.81 17.67
CA LYS O 181 52.56 -38.64 17.09
C LYS O 181 52.12 -39.70 18.08
N LEU O 182 53.07 -40.39 18.71
CA LEU O 182 52.70 -41.50 19.58
C LEU O 182 52.05 -40.99 20.87
N GLY O 183 52.57 -39.91 21.43
CA GLY O 183 51.99 -39.35 22.64
C GLY O 183 50.57 -38.85 22.42
N LEU O 184 50.38 -38.06 21.37
CA LEU O 184 49.05 -37.51 21.11
C LEU O 184 48.07 -38.62 20.73
N HIS O 185 48.53 -39.63 20.00
CA HIS O 185 47.65 -40.74 19.66
C HIS O 185 47.20 -41.50 20.91
N LEU O 186 48.13 -41.84 21.80
CA LEU O 186 47.75 -42.56 23.00
C LEU O 186 46.79 -41.74 23.86
N LEU O 187 47.02 -40.44 23.97
CA LEU O 187 46.13 -39.60 24.77
C LEU O 187 44.71 -39.61 24.21
N ALA O 188 44.56 -39.51 22.89
CA ALA O 188 43.24 -39.61 22.28
C ALA O 188 42.64 -41.00 22.46
N MET O 189 43.48 -42.04 22.48
CA MET O 189 43.00 -43.41 22.57
C MET O 189 42.06 -43.59 23.76
N ALA O 190 40.95 -44.27 23.50
CA ALA O 190 39.94 -44.51 24.53
C ALA O 190 40.55 -45.19 25.74
N ASN O 191 40.15 -44.70 26.92
CA ASN O 191 40.72 -45.15 28.18
C ASN O 191 40.50 -46.63 28.45
N GLU O 192 39.39 -47.20 27.98
CA GLU O 192 39.07 -48.59 28.26
C GLU O 192 39.78 -49.57 27.34
N LYS O 193 40.34 -49.12 26.22
CA LYS O 193 40.89 -50.01 25.21
C LYS O 193 42.34 -50.28 25.57
N ILE O 194 42.53 -51.08 26.62
CA ILE O 194 43.87 -51.29 27.15
C ILE O 194 44.74 -52.12 26.21
N ASP O 195 44.17 -53.07 25.48
CA ASP O 195 44.96 -53.91 24.58
C ASP O 195 45.69 -53.09 23.53
N GLU O 196 45.01 -52.09 22.97
CA GLU O 196 45.71 -51.18 22.07
C GLU O 196 46.71 -50.30 22.82
N GLN O 197 46.42 -49.93 24.06
CA GLN O 197 47.35 -49.10 24.81
C GLN O 197 48.70 -49.81 24.98
N TYR O 198 48.65 -51.10 25.31
CA TYR O 198 49.87 -51.88 25.45
C TYR O 198 50.53 -52.11 24.10
N HIS O 199 49.72 -52.34 23.06
CA HIS O 199 50.27 -52.46 21.72
C HIS O 199 50.98 -51.19 21.28
N LEU O 200 50.34 -50.04 21.48
CA LEU O 200 50.96 -48.78 21.10
C LEU O 200 52.23 -48.53 21.91
N PHE O 201 52.17 -48.72 23.22
CA PHE O 201 53.36 -48.47 24.02
C PHE O 201 54.49 -49.41 23.63
N LYS O 202 54.21 -50.72 23.53
CA LYS O 202 55.25 -51.67 23.18
C LYS O 202 55.83 -51.37 21.81
N GLY O 203 54.97 -51.00 20.86
CA GLY O 203 55.46 -50.67 19.52
C GLY O 203 56.44 -49.52 19.54
N TYR O 204 56.14 -48.49 20.32
CA TYR O 204 57.08 -47.38 20.49
C TYR O 204 58.39 -47.89 21.08
N VAL O 205 58.32 -48.58 22.23
CA VAL O 205 59.54 -48.90 22.97
C VAL O 205 60.49 -49.74 22.13
N LYS O 206 59.98 -50.67 21.33
CA LYS O 206 60.83 -51.54 20.54
C LYS O 206 61.13 -50.97 19.15
N ASP O 207 60.80 -49.71 18.90
CA ASP O 207 61.20 -49.03 17.68
C ASP O 207 62.36 -48.07 17.92
N GLN O 208 62.60 -47.67 19.16
CA GLN O 208 63.62 -46.71 19.49
C GLN O 208 64.98 -47.36 19.34
N PRO O 209 66.00 -46.60 18.93
CA PRO O 209 67.33 -47.21 18.79
C PRO O 209 68.02 -47.49 20.12
N GLU O 210 67.53 -46.91 21.22
CA GLU O 210 68.21 -47.05 22.50
C GLU O 210 67.88 -48.40 23.13
N GLU O 211 68.87 -48.95 23.83
CA GLU O 211 68.64 -50.17 24.61
C GLU O 211 67.64 -49.93 25.74
N SER O 212 67.69 -48.74 26.35
CA SER O 212 66.76 -48.37 27.44
C SER O 212 66.37 -46.91 27.24
N PRO O 213 65.33 -46.65 26.45
CA PRO O 213 64.99 -45.27 26.12
C PRO O 213 64.63 -44.39 27.31
N PHE O 214 64.28 -45.02 28.44
CA PHE O 214 63.80 -44.27 29.59
C PHE O 214 64.87 -44.14 30.66
N GLU O 215 66.07 -44.65 30.40
CA GLU O 215 67.14 -44.64 31.38
C GLU O 215 67.64 -43.22 31.56
N GLY O 216 67.50 -42.68 32.77
CA GLY O 216 67.83 -41.29 33.01
C GLY O 216 66.75 -40.30 32.67
N ILE O 217 65.60 -40.75 32.17
CA ILE O 217 64.53 -39.83 31.81
C ILE O 217 63.50 -39.76 32.93
N LEU O 218 63.13 -40.90 33.45
CA LEU O 218 62.18 -41.00 34.53
C LEU O 218 62.82 -41.69 35.71
N PRO O 219 62.35 -41.45 36.94
CA PRO O 219 63.01 -42.03 38.11
C PRO O 219 62.83 -43.53 38.25
N ALA O 220 63.67 -44.16 39.08
CA ALA O 220 63.60 -45.61 39.24
C ALA O 220 62.23 -46.05 39.72
N GLU O 221 61.59 -45.26 40.58
CA GLU O 221 60.26 -45.62 41.07
C GLU O 221 59.24 -45.66 39.94
N ASP O 222 59.30 -44.71 39.01
CA ASP O 222 58.42 -44.80 37.85
C ASP O 222 58.82 -45.94 36.93
N GLN O 223 60.12 -46.26 36.85
CA GLN O 223 60.53 -47.40 36.02
C GLN O 223 59.99 -48.70 36.60
N LYS O 224 59.98 -48.81 37.93
CA LYS O 224 59.45 -50.00 38.57
C LYS O 224 57.96 -50.17 38.29
N ILE O 225 57.19 -49.09 38.39
CA ILE O 225 55.78 -49.21 38.05
C ILE O 225 55.63 -49.42 36.53
N LEU O 226 56.42 -48.72 35.73
CA LEU O 226 56.29 -48.83 34.27
C LEU O 226 56.51 -50.27 33.82
N VAL O 227 57.56 -50.92 34.35
CA VAL O 227 57.83 -52.29 33.92
C VAL O 227 56.84 -53.25 34.54
N LYS O 228 56.43 -53.02 35.79
CA LYS O 228 55.44 -53.88 36.42
C LYS O 228 54.12 -53.85 35.66
N THR O 229 53.74 -52.69 35.14
CA THR O 229 52.49 -52.60 34.39
C THR O 229 52.49 -53.57 33.21
N MET O 230 53.58 -53.60 32.45
CA MET O 230 53.66 -54.52 31.32
C MET O 230 53.73 -55.97 31.80
N ILE O 231 54.43 -56.21 32.91
CA ILE O 231 54.57 -57.56 33.43
C ILE O 231 53.22 -58.12 33.85
N ASP O 232 52.43 -57.30 34.57
CA ASP O 232 51.11 -57.73 34.99
C ASP O 232 50.20 -57.99 33.79
N TYR O 233 50.22 -57.09 32.81
CA TYR O 233 49.38 -57.30 31.64
C TYR O 233 49.72 -58.62 30.95
N ALA O 234 51.00 -58.94 30.79
CA ALA O 234 51.38 -60.17 30.10
C ALA O 234 51.31 -61.40 30.99
N MET O 235 50.91 -61.26 32.25
CA MET O 235 50.93 -62.39 33.18
C MET O 235 49.91 -63.46 32.77
N PRO O 236 48.64 -63.10 32.49
CA PRO O 236 47.70 -64.19 32.20
C PRO O 236 47.67 -64.57 30.72
N GLY P 13 -10.45 36.44 -23.06
CA GLY P 13 -9.55 36.21 -21.96
C GLY P 13 -9.13 37.47 -21.25
N LEU P 14 -9.80 38.58 -21.56
CA LEU P 14 -9.51 39.87 -20.98
C LEU P 14 -10.55 40.21 -19.92
N THR P 15 -10.17 41.08 -18.98
CA THR P 15 -11.11 41.66 -18.04
C THR P 15 -11.91 42.76 -18.74
N SER P 16 -12.97 43.21 -18.07
CA SER P 16 -13.83 44.27 -18.60
C SER P 16 -13.05 45.56 -18.82
N GLU P 17 -12.09 45.84 -17.93
CA GLU P 17 -11.25 47.03 -18.11
C GLU P 17 -10.27 46.84 -19.26
N GLN P 18 -9.66 45.65 -19.36
CA GLN P 18 -8.74 45.39 -20.46
C GLN P 18 -9.45 45.40 -21.80
N TYR P 19 -10.66 44.84 -21.87
CA TYR P 19 -11.38 44.78 -23.13
C TYR P 19 -11.61 46.17 -23.69
N HIS P 20 -12.16 47.07 -22.88
CA HIS P 20 -12.45 48.41 -23.38
C HIS P 20 -11.17 49.21 -23.60
N SER P 21 -10.13 48.93 -22.82
CA SER P 21 -8.86 49.60 -23.07
C SER P 21 -8.32 49.26 -24.46
N GLN P 22 -8.41 47.99 -24.84
CA GLN P 22 -7.95 47.60 -26.17
C GLN P 22 -8.77 48.28 -27.26
N VAL P 23 -10.06 48.46 -27.03
CA VAL P 23 -10.86 49.19 -28.01
C VAL P 23 -10.38 50.63 -28.14
N VAL P 24 -10.07 51.29 -27.02
CA VAL P 24 -9.64 52.68 -27.15
C VAL P 24 -8.37 52.77 -27.98
N GLY P 25 -7.41 51.87 -27.73
CA GLY P 25 -6.18 51.92 -28.50
C GLY P 25 -6.42 51.76 -29.98
N LYS P 26 -7.17 50.73 -30.35
CA LYS P 26 -7.35 50.44 -31.77
C LYS P 26 -8.02 51.59 -32.50
N ILE P 27 -8.93 52.29 -31.83
CA ILE P 27 -9.59 53.43 -32.46
C ILE P 27 -8.56 54.52 -32.77
N GLY P 28 -7.72 54.85 -31.79
CA GLY P 28 -6.65 55.81 -32.05
C GLY P 28 -5.66 55.31 -33.09
N TYR P 29 -5.41 54.00 -33.11
CA TYR P 29 -4.47 53.43 -34.07
C TYR P 29 -4.92 53.68 -35.49
N ILE P 30 -6.20 53.41 -35.78
CA ILE P 30 -6.71 53.63 -37.14
C ILE P 30 -6.56 55.09 -37.52
N ALA P 31 -6.87 56.00 -36.60
CA ALA P 31 -6.73 57.42 -36.89
C ALA P 31 -5.30 57.76 -37.28
N ARG P 32 -4.33 57.20 -36.57
CA ARG P 32 -2.93 57.42 -36.91
C ARG P 32 -2.55 56.77 -38.24
N CYS P 33 -3.04 55.55 -38.49
CA CYS P 33 -2.76 54.93 -39.77
C CYS P 33 -3.40 55.70 -40.91
N MET P 34 -4.59 56.25 -40.69
CA MET P 34 -5.26 57.01 -41.74
C MET P 34 -4.48 58.27 -42.09
N GLN P 35 -4.02 59.01 -41.08
CA GLN P 35 -3.22 60.20 -41.35
C GLN P 35 -1.88 59.83 -41.95
N THR P 36 -1.30 58.71 -41.51
CA THR P 36 -0.05 58.24 -42.09
C THR P 36 -0.17 57.75 -43.52
N ILE P 37 -1.22 56.99 -43.86
CA ILE P 37 -1.32 56.52 -45.25
C ILE P 37 -1.79 57.64 -46.16
N ASP P 38 -2.67 58.52 -45.66
CA ASP P 38 -3.34 59.52 -46.49
C ASP P 38 -3.28 60.85 -45.76
N PRO P 39 -2.08 61.42 -45.59
CA PRO P 39 -1.97 62.68 -44.85
C PRO P 39 -2.66 63.84 -45.53
N GLU P 40 -2.94 63.76 -46.84
CA GLU P 40 -3.62 64.82 -47.56
C GLU P 40 -5.12 64.59 -47.71
N ASN P 41 -5.67 63.53 -47.13
CA ASN P 41 -7.09 63.19 -47.21
C ASN P 41 -7.54 63.11 -48.67
N ASN P 42 -6.72 62.43 -49.47
CA ASN P 42 -7.03 62.21 -50.87
C ASN P 42 -7.92 61.00 -51.10
N LEU P 43 -7.93 60.04 -50.18
CA LEU P 43 -8.69 58.80 -50.34
C LEU P 43 -10.03 58.99 -49.65
N LYS P 44 -10.99 59.56 -50.40
CA LYS P 44 -12.27 59.92 -49.79
C LYS P 44 -13.08 58.70 -49.40
N LYS P 45 -13.09 57.67 -50.24
CA LYS P 45 -13.83 56.46 -49.88
C LYS P 45 -13.20 55.76 -48.68
N ILE P 46 -11.87 55.79 -48.59
CA ILE P 46 -11.21 55.08 -47.51
C ILE P 46 -11.51 55.75 -46.17
N ARG P 47 -11.47 57.08 -46.14
CA ARG P 47 -11.81 57.80 -44.91
C ARG P 47 -13.27 57.59 -44.51
N GLU P 48 -14.20 57.67 -45.45
CA GLU P 48 -15.60 57.46 -45.11
C GLU P 48 -15.86 56.06 -44.54
N ASP P 49 -15.17 55.04 -45.06
CA ASP P 49 -15.43 53.69 -44.59
C ASP P 49 -14.98 53.49 -43.16
N TYR P 50 -14.24 54.45 -42.61
CA TYR P 50 -13.81 54.41 -41.22
C TYR P 50 -14.30 55.60 -40.41
N GLN P 51 -15.31 56.32 -40.91
CA GLN P 51 -15.74 57.55 -40.26
C GLN P 51 -16.17 57.30 -38.82
N ASP P 52 -16.72 56.12 -38.54
CA ASP P 52 -17.28 55.85 -37.22
C ASP P 52 -16.20 55.77 -36.15
N VAL P 53 -14.93 55.63 -36.54
CA VAL P 53 -13.84 55.64 -35.58
C VAL P 53 -13.02 56.91 -35.72
N LEU P 54 -12.98 57.45 -36.93
CA LEU P 54 -12.19 58.69 -37.18
C LEU P 54 -12.85 59.84 -36.43
N ILE P 55 -14.17 59.80 -36.28
CA ILE P 55 -14.91 60.89 -35.56
C ILE P 55 -14.38 61.00 -34.13
N TRP P 56 -13.77 59.93 -33.62
CA TRP P 56 -13.28 59.88 -32.22
C TRP P 56 -11.81 60.29 -32.16
N ALA P 57 -11.28 60.81 -33.27
CA ALA P 57 -9.90 61.34 -33.35
C ALA P 57 -9.94 62.70 -34.04
N GLU P 58 -8.78 63.34 -34.22
CA GLU P 58 -8.70 64.65 -34.92
C GLU P 58 -9.41 65.72 -34.08
N LYS P 59 -9.63 65.38 -32.81
CA LYS P 59 -10.25 66.23 -31.76
C LYS P 59 -9.64 65.80 -30.43
N ASN P 60 -9.65 66.66 -29.42
CA ASN P 60 -9.12 66.24 -28.10
C ASN P 60 -10.25 65.65 -27.26
N TYR P 61 -10.38 64.33 -27.25
CA TYR P 61 -11.40 63.69 -26.38
C TYR P 61 -10.76 63.33 -25.03
N ARG P 62 -9.44 63.06 -25.02
CA ARG P 62 -8.73 62.54 -23.81
C ARG P 62 -8.93 61.03 -23.72
N PHE P 63 -7.91 60.28 -23.30
CA PHE P 63 -8.07 58.80 -23.30
C PHE P 63 -9.28 58.44 -22.47
N GLU P 64 -9.43 59.07 -21.30
CA GLU P 64 -10.47 58.57 -20.39
C GLU P 64 -11.86 58.73 -20.98
N GLU P 65 -12.09 59.80 -21.75
CA GLU P 65 -13.47 60.07 -22.24
C GLU P 65 -13.86 59.00 -23.26
N ILE P 66 -12.94 58.64 -24.15
CA ILE P 66 -13.23 57.57 -25.16
C ILE P 66 -13.42 56.23 -24.42
N LEU P 67 -12.64 55.98 -23.37
CA LEU P 67 -12.84 54.75 -22.60
C LEU P 67 -14.25 54.68 -22.03
N GLU P 68 -14.75 55.79 -21.48
CA GLU P 68 -16.12 55.83 -20.98
C GLU P 68 -17.12 55.71 -22.12
N ALA P 69 -16.83 56.39 -23.24
CA ALA P 69 -17.74 56.27 -24.41
C ALA P 69 -17.80 54.82 -24.88
N SER P 70 -16.68 54.10 -24.81
CA SER P 70 -16.70 52.67 -25.10
C SER P 70 -17.52 51.90 -24.08
N LYS P 71 -17.27 52.14 -22.78
CA LYS P 71 -18.03 51.42 -21.78
C LYS P 71 -19.53 51.67 -21.87
N SER P 72 -19.94 52.88 -22.26
CA SER P 72 -21.33 53.25 -22.38
C SER P 72 -21.95 52.76 -23.69
N GLY P 73 -21.13 52.18 -24.56
CA GLY P 73 -21.60 51.72 -25.85
C GLY P 73 -21.74 52.77 -26.94
N LYS P 74 -21.10 53.94 -26.78
CA LYS P 74 -21.21 54.97 -27.81
C LYS P 74 -20.18 54.82 -28.92
N CYS P 75 -19.03 54.24 -28.62
CA CYS P 75 -17.99 53.98 -29.59
C CYS P 75 -18.12 52.55 -30.10
N PRO P 76 -17.64 52.26 -31.32
CA PRO P 76 -17.69 50.88 -31.81
C PRO P 76 -16.93 49.92 -30.91
N ASN P 77 -17.63 49.34 -29.94
CA ASN P 77 -17.03 48.55 -28.88
C ASN P 77 -16.99 47.04 -29.18
N ASP P 78 -17.15 46.63 -30.43
CA ASP P 78 -16.97 45.24 -30.81
C ASP P 78 -15.50 45.01 -31.15
N LEU P 79 -14.75 44.46 -30.21
CA LEU P 79 -13.30 44.40 -30.39
C LEU P 79 -12.91 43.52 -31.57
N ASP P 80 -13.64 42.43 -31.82
CA ASP P 80 -13.25 41.53 -32.90
C ASP P 80 -13.55 42.15 -34.27
N ALA P 81 -14.71 42.80 -34.40
CA ALA P 81 -15.02 43.50 -35.64
C ALA P 81 -14.06 44.65 -35.89
N LEU P 82 -13.67 45.35 -34.81
CA LEU P 82 -12.74 46.45 -34.97
C LEU P 82 -11.36 45.95 -35.37
N SER P 83 -10.93 44.83 -34.79
CA SER P 83 -9.67 44.23 -35.18
C SER P 83 -9.67 43.86 -36.66
N ARG P 84 -10.74 43.23 -37.14
CA ARG P 84 -10.80 42.85 -38.54
C ARG P 84 -10.64 44.08 -39.45
N ARG P 85 -11.37 45.14 -39.15
CA ARG P 85 -11.34 46.32 -40.01
C ARG P 85 -9.98 47.01 -39.93
N SER P 86 -9.38 47.03 -38.74
CA SER P 86 -8.08 47.66 -38.58
C SER P 86 -7.02 46.93 -39.40
N LEU P 87 -7.05 45.60 -39.39
CA LEU P 87 -6.04 44.83 -40.09
C LEU P 87 -6.03 45.18 -41.57
N ILE P 88 -7.20 45.31 -42.19
CA ILE P 88 -7.20 45.62 -43.61
C ILE P 88 -6.50 46.95 -43.85
N LEU P 89 -6.74 47.96 -43.01
CA LEU P 89 -6.07 49.24 -43.20
C LEU P 89 -4.57 49.11 -42.99
N GLN P 90 -4.15 48.38 -41.97
CA GLN P 90 -2.73 48.23 -41.69
C GLN P 90 -2.03 47.51 -42.82
N GLU P 91 -2.63 46.45 -43.36
CA GLU P 91 -1.98 45.73 -44.44
C GLU P 91 -1.90 46.59 -45.70
N LEU P 92 -2.93 47.40 -45.96
CA LEU P 92 -2.85 48.33 -47.06
C LEU P 92 -1.75 49.37 -46.82
N LEU P 93 -1.61 49.82 -45.58
CA LEU P 93 -0.52 50.74 -45.26
C LEU P 93 0.84 50.12 -45.51
N ARG P 94 1.01 48.86 -45.13
CA ARG P 94 2.26 48.16 -45.41
C ARG P 94 2.55 48.16 -46.90
N LEU P 95 1.52 47.90 -47.72
CA LEU P 95 1.72 47.95 -49.16
C LEU P 95 2.26 49.30 -49.60
N VAL P 96 1.69 50.38 -49.06
CA VAL P 96 2.12 51.73 -49.44
C VAL P 96 3.49 52.08 -48.86
N SER P 97 3.74 51.76 -47.59
CA SER P 97 4.99 52.16 -46.96
C SER P 97 6.16 51.25 -47.27
N SER P 98 5.91 50.03 -47.74
CA SER P 98 7.00 49.11 -48.03
C SER P 98 7.73 49.48 -49.31
N ILE P 99 7.14 50.44 -50.04
CA ILE P 99 7.66 51.01 -51.33
C ILE P 99 7.81 52.52 -51.10
N SER P 100 8.95 52.96 -50.56
CA SER P 100 9.15 54.42 -50.31
C SER P 100 9.30 55.23 -51.61
N PRO P 101 10.22 54.86 -52.54
CA PRO P 101 10.50 55.67 -53.73
C PRO P 101 9.35 55.77 -54.77
N PHE P 102 8.82 54.61 -55.17
CA PHE P 102 7.86 54.43 -56.28
C PHE P 102 6.47 54.65 -55.71
N LYS P 103 5.68 55.51 -56.34
CA LYS P 103 4.36 55.88 -55.77
C LYS P 103 3.26 55.11 -56.51
N MET P 104 2.25 54.68 -55.75
CA MET P 104 1.09 53.96 -56.28
C MET P 104 -0.04 54.95 -56.55
N LYS P 105 -0.83 54.66 -57.57
CA LYS P 105 -1.94 55.54 -57.94
C LYS P 105 -3.06 55.43 -56.93
N LEU P 106 -3.82 56.52 -56.78
CA LEU P 106 -4.91 56.55 -55.81
C LEU P 106 -5.99 55.52 -56.14
N ASP P 107 -6.22 55.26 -57.43
CA ASP P 107 -7.27 54.30 -57.79
C ASP P 107 -6.83 52.87 -57.45
N LEU P 108 -5.55 52.57 -57.69
CA LEU P 108 -5.03 51.27 -57.29
C LEU P 108 -5.13 51.06 -55.79
N ILE P 109 -4.93 52.12 -55.00
CA ILE P 109 -5.02 51.95 -53.56
C ILE P 109 -6.46 51.62 -53.16
N GLU P 110 -7.45 52.37 -53.68
CA GLU P 110 -8.83 52.06 -53.33
C GLU P 110 -9.27 50.72 -53.91
N SER P 111 -8.80 50.40 -55.11
CA SER P 111 -9.21 49.15 -55.74
C SER P 111 -8.72 47.95 -54.93
N GLN P 112 -7.46 47.97 -54.52
CA GLN P 112 -6.90 46.85 -53.77
C GLN P 112 -7.45 46.81 -52.35
N TYR P 113 -7.82 47.98 -51.82
CA TYR P 113 -8.52 48.04 -50.55
C TYR P 113 -9.77 47.19 -50.58
N GLU P 114 -10.60 47.38 -51.60
CA GLU P 114 -11.84 46.60 -51.70
C GLU P 114 -11.54 45.11 -51.76
N LYS P 115 -10.52 44.73 -52.54
CA LYS P 115 -10.20 43.32 -52.65
C LYS P 115 -9.69 42.76 -51.33
N MET P 116 -8.85 43.52 -50.62
CA MET P 116 -8.41 43.07 -49.29
C MET P 116 -9.57 43.00 -48.32
N LYS P 117 -10.49 43.97 -48.39
CA LYS P 117 -11.64 43.96 -47.50
C LYS P 117 -12.54 42.78 -47.76
N GLN P 118 -12.75 42.42 -49.04
CA GLN P 118 -13.65 41.32 -49.35
C GLN P 118 -13.04 39.97 -49.00
N HIS P 119 -11.73 39.85 -48.95
CA HIS P 119 -11.11 38.57 -48.64
C HIS P 119 -11.62 38.04 -47.31
N VAL P 120 -11.87 36.73 -47.27
CA VAL P 120 -12.47 36.12 -46.08
C VAL P 120 -11.59 36.28 -44.85
N ASN P 121 -10.28 36.07 -44.99
CA ASN P 121 -9.35 36.08 -43.86
C ASN P 121 -8.03 36.61 -44.39
N LEU P 122 -7.86 37.93 -44.33
CA LEU P 122 -6.71 38.56 -44.98
C LEU P 122 -5.39 38.03 -44.43
N TRP P 123 -5.33 37.75 -43.13
CA TRP P 123 -4.06 37.38 -42.53
C TRP P 123 -3.42 36.16 -43.20
N LYS P 124 -4.22 35.23 -43.70
CA LYS P 124 -3.71 34.03 -44.33
C LYS P 124 -3.76 34.12 -45.85
N SER P 125 -4.01 35.31 -46.39
CA SER P 125 -4.12 35.49 -47.83
C SER P 125 -2.74 35.46 -48.49
N ASP P 126 -2.75 35.26 -49.80
CA ASP P 126 -1.57 35.49 -50.61
C ASP P 126 -1.09 36.93 -50.57
N TYR P 127 -2.00 37.89 -50.42
CA TYR P 127 -1.58 39.29 -50.31
C TYR P 127 -0.67 39.46 -49.10
N HIS P 128 -1.07 38.88 -47.97
CA HIS P 128 -0.26 38.98 -46.76
C HIS P 128 1.10 38.35 -46.96
N VAL P 129 1.14 37.15 -47.55
CA VAL P 129 2.42 36.47 -47.73
C VAL P 129 3.35 37.30 -48.61
N LYS P 130 2.82 37.84 -49.70
CA LYS P 130 3.65 38.62 -50.62
C LYS P 130 4.19 39.87 -49.94
N LEU P 131 3.36 40.51 -49.12
CA LEU P 131 3.82 41.68 -48.37
C LEU P 131 4.92 41.30 -47.39
N ASN P 132 4.78 40.15 -46.72
CA ASN P 132 5.83 39.67 -45.84
C ASN P 132 7.11 39.40 -46.60
N GLN P 133 7.01 38.82 -47.80
CA GLN P 133 8.21 38.57 -48.60
C GLN P 133 8.86 39.87 -49.03
N LEU P 134 8.04 40.86 -49.41
CA LEU P 134 8.60 42.14 -49.82
C LEU P 134 9.36 42.78 -48.67
N ASN P 135 8.79 42.76 -47.47
CA ASN P 135 9.45 43.39 -46.33
C ASN P 135 10.72 42.64 -45.97
N GLN P 136 10.75 41.32 -46.17
CA GLN P 136 11.96 40.55 -45.91
C GLN P 136 13.09 41.04 -46.80
N LEU P 137 12.79 41.25 -48.08
CA LEU P 137 13.81 41.70 -49.02
C LEU P 137 14.30 43.10 -48.66
N THR P 138 13.38 44.01 -48.35
CA THR P 138 13.77 45.38 -48.05
C THR P 138 14.46 45.49 -46.69
N ASP P 139 14.00 44.74 -45.69
CA ASP P 139 14.65 44.86 -44.39
C ASP P 139 16.09 44.37 -44.43
N TYR P 140 16.36 43.28 -45.15
CA TYR P 140 17.76 42.84 -45.26
C TYR P 140 18.61 43.96 -45.86
N LEU P 141 18.15 44.55 -46.96
CA LEU P 141 18.94 45.54 -47.67
C LEU P 141 19.26 46.77 -46.83
N LYS P 142 18.38 47.14 -45.90
CA LYS P 142 18.63 48.31 -45.05
C LYS P 142 19.92 48.13 -44.25
N ASN P 143 20.36 46.90 -44.05
CA ASN P 143 21.54 46.65 -43.25
C ASN P 143 22.42 45.62 -43.97
N ALA P 144 23.03 46.04 -45.07
CA ALA P 144 23.82 45.14 -45.90
C ALA P 144 24.94 45.94 -46.54
N ALA P 145 26.07 45.27 -46.73
CA ALA P 145 27.24 45.82 -47.40
C ALA P 145 27.03 45.81 -48.90
N PRO P 146 27.65 46.71 -49.66
CA PRO P 146 27.46 46.69 -51.12
C PRO P 146 28.29 45.63 -51.81
N THR P 147 27.97 44.38 -51.53
CA THR P 147 28.67 43.22 -52.10
C THR P 147 27.97 42.86 -53.41
N PRO P 148 28.60 42.08 -54.29
CA PRO P 148 27.92 41.63 -55.52
C PRO P 148 26.51 41.10 -55.29
N LYS P 149 26.35 40.13 -54.39
CA LYS P 149 25.02 39.63 -54.07
C LYS P 149 24.09 40.76 -53.63
N ASN P 150 24.58 41.64 -52.76
CA ASN P 150 23.71 42.67 -52.21
C ASN P 150 23.35 43.73 -53.25
N ASN P 151 24.23 43.98 -54.22
CA ASN P 151 23.88 44.91 -55.29
C ASN P 151 22.86 44.28 -56.23
N PHE P 152 22.92 42.97 -56.41
CA PHE P 152 21.95 42.29 -57.27
C PHE P 152 20.58 42.27 -56.62
N LEU P 153 20.54 41.99 -55.31
CA LEU P 153 19.27 42.02 -54.59
C LEU P 153 18.65 43.40 -54.61
N ARG P 154 19.46 44.44 -54.43
CA ARG P 154 18.92 45.80 -54.47
C ARG P 154 18.36 46.11 -55.86
N ALA P 155 19.10 45.72 -56.90
CA ALA P 155 18.65 46.00 -58.26
C ALA P 155 17.32 45.32 -58.55
N MET P 156 17.19 44.05 -58.19
CA MET P 156 15.94 43.33 -58.43
C MET P 156 14.83 43.83 -57.52
N THR P 157 15.16 44.22 -56.29
CA THR P 157 14.14 44.75 -55.40
C THR P 157 13.55 46.05 -55.94
N SER P 158 14.39 46.95 -56.46
CA SER P 158 13.83 48.18 -57.03
C SER P 158 12.85 47.86 -58.16
N VAL P 159 13.16 46.85 -58.99
CA VAL P 159 12.20 46.48 -60.02
C VAL P 159 10.92 45.96 -59.38
N LEU P 160 11.04 45.09 -58.39
CA LEU P 160 9.85 44.53 -57.75
C LEU P 160 8.98 45.64 -57.16
N GLN P 161 9.63 46.55 -56.43
CA GLN P 161 8.90 47.67 -55.77
C GLN P 161 8.27 48.54 -56.85
N MET P 162 8.98 48.80 -57.94
CA MET P 162 8.39 49.60 -59.02
C MET P 162 7.16 48.91 -59.61
N GLN P 163 7.28 47.62 -59.95
CA GLN P 163 6.18 46.94 -60.61
C GLN P 163 4.96 46.85 -59.70
N ILE P 164 5.18 46.63 -58.39
CA ILE P 164 4.05 46.54 -57.46
C ILE P 164 3.32 47.88 -57.39
N ALA P 165 4.07 48.98 -57.30
CA ALA P 165 3.44 50.29 -57.28
C ALA P 165 2.60 50.52 -58.52
N GLN P 166 3.04 50.00 -59.66
CA GLN P 166 2.32 50.24 -60.91
C GLN P 166 1.16 49.27 -61.08
N TYR P 167 1.34 48.00 -60.68
CA TYR P 167 0.36 46.97 -60.97
C TYR P 167 -0.47 46.55 -59.76
N GLY P 168 0.03 46.75 -58.55
CA GLY P 168 -0.68 46.27 -57.39
C GLY P 168 -0.18 44.94 -56.88
N ILE P 169 -0.39 44.67 -55.60
CA ILE P 169 0.02 43.40 -55.02
C ILE P 169 -1.07 42.34 -55.10
N THR P 170 -2.34 42.75 -55.25
CA THR P 170 -3.43 41.78 -55.35
C THR P 170 -3.48 41.12 -56.71
N GLU P 171 -2.78 41.69 -57.69
CA GLU P 171 -2.78 41.14 -59.04
C GLU P 171 -1.61 40.20 -59.22
N ASP P 172 -1.90 39.01 -59.76
CA ASP P 172 -0.86 38.01 -59.96
C ASP P 172 -0.11 38.26 -61.25
N ASN P 173 0.61 39.38 -61.31
CA ASN P 173 1.42 39.74 -62.47
C ASN P 173 2.62 38.82 -62.51
N GLU P 174 2.91 38.26 -63.69
CA GLU P 174 4.03 37.33 -63.82
C GLU P 174 5.36 38.00 -63.49
N GLY P 175 5.46 39.31 -63.70
CA GLY P 175 6.72 39.99 -63.41
C GLY P 175 7.06 39.93 -61.94
N ILE P 176 6.14 40.37 -61.08
CA ILE P 176 6.42 40.40 -59.64
C ILE P 176 6.50 38.98 -59.09
N ASN P 177 5.76 38.05 -59.68
CA ASN P 177 5.82 36.67 -59.22
C ASN P 177 7.21 36.08 -59.42
N GLN P 178 7.80 36.28 -60.60
CA GLN P 178 9.16 35.80 -60.82
C GLN P 178 10.15 36.51 -59.93
N LEU P 179 9.97 37.82 -59.74
CA LEU P 179 10.91 38.60 -58.95
C LEU P 179 10.92 38.14 -57.51
N PHE P 180 9.75 37.81 -56.95
CA PHE P 180 9.69 37.27 -55.60
C PHE P 180 10.49 35.98 -55.50
N LYS P 181 10.29 35.07 -56.45
CA LYS P 181 11.02 33.80 -56.43
C LYS P 181 12.52 34.05 -56.53
N LEU P 182 12.93 34.91 -57.46
CA LEU P 182 14.36 35.12 -57.65
C LEU P 182 14.98 35.88 -56.49
N GLY P 183 14.28 36.90 -55.97
CA GLY P 183 14.82 37.64 -54.85
C GLY P 183 15.00 36.78 -53.61
N LEU P 184 13.99 35.97 -53.30
CA LEU P 184 14.09 35.11 -52.12
C LEU P 184 15.11 34.00 -52.33
N HIS P 185 15.16 33.42 -53.53
CA HIS P 185 16.15 32.37 -53.78
C HIS P 185 17.58 32.92 -53.66
N LEU P 186 17.83 34.10 -54.23
CA LEU P 186 19.16 34.69 -54.10
C LEU P 186 19.45 35.08 -52.66
N LEU P 187 18.47 35.69 -51.99
CA LEU P 187 18.68 36.12 -50.62
C LEU P 187 19.16 34.98 -49.75
N ALA P 188 18.59 33.79 -49.95
CA ALA P 188 18.96 32.61 -49.17
C ALA P 188 20.24 31.96 -49.68
N MET P 189 20.81 32.47 -50.77
CA MET P 189 21.98 31.88 -51.40
C MET P 189 23.21 32.14 -50.55
N ALA P 190 24.08 31.14 -50.45
CA ALA P 190 25.31 31.29 -49.68
C ALA P 190 26.17 32.44 -50.20
N ASN P 191 26.71 33.21 -49.26
CA ASN P 191 27.43 34.43 -49.61
C ASN P 191 28.71 34.14 -50.38
N GLU P 192 29.31 32.97 -50.19
CA GLU P 192 30.57 32.65 -50.83
C GLU P 192 30.40 32.17 -52.27
N LYS P 193 29.19 31.82 -52.68
CA LYS P 193 28.96 31.21 -53.98
C LYS P 193 28.81 32.29 -55.05
N ILE P 194 29.93 32.94 -55.41
CA ILE P 194 29.88 34.06 -56.34
C ILE P 194 29.39 33.61 -57.71
N ASP P 195 29.73 32.38 -58.10
CA ASP P 195 29.36 31.89 -59.43
C ASP P 195 27.85 31.77 -59.56
N GLU P 196 27.19 31.27 -58.51
CA GLU P 196 25.73 31.18 -58.52
C GLU P 196 25.10 32.57 -58.45
N GLN P 197 25.72 33.48 -57.71
CA GLN P 197 25.22 34.84 -57.62
C GLN P 197 25.25 35.53 -58.97
N TYR P 198 26.37 35.39 -59.69
CA TYR P 198 26.47 35.96 -61.03
C TYR P 198 25.61 35.20 -62.02
N HIS P 199 25.62 33.87 -61.96
CA HIS P 199 24.78 33.13 -62.89
C HIS P 199 23.32 33.53 -62.76
N LEU P 200 22.79 33.61 -61.54
CA LEU P 200 21.38 33.96 -61.38
C LEU P 200 21.11 35.37 -61.90
N PHE P 201 21.92 36.34 -61.48
CA PHE P 201 21.66 37.72 -61.85
C PHE P 201 21.77 37.90 -63.37
N LYS P 202 22.84 37.40 -63.97
CA LYS P 202 22.98 37.53 -65.43
C LYS P 202 21.80 36.88 -66.14
N GLY P 203 21.42 35.67 -65.72
CA GLY P 203 20.25 35.03 -66.31
C GLY P 203 19.02 35.90 -66.22
N TYR P 204 18.74 36.43 -65.03
CA TYR P 204 17.56 37.28 -64.90
C TYR P 204 17.61 38.45 -65.87
N VAL P 205 18.70 39.23 -65.83
CA VAL P 205 18.72 40.53 -66.51
C VAL P 205 18.70 40.33 -68.01
N LYS P 206 19.29 39.24 -68.49
CA LYS P 206 19.29 38.95 -69.92
C LYS P 206 17.96 38.44 -70.42
N ASP P 207 17.17 37.74 -69.60
CA ASP P 207 15.88 37.21 -70.00
C ASP P 207 14.73 38.16 -69.71
N GLN P 208 14.88 39.44 -70.05
CA GLN P 208 13.83 40.41 -69.82
C GLN P 208 13.35 40.97 -71.14
N PRO P 209 12.08 41.41 -71.20
CA PRO P 209 11.60 42.07 -72.44
C PRO P 209 12.23 43.43 -72.70
N GLU P 210 12.85 44.04 -71.69
CA GLU P 210 13.39 45.38 -71.86
C GLU P 210 14.86 45.32 -72.27
N GLU P 211 15.28 46.29 -73.08
CA GLU P 211 16.69 46.43 -73.41
C GLU P 211 17.50 46.82 -72.17
N SER P 212 16.91 47.63 -71.30
CA SER P 212 17.57 48.04 -70.07
C SER P 212 16.57 47.97 -68.92
N PRO P 213 16.40 46.79 -68.32
CA PRO P 213 15.37 46.62 -67.28
C PRO P 213 15.58 47.51 -66.07
N PHE P 214 16.78 48.03 -65.84
CA PHE P 214 17.08 48.84 -64.67
C PHE P 214 17.11 50.33 -64.94
N GLU P 215 16.79 50.77 -66.16
CA GLU P 215 16.89 52.18 -66.50
C GLU P 215 15.89 52.99 -65.70
N GLY P 216 16.28 54.21 -65.34
CA GLY P 216 15.42 55.13 -64.61
C GLY P 216 15.23 54.81 -63.16
N ILE P 217 14.84 53.58 -62.83
CA ILE P 217 14.51 53.22 -61.46
C ILE P 217 15.75 53.22 -60.58
N LEU P 218 16.90 52.88 -61.13
CA LEU P 218 18.17 53.02 -60.43
C LEU P 218 18.91 54.26 -60.93
N PRO P 219 19.53 55.03 -60.02
CA PRO P 219 20.30 56.19 -60.47
C PRO P 219 21.55 55.77 -61.22
N ALA P 220 22.21 56.70 -61.91
CA ALA P 220 23.39 56.35 -62.67
C ALA P 220 24.46 55.69 -61.79
N GLU P 221 24.57 56.12 -60.54
CA GLU P 221 25.58 55.55 -59.64
C GLU P 221 25.33 54.07 -59.38
N ASP P 222 24.07 53.68 -59.20
CA ASP P 222 23.78 52.27 -58.97
C ASP P 222 23.92 51.46 -60.25
N GLN P 223 23.53 52.01 -61.39
CA GLN P 223 23.69 51.27 -62.64
C GLN P 223 25.16 51.05 -62.98
N LYS P 224 26.00 52.05 -62.72
CA LYS P 224 27.43 51.88 -62.96
C LYS P 224 28.02 50.81 -62.05
N ILE P 225 27.54 50.73 -60.80
CA ILE P 225 28.05 49.68 -59.92
C ILE P 225 27.70 48.31 -60.49
N LEU P 226 26.48 48.14 -60.96
CA LEU P 226 26.07 46.85 -61.52
C LEU P 226 26.92 46.49 -62.73
N VAL P 227 27.18 47.47 -63.60
CA VAL P 227 28.00 47.19 -64.77
C VAL P 227 29.43 46.88 -64.35
N LYS P 228 30.04 47.69 -63.49
CA LYS P 228 31.39 47.37 -63.07
C LYS P 228 31.44 46.02 -62.36
N THR P 229 30.41 45.67 -61.58
CA THR P 229 30.44 44.37 -60.90
C THR P 229 30.50 43.23 -61.90
N MET P 230 29.68 43.30 -62.96
CA MET P 230 29.66 42.22 -63.94
C MET P 230 30.97 42.17 -64.73
N ILE P 231 31.61 43.33 -64.90
CA ILE P 231 32.91 43.37 -65.56
C ILE P 231 33.98 42.70 -64.69
N ASP P 232 34.01 43.04 -63.40
CA ASP P 232 35.00 42.41 -62.53
C ASP P 232 34.83 40.90 -62.46
N TYR P 233 33.60 40.38 -62.47
CA TYR P 233 33.45 38.94 -62.50
C TYR P 233 33.95 38.34 -63.80
N ALA P 234 33.51 38.89 -64.94
CA ALA P 234 33.76 38.24 -66.22
C ALA P 234 35.15 38.54 -66.74
N MET P 235 35.75 39.67 -66.36
CA MET P 235 37.04 40.06 -66.96
C MET P 235 38.12 39.01 -66.71
N PRO P 236 38.28 38.46 -65.50
CA PRO P 236 39.43 37.57 -65.33
C PRO P 236 39.22 36.24 -66.03
PB ADP Q . 11.50 -25.14 10.82
O1B ADP Q . 12.33 -24.80 12.02
O2B ADP Q . 12.17 -24.77 9.52
O3B ADP Q . 10.09 -24.61 10.92
PA ADP Q . 11.95 -27.85 11.79
O1A ADP Q . 10.95 -28.13 12.87
O2A ADP Q . 13.33 -27.44 12.20
O3A ADP Q . 11.37 -26.75 10.80
O5' ADP Q . 12.05 -29.12 10.83
C5' ADP Q . 10.84 -29.68 10.28
C4' ADP Q . 10.83 -31.17 10.50
O4' ADP Q . 11.37 -31.83 9.33
C3' ADP Q . 11.68 -31.68 11.68
O3' ADP Q . 10.94 -31.72 12.87
C2' ADP Q . 12.07 -33.09 11.18
O2' ADP Q . 11.03 -34.02 11.38
C1' ADP Q . 12.29 -32.83 9.71
N9 ADP Q . 13.64 -32.36 9.39
C8 ADP Q . 14.03 -31.05 9.21
N7 ADP Q . 15.30 -30.93 8.93
C5 ADP Q . 15.78 -32.23 8.93
C6 ADP Q . 17.07 -32.76 8.69
N6 ADP Q . 18.12 -32.02 8.41
N1 ADP Q . 17.20 -34.12 8.75
C2 ADP Q . 16.11 -34.85 9.02
N3 ADP Q . 14.86 -34.45 9.26
C4 ADP Q . 14.76 -33.12 9.20
MG MG R . 11.75 -22.96 13.55
#